data_8XFV
#
_entry.id   8XFV
#
_cell.length_a   126.279
_cell.length_b   109.126
_cell.length_c   159.537
_cell.angle_alpha   90.00
_cell.angle_beta   104.73
_cell.angle_gamma   90.00
#
_symmetry.space_group_name_H-M   'P 1 21 1'
#
loop_
_entity.id
_entity.type
_entity.pdbx_description
1 polymer 'Glutaminyl-peptide cyclotransferase-like protein'
2 non-polymer 'ZINC ION'
3 non-polymer 3-(1~{H}-benzimidazol-5-ylmethylidene)-4-piperidin-4-yloxy-1~{H}-indol-2-one
4 water water
#
_entity_poly.entity_id   1
_entity_poly.type   'polypeptide(L)'
_entity_poly.pdbx_seq_one_letter_code
;VPLIGSLPEARLRRVVGQLDPQRLWSTYLRPLLVVRTPGSPGNLQVRKFLEATLRSLTAGWHVELDPFTASTPLGPVDFG
NVVATLDPRAARHLTLACHYDSKLFPPGSTPFVGATDSAVPCALLLELAQALDLELSRAKKQAAPVTLQLLFLDGEEALK
EWGPKDSLYGSRHLAQLMESIPHSPGPTRIQAIELFMLLDLLGAPNPTFYSHFPRTVRWFHRLRSIEKRLHRLNLLQSHP
QEVMYFQPGEPFGSVEDDHIPFLRRGVPVLHLISTPFPAVWHTPADTEVNLHPPTVHNLCRILAVFLAEYLGL
;
_entity_poly.pdbx_strand_id   X,A,B,C,D,E,F,G,H,I,J
#
# COMPACT_ATOMS: atom_id res chain seq x y z
N VAL A 1 -26.03 41.26 -21.00
CA VAL A 1 -26.72 40.82 -19.78
C VAL A 1 -27.30 39.40 -19.85
N PRO A 2 -27.85 38.97 -20.96
CA PRO A 2 -28.28 37.55 -21.08
C PRO A 2 -27.19 36.60 -21.62
N LEU A 3 -25.92 36.90 -21.29
CA LEU A 3 -24.67 36.24 -21.76
C LEU A 3 -24.62 34.73 -21.47
N ILE A 4 -23.40 34.15 -21.44
CA ILE A 4 -23.25 32.69 -21.52
C ILE A 4 -22.57 32.15 -20.25
N GLY A 5 -23.24 31.18 -19.61
CA GLY A 5 -22.91 30.73 -18.28
C GLY A 5 -23.72 31.40 -17.20
N SER A 6 -24.67 32.26 -17.57
CA SER A 6 -25.29 33.20 -16.65
C SER A 6 -26.60 32.66 -16.08
N LEU A 7 -27.01 33.26 -14.98
CA LEU A 7 -28.15 32.75 -14.22
C LEU A 7 -29.46 33.17 -14.85
N PRO A 8 -30.40 32.23 -15.05
CA PRO A 8 -31.75 32.64 -15.46
C PRO A 8 -32.30 33.56 -14.39
N GLU A 9 -32.75 34.74 -14.81
CA GLU A 9 -33.01 35.82 -13.87
C GLU A 9 -33.75 35.31 -12.64
N ALA A 10 -34.92 34.70 -12.84
CA ALA A 10 -35.66 33.90 -11.85
C ALA A 10 -34.84 33.37 -10.67
N ARG A 11 -33.82 32.56 -10.99
CA ARG A 11 -32.94 32.00 -9.96
C ARG A 11 -32.13 33.09 -9.28
N LEU A 12 -31.37 33.86 -10.08
CA LEU A 12 -30.61 35.00 -9.57
C LEU A 12 -31.40 35.81 -8.57
N ARG A 13 -32.68 36.07 -8.85
CA ARG A 13 -33.52 36.82 -7.94
C ARG A 13 -33.72 36.05 -6.63
N ARG A 14 -34.09 34.78 -6.72
CA ARG A 14 -34.19 33.95 -5.52
C ARG A 14 -32.84 33.85 -4.82
N VAL A 15 -31.77 33.69 -5.60
CA VAL A 15 -30.43 33.66 -5.02
C VAL A 15 -30.24 34.86 -4.11
N VAL A 16 -30.63 36.04 -4.61
CA VAL A 16 -30.45 37.28 -3.87
C VAL A 16 -31.47 37.40 -2.75
N GLY A 17 -32.73 37.09 -3.03
CA GLY A 17 -33.73 37.05 -1.99
C GLY A 17 -33.22 36.32 -0.77
N GLN A 18 -32.49 35.23 -0.97
CA GLN A 18 -32.18 34.37 0.17
C GLN A 18 -31.18 35.00 1.12
N LEU A 19 -30.39 35.95 0.64
CA LEU A 19 -29.44 36.65 1.48
C LEU A 19 -30.15 37.47 2.55
N ASP A 20 -29.73 37.33 3.82
CA ASP A 20 -30.29 38.03 4.98
C ASP A 20 -29.38 39.12 5.53
N PRO A 21 -29.53 40.38 5.10
CA PRO A 21 -28.60 41.42 5.56
C PRO A 21 -28.55 41.59 7.05
N GLN A 22 -29.65 41.37 7.75
CA GLN A 22 -29.54 41.44 9.20
C GLN A 22 -28.61 40.36 9.71
N ARG A 23 -28.58 39.22 9.03
CA ARG A 23 -27.76 38.10 9.45
C ARG A 23 -26.29 38.38 9.18
N LEU A 24 -25.95 38.77 7.95
CA LEU A 24 -24.63 39.28 7.60
C LEU A 24 -24.13 40.24 8.65
N TRP A 25 -24.93 41.27 8.96
CA TRP A 25 -24.46 42.37 9.81
C TRP A 25 -24.37 42.00 11.28
N SER A 26 -25.27 41.19 11.78
CA SER A 26 -25.35 41.05 13.22
C SER A 26 -25.07 39.65 13.71
N THR A 27 -25.51 38.61 13.00
CA THR A 27 -25.09 37.25 13.37
C THR A 27 -23.61 37.07 13.16
N TYR A 28 -23.05 37.69 12.12
CA TYR A 28 -21.77 37.30 11.58
C TYR A 28 -20.73 38.39 11.64
N LEU A 29 -21.11 39.65 11.41
CA LEU A 29 -20.10 40.71 11.36
C LEU A 29 -19.87 41.26 12.75
N ARG A 30 -20.91 41.81 13.34
CA ARG A 30 -20.91 42.33 14.71
C ARG A 30 -20.07 41.50 15.68
N PRO A 31 -20.23 40.17 15.76
CA PRO A 31 -19.46 39.41 16.75
C PRO A 31 -17.97 39.48 16.54
N LEU A 32 -17.49 39.49 15.29
CA LEU A 32 -16.05 39.46 15.04
C LEU A 32 -15.37 40.79 15.41
N LEU A 33 -16.10 41.91 15.41
CA LEU A 33 -15.48 43.23 15.57
C LEU A 33 -14.79 43.45 16.91
N VAL A 34 -13.68 42.74 17.12
CA VAL A 34 -13.02 42.72 18.41
C VAL A 34 -11.52 42.55 18.16
N VAL A 35 -10.70 43.25 18.94
CA VAL A 35 -9.29 42.90 19.03
C VAL A 35 -9.08 41.38 19.05
N ARG A 36 -8.33 40.87 18.08
CA ARG A 36 -8.15 39.43 17.92
C ARG A 36 -6.75 39.07 17.40
N THR A 37 -5.73 39.77 17.86
CA THR A 37 -4.36 39.47 17.43
C THR A 37 -4.01 38.00 17.66
N PRO A 38 -3.06 37.47 16.87
CA PRO A 38 -2.50 36.12 17.08
C PRO A 38 -2.46 35.60 18.51
N GLY A 39 -2.91 34.36 18.72
CA GLY A 39 -2.82 33.72 20.01
C GLY A 39 -3.33 34.53 21.19
N SER A 40 -4.14 35.53 20.93
CA SER A 40 -4.74 36.23 22.06
C SER A 40 -6.12 35.66 22.31
N PRO A 41 -6.70 35.85 23.52
CA PRO A 41 -8.09 35.41 23.71
C PRO A 41 -8.96 35.97 22.60
N GLY A 42 -8.92 37.28 22.35
CA GLY A 42 -9.55 37.89 21.19
C GLY A 42 -9.63 37.01 19.94
N ASN A 43 -8.47 36.63 19.40
CA ASN A 43 -8.24 35.66 18.32
C ASN A 43 -9.06 34.40 18.52
N LEU A 44 -8.71 33.65 19.57
CA LEU A 44 -9.20 32.29 19.75
C LEU A 44 -10.74 32.19 19.78
N GLN A 45 -11.45 33.23 20.23
CA GLN A 45 -12.91 33.15 20.18
C GLN A 45 -13.40 33.24 18.77
N VAL A 46 -12.91 34.22 18.02
CA VAL A 46 -13.27 34.28 16.62
C VAL A 46 -13.04 32.92 15.98
N ARG A 47 -11.82 32.41 16.11
CA ARG A 47 -11.43 31.09 15.62
C ARG A 47 -12.52 30.07 15.93
N LYS A 48 -13.00 30.07 17.17
CA LYS A 48 -14.00 29.07 17.54
C LYS A 48 -15.38 29.45 17.04
N PHE A 49 -15.65 30.75 16.92
CA PHE A 49 -16.92 31.19 16.37
C PHE A 49 -17.11 30.69 14.95
N LEU A 50 -16.15 31.03 14.09
CA LEU A 50 -16.11 30.46 12.75
C LEU A 50 -16.16 28.95 12.82
N GLU A 51 -15.23 28.34 13.57
CA GLU A 51 -15.08 26.89 13.63
C GLU A 51 -16.43 26.19 13.82
N ALA A 52 -17.39 26.90 14.41
CA ALA A 52 -18.73 26.37 14.69
C ALA A 52 -19.73 26.74 13.61
N THR A 53 -19.93 28.04 13.42
CA THR A 53 -20.84 28.62 12.44
C THR A 53 -20.81 27.81 11.16
N LEU A 54 -19.60 27.42 10.76
CA LEU A 54 -19.41 26.60 9.56
C LEU A 54 -19.98 25.20 9.73
N ARG A 55 -19.73 24.58 10.88
CA ARG A 55 -20.15 23.18 11.10
C ARG A 55 -21.65 23.07 11.16
N SER A 56 -22.31 24.04 11.79
CA SER A 56 -23.75 23.97 11.96
C SER A 56 -24.46 23.95 10.61
N LEU A 57 -23.89 24.60 9.60
CA LEU A 57 -24.49 24.64 8.27
C LEU A 57 -24.93 23.26 7.83
N THR A 58 -26.11 23.19 7.21
CA THR A 58 -26.72 21.90 6.91
C THR A 58 -25.89 21.10 5.94
N ALA A 59 -25.31 21.76 4.93
CA ALA A 59 -24.52 21.07 3.91
C ALA A 59 -23.25 20.43 4.47
N GLY A 60 -22.92 20.68 5.74
CA GLY A 60 -22.01 19.83 6.47
C GLY A 60 -20.58 19.81 5.99
N TRP A 61 -20.05 20.96 5.58
CA TRP A 61 -18.63 21.19 5.36
C TRP A 61 -17.70 20.35 6.26
N HIS A 62 -16.52 19.97 5.76
CA HIS A 62 -15.52 19.33 6.60
C HIS A 62 -14.67 20.47 7.11
N VAL A 63 -14.75 20.70 8.42
CA VAL A 63 -14.10 21.82 9.08
C VAL A 63 -12.89 21.29 9.81
N GLU A 64 -11.72 21.80 9.46
CA GLU A 64 -10.52 21.27 10.06
C GLU A 64 -9.62 22.45 10.42
N LEU A 65 -8.78 22.25 11.41
CA LEU A 65 -8.03 23.35 11.98
C LEU A 65 -6.57 23.13 11.65
N ASP A 66 -5.92 24.14 11.06
CA ASP A 66 -4.47 24.03 10.85
C ASP A 66 -3.83 24.89 11.92
N PRO A 67 -3.17 24.30 12.92
CA PRO A 67 -2.53 25.11 13.95
C PRO A 67 -1.04 24.88 14.00
N PHE A 68 -0.29 25.80 14.58
CA PHE A 68 1.17 25.68 14.52
C PHE A 68 1.77 26.76 15.39
N THR A 69 3.08 26.73 15.48
CA THR A 69 3.89 27.72 16.16
C THR A 69 4.70 28.47 15.11
N ALA A 70 5.09 29.70 15.39
CA ALA A 70 6.09 30.30 14.51
C ALA A 70 6.82 31.42 15.22
N SER A 71 8.01 31.69 14.73
CA SER A 71 8.91 32.66 15.33
C SER A 71 8.64 34.03 14.71
N THR A 72 8.33 34.98 15.56
CA THR A 72 7.87 36.30 15.17
C THR A 72 8.96 37.28 15.53
N PRO A 73 8.79 38.59 15.28
CA PRO A 73 9.74 39.58 15.83
C PRO A 73 9.54 39.83 17.30
N LEU A 74 8.58 39.16 17.88
CA LEU A 74 8.31 38.99 19.28
C LEU A 74 8.55 37.52 19.57
N GLY A 75 7.94 36.99 20.63
CA GLY A 75 8.15 35.60 20.96
C GLY A 75 7.73 34.65 19.83
N PRO A 76 7.93 33.38 20.04
CA PRO A 76 7.02 32.42 19.42
C PRO A 76 5.59 32.76 19.80
N VAL A 77 4.71 32.61 18.79
CA VAL A 77 3.26 32.72 18.84
C VAL A 77 2.68 31.45 18.26
N ASP A 78 1.55 31.02 18.80
CA ASP A 78 0.86 29.95 18.09
C ASP A 78 -0.28 30.52 17.27
N PHE A 79 -0.57 29.82 16.17
CA PHE A 79 -1.62 30.17 15.24
C PHE A 79 -2.46 28.95 14.92
N GLY A 80 -3.69 29.23 14.51
CA GLY A 80 -4.56 28.26 13.88
C GLY A 80 -5.31 28.91 12.73
N ASN A 81 -5.31 28.26 11.55
CA ASN A 81 -6.13 28.65 10.41
C ASN A 81 -7.43 27.86 10.48
N VAL A 82 -8.45 28.33 9.75
CA VAL A 82 -9.68 27.57 9.62
C VAL A 82 -9.90 27.17 8.16
N VAL A 83 -9.71 25.88 7.87
CA VAL A 83 -10.02 25.33 6.57
C VAL A 83 -11.40 24.68 6.62
N ALA A 84 -12.26 25.07 5.69
CA ALA A 84 -13.61 24.54 5.59
C ALA A 84 -13.81 24.15 4.15
N THR A 85 -14.07 22.86 3.90
CA THR A 85 -14.17 22.31 2.55
C THR A 85 -15.47 21.53 2.42
N LEU A 86 -16.34 21.98 1.52
CA LEU A 86 -17.70 21.49 1.53
C LEU A 86 -17.76 19.99 1.18
N ASP A 87 -17.07 19.58 0.10
CA ASP A 87 -17.01 18.15 -0.28
C ASP A 87 -15.58 17.80 -0.63
N PRO A 88 -14.80 17.32 0.34
CA PRO A 88 -13.35 17.12 0.11
C PRO A 88 -12.99 15.97 -0.81
N ARG A 89 -13.90 15.03 -1.09
CA ARG A 89 -13.63 14.01 -2.09
C ARG A 89 -13.68 14.60 -3.50
N ALA A 90 -14.48 15.64 -3.70
CA ALA A 90 -14.47 16.35 -4.97
C ALA A 90 -13.06 16.74 -5.37
N ALA A 91 -12.82 16.78 -6.68
CA ALA A 91 -11.47 16.78 -7.24
C ALA A 91 -10.84 18.16 -7.39
N ARG A 92 -11.65 19.22 -7.50
CA ARG A 92 -11.23 20.61 -7.45
C ARG A 92 -12.15 21.36 -6.51
N HIS A 93 -11.79 22.62 -6.24
CA HIS A 93 -12.75 23.48 -5.56
C HIS A 93 -12.43 24.93 -5.86
N LEU A 94 -13.43 25.76 -5.60
CA LEU A 94 -13.27 27.21 -5.57
C LEU A 94 -12.91 27.60 -4.15
N THR A 95 -11.74 28.17 -3.97
CA THR A 95 -11.25 28.61 -2.68
C THR A 95 -11.41 30.11 -2.58
N LEU A 96 -12.38 30.52 -1.77
CA LEU A 96 -12.52 31.86 -1.22
C LEU A 96 -11.77 31.92 0.10
N ALA A 97 -11.18 33.09 0.40
CA ALA A 97 -10.30 33.22 1.57
C ALA A 97 -10.20 34.68 2.01
N CYS A 98 -9.74 34.83 3.25
CA CYS A 98 -9.73 36.04 4.07
C CYS A 98 -9.02 35.70 5.38
N HIS A 99 -8.70 36.72 6.16
CA HIS A 99 -8.01 36.47 7.42
C HIS A 99 -8.83 37.03 8.55
N TYR A 100 -8.91 36.27 9.65
CA TYR A 100 -9.70 36.72 10.80
C TYR A 100 -8.86 37.47 11.83
N ASP A 101 -7.55 37.26 11.89
CA ASP A 101 -6.76 38.02 12.83
C ASP A 101 -6.87 39.49 12.49
N SER A 102 -6.36 40.30 13.42
CA SER A 102 -6.41 41.76 13.35
C SER A 102 -5.02 42.27 13.71
N LYS A 103 -4.66 43.44 13.21
CA LYS A 103 -3.30 43.91 13.46
C LYS A 103 -3.13 44.38 14.91
N LEU A 104 -2.24 43.71 15.63
CA LEU A 104 -1.76 44.17 16.92
C LEU A 104 -1.22 45.58 16.79
N PHE A 105 -1.78 46.49 17.59
CA PHE A 105 -1.29 47.85 17.74
C PHE A 105 -0.81 48.06 19.15
N PRO A 106 0.08 49.03 19.35
CA PRO A 106 0.64 49.28 20.70
C PRO A 106 -0.46 49.76 21.62
N PRO A 107 -0.32 49.54 22.93
CA PRO A 107 -1.46 49.65 23.83
C PRO A 107 -1.80 51.12 24.12
N GLY A 108 -2.79 51.31 24.97
CA GLY A 108 -3.13 52.68 25.35
C GLY A 108 -3.52 53.51 24.16
N SER A 109 -4.30 52.89 23.28
CA SER A 109 -4.86 53.52 22.09
C SER A 109 -6.21 52.84 21.89
N THR A 110 -7.18 53.53 21.28
CA THR A 110 -8.50 52.93 21.03
C THR A 110 -8.27 51.57 20.38
N PRO A 111 -8.83 50.50 20.93
CA PRO A 111 -8.52 49.21 20.33
C PRO A 111 -8.70 49.31 18.85
N PHE A 112 -8.16 48.38 18.09
CA PHE A 112 -8.29 48.38 16.66
C PHE A 112 -8.94 47.11 16.26
N VAL A 113 -10.13 47.15 15.69
CA VAL A 113 -10.79 45.90 15.30
C VAL A 113 -10.68 45.62 13.82
N GLY A 114 -10.46 46.64 12.98
CA GLY A 114 -10.37 46.39 11.55
C GLY A 114 -11.64 45.84 10.92
N ALA A 115 -12.61 46.70 10.70
CA ALA A 115 -13.84 46.27 10.08
C ALA A 115 -13.61 45.84 8.64
N THR A 116 -12.86 46.63 7.88
CA THR A 116 -12.58 46.22 6.52
C THR A 116 -11.47 45.19 6.45
N ASP A 117 -10.76 44.98 7.55
CA ASP A 117 -9.45 44.37 7.50
C ASP A 117 -9.26 43.31 8.59
N SER A 118 -10.00 42.19 8.57
CA SER A 118 -10.92 41.81 7.51
C SER A 118 -12.20 41.24 8.09
N ALA A 119 -12.77 41.95 9.06
CA ALA A 119 -14.06 41.55 9.63
C ALA A 119 -15.10 41.34 8.55
N VAL A 120 -15.42 42.42 7.82
CA VAL A 120 -16.42 42.39 6.75
C VAL A 120 -16.22 41.19 5.82
N PRO A 121 -15.02 40.99 5.21
CA PRO A 121 -14.86 39.83 4.34
C PRO A 121 -15.22 38.54 5.01
N CYS A 122 -14.69 38.25 6.19
CA CYS A 122 -15.05 37.01 6.86
C CYS A 122 -16.56 36.80 6.89
N ALA A 123 -17.29 37.85 7.23
CA ALA A 123 -18.72 37.69 7.37
C ALA A 123 -19.38 37.48 6.03
N LEU A 124 -18.89 38.14 4.99
CA LEU A 124 -19.40 37.85 3.64
C LEU A 124 -19.34 36.36 3.30
N LEU A 125 -18.24 35.68 3.66
CA LEU A 125 -18.14 34.25 3.40
C LEU A 125 -19.13 33.45 4.22
N LEU A 126 -19.21 33.73 5.53
CA LEU A 126 -20.25 33.16 6.37
C LEU A 126 -21.64 33.35 5.77
N GLU A 127 -21.92 34.52 5.18
CA GLU A 127 -23.25 34.71 4.59
C GLU A 127 -23.41 33.91 3.30
N LEU A 128 -22.46 34.08 2.37
CA LEU A 128 -22.43 33.22 1.19
C LEU A 128 -22.77 31.80 1.57
N ALA A 129 -21.98 31.24 2.47
CA ALA A 129 -22.14 29.83 2.77
C ALA A 129 -23.54 29.54 3.30
N GLN A 130 -24.07 30.44 4.15
CA GLN A 130 -25.38 30.23 4.74
C GLN A 130 -26.50 30.55 3.78
N ALA A 131 -26.37 31.63 3.01
CA ALA A 131 -27.43 31.93 2.07
C ALA A 131 -27.41 31.02 0.85
N LEU A 132 -26.45 30.12 0.77
CA LEU A 132 -26.38 29.21 -0.37
C LEU A 132 -26.35 27.78 0.13
N ASP A 133 -26.91 27.53 1.31
CA ASP A 133 -26.61 26.27 1.98
C ASP A 133 -27.35 25.10 1.34
N LEU A 134 -28.66 25.25 1.12
CA LEU A 134 -29.42 24.20 0.46
C LEU A 134 -28.84 23.86 -0.90
N GLU A 135 -28.44 24.89 -1.65
CA GLU A 135 -27.94 24.67 -3.01
C GLU A 135 -26.57 24.02 -3.02
N LEU A 136 -25.76 24.26 -2.00
CA LEU A 136 -24.50 23.54 -1.96
C LEU A 136 -24.75 22.11 -1.57
N SER A 137 -25.50 21.93 -0.49
CA SER A 137 -26.02 20.64 -0.06
C SER A 137 -26.63 19.81 -1.18
N ARG A 138 -27.25 20.43 -2.21
CA ARG A 138 -27.68 19.66 -3.38
C ARG A 138 -26.44 19.11 -4.06
N ALA A 139 -25.65 20.02 -4.63
CA ALA A 139 -24.55 19.64 -5.49
C ALA A 139 -23.55 18.75 -4.76
N LYS A 140 -23.32 19.00 -3.46
CA LYS A 140 -22.48 18.07 -2.73
C LYS A 140 -23.04 16.66 -2.83
N LYS A 141 -24.33 16.49 -2.51
CA LYS A 141 -24.95 15.20 -2.68
C LYS A 141 -24.86 14.72 -4.12
N GLN A 142 -24.86 15.63 -5.08
CA GLN A 142 -24.73 15.28 -6.47
C GLN A 142 -23.30 14.94 -6.89
N ALA A 143 -22.42 14.66 -5.92
CA ALA A 143 -21.00 14.44 -6.14
C ALA A 143 -20.50 15.35 -7.26
N ALA A 144 -20.79 16.63 -7.12
CA ALA A 144 -20.36 17.59 -8.11
C ALA A 144 -18.84 17.54 -8.25
N PRO A 145 -18.34 17.83 -9.41
CA PRO A 145 -16.89 17.68 -9.62
C PRO A 145 -16.03 18.78 -9.05
N VAL A 146 -16.53 20.01 -8.90
CA VAL A 146 -15.78 21.09 -8.26
C VAL A 146 -16.59 21.66 -7.08
N THR A 147 -16.00 21.66 -5.88
CA THR A 147 -16.77 22.01 -4.70
C THR A 147 -16.30 23.37 -4.23
N LEU A 148 -16.61 23.71 -2.97
CA LEU A 148 -16.27 24.99 -2.40
C LEU A 148 -15.39 24.76 -1.17
N GLN A 149 -14.37 25.60 -1.03
CA GLN A 149 -13.42 25.55 0.07
C GLN A 149 -13.30 26.97 0.57
N LEU A 150 -13.43 27.16 1.86
CA LEU A 150 -13.38 28.47 2.46
C LEU A 150 -12.16 28.48 3.38
N LEU A 151 -11.27 29.46 3.21
CA LEU A 151 -10.15 29.63 4.14
C LEU A 151 -10.32 30.89 4.96
N PHE A 152 -10.29 30.74 6.29
CA PHE A 152 -10.16 31.85 7.24
C PHE A 152 -8.79 31.79 7.86
N LEU A 153 -7.91 32.65 7.38
CA LEU A 153 -6.49 32.60 7.68
C LEU A 153 -6.14 33.39 8.93
N ASP A 154 -5.10 32.92 9.60
CA ASP A 154 -4.59 33.52 10.82
C ASP A 154 -3.24 34.14 10.53
N GLY A 155 -2.89 35.18 11.27
CA GLY A 155 -1.54 35.71 11.18
C GLY A 155 -1.14 36.36 9.87
N GLU A 156 -2.09 36.98 9.17
CA GLU A 156 -1.67 37.75 8.02
C GLU A 156 -0.84 38.95 8.39
N GLU A 157 -0.89 39.39 9.64
CA GLU A 157 -0.61 40.79 9.82
C GLU A 157 0.88 41.04 9.89
N ALA A 158 1.42 40.95 11.08
CA ALA A 158 2.70 41.53 11.42
C ALA A 158 2.49 41.97 12.84
N LEU A 159 3.42 41.52 13.65
CA LEU A 159 3.72 42.08 14.93
C LEU A 159 4.97 42.87 14.60
N LYS A 160 5.07 44.14 15.00
CA LYS A 160 6.23 44.98 14.62
C LYS A 160 6.21 45.38 13.14
N GLU A 161 7.31 45.14 12.41
CA GLU A 161 7.54 45.70 11.07
C GLU A 161 7.23 44.68 9.96
N TRP A 162 6.50 45.13 8.95
CA TRP A 162 5.95 44.25 7.92
C TRP A 162 7.04 43.84 6.96
N GLY A 163 7.13 42.53 6.70
CA GLY A 163 8.15 42.00 5.82
C GLY A 163 8.06 40.50 5.65
N PRO A 164 8.88 39.93 4.76
CA PRO A 164 8.74 38.53 4.42
C PRO A 164 8.83 37.55 5.57
N LYS A 165 9.34 37.92 6.73
CA LYS A 165 9.39 36.97 7.82
C LYS A 165 8.45 37.38 8.94
N ASP A 166 7.60 38.36 8.66
CA ASP A 166 6.62 38.91 9.58
C ASP A 166 5.46 39.43 8.72
N SER A 167 4.51 38.52 8.48
CA SER A 167 3.37 38.70 7.58
C SER A 167 2.94 37.31 7.12
N LEU A 168 1.64 37.11 6.94
CA LEU A 168 1.14 35.95 6.21
C LEU A 168 1.64 34.67 6.83
N TYR A 169 1.80 34.66 8.14
CA TYR A 169 2.20 33.45 8.85
C TYR A 169 1.29 32.29 8.50
N GLY A 170 -0.01 32.56 8.40
CA GLY A 170 -0.99 31.52 8.23
C GLY A 170 -0.98 30.97 6.83
N SER A 171 -1.19 31.84 5.85
CA SER A 171 -1.10 31.39 4.46
C SER A 171 0.22 30.68 4.21
N ARG A 172 1.34 31.26 4.66
CA ARG A 172 2.62 30.60 4.40
C ARG A 172 2.62 29.17 4.90
N HIS A 173 1.85 28.90 5.93
CA HIS A 173 1.92 27.55 6.46
C HIS A 173 0.89 26.67 5.79
N LEU A 174 -0.34 27.18 5.63
CA LEU A 174 -1.37 26.47 4.90
C LEU A 174 -0.85 26.02 3.54
N ALA A 175 -0.25 26.94 2.80
CA ALA A 175 0.40 26.58 1.54
C ALA A 175 1.43 25.47 1.75
N GLN A 176 2.43 25.70 2.61
CA GLN A 176 3.37 24.62 2.98
C GLN A 176 2.61 23.30 3.18
N LEU A 177 1.51 23.35 3.96
CA LEU A 177 0.78 22.13 4.32
C LEU A 177 0.09 21.51 3.12
N MET A 178 -0.62 22.32 2.32
CA MET A 178 -1.36 21.78 1.20
C MET A 178 -0.44 21.03 0.24
N GLU A 179 0.66 21.65 -0.21
CA GLU A 179 1.51 20.94 -1.16
C GLU A 179 2.17 19.70 -0.56
N SER A 180 2.10 19.48 0.74
CA SER A 180 2.60 18.23 1.28
C SER A 180 1.51 17.18 1.35
N ILE A 181 0.31 17.45 0.87
CA ILE A 181 -0.78 16.51 1.07
C ILE A 181 -1.16 15.93 -0.29
N PRO A 182 -0.96 14.62 -0.49
CA PRO A 182 -1.36 13.98 -1.73
C PRO A 182 -2.87 14.11 -1.89
N HIS A 183 -3.27 14.55 -3.07
CA HIS A 183 -4.67 14.57 -3.46
C HIS A 183 -4.79 13.98 -4.87
N SER A 184 -6.01 13.62 -5.24
CA SER A 184 -6.25 13.09 -6.57
C SER A 184 -7.31 13.87 -7.39
N PRO A 185 -6.99 14.23 -8.65
CA PRO A 185 -5.77 14.06 -9.45
C PRO A 185 -4.51 14.60 -8.76
N GLY A 186 -4.40 15.91 -8.74
CA GLY A 186 -3.36 16.51 -7.96
C GLY A 186 -2.19 17.01 -8.75
N PRO A 187 -0.98 16.62 -8.34
CA PRO A 187 -0.72 15.58 -7.33
C PRO A 187 -1.02 15.95 -5.86
N THR A 188 -1.00 17.24 -5.56
CA THR A 188 -1.14 17.76 -4.20
C THR A 188 -2.52 18.38 -4.01
N ARG A 189 -2.85 18.71 -2.76
CA ARG A 189 -4.03 19.58 -2.51
C ARG A 189 -3.88 20.93 -3.19
N ILE A 190 -2.64 21.41 -3.38
CA ILE A 190 -2.43 22.74 -3.97
C ILE A 190 -3.04 22.82 -5.37
N GLN A 191 -2.96 21.72 -6.14
CA GLN A 191 -3.53 21.72 -7.48
C GLN A 191 -5.05 21.59 -7.47
N ALA A 192 -5.64 21.18 -6.34
CA ALA A 192 -7.09 21.19 -6.21
C ALA A 192 -7.66 22.60 -6.15
N ILE A 193 -6.82 23.63 -6.05
CA ILE A 193 -7.32 24.99 -6.01
C ILE A 193 -7.57 25.40 -7.45
N GLU A 194 -8.82 25.37 -7.89
CA GLU A 194 -9.14 25.81 -9.23
C GLU A 194 -8.91 27.30 -9.38
N LEU A 195 -9.51 28.08 -8.48
CA LEU A 195 -9.37 29.53 -8.33
C LEU A 195 -9.14 29.82 -6.87
N PHE A 196 -8.27 30.75 -6.58
CA PHE A 196 -8.02 31.24 -5.22
C PHE A 196 -8.53 32.67 -5.20
N MET A 197 -9.78 32.83 -4.80
CA MET A 197 -10.34 34.17 -4.71
C MET A 197 -10.14 34.73 -3.30
N LEU A 198 -9.49 35.90 -3.19
CA LEU A 198 -9.06 36.45 -1.93
C LEU A 198 -9.70 37.82 -1.71
N LEU A 199 -10.39 37.97 -0.57
CA LEU A 199 -11.19 39.15 -0.24
C LEU A 199 -10.45 39.96 0.82
N ASP A 200 -10.37 41.27 0.62
CA ASP A 200 -9.64 42.09 1.58
C ASP A 200 -10.13 43.52 1.49
N LEU A 201 -9.99 44.24 2.61
CA LEU A 201 -10.20 45.67 2.62
C LEU A 201 -11.52 45.96 1.92
N LEU A 202 -12.59 45.52 2.58
CA LEU A 202 -13.91 45.47 1.99
C LEU A 202 -14.92 46.12 2.91
N GLY A 203 -15.73 47.01 2.36
CA GLY A 203 -16.84 47.59 3.08
C GLY A 203 -16.75 49.08 3.31
N ALA A 204 -15.57 49.67 3.15
CA ALA A 204 -15.55 51.09 3.02
C ALA A 204 -16.44 51.49 1.85
N PRO A 205 -16.96 52.71 1.86
CA PRO A 205 -17.76 53.17 0.72
C PRO A 205 -16.91 53.41 -0.52
N ASN A 206 -17.55 53.26 -1.66
CA ASN A 206 -16.98 53.68 -2.94
C ASN A 206 -15.62 53.05 -3.18
N PRO A 207 -15.51 51.72 -3.17
CA PRO A 207 -14.26 51.11 -3.58
C PRO A 207 -14.15 51.05 -5.10
N THR A 208 -12.96 50.68 -5.51
CA THR A 208 -12.66 50.41 -6.88
C THR A 208 -11.79 49.16 -6.82
N PHE A 209 -12.11 48.17 -7.65
CA PHE A 209 -11.27 47.00 -7.81
C PHE A 209 -10.83 46.95 -9.26
N TYR A 210 -9.64 46.39 -9.49
CA TYR A 210 -9.10 46.19 -10.81
C TYR A 210 -8.65 44.73 -10.87
N SER A 211 -8.49 44.20 -12.09
CA SER A 211 -7.83 42.91 -12.19
C SER A 211 -6.35 43.08 -11.87
N HIS A 212 -5.83 42.20 -11.04
CA HIS A 212 -4.43 42.29 -10.69
C HIS A 212 -3.60 41.16 -11.24
N PHE A 213 -4.22 40.06 -11.61
CA PHE A 213 -3.60 38.96 -12.31
C PHE A 213 -4.31 38.79 -13.63
N PRO A 214 -3.58 38.89 -14.75
CA PRO A 214 -4.23 38.75 -16.05
C PRO A 214 -4.57 37.34 -16.36
N ARG A 215 -3.98 36.37 -15.65
CA ARG A 215 -4.45 35.03 -15.86
C ARG A 215 -5.88 34.84 -15.40
N THR A 216 -6.37 35.65 -14.47
CA THR A 216 -7.75 35.46 -14.06
C THR A 216 -8.67 36.54 -14.60
N VAL A 217 -8.19 37.38 -15.52
CA VAL A 217 -8.98 38.56 -15.90
C VAL A 217 -10.39 38.19 -16.35
N ARG A 218 -10.55 37.04 -17.01
CA ARG A 218 -11.89 36.69 -17.49
C ARG A 218 -12.87 36.58 -16.31
N TRP A 219 -12.45 35.96 -15.22
CA TRP A 219 -13.30 35.88 -14.05
C TRP A 219 -13.65 37.26 -13.50
N PHE A 220 -12.65 38.13 -13.42
CA PHE A 220 -12.90 39.51 -13.08
C PHE A 220 -14.00 40.09 -13.95
N HIS A 221 -14.00 39.73 -15.24
CA HIS A 221 -15.06 40.19 -16.14
C HIS A 221 -16.41 39.68 -15.68
N ARG A 222 -16.49 38.41 -15.24
CA ARG A 222 -17.76 37.93 -14.70
C ARG A 222 -18.28 38.89 -13.68
N LEU A 223 -17.39 39.43 -12.85
CA LEU A 223 -17.80 40.30 -11.76
C LEU A 223 -18.31 41.64 -12.27
N ARG A 224 -17.53 42.29 -13.15
CA ARG A 224 -18.03 43.48 -13.80
C ARG A 224 -19.39 43.20 -14.41
N SER A 225 -19.49 42.06 -15.11
CA SER A 225 -20.75 41.63 -15.72
C SER A 225 -21.84 41.45 -14.67
N ILE A 226 -21.52 40.76 -13.56
CA ILE A 226 -22.55 40.56 -12.52
C ILE A 226 -22.92 41.88 -11.87
N GLU A 227 -21.99 42.82 -11.82
CA GLU A 227 -22.35 44.13 -11.31
C GLU A 227 -23.38 44.87 -12.15
N LYS A 228 -23.36 44.69 -13.48
CA LYS A 228 -24.14 45.55 -14.39
C LYS A 228 -25.66 45.74 -14.21
N ARG A 229 -26.64 44.85 -14.41
CA ARG A 229 -26.81 43.40 -14.37
C ARG A 229 -27.54 43.25 -13.07
N LEU A 230 -26.87 43.43 -11.93
CA LEU A 230 -27.68 43.71 -10.76
C LEU A 230 -28.14 45.15 -10.73
N HIS A 231 -27.30 46.08 -11.17
CA HIS A 231 -27.75 47.46 -11.27
C HIS A 231 -28.99 47.55 -12.14
N ARG A 232 -28.94 46.90 -13.32
CA ARG A 232 -30.06 46.98 -14.26
C ARG A 232 -31.32 46.38 -13.68
N LEU A 233 -31.24 45.21 -13.06
CA LEU A 233 -32.47 44.65 -12.52
C LEU A 233 -32.81 45.25 -11.17
N ASN A 234 -32.50 46.54 -10.99
CA ASN A 234 -32.59 47.25 -9.71
C ASN A 234 -32.39 46.31 -8.54
N LEU A 235 -31.16 45.96 -8.24
CA LEU A 235 -30.93 45.19 -7.02
C LEU A 235 -29.71 45.70 -6.29
N LEU A 236 -29.33 46.96 -6.55
CA LEU A 236 -28.19 47.61 -5.91
C LEU A 236 -28.60 48.93 -5.22
N GLN A 237 -28.39 48.99 -3.91
CA GLN A 237 -28.64 50.22 -3.17
C GLN A 237 -27.52 51.23 -3.36
N SER A 238 -27.89 52.50 -3.53
CA SER A 238 -26.96 53.59 -3.80
C SER A 238 -25.97 53.15 -4.85
N HIS A 239 -26.39 53.07 -6.11
CA HIS A 239 -25.53 52.63 -7.20
C HIS A 239 -25.87 53.43 -8.44
N PRO A 240 -25.56 54.75 -8.45
CA PRO A 240 -26.07 55.64 -9.51
C PRO A 240 -25.72 55.17 -10.92
N GLN A 241 -24.42 55.01 -11.15
CA GLN A 241 -23.84 54.48 -12.38
C GLN A 241 -24.00 52.95 -12.48
N GLU A 242 -23.82 52.43 -13.72
CA GLU A 242 -23.75 50.99 -13.96
C GLU A 242 -22.44 50.37 -13.50
N VAL A 243 -21.31 51.02 -13.74
CA VAL A 243 -20.02 50.52 -13.27
C VAL A 243 -19.51 51.43 -12.17
N MET A 244 -19.53 50.91 -10.94
CA MET A 244 -18.91 51.53 -9.80
C MET A 244 -17.73 50.71 -9.28
N TYR A 245 -17.98 49.51 -8.75
CA TYR A 245 -16.92 48.74 -8.10
C TYR A 245 -15.89 48.20 -9.08
N PHE A 246 -16.32 47.36 -10.02
CA PHE A 246 -15.39 46.57 -10.80
C PHE A 246 -14.96 47.36 -12.03
N GLN A 247 -13.77 47.94 -11.98
CA GLN A 247 -13.38 48.76 -13.11
C GLN A 247 -12.69 47.96 -14.18
N PRO A 248 -12.63 48.52 -15.37
CA PRO A 248 -11.59 48.24 -16.36
C PRO A 248 -10.28 48.96 -15.96
N GLY A 249 -9.12 48.42 -16.30
CA GLY A 249 -9.02 47.28 -17.18
C GLY A 249 -7.95 46.34 -16.70
N GLU A 250 -6.67 46.74 -16.76
CA GLU A 250 -5.60 45.80 -16.40
C GLU A 250 -4.33 46.51 -15.90
N PRO A 251 -4.29 47.02 -14.66
CA PRO A 251 -3.11 47.76 -14.21
C PRO A 251 -1.98 46.92 -13.64
N PHE A 252 -0.78 47.54 -13.63
CA PHE A 252 0.44 47.19 -12.88
C PHE A 252 0.30 46.01 -11.92
N GLY A 253 0.58 46.19 -10.63
CA GLY A 253 0.01 45.24 -9.69
C GLY A 253 0.95 44.90 -8.57
N SER A 254 0.51 43.91 -7.80
CA SER A 254 1.16 43.37 -6.62
C SER A 254 0.83 44.19 -5.39
N VAL A 255 0.54 43.48 -4.32
CA VAL A 255 0.16 44.01 -3.02
C VAL A 255 0.17 42.79 -2.11
N GLU A 256 1.32 42.52 -1.50
CA GLU A 256 1.57 41.35 -0.68
C GLU A 256 0.33 41.01 0.10
N ASP A 257 -0.25 39.84 -0.12
CA ASP A 257 -1.39 39.45 0.71
C ASP A 257 -1.35 37.94 0.88
N ASP A 258 -2.43 37.38 1.40
CA ASP A 258 -2.42 35.98 1.76
C ASP A 258 -2.34 35.09 0.56
N HIS A 259 -2.60 35.62 -0.64
CA HIS A 259 -2.52 34.79 -1.82
C HIS A 259 -1.09 34.36 -2.12
N ILE A 260 -0.14 35.24 -1.83
CA ILE A 260 1.25 35.10 -2.22
C ILE A 260 1.79 33.68 -2.03
N PRO A 261 1.70 33.06 -0.84
CA PRO A 261 2.30 31.71 -0.70
C PRO A 261 1.70 30.71 -1.65
N PHE A 262 0.44 30.89 -2.01
CA PHE A 262 -0.19 30.03 -2.98
C PHE A 262 0.29 30.35 -4.37
N LEU A 263 0.35 31.62 -4.67
CA LEU A 263 0.83 32.02 -5.97
C LEU A 263 2.25 31.57 -6.20
N ARG A 264 3.09 31.51 -5.15
CA ARG A 264 4.45 30.97 -5.27
C ARG A 264 4.41 29.56 -5.81
N ARG A 265 3.35 28.82 -5.50
CA ARG A 265 3.16 27.41 -5.84
C ARG A 265 2.30 27.25 -7.09
N GLY A 266 2.10 28.32 -7.84
CA GLY A 266 1.45 28.23 -9.12
C GLY A 266 -0.05 28.29 -9.12
N VAL A 267 -0.66 28.95 -8.14
CA VAL A 267 -2.11 28.91 -7.94
C VAL A 267 -2.75 30.12 -8.61
N PRO A 268 -3.74 29.94 -9.46
CA PRO A 268 -4.39 31.11 -10.08
C PRO A 268 -5.14 31.92 -9.04
N VAL A 269 -4.91 33.22 -9.04
CA VAL A 269 -5.36 34.08 -7.95
C VAL A 269 -6.27 35.18 -8.49
N LEU A 270 -7.32 35.49 -7.76
CA LEU A 270 -8.14 36.65 -8.06
C LEU A 270 -8.19 37.51 -6.80
N HIS A 271 -7.57 38.69 -6.87
CA HIS A 271 -7.29 39.49 -5.68
C HIS A 271 -8.38 40.53 -5.59
N LEU A 272 -9.42 40.22 -4.84
CA LEU A 272 -10.54 41.12 -4.68
C LEU A 272 -10.19 42.02 -3.50
N ILE A 273 -9.38 43.04 -3.77
CA ILE A 273 -8.97 44.00 -2.75
C ILE A 273 -9.10 45.40 -3.33
N SER A 274 -9.88 46.24 -2.67
CA SER A 274 -10.02 47.64 -3.00
C SER A 274 -8.66 48.29 -3.11
N THR A 275 -8.54 49.19 -4.05
CA THR A 275 -7.29 49.82 -4.42
C THR A 275 -7.81 51.07 -5.05
N PRO A 276 -7.71 52.23 -4.36
CA PRO A 276 -7.01 52.70 -3.18
C PRO A 276 -7.53 52.10 -1.92
N PHE A 277 -6.70 51.87 -0.92
CA PHE A 277 -7.19 51.27 0.32
C PHE A 277 -8.21 52.18 1.04
N PRO A 278 -9.14 51.58 1.84
CA PRO A 278 -9.98 52.36 2.74
C PRO A 278 -9.27 53.54 3.34
N ALA A 279 -9.85 54.75 3.28
CA ALA A 279 -9.28 55.93 3.95
C ALA A 279 -8.87 55.70 5.41
N VAL A 280 -9.66 54.93 6.14
CA VAL A 280 -9.47 54.64 7.54
C VAL A 280 -8.52 53.50 7.79
N TRP A 281 -7.68 53.16 6.83
CA TRP A 281 -7.07 51.85 6.83
C TRP A 281 -5.93 51.82 7.83
N HIS A 282 -5.92 50.80 8.70
CA HIS A 282 -4.88 50.67 9.71
C HIS A 282 -4.88 51.89 10.61
N THR A 283 -6.06 52.35 10.98
CA THR A 283 -6.19 53.38 11.99
C THR A 283 -7.22 52.85 12.96
N PRO A 284 -7.28 53.41 14.18
CA PRO A 284 -8.35 53.00 15.09
C PRO A 284 -9.72 53.27 14.50
N ALA A 285 -9.76 53.90 13.33
CA ALA A 285 -10.99 54.30 12.64
C ALA A 285 -11.58 53.21 11.76
N ASP A 286 -10.92 52.07 11.59
CA ASP A 286 -11.51 50.91 10.92
C ASP A 286 -12.55 50.28 11.84
N THR A 287 -13.80 50.74 11.79
CA THR A 287 -14.76 50.42 12.83
C THR A 287 -16.17 50.37 12.26
N GLU A 288 -17.08 49.70 12.99
CA GLU A 288 -18.40 49.35 12.45
C GLU A 288 -19.14 50.52 11.81
N VAL A 289 -18.88 51.75 12.19
CA VAL A 289 -19.76 52.77 11.65
C VAL A 289 -19.15 53.55 10.48
N ASN A 290 -17.88 53.30 10.06
CA ASN A 290 -17.36 53.76 8.77
C ASN A 290 -17.72 52.86 7.59
N LEU A 291 -18.05 51.60 7.83
CA LEU A 291 -18.53 50.71 6.78
C LEU A 291 -19.63 51.42 6.01
N HIS A 292 -19.86 51.07 4.74
CA HIS A 292 -21.00 51.62 4.00
C HIS A 292 -21.94 50.46 3.74
N PRO A 293 -22.86 50.19 4.65
CA PRO A 293 -23.64 48.97 4.59
C PRO A 293 -24.18 48.67 3.19
N PRO A 294 -24.73 49.66 2.46
CA PRO A 294 -25.19 49.32 1.10
C PRO A 294 -24.07 48.65 0.37
N THR A 295 -22.90 49.29 0.32
CA THR A 295 -21.77 48.72 -0.38
C THR A 295 -21.50 47.31 0.11
N VAL A 296 -21.37 47.12 1.43
CA VAL A 296 -21.31 45.79 2.03
C VAL A 296 -22.34 44.83 1.46
N HIS A 297 -23.56 45.30 1.23
CA HIS A 297 -24.54 44.33 0.74
C HIS A 297 -24.45 44.13 -0.76
N ASN A 298 -24.26 45.19 -1.54
CA ASN A 298 -24.01 44.98 -2.96
C ASN A 298 -22.94 43.91 -3.16
N LEU A 299 -21.86 43.97 -2.38
CA LEU A 299 -20.84 42.96 -2.52
C LEU A 299 -21.29 41.60 -2.02
N CYS A 300 -22.28 41.51 -1.14
CA CYS A 300 -22.81 40.18 -0.87
C CYS A 300 -23.52 39.65 -2.11
N ARG A 301 -24.49 40.42 -2.61
CA ARG A 301 -25.22 40.04 -3.81
C ARG A 301 -24.29 39.77 -4.98
N ILE A 302 -23.35 40.67 -5.26
CA ILE A 302 -22.51 40.44 -6.43
C ILE A 302 -21.74 39.15 -6.28
N LEU A 303 -21.17 38.87 -5.11
CA LEU A 303 -20.49 37.60 -4.93
C LEU A 303 -21.48 36.45 -5.00
N ALA A 304 -22.65 36.63 -4.40
CA ALA A 304 -23.57 35.51 -4.28
C ALA A 304 -24.10 35.04 -5.63
N VAL A 305 -24.12 35.89 -6.67
CA VAL A 305 -24.40 35.39 -8.02
C VAL A 305 -23.18 34.64 -8.51
N PHE A 306 -22.02 35.29 -8.44
CA PHE A 306 -20.76 34.73 -8.93
C PHE A 306 -20.54 33.30 -8.45
N LEU A 307 -20.52 33.10 -7.13
CA LEU A 307 -20.56 31.75 -6.55
C LEU A 307 -21.48 30.84 -7.33
N ALA A 308 -22.72 31.26 -7.54
CA ALA A 308 -23.70 30.40 -8.22
C ALA A 308 -23.33 30.21 -9.68
N GLU A 309 -23.12 31.30 -10.42
CA GLU A 309 -22.69 31.18 -11.81
C GLU A 309 -21.46 30.27 -11.91
N TYR A 310 -20.51 30.39 -10.96
CA TYR A 310 -19.33 29.51 -10.98
C TYR A 310 -19.69 28.03 -10.81
N LEU A 311 -20.29 27.67 -9.70
CA LEU A 311 -20.52 26.28 -9.42
C LEU A 311 -21.78 25.75 -10.06
N GLY A 312 -22.38 26.53 -10.96
CA GLY A 312 -23.70 26.23 -11.52
C GLY A 312 -24.69 25.76 -10.48
N LEU A 313 -25.29 26.69 -9.74
CA LEU A 313 -26.22 26.32 -8.69
C LEU A 313 -27.64 26.79 -9.04
N VAL B 1 28.05 5.10 44.10
CA VAL B 1 27.67 4.96 42.69
C VAL B 1 26.86 6.14 42.03
N PRO B 2 26.11 7.02 42.83
CA PRO B 2 25.47 8.23 42.24
C PRO B 2 26.09 9.61 42.62
N LEU B 3 25.46 10.77 42.23
CA LEU B 3 25.95 12.16 42.51
C LEU B 3 24.86 13.19 42.94
N ILE B 4 24.97 14.49 42.55
CA ILE B 4 24.14 15.59 43.12
C ILE B 4 22.95 16.06 42.24
N GLY B 5 21.86 15.31 42.33
CA GLY B 5 20.66 15.52 41.56
C GLY B 5 20.14 14.12 41.32
N SER B 6 20.98 13.15 41.69
CA SER B 6 20.86 11.78 41.22
C SER B 6 19.49 11.17 41.50
N LEU B 7 18.97 10.48 40.51
CA LEU B 7 17.64 9.89 40.63
C LEU B 7 17.59 8.83 41.72
N PRO B 8 16.59 8.85 42.58
CA PRO B 8 16.30 7.70 43.45
C PRO B 8 16.20 6.43 42.62
N GLU B 9 16.77 5.35 43.14
CA GLU B 9 16.60 4.06 42.47
C GLU B 9 15.13 3.76 42.24
N ALA B 10 14.25 4.32 43.07
CA ALA B 10 12.81 4.16 42.89
C ALA B 10 12.32 4.80 41.61
N ARG B 11 12.66 6.08 41.37
CA ARG B 11 12.26 6.73 40.12
C ARG B 11 12.94 6.09 38.93
N LEU B 12 14.27 6.00 38.98
CA LEU B 12 15.06 5.49 37.87
C LEU B 12 14.55 4.16 37.34
N ARG B 13 14.06 3.29 38.21
CA ARG B 13 13.52 2.06 37.66
C ARG B 13 12.16 2.32 37.00
N ARG B 14 11.35 3.19 37.59
CA ARG B 14 10.04 3.49 36.98
C ARG B 14 10.20 4.19 35.64
N VAL B 15 11.18 5.08 35.51
CA VAL B 15 11.40 5.80 34.25
C VAL B 15 11.63 4.78 33.17
N VAL B 16 12.84 4.20 33.19
CA VAL B 16 13.30 3.15 32.30
C VAL B 16 12.20 2.22 31.83
N GLY B 17 11.32 1.82 32.76
CA GLY B 17 10.21 0.96 32.39
C GLY B 17 9.27 1.60 31.41
N GLN B 18 9.25 2.92 31.36
CA GLN B 18 8.44 3.57 30.36
C GLN B 18 9.05 3.50 28.97
N LEU B 19 10.19 2.83 28.83
CA LEU B 19 10.84 2.67 27.55
C LEU B 19 10.37 1.42 26.84
N ASP B 20 10.16 1.56 25.55
CA ASP B 20 9.42 0.60 24.75
C ASP B 20 10.27 0.23 23.56
N PRO B 21 11.19 -0.71 23.72
CA PRO B 21 12.10 -1.06 22.62
C PRO B 21 11.37 -1.45 21.35
N GLN B 22 10.33 -2.29 21.45
CA GLN B 22 9.50 -2.55 20.29
C GLN B 22 9.03 -1.23 19.66
N ARG B 23 8.67 -0.26 20.50
CA ARG B 23 8.20 1.04 20.02
C ARG B 23 9.30 1.73 19.22
N LEU B 24 10.37 2.18 19.90
CA LEU B 24 11.60 2.52 19.16
C LEU B 24 11.77 1.75 17.87
N TRP B 25 12.06 0.46 18.02
CA TRP B 25 12.61 -0.31 16.92
C TRP B 25 11.68 -0.46 15.71
N SER B 26 10.39 -0.35 15.91
CA SER B 26 9.48 -0.57 14.79
C SER B 26 8.67 0.66 14.41
N THR B 27 8.38 1.55 15.36
CA THR B 27 7.52 2.71 15.17
C THR B 27 8.33 3.93 14.74
N TYR B 28 9.42 4.18 15.45
CA TYR B 28 10.17 5.40 15.25
C TYR B 28 11.35 5.18 14.35
N LEU B 29 12.02 4.02 14.45
CA LEU B 29 13.22 3.78 13.65
C LEU B 29 12.86 3.35 12.23
N ARG B 30 12.19 2.20 12.12
CA ARG B 30 12.01 1.53 10.84
C ARG B 30 11.53 2.44 9.72
N PRO B 31 10.49 3.25 9.87
CA PRO B 31 9.99 4.05 8.74
C PRO B 31 10.93 5.18 8.35
N LEU B 32 12.00 5.37 9.14
CA LEU B 32 12.99 6.37 8.86
C LEU B 32 14.09 5.84 7.95
N LEU B 33 14.26 4.52 7.87
CA LEU B 33 15.25 3.88 7.03
C LEU B 33 14.86 3.88 5.54
N VAL B 34 14.69 5.08 4.99
CA VAL B 34 14.41 5.30 3.58
C VAL B 34 15.47 6.27 3.07
N VAL B 35 15.63 6.31 1.75
CA VAL B 35 16.48 7.38 1.24
C VAL B 35 15.75 8.68 1.49
N ARG B 36 16.42 9.62 2.14
CA ARG B 36 15.78 10.87 2.48
C ARG B 36 16.74 12.03 2.27
N THR B 37 17.42 12.04 1.13
CA THR B 37 18.29 13.15 0.86
C THR B 37 17.41 14.38 0.70
N PRO B 38 18.01 15.59 0.90
CA PRO B 38 17.26 16.85 0.63
C PRO B 38 16.41 16.77 -0.62
N GLY B 39 15.34 17.55 -0.67
CA GLY B 39 14.38 17.52 -1.76
C GLY B 39 13.77 16.20 -2.22
N SER B 40 13.83 15.12 -1.43
CA SER B 40 13.40 13.83 -1.97
C SER B 40 12.00 13.46 -1.49
N PRO B 41 11.27 12.63 -2.26
CA PRO B 41 10.08 11.96 -1.73
C PRO B 41 10.27 11.42 -0.31
N GLY B 42 11.39 10.76 -0.03
CA GLY B 42 11.59 10.17 1.28
C GLY B 42 11.84 11.16 2.42
N ASN B 43 12.78 12.08 2.18
CA ASN B 43 13.05 13.17 3.11
C ASN B 43 11.72 13.77 3.48
N LEU B 44 10.97 14.32 2.52
CA LEU B 44 9.65 14.84 2.81
C LEU B 44 8.79 13.93 3.65
N GLN B 45 8.73 12.62 3.32
CA GLN B 45 7.97 11.68 4.15
C GLN B 45 8.41 11.73 5.60
N VAL B 46 9.72 11.63 5.84
CA VAL B 46 10.25 11.73 7.21
C VAL B 46 9.87 13.07 7.87
N ARG B 47 10.04 14.17 7.14
CA ARG B 47 9.85 15.45 7.79
C ARG B 47 8.41 15.64 8.27
N LYS B 48 7.45 14.98 7.64
CA LYS B 48 6.12 15.20 8.18
C LYS B 48 5.81 14.19 9.28
N PHE B 49 6.14 12.91 9.08
CA PHE B 49 6.17 11.93 10.17
C PHE B 49 6.76 12.48 11.44
N LEU B 50 7.85 13.23 11.36
CA LEU B 50 8.40 13.81 12.57
C LEU B 50 7.46 14.89 13.14
N GLU B 51 7.09 15.89 12.33
CA GLU B 51 6.21 16.98 12.77
C GLU B 51 4.97 16.46 13.50
N ALA B 52 4.37 15.39 13.00
CA ALA B 52 3.10 14.95 13.55
C ALA B 52 3.27 14.08 14.79
N THR B 53 4.21 13.12 14.75
CA THR B 53 4.50 12.33 15.93
C THR B 53 4.65 13.24 17.15
N LEU B 54 5.42 14.31 17.00
CA LEU B 54 5.50 15.28 18.08
C LEU B 54 4.14 15.87 18.37
N ARG B 55 3.39 16.25 17.33
CA ARG B 55 2.12 16.92 17.62
C ARG B 55 1.13 15.96 18.32
N SER B 56 1.31 14.66 18.14
CA SER B 56 0.49 13.66 18.83
C SER B 56 0.81 13.54 20.32
N LEU B 57 1.69 14.36 20.86
CA LEU B 57 2.15 14.16 22.23
C LEU B 57 1.26 14.95 23.18
N THR B 58 0.75 14.25 24.20
CA THR B 58 -0.06 14.85 25.25
C THR B 58 0.57 16.12 25.75
N ALA B 59 1.88 16.08 26.01
CA ALA B 59 2.58 17.21 26.64
C ALA B 59 2.34 18.54 25.92
N GLY B 60 1.90 18.50 24.66
CA GLY B 60 1.54 19.72 24.00
C GLY B 60 2.75 20.49 23.55
N TRP B 61 3.57 19.87 22.71
CA TRP B 61 4.80 20.44 22.16
C TRP B 61 4.51 21.53 21.13
N HIS B 62 5.48 22.39 20.90
CA HIS B 62 5.25 23.54 20.04
C HIS B 62 6.15 23.42 18.82
N VAL B 63 5.67 22.71 17.80
CA VAL B 63 6.45 22.37 16.60
C VAL B 63 6.37 23.48 15.56
N GLU B 64 7.50 24.11 15.27
CA GLU B 64 7.52 24.92 14.07
C GLU B 64 8.39 24.24 13.04
N LEU B 65 8.38 24.81 11.84
CA LEU B 65 9.11 24.27 10.70
C LEU B 65 9.98 25.38 10.17
N ASP B 66 11.20 25.08 9.86
CA ASP B 66 12.03 26.14 9.37
C ASP B 66 12.27 25.89 7.88
N PRO B 67 11.32 26.24 7.02
CA PRO B 67 11.49 25.92 5.60
C PRO B 67 12.36 27.00 4.97
N PHE B 68 13.14 26.61 3.96
CA PHE B 68 14.00 27.60 3.34
C PHE B 68 14.67 27.03 2.12
N THR B 69 15.09 27.95 1.24
CA THR B 69 15.85 27.65 0.04
C THR B 69 17.28 28.09 0.24
N ALA B 70 18.22 27.19 -0.02
CA ALA B 70 19.64 27.52 0.02
C ALA B 70 20.26 27.33 -1.36
N SER B 71 21.39 28.01 -1.56
CA SER B 71 22.21 27.87 -2.76
C SER B 71 23.25 26.78 -2.57
N THR B 72 23.20 25.72 -3.41
CA THR B 72 24.08 24.56 -3.34
C THR B 72 24.61 24.16 -4.71
N PRO B 73 25.53 23.19 -4.76
CA PRO B 73 26.00 22.71 -6.07
C PRO B 73 24.97 22.07 -6.94
N LEU B 74 23.82 21.63 -6.45
CA LEU B 74 22.79 21.14 -7.36
C LEU B 74 21.77 22.22 -7.67
N GLY B 75 22.17 23.47 -7.52
CA GLY B 75 21.34 24.62 -7.75
C GLY B 75 20.69 25.18 -6.49
N PRO B 76 19.64 26.00 -6.67
CA PRO B 76 18.66 26.20 -5.61
C PRO B 76 18.11 24.87 -5.10
N VAL B 77 18.11 24.71 -3.77
CA VAL B 77 17.49 23.56 -3.11
C VAL B 77 16.61 24.08 -1.99
N ASP B 78 15.58 23.30 -1.65
CA ASP B 78 14.64 23.59 -0.56
C ASP B 78 14.89 22.64 0.60
N PHE B 79 15.20 23.20 1.77
CA PHE B 79 15.35 22.43 2.98
C PHE B 79 14.23 22.73 3.97
N GLY B 80 14.14 21.87 4.98
CA GLY B 80 13.20 22.08 6.05
C GLY B 80 13.62 21.53 7.39
N ASN B 81 13.89 22.44 8.35
CA ASN B 81 14.16 22.07 9.73
C ASN B 81 12.88 21.81 10.52
N VAL B 82 12.90 20.75 11.36
CA VAL B 82 11.86 20.49 12.37
C VAL B 82 12.36 20.95 13.74
N VAL B 83 11.72 21.99 14.28
CA VAL B 83 12.13 22.62 15.53
C VAL B 83 11.00 22.46 16.57
N ALA B 84 11.32 21.84 17.70
CA ALA B 84 10.30 21.33 18.61
C ALA B 84 10.60 21.72 20.06
N THR B 85 9.87 22.70 20.56
CA THR B 85 9.99 23.21 21.92
C THR B 85 8.77 22.81 22.76
N LEU B 86 9.02 22.17 23.90
CA LEU B 86 7.91 21.77 24.77
C LEU B 86 7.17 22.97 25.32
N ASP B 87 7.92 24.02 25.69
CA ASP B 87 7.38 25.16 26.43
C ASP B 87 8.18 26.42 26.04
N PRO B 88 7.71 27.15 25.02
CA PRO B 88 8.49 28.31 24.52
C PRO B 88 8.69 29.42 25.51
N ARG B 89 7.86 29.53 26.54
CA ARG B 89 7.94 30.69 27.43
C ARG B 89 9.02 30.53 28.49
N ALA B 90 9.47 29.30 28.75
CA ALA B 90 10.45 29.03 29.80
C ALA B 90 11.84 29.57 29.43
N ALA B 91 12.54 30.15 30.41
CA ALA B 91 13.65 31.03 30.10
C ALA B 91 14.78 30.33 29.34
N ARG B 92 15.05 29.07 29.67
CA ARG B 92 16.10 28.25 29.05
C ARG B 92 15.51 26.89 28.73
N HIS B 93 16.26 26.13 27.92
CA HIS B 93 15.93 24.73 27.67
C HIS B 93 17.20 23.96 27.36
N LEU B 94 17.11 22.66 27.58
CA LEU B 94 18.04 21.70 27.02
C LEU B 94 17.59 21.36 25.60
N THR B 95 18.55 21.27 24.69
CA THR B 95 18.32 21.02 23.27
C THR B 95 19.03 19.75 22.85
N LEU B 96 18.28 18.73 22.49
CA LEU B 96 18.88 17.60 21.81
C LEU B 96 18.70 17.73 20.30
N ALA B 97 19.75 17.36 19.58
CA ALA B 97 19.81 17.60 18.16
C ALA B 97 20.27 16.35 17.42
N CYS B 98 19.74 16.20 16.20
CA CYS B 98 20.21 15.24 15.22
C CYS B 98 19.77 15.76 13.85
N HIS B 99 20.14 15.03 12.79
CA HIS B 99 19.80 15.44 11.44
C HIS B 99 19.01 14.34 10.77
N TYR B 100 17.90 14.70 10.14
CA TYR B 100 17.05 13.68 9.57
C TYR B 100 17.28 13.45 8.10
N ASP B 101 17.92 14.40 7.42
CA ASP B 101 18.36 14.15 6.06
C ASP B 101 19.29 12.93 6.03
N SER B 102 19.50 12.41 4.81
CA SER B 102 20.45 11.33 4.55
C SER B 102 21.43 11.79 3.48
N LYS B 103 22.61 11.19 3.45
CA LYS B 103 23.58 11.51 2.42
C LYS B 103 23.12 10.99 1.06
N LEU B 104 23.63 11.64 0.04
CA LEU B 104 23.29 11.38 -1.34
C LEU B 104 24.48 10.78 -2.05
N PHE B 105 24.35 9.62 -2.43
CA PHE B 105 25.26 8.68 -3.01
C PHE B 105 25.02 8.57 -4.50
N PRO B 106 26.06 8.30 -5.29
CA PRO B 106 25.91 8.38 -6.72
C PRO B 106 24.91 7.36 -7.20
N PRO B 107 24.40 7.47 -8.44
CA PRO B 107 23.35 6.56 -8.87
C PRO B 107 23.83 5.13 -8.92
N GLY B 108 22.87 4.21 -8.84
CA GLY B 108 23.16 2.81 -9.04
C GLY B 108 23.66 2.10 -7.81
N SER B 109 24.79 2.59 -7.29
CA SER B 109 25.19 2.34 -5.90
C SER B 109 23.97 2.00 -5.03
N THR B 110 23.98 0.81 -4.40
CA THR B 110 23.00 0.40 -3.39
C THR B 110 22.49 1.60 -2.61
N PRO B 111 21.18 1.68 -2.34
CA PRO B 111 20.63 2.88 -1.70
C PRO B 111 21.35 3.14 -0.39
N PHE B 112 21.50 4.41 -0.05
CA PHE B 112 22.08 4.78 1.23
C PHE B 112 21.00 5.31 2.14
N VAL B 113 20.76 4.60 3.24
CA VAL B 113 19.77 5.04 4.22
C VAL B 113 20.38 5.55 5.53
N GLY B 114 21.68 5.36 5.76
CA GLY B 114 22.34 5.90 6.94
C GLY B 114 21.65 5.64 8.27
N ALA B 115 21.57 4.38 8.67
CA ALA B 115 20.89 4.05 9.92
C ALA B 115 21.45 4.84 11.08
N THR B 116 22.76 4.74 11.27
CA THR B 116 23.41 5.46 12.36
C THR B 116 23.51 6.96 12.11
N ASP B 117 23.17 7.39 10.91
CA ASP B 117 23.51 8.72 10.47
C ASP B 117 22.34 9.39 9.73
N SER B 118 21.33 9.90 10.42
CA SER B 118 21.20 9.80 11.86
C SER B 118 19.81 9.27 12.21
N ALA B 119 19.40 8.16 11.61
CA ALA B 119 18.08 7.64 11.93
C ALA B 119 17.98 7.30 13.41
N VAL B 120 18.97 6.58 13.92
CA VAL B 120 18.99 6.20 15.33
C VAL B 120 18.98 7.46 16.19
N PRO B 121 19.94 8.43 16.05
CA PRO B 121 19.74 9.72 16.71
C PRO B 121 18.32 10.22 16.62
N CYS B 122 17.68 10.13 15.47
CA CYS B 122 16.29 10.60 15.33
C CYS B 122 15.31 9.75 16.14
N ALA B 123 15.47 8.42 16.06
CA ALA B 123 14.57 7.51 16.72
C ALA B 123 14.62 7.65 18.22
N LEU B 124 15.78 8.04 18.77
CA LEU B 124 15.92 8.18 20.21
C LEU B 124 15.19 9.41 20.73
N LEU B 125 15.38 10.56 20.10
CA LEU B 125 14.63 11.70 20.57
C LEU B 125 13.14 11.43 20.46
N LEU B 126 12.72 10.67 19.46
CA LEU B 126 11.30 10.31 19.36
C LEU B 126 10.85 9.47 20.53
N GLU B 127 11.52 8.33 20.75
CA GLU B 127 11.21 7.48 21.90
C GLU B 127 11.30 8.26 23.21
N LEU B 128 12.40 8.99 23.41
CA LEU B 128 12.55 9.77 24.63
C LEU B 128 11.39 10.73 24.83
N ALA B 129 10.95 11.38 23.76
CA ALA B 129 9.85 12.30 23.93
C ALA B 129 8.56 11.57 24.25
N GLN B 130 8.41 10.35 23.75
CA GLN B 130 7.25 9.55 24.12
C GLN B 130 7.33 9.19 25.60
N ALA B 131 8.11 8.16 25.91
CA ALA B 131 8.21 7.56 27.23
C ALA B 131 8.16 8.59 28.34
N LEU B 132 8.84 9.72 28.16
CA LEU B 132 8.85 10.76 29.19
C LEU B 132 7.74 11.76 29.03
N ASP B 133 6.61 11.38 28.44
CA ASP B 133 5.68 12.43 28.06
C ASP B 133 5.04 13.05 29.29
N LEU B 134 4.47 12.23 30.16
CA LEU B 134 3.68 12.80 31.25
C LEU B 134 4.57 13.54 32.21
N GLU B 135 5.72 12.96 32.57
CA GLU B 135 6.72 13.67 33.36
C GLU B 135 7.04 15.05 32.79
N LEU B 136 7.19 15.16 31.47
CA LEU B 136 7.38 16.49 30.92
C LEU B 136 6.06 17.26 30.88
N SER B 137 4.96 16.57 30.55
CA SER B 137 3.66 17.22 30.58
C SER B 137 3.41 17.85 31.95
N ARG B 138 3.81 17.17 33.02
CA ARG B 138 3.89 17.73 34.37
C ARG B 138 4.63 19.05 34.37
N ALA B 139 5.96 18.99 34.36
CA ALA B 139 6.79 20.17 34.52
C ALA B 139 6.45 21.31 33.55
N LYS B 140 5.78 21.03 32.43
CA LYS B 140 5.27 22.16 31.67
C LYS B 140 4.18 22.86 32.45
N LYS B 141 3.24 22.08 33.01
CA LYS B 141 2.14 22.64 33.80
C LYS B 141 2.68 23.34 35.05
N GLN B 142 3.63 22.72 35.73
CA GLN B 142 4.29 23.33 36.87
C GLN B 142 5.30 24.41 36.51
N ALA B 143 5.04 25.14 35.43
CA ALA B 143 5.82 26.30 35.02
C ALA B 143 7.29 26.12 35.37
N ALA B 144 7.84 24.97 34.99
CA ALA B 144 9.26 24.70 35.21
C ALA B 144 10.09 25.72 34.47
N PRO B 145 11.23 26.12 35.02
CA PRO B 145 11.97 27.24 34.43
C PRO B 145 12.80 26.83 33.24
N VAL B 146 13.04 25.53 33.07
CA VAL B 146 13.97 25.02 32.06
C VAL B 146 13.28 23.88 31.33
N THR B 147 13.10 24.02 30.00
CA THR B 147 12.23 23.14 29.22
C THR B 147 13.10 22.28 28.34
N LEU B 148 12.48 21.56 27.40
CA LEU B 148 13.21 20.68 26.48
C LEU B 148 12.92 21.07 25.03
N GLN B 149 13.92 20.87 24.17
CA GLN B 149 13.82 21.24 22.75
C GLN B 149 14.46 20.16 21.92
N LEU B 150 13.70 19.54 21.03
CA LEU B 150 14.24 18.58 20.10
C LEU B 150 14.44 19.22 18.73
N LEU B 151 15.63 19.00 18.14
CA LEU B 151 16.03 19.59 16.87
C LEU B 151 16.24 18.51 15.83
N PHE B 152 15.31 18.42 14.85
CA PHE B 152 15.48 17.54 13.68
C PHE B 152 15.96 18.36 12.48
N LEU B 153 17.22 18.13 12.08
CA LEU B 153 17.96 19.05 11.22
C LEU B 153 18.10 18.53 9.81
N ASP B 154 17.78 19.36 8.85
CA ASP B 154 17.86 18.99 7.45
C ASP B 154 19.23 19.38 6.87
N GLY B 155 19.53 18.82 5.70
CA GLY B 155 20.72 19.18 4.96
C GLY B 155 22.02 19.21 5.73
N GLU B 156 22.20 18.32 6.70
CA GLU B 156 23.50 18.22 7.35
C GLU B 156 24.59 17.87 6.33
N GLU B 157 24.42 16.78 5.60
CA GLU B 157 25.41 16.28 4.67
C GLU B 157 25.56 17.22 3.50
N ALA B 158 26.77 17.22 2.94
CA ALA B 158 27.03 17.96 1.73
C ALA B 158 26.44 17.25 0.53
N LEU B 159 26.25 18.00 -0.54
CA LEU B 159 25.62 17.43 -1.72
C LEU B 159 26.64 16.94 -2.75
N LYS B 160 27.63 17.77 -3.08
CA LYS B 160 28.81 17.39 -3.86
C LYS B 160 30.05 17.47 -3.00
N GLU B 161 30.12 16.67 -1.95
CA GLU B 161 31.32 16.64 -1.10
C GLU B 161 31.67 17.95 -0.38
N TRP B 162 31.77 17.80 0.96
CA TRP B 162 32.03 18.70 2.08
C TRP B 162 32.61 20.09 1.82
N GLY B 163 32.33 21.02 2.72
CA GLY B 163 32.85 22.36 2.60
C GLY B 163 31.99 23.44 3.21
N PRO B 164 32.64 24.40 3.86
CA PRO B 164 31.96 25.50 4.54
C PRO B 164 30.74 26.09 3.87
N LYS B 165 30.62 25.89 2.56
CA LYS B 165 29.46 26.40 1.85
C LYS B 165 28.55 25.31 1.33
N ASP B 166 28.94 24.04 1.47
CA ASP B 166 28.12 22.90 1.07
C ASP B 166 28.22 21.86 2.20
N SER B 167 27.40 22.08 3.23
CA SER B 167 27.27 21.26 4.43
C SER B 167 26.52 22.09 5.47
N LEU B 168 25.82 21.42 6.39
CA LEU B 168 25.18 22.11 7.51
C LEU B 168 24.26 23.21 7.00
N TYR B 169 23.60 22.94 5.89
CA TYR B 169 22.47 23.77 5.52
C TYR B 169 21.51 23.90 6.67
N GLY B 170 21.24 22.80 7.39
CA GLY B 170 20.25 22.86 8.45
C GLY B 170 20.68 23.74 9.60
N SER B 171 21.79 23.34 10.22
CA SER B 171 22.40 24.12 11.27
C SER B 171 22.49 25.58 10.88
N ARG B 172 23.21 25.87 9.80
CA ARG B 172 23.59 27.25 9.49
C ARG B 172 22.37 28.15 9.38
N HIS B 173 21.25 27.62 8.90
CA HIS B 173 20.04 28.43 8.83
C HIS B 173 19.38 28.58 10.20
N LEU B 174 19.26 27.49 10.97
CA LEU B 174 18.50 27.54 12.21
C LEU B 174 19.16 28.41 13.25
N ALA B 175 20.50 28.40 13.30
CA ALA B 175 21.21 29.34 14.15
C ALA B 175 20.94 30.78 13.74
N GLN B 176 21.24 31.12 12.47
CA GLN B 176 20.88 32.43 11.93
C GLN B 176 19.45 32.82 12.34
N LEU B 177 18.50 31.87 12.31
CA LEU B 177 17.13 32.21 12.70
C LEU B 177 17.03 32.54 14.17
N MET B 178 17.34 31.56 15.03
CA MET B 178 17.21 31.71 16.47
C MET B 178 17.98 32.92 16.98
N GLU B 179 19.03 33.32 16.26
CA GLU B 179 19.73 34.56 16.55
C GLU B 179 18.90 35.81 16.30
N SER B 180 18.15 35.85 15.21
CA SER B 180 17.34 37.00 14.87
C SER B 180 16.17 37.22 15.81
N ILE B 181 15.91 36.28 16.70
CA ILE B 181 14.63 36.26 17.38
C ILE B 181 14.76 36.71 18.80
N PRO B 182 14.02 37.77 19.20
CA PRO B 182 13.80 38.07 20.64
C PRO B 182 13.50 36.92 21.53
N HIS B 183 14.18 36.91 22.68
CA HIS B 183 13.81 36.10 23.82
C HIS B 183 14.24 36.83 25.08
N SER B 184 13.48 36.60 26.16
CA SER B 184 13.78 37.11 27.50
C SER B 184 13.77 36.00 28.54
N PRO B 185 14.80 35.95 29.40
CA PRO B 185 15.90 36.91 29.63
C PRO B 185 16.65 37.28 28.36
N GLY B 186 17.04 36.28 27.57
CA GLY B 186 17.57 36.53 26.24
C GLY B 186 19.02 36.98 26.16
N PRO B 187 19.33 37.95 25.26
CA PRO B 187 18.46 38.80 24.41
C PRO B 187 17.82 38.13 23.19
N THR B 188 18.18 36.87 22.92
CA THR B 188 17.73 36.12 21.75
C THR B 188 17.57 34.66 22.10
N ARG B 189 16.84 33.92 21.24
CA ARG B 189 16.61 32.48 21.38
C ARG B 189 17.91 31.67 21.44
N ILE B 190 19.05 32.26 21.06
CA ILE B 190 20.30 31.53 21.18
C ILE B 190 20.64 31.29 22.64
N GLN B 191 20.29 32.24 23.49
CA GLN B 191 20.63 32.14 24.90
C GLN B 191 19.65 31.27 25.65
N ALA B 192 18.50 30.95 25.06
CA ALA B 192 17.61 29.99 25.67
C ALA B 192 18.22 28.58 25.71
N ILE B 193 19.25 28.31 24.91
CA ILE B 193 19.87 26.99 24.86
C ILE B 193 20.87 26.89 25.99
N GLU B 194 20.56 26.10 27.01
CA GLU B 194 21.48 25.93 28.12
C GLU B 194 22.54 24.88 27.85
N LEU B 195 22.18 23.90 27.02
CA LEU B 195 23.08 22.85 26.60
C LEU B 195 22.50 22.38 25.28
N PHE B 196 23.35 22.23 24.27
CA PHE B 196 23.07 21.68 22.94
C PHE B 196 23.78 20.33 22.95
N MET B 197 23.05 19.30 23.33
CA MET B 197 23.55 17.93 23.21
C MET B 197 23.21 17.41 21.83
N LEU B 198 24.22 17.10 21.01
CA LEU B 198 23.99 16.67 19.63
C LEU B 198 24.25 15.17 19.46
N LEU B 199 23.19 14.42 19.15
CA LEU B 199 23.34 13.00 18.89
C LEU B 199 23.68 12.78 17.43
N ASP B 200 24.63 11.89 17.22
CA ASP B 200 25.18 11.60 15.90
C ASP B 200 25.93 10.29 15.97
N LEU B 201 25.79 9.48 14.92
CA LEU B 201 26.60 8.27 14.68
C LEU B 201 26.42 7.21 15.77
N LEU B 202 25.18 6.84 16.03
CA LEU B 202 24.79 5.95 17.13
C LEU B 202 24.08 4.73 16.58
N GLY B 203 24.27 3.58 17.23
CA GLY B 203 23.50 2.38 16.94
C GLY B 203 24.34 1.20 16.49
N ALA B 204 25.50 1.46 15.90
CA ALA B 204 26.50 0.43 15.72
C ALA B 204 26.85 -0.14 17.09
N PRO B 205 27.52 -1.29 17.18
CA PRO B 205 27.96 -1.77 18.49
C PRO B 205 29.26 -1.12 18.93
N ASN B 206 29.44 -1.13 20.24
CA ASN B 206 30.66 -0.71 20.91
C ASN B 206 31.02 0.74 20.60
N PRO B 207 30.08 1.68 20.75
CA PRO B 207 30.46 3.08 20.62
C PRO B 207 31.41 3.46 21.71
N THR B 208 32.25 4.43 21.41
CA THR B 208 33.06 5.12 22.40
C THR B 208 32.87 6.61 22.19
N PHE B 209 32.60 7.31 23.29
CA PHE B 209 32.42 8.75 23.33
C PHE B 209 33.56 9.35 24.15
N TYR B 210 33.88 10.62 23.86
CA TYR B 210 34.84 11.40 24.62
C TYR B 210 34.24 12.78 24.89
N SER B 211 34.82 13.52 25.80
CA SER B 211 34.32 14.87 25.99
C SER B 211 35.10 15.80 25.07
N HIS B 212 34.43 16.41 24.11
CA HIS B 212 35.13 17.27 23.17
C HIS B 212 35.16 18.72 23.60
N PHE B 213 34.51 19.02 24.69
CA PHE B 213 34.38 20.39 25.18
C PHE B 213 34.53 20.41 26.68
N PRO B 214 35.63 20.94 27.21
CA PRO B 214 35.74 21.06 28.66
C PRO B 214 34.61 21.85 29.29
N ARG B 215 34.14 22.96 28.68
CA ARG B 215 32.96 23.66 29.15
C ARG B 215 31.86 22.72 29.62
N THR B 216 31.41 21.82 28.76
CA THR B 216 30.34 20.90 29.13
C THR B 216 30.81 19.58 29.71
N VAL B 217 32.10 19.46 30.06
CA VAL B 217 32.59 18.14 30.48
C VAL B 217 31.89 17.66 31.72
N ARG B 218 31.46 18.58 32.58
CA ARG B 218 30.63 18.24 33.72
C ARG B 218 29.52 17.27 33.32
N TRP B 219 28.87 17.57 32.19
CA TRP B 219 27.67 16.81 31.85
C TRP B 219 28.03 15.44 31.37
N PHE B 220 29.12 15.33 30.57
CA PHE B 220 29.68 14.05 30.11
C PHE B 220 29.95 13.11 31.26
N HIS B 221 30.56 13.65 32.33
CA HIS B 221 30.69 12.91 33.58
C HIS B 221 29.35 12.34 33.99
N ARG B 222 28.32 13.18 34.01
CA ARG B 222 27.09 12.67 34.55
C ARG B 222 26.47 11.64 33.63
N LEU B 223 26.81 11.70 32.34
CA LEU B 223 26.49 10.61 31.41
C LEU B 223 27.26 9.34 31.78
N ARG B 224 28.57 9.47 32.01
CA ARG B 224 29.37 8.34 32.47
C ARG B 224 28.83 7.77 33.79
N SER B 225 28.53 8.64 34.78
CA SER B 225 27.89 8.21 36.03
C SER B 225 26.64 7.39 35.77
N ILE B 226 25.73 7.90 34.94
CA ILE B 226 24.50 7.21 34.66
C ILE B 226 24.75 5.87 33.97
N GLU B 227 25.92 5.66 33.39
CA GLU B 227 26.22 4.34 32.85
C GLU B 227 27.05 3.72 33.97
N LYS B 228 26.33 2.93 34.76
CA LYS B 228 26.83 2.31 35.93
C LYS B 228 26.55 3.32 37.02
N ARG B 229 25.44 3.42 37.75
CA ARG B 229 24.21 2.71 37.89
C ARG B 229 23.75 1.68 36.97
N LEU B 230 23.03 2.11 35.94
CA LEU B 230 22.40 1.27 34.94
C LEU B 230 23.08 -0.04 34.80
N HIS B 231 24.41 -0.02 34.78
CA HIS B 231 25.11 -1.31 34.72
C HIS B 231 25.15 -1.98 36.08
N ARG B 232 25.69 -1.27 37.09
CA ARG B 232 25.72 -1.81 38.45
C ARG B 232 24.35 -2.36 38.88
N LEU B 233 23.27 -1.65 38.58
CA LEU B 233 21.93 -2.13 38.94
C LEU B 233 21.32 -3.03 37.86
N ASN B 234 22.14 -3.77 37.10
CA ASN B 234 21.77 -4.70 36.01
C ASN B 234 20.53 -4.32 35.20
N LEU B 235 20.61 -3.21 34.46
CA LEU B 235 19.63 -2.85 33.43
C LEU B 235 20.27 -2.64 32.05
N LEU B 236 21.55 -2.93 31.91
CA LEU B 236 22.27 -2.82 30.66
C LEU B 236 22.44 -4.20 30.09
N GLN B 237 22.08 -4.36 28.81
CA GLN B 237 22.44 -5.56 28.08
C GLN B 237 23.84 -5.44 27.53
N SER B 238 24.48 -6.60 27.35
CA SER B 238 25.75 -6.70 26.65
C SER B 238 26.73 -5.66 27.18
N HIS B 239 26.72 -5.50 28.50
CA HIS B 239 27.58 -4.48 29.06
C HIS B 239 28.66 -5.11 29.94
N PRO B 240 29.48 -5.99 29.39
CA PRO B 240 30.47 -6.68 30.22
C PRO B 240 31.33 -5.78 31.11
N GLN B 241 31.84 -4.67 30.62
CA GLN B 241 32.61 -3.78 31.48
C GLN B 241 31.77 -2.64 32.04
N GLU B 242 32.05 -2.29 33.31
CA GLU B 242 31.28 -1.28 34.03
C GLU B 242 31.17 0.02 33.23
N VAL B 243 32.29 0.55 32.77
CA VAL B 243 32.30 1.76 31.95
C VAL B 243 32.73 1.33 30.54
N MET B 244 31.78 1.27 29.63
CA MET B 244 32.11 0.97 28.25
C MET B 244 31.86 2.15 27.33
N TYR B 245 30.68 2.74 27.37
CA TYR B 245 30.35 3.78 26.41
C TYR B 245 31.15 5.07 26.66
N PHE B 246 31.00 5.66 27.85
CA PHE B 246 31.46 7.03 28.10
C PHE B 246 32.82 7.03 28.76
N GLN B 247 33.85 7.25 27.95
CA GLN B 247 35.21 7.01 28.35
C GLN B 247 35.89 8.29 28.80
N PRO B 248 36.91 8.16 29.62
CA PRO B 248 37.70 9.32 30.02
C PRO B 248 38.69 9.68 28.93
N GLY B 249 39.19 10.90 29.04
CA GLY B 249 40.15 11.40 28.09
C GLY B 249 39.56 12.55 27.33
N GLU B 250 40.26 12.92 26.28
CA GLU B 250 39.98 14.23 25.76
C GLU B 250 40.28 14.27 24.28
N PRO B 251 40.09 15.40 23.62
CA PRO B 251 40.58 15.99 22.38
C PRO B 251 42.04 16.52 22.40
N PHE B 252 42.73 16.77 21.27
CA PHE B 252 42.26 16.70 19.85
C PHE B 252 41.32 17.91 19.59
N GLY B 253 40.54 17.81 18.51
CA GLY B 253 39.46 18.72 18.23
C GLY B 253 38.11 18.04 18.34
N SER B 254 37.16 18.57 17.58
CA SER B 254 35.96 17.78 17.37
C SER B 254 35.95 17.35 15.92
N VAL B 255 34.77 16.99 15.42
CA VAL B 255 34.52 16.81 14.00
C VAL B 255 33.48 17.84 13.64
N GLU B 256 33.77 18.68 12.63
CA GLU B 256 32.75 19.57 12.11
C GLU B 256 31.43 18.83 12.06
N ASP B 257 30.33 19.46 12.45
CA ASP B 257 29.05 18.77 12.54
C ASP B 257 27.99 19.84 12.69
N ASP B 258 26.78 19.47 13.13
CA ASP B 258 25.66 20.42 13.19
C ASP B 258 25.75 21.43 14.32
N HIS B 259 26.53 21.17 15.37
CA HIS B 259 26.70 22.16 16.44
C HIS B 259 27.45 23.41 15.99
N ILE B 260 28.22 23.34 14.92
CA ILE B 260 29.20 24.37 14.58
C ILE B 260 28.60 25.75 14.44
N PRO B 261 27.41 25.94 13.87
CA PRO B 261 26.88 27.30 13.79
C PRO B 261 26.37 27.82 15.11
N PHE B 262 26.08 26.95 16.08
CA PHE B 262 25.68 27.39 17.40
C PHE B 262 26.90 27.77 18.23
N LEU B 263 27.98 27.01 18.07
CA LEU B 263 29.27 27.33 18.68
C LEU B 263 29.81 28.69 18.22
N ARG B 264 29.70 29.03 16.93
CA ARG B 264 30.15 30.36 16.51
C ARG B 264 29.50 31.43 17.37
N ARG B 265 28.32 31.13 17.91
CA ARG B 265 27.44 32.03 18.64
C ARG B 265 27.53 31.88 20.17
N GLY B 266 28.44 31.03 20.63
CA GLY B 266 28.55 30.62 22.02
C GLY B 266 27.46 29.72 22.56
N VAL B 267 26.96 28.73 21.86
CA VAL B 267 26.07 27.86 22.63
C VAL B 267 27.00 26.87 23.30
N PRO B 268 26.72 26.40 24.51
CA PRO B 268 27.49 25.28 25.05
C PRO B 268 27.05 23.95 24.43
N VAL B 269 28.00 23.04 24.26
CA VAL B 269 27.84 21.92 23.34
C VAL B 269 28.40 20.62 23.91
N LEU B 270 27.62 19.55 23.84
CA LEU B 270 28.06 18.20 24.11
C LEU B 270 27.85 17.37 22.85
N HIS B 271 28.94 17.02 22.17
CA HIS B 271 28.92 16.25 20.93
C HIS B 271 28.88 14.78 21.30
N LEU B 272 27.68 14.22 21.32
CA LEU B 272 27.50 12.80 21.61
C LEU B 272 27.61 12.03 20.29
N ILE B 273 28.85 11.81 19.84
CA ILE B 273 29.17 11.12 18.60
C ILE B 273 30.23 10.05 18.86
N SER B 274 29.96 8.84 18.41
CA SER B 274 30.95 7.78 18.42
C SER B 274 32.22 8.22 17.70
N THR B 275 33.34 8.17 18.40
CA THR B 275 34.64 8.34 17.76
C THR B 275 35.50 7.16 18.30
N PRO B 276 36.06 6.31 17.40
CA PRO B 276 36.03 6.35 15.94
C PRO B 276 34.64 6.17 15.40
N PHE B 277 34.50 6.40 14.09
CA PHE B 277 33.21 6.25 13.47
C PHE B 277 32.83 4.75 13.38
N PRO B 278 31.54 4.43 13.10
CA PRO B 278 31.20 3.05 12.77
C PRO B 278 32.06 2.46 11.65
N ALA B 279 32.02 1.15 11.46
CA ALA B 279 32.81 0.62 10.37
C ALA B 279 32.10 0.86 9.05
N VAL B 280 30.78 0.69 9.05
CA VAL B 280 29.97 0.91 7.85
C VAL B 280 29.80 2.38 7.51
N TRP B 281 30.42 3.27 8.26
CA TRP B 281 30.28 4.71 8.01
C TRP B 281 30.49 5.04 6.54
N HIS B 282 29.81 6.09 6.08
CA HIS B 282 29.55 6.43 4.68
C HIS B 282 29.71 5.27 3.69
N THR B 283 29.06 4.15 3.96
CA THR B 283 28.88 3.12 2.97
C THR B 283 27.43 2.71 3.01
N PRO B 284 26.89 2.13 1.93
CA PRO B 284 25.54 1.57 2.00
C PRO B 284 25.46 0.37 2.91
N ALA B 285 26.55 0.01 3.57
CA ALA B 285 26.50 -0.99 4.62
C ALA B 285 25.78 -0.50 5.89
N ASP B 286 25.27 0.74 5.97
CA ASP B 286 24.75 1.31 7.21
C ASP B 286 23.24 1.09 7.30
N THR B 287 22.83 0.04 8.03
CA THR B 287 21.51 -0.55 7.86
C THR B 287 21.10 -1.30 9.13
N GLU B 288 19.79 -1.61 9.22
CA GLU B 288 19.27 -2.25 10.41
C GLU B 288 20.14 -3.44 10.79
N VAL B 289 20.51 -4.25 9.81
CA VAL B 289 21.24 -5.49 10.12
C VAL B 289 22.50 -5.24 10.97
N ASN B 290 23.12 -4.07 10.85
CA ASN B 290 24.40 -3.82 11.48
C ASN B 290 24.26 -2.86 12.65
N LEU B 291 23.03 -2.57 13.05
CA LEU B 291 22.79 -1.93 14.33
C LEU B 291 22.83 -2.98 15.42
N HIS B 292 23.50 -2.65 16.53
CA HIS B 292 23.37 -3.42 17.75
C HIS B 292 22.13 -2.94 18.47
N PRO B 293 21.05 -3.69 18.53
CA PRO B 293 19.92 -3.22 19.28
C PRO B 293 20.21 -3.09 20.76
N PRO B 294 20.99 -4.04 21.38
CA PRO B 294 21.36 -3.83 22.80
C PRO B 294 21.92 -2.45 23.00
N THR B 295 22.96 -2.10 22.25
CA THR B 295 23.51 -0.77 22.41
C THR B 295 22.47 0.31 22.12
N VAL B 296 21.55 0.08 21.20
CA VAL B 296 20.58 1.13 20.91
C VAL B 296 19.74 1.44 22.13
N HIS B 297 19.05 0.43 22.66
CA HIS B 297 18.20 0.67 23.81
C HIS B 297 19.00 1.05 25.04
N ASN B 298 20.22 0.53 25.18
CA ASN B 298 21.15 0.94 26.22
C ASN B 298 21.21 2.46 26.23
N LEU B 299 21.81 3.04 25.18
CA LEU B 299 21.85 4.48 25.07
C LEU B 299 20.48 5.09 25.29
N CYS B 300 19.44 4.45 24.80
CA CYS B 300 18.12 4.99 25.06
C CYS B 300 17.90 5.16 26.56
N ARG B 301 18.31 4.16 27.34
CA ARG B 301 18.08 4.22 28.78
C ARG B 301 18.98 5.25 29.45
N ILE B 302 20.22 5.37 29.01
CA ILE B 302 21.14 6.35 29.59
C ILE B 302 20.60 7.74 29.43
N LEU B 303 20.02 8.04 28.28
CA LEU B 303 19.58 9.40 28.03
C LEU B 303 18.24 9.66 28.71
N ALA B 304 17.37 8.65 28.76
CA ALA B 304 16.13 8.74 29.52
C ALA B 304 16.39 9.27 30.91
N VAL B 305 17.19 8.53 31.68
CA VAL B 305 17.70 9.01 32.96
C VAL B 305 18.27 10.42 32.83
N PHE B 306 19.22 10.59 31.91
CA PHE B 306 19.91 11.87 31.82
C PHE B 306 18.93 13.01 31.71
N LEU B 307 18.01 12.91 30.75
CA LEU B 307 16.91 13.86 30.67
C LEU B 307 16.31 14.17 32.03
N ALA B 308 15.88 13.12 32.72
CA ALA B 308 15.23 13.27 34.01
C ALA B 308 16.12 14.05 34.96
N GLU B 309 17.34 13.57 35.18
CA GLU B 309 18.22 14.25 36.12
C GLU B 309 18.46 15.72 35.71
N TYR B 310 18.61 16.01 34.40
CA TYR B 310 18.85 17.41 34.00
C TYR B 310 17.61 18.25 34.17
N LEU B 311 16.43 17.70 33.96
CA LEU B 311 15.23 18.50 33.95
C LEU B 311 14.41 18.26 35.19
N GLY B 312 15.00 17.60 36.17
CA GLY B 312 14.30 17.16 37.38
C GLY B 312 12.89 16.69 37.13
N LEU B 313 12.70 15.74 36.24
CA LEU B 313 11.33 15.31 35.97
C LEU B 313 10.95 14.25 37.01
N VAL C 1 12.95 -11.52 -23.55
CA VAL C 1 12.23 -10.55 -24.39
C VAL C 1 12.65 -9.18 -23.68
N PRO C 2 11.78 -8.19 -23.34
CA PRO C 2 12.35 -6.89 -22.87
C PRO C 2 13.00 -6.93 -21.47
N LEU C 3 14.22 -6.31 -21.37
CA LEU C 3 15.01 -6.10 -20.14
C LEU C 3 15.84 -4.79 -20.19
N ILE C 4 17.14 -4.80 -19.80
CA ILE C 4 17.94 -3.56 -19.65
C ILE C 4 18.99 -3.46 -20.74
N GLY C 5 19.22 -2.24 -21.26
CA GLY C 5 19.98 -2.03 -22.47
C GLY C 5 19.32 -2.53 -23.74
N SER C 6 18.12 -3.14 -23.64
CA SER C 6 17.49 -3.94 -24.72
C SER C 6 16.89 -3.07 -25.80
N LEU C 7 16.93 -3.55 -27.03
CA LEU C 7 16.45 -2.68 -28.09
C LEU C 7 14.92 -2.70 -28.20
N PRO C 8 14.32 -1.57 -28.54
CA PRO C 8 12.92 -1.57 -28.98
C PRO C 8 12.71 -2.45 -30.21
N GLU C 9 11.59 -3.16 -30.19
CA GLU C 9 11.19 -4.05 -31.27
C GLU C 9 11.28 -3.40 -32.65
N ALA C 10 11.02 -2.11 -32.74
CA ALA C 10 11.16 -1.46 -34.03
C ALA C 10 12.62 -1.36 -34.44
N ARG C 11 13.54 -1.11 -33.51
CA ARG C 11 14.91 -1.14 -33.96
C ARG C 11 15.37 -2.57 -34.19
N LEU C 12 14.73 -3.54 -33.53
CA LEU C 12 15.10 -4.92 -33.77
C LEU C 12 14.94 -5.28 -35.23
N ARG C 13 13.71 -5.14 -35.74
CA ARG C 13 13.41 -5.65 -37.07
C ARG C 13 14.13 -4.87 -38.17
N ARG C 14 14.40 -3.59 -37.92
CA ARG C 14 15.26 -2.81 -38.82
C ARG C 14 16.68 -3.35 -38.79
N VAL C 15 17.16 -3.75 -37.62
CA VAL C 15 18.55 -4.20 -37.49
C VAL C 15 18.71 -5.57 -38.11
N VAL C 16 17.86 -6.52 -37.72
CA VAL C 16 17.74 -7.79 -38.44
C VAL C 16 17.74 -7.47 -39.94
N GLY C 17 16.70 -6.77 -40.41
CA GLY C 17 16.62 -6.30 -41.78
C GLY C 17 17.89 -5.87 -42.51
N GLN C 18 18.93 -5.38 -41.84
CA GLN C 18 20.08 -4.93 -42.61
C GLN C 18 21.00 -6.06 -43.01
N LEU C 19 20.73 -7.25 -42.51
CA LEU C 19 21.44 -8.46 -42.87
C LEU C 19 20.95 -8.94 -44.23
N ASP C 20 21.87 -9.53 -45.01
CA ASP C 20 21.55 -10.05 -46.33
C ASP C 20 22.06 -11.48 -46.40
N PRO C 21 21.24 -12.48 -46.04
CA PRO C 21 21.77 -13.85 -45.92
C PRO C 21 22.47 -14.32 -47.17
N GLN C 22 21.83 -14.09 -48.32
CA GLN C 22 22.51 -14.32 -49.58
C GLN C 22 23.89 -13.72 -49.56
N ARG C 23 23.98 -12.42 -49.26
CA ARG C 23 25.28 -11.76 -49.20
C ARG C 23 26.21 -12.43 -48.19
N LEU C 24 25.70 -12.80 -47.02
CA LEU C 24 26.49 -13.62 -46.11
C LEU C 24 27.15 -14.77 -46.84
N TRP C 25 26.34 -15.52 -47.61
CA TRP C 25 26.69 -16.85 -48.09
C TRP C 25 27.59 -16.79 -49.32
N SER C 26 27.22 -15.98 -50.31
CA SER C 26 27.82 -15.92 -51.63
C SER C 26 28.82 -14.76 -51.81
N THR C 27 29.15 -14.02 -50.76
CA THR C 27 30.06 -12.88 -50.90
C THR C 27 31.15 -13.06 -49.87
N TYR C 28 30.73 -13.64 -48.75
CA TYR C 28 31.56 -13.80 -47.57
C TYR C 28 31.92 -15.24 -47.28
N LEU C 29 30.94 -16.15 -47.30
CA LEU C 29 31.23 -17.52 -46.92
C LEU C 29 31.89 -18.28 -48.05
N ARG C 30 31.30 -18.23 -49.25
CA ARG C 30 31.74 -19.03 -50.37
C ARG C 30 33.23 -18.80 -50.60
N PRO C 31 33.67 -17.56 -50.96
CA PRO C 31 35.10 -17.30 -51.23
C PRO C 31 36.08 -17.97 -50.30
N LEU C 32 35.63 -18.33 -49.11
CA LEU C 32 36.54 -18.79 -48.08
C LEU C 32 36.77 -20.29 -48.11
N LEU C 33 35.77 -21.06 -48.51
CA LEU C 33 35.85 -22.50 -48.40
C LEU C 33 36.93 -23.06 -49.32
N VAL C 34 38.19 -22.70 -49.06
CA VAL C 34 39.32 -23.19 -49.84
C VAL C 34 40.46 -23.51 -48.88
N VAL C 35 41.19 -24.58 -49.17
CA VAL C 35 42.43 -24.88 -48.46
C VAL C 35 43.17 -23.58 -48.17
N ARG C 36 43.63 -23.43 -46.93
CA ARG C 36 44.30 -22.20 -46.53
C ARG C 36 44.97 -22.49 -45.20
N THR C 37 45.69 -23.57 -45.18
CA THR C 37 46.60 -23.83 -44.09
C THR C 37 47.61 -22.68 -44.05
N PRO C 38 48.48 -22.64 -43.06
CA PRO C 38 49.48 -21.56 -43.03
C PRO C 38 50.32 -21.49 -44.30
N GLY C 39 51.28 -20.59 -44.32
CA GLY C 39 52.10 -20.33 -45.51
C GLY C 39 51.52 -20.52 -46.92
N SER C 40 50.24 -20.96 -47.07
CA SER C 40 49.79 -21.44 -48.36
C SER C 40 49.27 -20.30 -49.23
N PRO C 41 49.17 -20.55 -50.54
CA PRO C 41 48.52 -19.57 -51.42
C PRO C 41 47.04 -19.39 -51.15
N GLY C 42 46.34 -20.43 -50.69
CA GLY C 42 44.96 -20.25 -50.29
C GLY C 42 44.85 -19.31 -49.10
N ASN C 43 45.73 -19.49 -48.11
CA ASN C 43 45.90 -18.61 -46.95
C ASN C 43 45.89 -17.15 -47.39
N LEU C 44 47.05 -16.69 -47.86
CA LEU C 44 47.26 -15.40 -48.52
C LEU C 44 46.10 -14.84 -49.34
N GLN C 45 45.37 -15.66 -50.08
CA GLN C 45 44.26 -15.08 -50.83
C GLN C 45 43.24 -14.48 -49.89
N VAL C 46 42.55 -15.39 -49.20
CA VAL C 46 41.66 -15.14 -48.08
C VAL C 46 42.07 -13.94 -47.23
N ARG C 47 43.29 -13.98 -46.66
CA ARG C 47 43.86 -12.85 -45.94
C ARG C 47 43.68 -11.54 -46.70
N LYS C 48 44.18 -11.50 -47.93
CA LYS C 48 43.97 -10.34 -48.77
C LYS C 48 42.49 -10.10 -49.03
N PHE C 49 41.70 -11.17 -49.19
CA PHE C 49 40.25 -10.98 -49.27
C PHE C 49 39.71 -10.19 -48.09
N LEU C 50 40.00 -10.64 -46.87
CA LEU C 50 39.46 -9.94 -45.71
C LEU C 50 39.91 -8.50 -45.72
N GLU C 51 41.23 -8.29 -45.74
CA GLU C 51 41.85 -6.99 -45.79
C GLU C 51 41.08 -6.04 -46.68
N ALA C 52 40.72 -6.48 -47.89
CA ALA C 52 40.00 -5.62 -48.81
C ALA C 52 38.53 -5.46 -48.43
N THR C 53 37.88 -6.58 -48.06
CA THR C 53 36.50 -6.50 -47.61
C THR C 53 36.35 -5.54 -46.44
N LEU C 54 37.24 -5.63 -45.44
CA LEU C 54 37.19 -4.74 -44.30
C LEU C 54 37.51 -3.32 -44.73
N ARG C 55 38.60 -3.15 -45.49
CA ARG C 55 38.90 -1.85 -46.07
C ARG C 55 37.80 -1.37 -47.00
N SER C 56 36.95 -2.26 -47.50
CA SER C 56 35.88 -1.79 -48.36
C SER C 56 35.01 -0.78 -47.64
N LEU C 57 34.76 -1.03 -46.35
CA LEU C 57 33.55 -0.58 -45.66
C LEU C 57 33.54 0.93 -45.42
N THR C 58 32.33 1.53 -45.48
CA THR C 58 32.21 2.99 -45.44
C THR C 58 32.63 3.55 -44.09
N ALA C 59 32.27 2.86 -43.00
CA ALA C 59 32.62 3.32 -41.66
C ALA C 59 34.12 3.43 -41.45
N GLY C 60 34.92 2.80 -42.30
CA GLY C 60 36.31 3.18 -42.40
C GLY C 60 37.14 2.74 -41.23
N TRP C 61 37.52 1.47 -41.22
CA TRP C 61 38.19 0.80 -40.11
C TRP C 61 39.69 0.93 -40.21
N HIS C 62 40.35 0.71 -39.09
CA HIS C 62 41.80 0.61 -39.08
C HIS C 62 42.10 -0.87 -39.26
N VAL C 63 42.08 -1.29 -40.53
CA VAL C 63 42.55 -2.60 -40.96
C VAL C 63 44.07 -2.62 -41.00
N GLU C 64 44.69 -3.65 -40.44
CA GLU C 64 46.14 -3.79 -40.58
C GLU C 64 46.55 -5.23 -40.34
N LEU C 65 47.78 -5.55 -40.74
CA LEU C 65 48.28 -6.91 -40.86
C LEU C 65 49.41 -7.17 -39.89
N ASP C 66 49.35 -8.31 -39.18
CA ASP C 66 50.40 -8.69 -38.23
C ASP C 66 51.19 -9.86 -38.78
N PRO C 67 52.01 -9.65 -39.82
CA PRO C 67 52.80 -10.75 -40.38
C PRO C 67 53.96 -11.08 -39.49
N PHE C 68 54.23 -12.37 -39.33
CA PHE C 68 55.38 -12.84 -38.56
C PHE C 68 55.72 -14.27 -38.95
N THR C 69 56.81 -14.78 -38.37
CA THR C 69 57.45 -16.03 -38.77
C THR C 69 57.87 -16.82 -37.52
N ALA C 70 57.68 -18.14 -37.56
CA ALA C 70 57.69 -18.92 -36.33
C ALA C 70 58.19 -20.34 -36.56
N SER C 71 58.72 -20.92 -35.48
CA SER C 71 59.29 -22.25 -35.52
C SER C 71 58.18 -23.28 -35.46
N THR C 72 58.00 -24.00 -36.55
CA THR C 72 57.00 -25.04 -36.65
C THR C 72 57.66 -26.35 -37.02
N PRO C 73 56.99 -27.46 -36.77
CA PRO C 73 57.57 -28.74 -37.16
C PRO C 73 57.66 -28.92 -38.65
N LEU C 74 56.85 -28.21 -39.44
CA LEU C 74 56.88 -28.35 -40.90
C LEU C 74 57.87 -27.40 -41.55
N GLY C 75 58.82 -26.89 -40.78
CA GLY C 75 59.69 -25.84 -41.24
C GLY C 75 59.35 -24.54 -40.53
N PRO C 76 60.22 -23.54 -40.59
CA PRO C 76 59.80 -22.16 -40.33
C PRO C 76 58.61 -21.81 -41.22
N VAL C 77 57.60 -21.13 -40.63
CA VAL C 77 56.39 -20.73 -41.36
C VAL C 77 56.14 -19.24 -41.21
N ASP C 78 55.44 -18.67 -42.21
CA ASP C 78 55.05 -17.26 -42.29
C ASP C 78 53.54 -17.10 -42.14
N PHE C 79 53.14 -16.43 -41.05
CA PHE C 79 51.74 -16.24 -40.68
C PHE C 79 51.33 -14.78 -40.83
N GLY C 80 50.02 -14.55 -40.97
CA GLY C 80 49.50 -13.20 -41.03
C GLY C 80 48.19 -12.95 -40.29
N ASN C 81 48.22 -12.21 -39.19
CA ASN C 81 46.96 -11.86 -38.56
C ASN C 81 46.32 -10.71 -39.33
N VAL C 82 45.02 -10.53 -39.13
CA VAL C 82 44.25 -9.47 -39.77
C VAL C 82 43.51 -8.72 -38.67
N VAL C 83 44.10 -7.66 -38.11
CA VAL C 83 43.41 -6.92 -37.06
C VAL C 83 42.62 -5.77 -37.68
N ALA C 84 41.31 -5.88 -37.58
CA ALA C 84 40.42 -4.76 -37.86
C ALA C 84 40.06 -4.03 -36.54
N THR C 85 40.36 -2.73 -36.45
CA THR C 85 39.87 -1.89 -35.34
C THR C 85 39.14 -0.69 -35.89
N LEU C 86 37.90 -0.48 -35.46
CA LEU C 86 37.08 0.54 -36.09
C LEU C 86 37.49 1.96 -35.68
N ASP C 87 37.43 2.26 -34.39
CA ASP C 87 37.86 3.57 -33.90
C ASP C 87 39.10 3.33 -33.05
N PRO C 88 40.31 3.46 -33.62
CA PRO C 88 41.52 2.96 -32.93
C PRO C 88 41.95 3.85 -31.79
N ARG C 89 41.38 5.04 -31.72
CA ARG C 89 41.63 5.97 -30.65
C ARG C 89 40.68 5.78 -29.48
N ALA C 90 39.61 5.01 -29.65
CA ALA C 90 38.77 4.69 -28.50
C ALA C 90 39.61 3.96 -27.47
N ALA C 91 39.33 4.25 -26.19
CA ALA C 91 40.15 3.78 -25.08
C ALA C 91 40.03 2.27 -24.86
N ARG C 92 38.81 1.75 -25.01
CA ARG C 92 38.52 0.33 -24.96
C ARG C 92 37.69 -0.09 -26.20
N HIS C 93 37.66 -1.38 -26.50
CA HIS C 93 36.88 -1.91 -27.62
C HIS C 93 36.42 -3.32 -27.35
N LEU C 94 35.25 -3.67 -27.88
CA LEU C 94 34.79 -5.06 -27.84
C LEU C 94 35.46 -5.82 -28.99
N THR C 95 35.98 -7.00 -28.69
CA THR C 95 36.75 -7.77 -29.65
C THR C 95 36.01 -9.06 -29.99
N LEU C 96 35.83 -9.28 -31.29
CA LEU C 96 35.22 -10.49 -31.82
C LEU C 96 36.25 -11.19 -32.72
N ALA C 97 36.60 -12.42 -32.40
CA ALA C 97 37.75 -13.04 -33.04
C ALA C 97 37.45 -14.48 -33.44
N CYS C 98 38.08 -14.90 -34.55
CA CYS C 98 38.11 -16.28 -35.03
C CYS C 98 39.45 -16.50 -35.73
N HIS C 99 39.66 -17.73 -36.19
CA HIS C 99 40.79 -18.06 -37.04
C HIS C 99 40.31 -18.31 -38.47
N TYR C 100 41.09 -17.84 -39.45
CA TYR C 100 40.75 -18.03 -40.86
C TYR C 100 41.65 -19.02 -41.57
N ASP C 101 42.76 -19.42 -40.96
CA ASP C 101 43.51 -20.52 -41.51
C ASP C 101 42.61 -21.74 -41.64
N SER C 102 43.08 -22.73 -42.40
CA SER C 102 42.51 -24.07 -42.43
C SER C 102 43.53 -25.04 -41.84
N LYS C 103 43.06 -26.18 -41.32
CA LYS C 103 44.01 -27.16 -40.79
C LYS C 103 44.69 -27.90 -41.91
N LEU C 104 45.95 -28.26 -41.65
CA LEU C 104 46.73 -29.03 -42.59
C LEU C 104 46.67 -30.50 -42.23
N PHE C 105 46.54 -31.30 -43.28
CA PHE C 105 46.14 -32.68 -43.31
C PHE C 105 46.86 -33.34 -44.46
N PRO C 106 47.16 -34.64 -44.35
CA PRO C 106 47.95 -35.32 -45.36
C PRO C 106 47.54 -34.88 -46.75
N PRO C 107 48.48 -34.36 -47.56
CA PRO C 107 48.26 -34.28 -49.02
C PRO C 107 47.58 -35.52 -49.58
N GLY C 108 47.02 -35.42 -50.78
CA GLY C 108 46.44 -36.61 -51.40
C GLY C 108 45.26 -37.19 -50.65
N SER C 109 44.43 -36.32 -50.10
CA SER C 109 43.28 -36.70 -49.31
C SER C 109 42.10 -36.07 -50.01
N THR C 110 40.96 -35.81 -49.19
CA THR C 110 40.06 -34.82 -49.76
C THR C 110 40.53 -33.47 -49.21
N PRO C 111 40.40 -32.33 -49.90
CA PRO C 111 40.93 -31.09 -49.30
C PRO C 111 40.12 -30.75 -48.07
N PHE C 112 40.77 -30.20 -47.07
CA PHE C 112 40.05 -29.86 -45.85
C PHE C 112 39.86 -28.36 -45.83
N VAL C 113 38.60 -27.92 -45.72
CA VAL C 113 38.22 -26.52 -45.85
C VAL C 113 37.52 -25.97 -44.63
N GLY C 114 37.45 -26.73 -43.52
CA GLY C 114 36.59 -26.40 -42.40
C GLY C 114 35.51 -25.34 -42.60
N ALA C 115 34.35 -25.73 -43.12
CA ALA C 115 33.26 -24.76 -43.22
C ALA C 115 32.94 -24.21 -41.84
N THR C 116 32.57 -25.10 -40.89
CA THR C 116 32.47 -24.67 -39.50
C THR C 116 33.82 -24.47 -38.83
N ASP C 117 34.95 -24.65 -39.49
CA ASP C 117 36.16 -24.42 -38.71
C ASP C 117 37.31 -23.69 -39.41
N SER C 118 37.24 -22.36 -39.41
CA SER C 118 36.06 -21.64 -38.91
C SER C 118 35.59 -20.66 -39.97
N ALA C 119 35.22 -21.15 -41.15
CA ALA C 119 34.88 -20.22 -42.21
C ALA C 119 33.66 -19.43 -41.81
N VAL C 120 32.63 -20.14 -41.33
CA VAL C 120 31.39 -19.47 -40.94
C VAL C 120 31.61 -18.42 -39.84
N PRO C 121 32.34 -18.71 -38.72
CA PRO C 121 32.78 -17.59 -37.86
C PRO C 121 33.26 -16.40 -38.66
N CYS C 122 34.37 -16.53 -39.37
CA CYS C 122 34.87 -15.47 -40.24
C CYS C 122 33.76 -14.74 -40.96
N ALA C 123 32.81 -15.50 -41.49
CA ALA C 123 31.90 -14.95 -42.47
C ALA C 123 30.75 -14.23 -41.83
N LEU C 124 30.36 -14.62 -40.61
CA LEU C 124 29.49 -13.77 -39.79
C LEU C 124 30.17 -12.45 -39.48
N LEU C 125 31.45 -12.50 -39.08
CA LEU C 125 32.22 -11.29 -38.77
C LEU C 125 32.16 -10.27 -39.88
N LEU C 126 32.16 -10.70 -41.13
CA LEU C 126 32.03 -9.75 -42.23
C LEU C 126 30.59 -9.38 -42.50
N GLU C 127 29.67 -10.30 -42.27
CA GLU C 127 28.27 -9.95 -42.37
C GLU C 127 27.91 -8.89 -41.36
N LEU C 128 28.52 -8.94 -40.19
CA LEU C 128 28.19 -7.94 -39.20
C LEU C 128 28.81 -6.61 -39.58
N ALA C 129 30.13 -6.57 -39.75
CA ALA C 129 30.78 -5.35 -40.22
C ALA C 129 29.97 -4.66 -41.32
N GLN C 130 29.48 -5.43 -42.28
CA GLN C 130 28.77 -4.87 -43.42
C GLN C 130 27.40 -4.36 -43.03
N ALA C 131 26.60 -5.19 -42.39
CA ALA C 131 25.19 -4.89 -42.25
C ALA C 131 24.90 -3.86 -41.17
N LEU C 132 25.88 -3.58 -40.30
CA LEU C 132 25.77 -2.57 -39.27
C LEU C 132 26.60 -1.34 -39.60
N ASP C 133 27.07 -1.26 -40.83
CA ASP C 133 28.08 -0.30 -41.24
C ASP C 133 27.65 1.12 -40.98
N LEU C 134 26.41 1.47 -41.34
CA LEU C 134 25.87 2.78 -41.03
C LEU C 134 25.99 2.99 -39.53
N GLU C 135 25.01 2.47 -38.79
CA GLU C 135 25.01 2.32 -37.34
C GLU C 135 26.37 2.49 -36.70
N LEU C 136 27.39 1.79 -37.22
CA LEU C 136 28.73 1.84 -36.65
C LEU C 136 29.51 3.08 -37.06
N SER C 137 29.34 3.52 -38.31
CA SER C 137 29.96 4.77 -38.72
C SER C 137 29.51 5.91 -37.81
N ARG C 138 28.17 6.07 -37.64
CA ARG C 138 27.55 6.98 -36.66
C ARG C 138 28.33 6.95 -35.35
N ALA C 139 28.28 5.82 -34.65
CA ALA C 139 28.92 5.64 -33.35
C ALA C 139 30.34 6.14 -33.40
N LYS C 140 31.00 5.96 -34.55
CA LYS C 140 32.40 6.37 -34.67
C LYS C 140 32.58 7.87 -34.45
N LYS C 141 31.67 8.67 -35.00
CA LYS C 141 31.80 10.12 -35.03
C LYS C 141 31.28 10.77 -33.76
N GLN C 142 30.32 10.13 -33.10
CA GLN C 142 29.95 10.40 -31.72
C GLN C 142 31.09 10.14 -30.75
N ALA C 143 32.24 9.72 -31.26
CA ALA C 143 33.41 9.40 -30.45
C ALA C 143 33.04 8.52 -29.27
N ALA C 144 32.27 7.47 -29.59
CA ALA C 144 31.80 6.49 -28.63
C ALA C 144 32.98 5.87 -27.88
N PRO C 145 32.89 5.69 -26.58
CA PRO C 145 34.09 5.41 -25.79
C PRO C 145 34.52 3.95 -25.83
N VAL C 146 33.72 3.08 -26.42
CA VAL C 146 34.08 1.67 -26.55
C VAL C 146 33.78 1.23 -27.98
N THR C 147 34.81 0.77 -28.69
CA THR C 147 34.61 0.49 -30.09
C THR C 147 34.72 -1.01 -30.36
N LEU C 148 34.88 -1.37 -31.63
CA LEU C 148 34.81 -2.75 -32.05
C LEU C 148 36.10 -3.16 -32.75
N GLN C 149 36.47 -4.40 -32.53
CA GLN C 149 37.65 -4.93 -33.12
C GLN C 149 37.30 -6.32 -33.60
N LEU C 150 37.84 -6.69 -34.75
CA LEU C 150 37.65 -8.02 -35.28
C LEU C 150 39.03 -8.59 -35.51
N LEU C 151 39.24 -9.82 -35.08
CA LEU C 151 40.51 -10.51 -35.33
C LEU C 151 40.24 -11.70 -36.24
N PHE C 152 40.75 -11.67 -37.46
CA PHE C 152 40.87 -12.87 -38.27
C PHE C 152 42.30 -13.32 -38.07
N LEU C 153 42.44 -14.33 -37.23
CA LEU C 153 43.72 -14.81 -36.74
C LEU C 153 44.24 -15.95 -37.61
N ASP C 154 45.55 -15.92 -37.89
CA ASP C 154 46.24 -17.03 -38.53
C ASP C 154 46.71 -18.01 -37.45
N GLY C 155 46.90 -19.28 -37.85
CA GLY C 155 47.71 -20.21 -37.10
C GLY C 155 47.07 -20.91 -35.93
N GLU C 156 45.75 -21.05 -35.89
CA GLU C 156 45.18 -21.70 -34.72
C GLU C 156 45.49 -23.17 -34.72
N GLU C 157 45.12 -23.80 -35.85
CA GLU C 157 45.23 -25.22 -36.08
C GLU C 157 46.69 -25.65 -36.07
N ALA C 158 46.97 -26.83 -35.51
CA ALA C 158 48.34 -27.30 -35.50
C ALA C 158 48.82 -27.69 -36.91
N LEU C 159 50.10 -28.00 -37.00
CA LEU C 159 50.64 -28.50 -38.25
C LEU C 159 50.96 -29.98 -38.21
N LYS C 160 51.56 -30.45 -37.12
CA LYS C 160 51.80 -31.86 -36.91
C LYS C 160 50.96 -32.30 -35.73
N GLU C 161 51.47 -32.27 -34.50
CA GLU C 161 50.69 -32.67 -33.34
C GLU C 161 50.39 -31.44 -32.48
N TRP C 162 49.20 -31.41 -31.86
CA TRP C 162 48.76 -30.25 -31.08
C TRP C 162 49.48 -30.22 -29.74
N GLY C 163 50.57 -29.45 -29.66
CA GLY C 163 51.20 -29.17 -28.39
C GLY C 163 50.86 -27.77 -27.95
N PRO C 164 51.37 -27.39 -26.78
CA PRO C 164 51.50 -25.96 -26.48
C PRO C 164 52.38 -25.21 -27.45
N LYS C 165 53.13 -25.92 -28.28
CA LYS C 165 54.10 -25.29 -29.14
C LYS C 165 53.77 -25.55 -30.60
N ASP C 166 52.67 -26.25 -30.84
CA ASP C 166 52.10 -26.41 -32.17
C ASP C 166 50.59 -26.24 -31.96
N SER C 167 50.19 -25.00 -31.76
CA SER C 167 48.81 -24.56 -31.61
C SER C 167 48.89 -23.05 -31.55
N LEU C 168 47.82 -22.39 -31.99
CA LEU C 168 47.59 -20.99 -31.64
C LEU C 168 48.84 -20.17 -31.95
N TYR C 169 49.09 -20.02 -33.23
CA TYR C 169 50.29 -19.31 -33.65
C TYR C 169 50.01 -17.82 -33.78
N GLY C 170 48.87 -17.45 -34.38
CA GLY C 170 48.58 -16.05 -34.59
C GLY C 170 48.12 -15.34 -33.36
N SER C 171 47.42 -16.06 -32.47
CA SER C 171 47.01 -15.46 -31.20
C SER C 171 48.20 -15.35 -30.27
N ARG C 172 48.79 -16.47 -29.84
CA ARG C 172 49.96 -16.38 -28.97
C ARG C 172 50.89 -15.27 -29.44
N HIS C 173 51.13 -15.17 -30.74
CA HIS C 173 51.85 -14.00 -31.22
C HIS C 173 51.13 -12.70 -30.90
N LEU C 174 49.94 -12.48 -31.46
CA LEU C 174 49.24 -11.21 -31.27
C LEU C 174 49.09 -10.78 -29.80
N ALA C 175 48.76 -11.72 -28.91
CA ALA C 175 48.61 -11.32 -27.52
C ALA C 175 49.93 -11.01 -26.88
N GLN C 176 51.05 -11.53 -27.36
CA GLN C 176 52.29 -10.91 -26.92
C GLN C 176 52.46 -9.56 -27.59
N LEU C 177 52.20 -9.49 -28.89
CA LEU C 177 52.35 -8.22 -29.58
C LEU C 177 51.54 -7.14 -28.89
N MET C 178 50.25 -7.41 -28.64
CA MET C 178 49.38 -6.36 -28.12
C MET C 178 49.82 -5.92 -26.73
N GLU C 179 50.19 -6.88 -25.88
CA GLU C 179 50.76 -6.58 -24.58
C GLU C 179 51.86 -5.51 -24.65
N SER C 180 52.63 -5.49 -25.72
CA SER C 180 53.76 -4.57 -25.74
C SER C 180 53.37 -3.18 -26.24
N ILE C 181 52.39 -3.08 -27.13
CA ILE C 181 51.96 -1.73 -27.49
C ILE C 181 51.37 -1.08 -26.26
N PRO C 182 51.65 0.17 -25.96
CA PRO C 182 50.97 0.85 -24.85
C PRO C 182 49.63 1.46 -25.27
N HIS C 183 48.92 1.95 -24.25
CA HIS C 183 47.60 2.49 -24.49
C HIS C 183 47.22 3.47 -23.38
N SER C 184 46.46 4.49 -23.75
CA SER C 184 45.82 5.38 -22.77
C SER C 184 44.27 5.27 -22.89
N PRO C 185 43.61 4.90 -21.78
CA PRO C 185 44.21 4.63 -20.47
C PRO C 185 45.16 3.46 -20.47
N GLY C 186 44.71 2.29 -20.90
CA GLY C 186 45.63 1.18 -21.01
C GLY C 186 45.95 0.55 -19.67
N PRO C 187 47.25 0.34 -19.36
CA PRO C 187 48.50 0.78 -19.98
C PRO C 187 48.80 0.26 -21.38
N THR C 188 48.60 -1.04 -21.62
CA THR C 188 48.97 -1.65 -22.89
C THR C 188 47.73 -1.83 -23.73
N ARG C 189 47.88 -2.47 -24.89
CA ARG C 189 46.72 -2.65 -25.76
C ARG C 189 45.87 -3.83 -25.33
N ILE C 190 46.48 -4.83 -24.69
CA ILE C 190 45.76 -5.87 -23.96
C ILE C 190 44.58 -5.30 -23.22
N GLN C 191 44.82 -4.22 -22.49
CA GLN C 191 43.71 -3.74 -21.70
C GLN C 191 42.67 -3.01 -22.53
N ALA C 192 42.93 -2.79 -23.85
CA ALA C 192 41.90 -2.18 -24.69
C ALA C 192 40.74 -3.09 -24.91
N ILE C 193 40.68 -4.25 -24.27
CA ILE C 193 39.74 -5.29 -24.66
C ILE C 193 38.74 -5.39 -23.53
N GLU C 194 37.57 -4.82 -23.71
CA GLU C 194 36.54 -4.95 -22.69
C GLU C 194 36.03 -6.38 -22.57
N LEU C 195 36.07 -7.14 -23.68
CA LEU C 195 35.55 -8.50 -23.81
C LEU C 195 36.14 -9.14 -25.06
N PHE C 196 36.75 -10.32 -24.90
CA PHE C 196 37.26 -11.12 -26.01
C PHE C 196 36.20 -12.20 -26.24
N MET C 197 35.43 -12.02 -27.30
CA MET C 197 34.39 -12.97 -27.70
C MET C 197 34.89 -13.83 -28.87
N LEU C 198 35.28 -15.08 -28.58
CA LEU C 198 35.84 -15.99 -29.58
C LEU C 198 34.72 -16.78 -30.20
N LEU C 199 34.72 -16.87 -31.54
CA LEU C 199 33.72 -17.65 -32.26
C LEU C 199 34.35 -18.92 -32.83
N ASP C 200 33.62 -20.02 -32.79
CA ASP C 200 34.27 -21.26 -33.21
C ASP C 200 33.26 -22.37 -33.47
N LEU C 201 33.43 -23.06 -34.59
CA LEU C 201 32.66 -24.25 -34.87
C LEU C 201 31.18 -23.92 -34.92
N LEU C 202 30.85 -23.01 -35.81
CA LEU C 202 29.48 -22.53 -35.94
C LEU C 202 29.06 -22.79 -37.36
N GLY C 203 27.87 -23.36 -37.52
CA GLY C 203 27.36 -23.57 -38.87
C GLY C 203 26.65 -24.90 -39.02
N ALA C 204 27.18 -25.89 -38.32
CA ALA C 204 26.58 -27.20 -38.16
C ALA C 204 25.17 -27.10 -37.61
N PRO C 205 24.29 -28.01 -37.97
CA PRO C 205 22.95 -28.02 -37.38
C PRO C 205 22.97 -28.30 -35.89
N ASN C 206 22.10 -27.56 -35.18
CA ASN C 206 21.68 -27.88 -33.82
C ASN C 206 22.72 -27.63 -32.74
N PRO C 207 23.65 -26.71 -32.89
CA PRO C 207 24.66 -26.57 -31.84
C PRO C 207 24.04 -26.32 -30.48
N THR C 208 24.79 -26.60 -29.43
CA THR C 208 24.47 -26.11 -28.10
C THR C 208 25.73 -25.46 -27.53
N PHE C 209 25.51 -24.36 -26.80
CA PHE C 209 26.57 -23.55 -26.22
C PHE C 209 26.36 -23.34 -24.73
N TYR C 210 27.47 -23.23 -24.00
CA TYR C 210 27.43 -22.99 -22.58
C TYR C 210 28.32 -21.82 -22.23
N SER C 211 28.11 -21.31 -21.03
CA SER C 211 28.95 -20.24 -20.51
C SER C 211 30.17 -20.90 -19.89
N HIS C 212 31.35 -20.49 -20.35
CA HIS C 212 32.59 -21.15 -19.98
C HIS C 212 33.40 -20.35 -18.99
N PHE C 213 33.04 -19.10 -18.81
CA PHE C 213 33.72 -18.20 -17.89
C PHE C 213 32.60 -17.55 -17.11
N PRO C 214 32.58 -17.66 -15.78
CA PRO C 214 31.57 -16.93 -15.03
C PRO C 214 31.80 -15.45 -15.13
N ARG C 215 33.06 -15.03 -15.25
CA ARG C 215 33.28 -13.60 -15.27
C ARG C 215 32.45 -12.91 -16.35
N THR C 216 32.01 -13.63 -17.39
CA THR C 216 31.27 -12.99 -18.48
C THR C 216 29.88 -13.58 -18.69
N VAL C 217 29.35 -14.33 -17.72
CA VAL C 217 28.03 -14.93 -17.92
C VAL C 217 26.90 -13.89 -18.00
N ARG C 218 27.17 -12.63 -17.63
CA ARG C 218 26.15 -11.62 -17.88
C ARG C 218 25.79 -11.64 -19.36
N TRP C 219 26.80 -11.67 -20.22
CA TRP C 219 26.59 -11.72 -21.65
C TRP C 219 26.02 -13.04 -22.14
N PHE C 220 26.55 -14.16 -21.66
CA PHE C 220 25.91 -15.39 -22.06
C PHE C 220 24.45 -15.35 -21.74
N HIS C 221 24.07 -14.66 -20.67
CA HIS C 221 22.64 -14.45 -20.45
C HIS C 221 22.05 -13.52 -21.50
N ARG C 222 22.82 -12.56 -21.99
CA ARG C 222 22.23 -11.71 -23.01
C ARG C 222 21.83 -12.53 -24.20
N LEU C 223 22.71 -13.46 -24.59
CA LEU C 223 22.53 -14.22 -25.82
C LEU C 223 21.30 -15.11 -25.73
N ARG C 224 21.14 -15.85 -24.62
CA ARG C 224 19.87 -16.54 -24.37
C ARG C 224 18.66 -15.60 -24.46
N SER C 225 18.68 -14.49 -23.70
CA SER C 225 17.54 -13.58 -23.72
C SER C 225 17.22 -13.13 -25.15
N ILE C 226 18.25 -12.85 -25.95
CA ILE C 226 18.03 -12.48 -27.35
C ILE C 226 17.51 -13.68 -28.16
N GLU C 227 18.12 -14.84 -28.04
CA GLU C 227 17.66 -15.99 -28.82
C GLU C 227 16.40 -16.32 -28.16
N LYS C 228 15.30 -16.00 -28.84
CA LYS C 228 13.95 -16.02 -28.29
C LYS C 228 13.44 -15.52 -26.93
N ARG C 229 13.13 -14.24 -26.84
CA ARG C 229 13.15 -13.21 -27.88
C ARG C 229 12.79 -13.39 -29.31
N LEU C 230 13.75 -13.29 -30.21
CA LEU C 230 13.51 -13.42 -31.63
C LEU C 230 12.59 -14.55 -31.93
N HIS C 231 12.91 -15.73 -31.49
CA HIS C 231 11.94 -16.78 -31.82
C HIS C 231 10.49 -16.30 -31.68
N ARG C 232 9.91 -16.04 -30.48
CA ARG C 232 8.66 -15.31 -30.14
C ARG C 232 8.27 -14.34 -31.24
N LEU C 233 9.18 -13.46 -31.65
CA LEU C 233 8.87 -12.49 -32.70
C LEU C 233 8.95 -13.07 -34.10
N ASN C 234 8.80 -14.40 -34.23
CA ASN C 234 8.97 -15.16 -35.45
C ASN C 234 10.04 -14.58 -36.35
N LEU C 235 11.26 -14.46 -35.81
CA LEU C 235 12.42 -14.01 -36.54
C LEU C 235 13.52 -15.06 -36.57
N LEU C 236 13.21 -16.29 -36.16
CA LEU C 236 14.15 -17.40 -36.29
C LEU C 236 13.54 -18.56 -37.08
N GLN C 237 14.37 -19.17 -37.95
CA GLN C 237 14.03 -20.33 -38.77
C GLN C 237 14.34 -21.65 -38.08
N SER C 238 13.63 -22.71 -38.48
CA SER C 238 13.89 -24.08 -38.02
C SER C 238 14.23 -24.14 -36.55
N HIS C 239 13.45 -23.44 -35.75
CA HIS C 239 13.77 -23.19 -34.35
C HIS C 239 12.56 -23.48 -33.48
N PRO C 240 12.10 -24.72 -33.46
CA PRO C 240 10.82 -24.99 -32.80
C PRO C 240 10.81 -24.80 -31.29
N GLN C 241 11.87 -25.11 -30.54
CA GLN C 241 11.78 -24.87 -29.10
C GLN C 241 12.35 -23.47 -28.76
N GLU C 242 12.00 -22.97 -27.56
CA GLU C 242 12.23 -21.58 -27.22
C GLU C 242 13.69 -21.29 -26.98
N VAL C 243 14.29 -22.01 -26.07
CA VAL C 243 15.73 -22.03 -25.96
C VAL C 243 16.19 -23.34 -26.54
N MET C 244 17.11 -23.27 -27.51
CA MET C 244 17.71 -24.40 -28.18
C MET C 244 19.22 -24.25 -28.26
N TYR C 245 19.71 -23.04 -28.36
CA TYR C 245 21.15 -22.89 -28.58
C TYR C 245 21.91 -22.60 -27.29
N PHE C 246 21.69 -21.45 -26.71
CA PHE C 246 22.38 -21.09 -25.48
C PHE C 246 21.65 -21.72 -24.30
N GLN C 247 22.36 -22.58 -23.57
CA GLN C 247 21.70 -23.34 -22.53
C GLN C 247 22.15 -22.80 -21.19
N PRO C 248 21.62 -23.31 -20.13
CA PRO C 248 22.24 -23.07 -18.84
C PRO C 248 23.06 -24.28 -18.45
N GLY C 249 24.21 -24.10 -17.86
CA GLY C 249 24.84 -25.24 -17.24
C GLY C 249 26.34 -25.16 -17.34
N GLU C 250 26.96 -26.33 -17.30
CA GLU C 250 28.32 -26.42 -17.76
C GLU C 250 28.70 -27.85 -18.19
N PRO C 251 27.74 -28.75 -18.60
CA PRO C 251 28.14 -30.12 -19.04
C PRO C 251 29.52 -30.32 -19.66
N PHE C 252 29.85 -29.62 -20.74
CA PHE C 252 31.06 -29.93 -21.49
C PHE C 252 32.20 -29.01 -21.09
N GLY C 253 33.37 -29.60 -20.82
CA GLY C 253 34.60 -28.85 -20.57
C GLY C 253 34.89 -27.80 -21.63
N SER C 254 35.94 -26.99 -21.42
CA SER C 254 36.30 -26.01 -22.44
C SER C 254 37.66 -26.37 -23.03
N VAL C 255 37.80 -26.03 -24.29
CA VAL C 255 38.91 -26.50 -25.10
C VAL C 255 39.94 -25.40 -25.23
N GLU C 256 41.23 -25.76 -25.18
CA GLU C 256 42.27 -24.82 -25.59
C GLU C 256 41.75 -24.25 -26.90
N ASP C 257 41.97 -22.98 -27.16
CA ASP C 257 41.48 -22.32 -28.36
C ASP C 257 42.15 -20.96 -28.39
N ASP C 258 41.75 -20.11 -29.33
CA ASP C 258 42.53 -18.92 -29.59
C ASP C 258 42.43 -17.88 -28.51
N HIS C 259 41.60 -18.09 -27.50
CA HIS C 259 41.50 -17.15 -26.42
C HIS C 259 42.50 -17.41 -25.31
N ILE C 260 42.98 -18.65 -25.18
CA ILE C 260 43.92 -19.00 -24.09
C ILE C 260 45.01 -17.96 -23.93
N PRO C 261 45.67 -17.49 -24.97
CA PRO C 261 46.85 -16.66 -24.74
C PRO C 261 46.53 -15.29 -24.20
N PHE C 262 45.33 -14.75 -24.50
CA PHE C 262 44.83 -13.51 -23.91
C PHE C 262 44.31 -13.73 -22.50
N LEU C 263 43.56 -14.82 -22.32
CA LEU C 263 43.17 -15.23 -20.99
C LEU C 263 44.35 -15.31 -20.06
N ARG C 264 45.54 -15.62 -20.57
CA ARG C 264 46.71 -15.67 -19.70
C ARG C 264 46.97 -14.30 -19.10
N ARG C 265 46.83 -13.24 -19.90
CA ARG C 265 47.12 -11.87 -19.54
C ARG C 265 45.92 -11.11 -18.98
N GLY C 266 44.83 -11.79 -18.65
CA GLY C 266 43.72 -11.20 -17.95
C GLY C 266 42.51 -10.83 -18.79
N VAL C 267 42.52 -11.08 -20.08
CA VAL C 267 41.45 -10.56 -20.95
C VAL C 267 40.16 -11.32 -20.67
N PRO C 268 39.04 -10.64 -20.43
CA PRO C 268 37.79 -11.36 -20.10
C PRO C 268 37.17 -11.98 -21.35
N VAL C 269 37.03 -13.31 -21.33
CA VAL C 269 36.67 -14.07 -22.53
C VAL C 269 35.26 -14.60 -22.39
N LEU C 270 34.55 -14.58 -23.51
CA LEU C 270 33.30 -15.31 -23.69
C LEU C 270 33.53 -16.27 -24.84
N HIS C 271 33.73 -17.55 -24.54
CA HIS C 271 34.08 -18.55 -25.56
C HIS C 271 32.82 -19.07 -26.20
N LEU C 272 32.64 -18.77 -27.48
CA LEU C 272 31.39 -19.01 -28.17
C LEU C 272 31.61 -20.14 -29.19
N ILE C 273 31.57 -21.39 -28.67
CA ILE C 273 31.99 -22.58 -29.41
C ILE C 273 31.08 -23.78 -29.12
N SER C 274 30.45 -24.30 -30.17
CA SER C 274 29.75 -25.59 -30.20
C SER C 274 30.36 -26.64 -29.27
N THR C 275 29.61 -27.06 -28.27
CA THR C 275 30.00 -28.17 -27.44
C THR C 275 28.79 -29.09 -27.25
N PRO C 276 28.85 -30.33 -27.76
CA PRO C 276 29.95 -31.01 -28.45
C PRO C 276 30.31 -30.37 -29.76
N PHE C 277 31.55 -30.64 -30.20
CA PHE C 277 31.98 -30.26 -31.53
C PHE C 277 31.04 -30.86 -32.57
N PRO C 278 30.94 -30.23 -33.75
CA PRO C 278 30.07 -30.76 -34.81
C PRO C 278 30.33 -32.22 -35.19
N ALA C 279 29.27 -32.85 -35.74
CA ALA C 279 29.37 -34.24 -36.18
C ALA C 279 30.50 -34.42 -37.16
N VAL C 280 30.61 -33.51 -38.12
CA VAL C 280 31.61 -33.59 -39.19
C VAL C 280 32.95 -32.95 -38.77
N TRP C 281 33.27 -32.98 -37.48
CA TRP C 281 34.34 -32.13 -36.98
C TRP C 281 35.66 -32.72 -37.46
N HIS C 282 36.52 -31.87 -37.99
CA HIS C 282 37.88 -32.28 -38.39
C HIS C 282 37.85 -33.49 -39.33
N THR C 283 36.92 -33.50 -40.28
CA THR C 283 36.86 -34.49 -41.33
C THR C 283 36.79 -33.80 -42.67
N PRO C 284 37.15 -34.50 -43.80
CA PRO C 284 37.07 -33.88 -45.13
C PRO C 284 35.64 -33.53 -45.49
N ALA C 285 34.74 -33.72 -44.53
CA ALA C 285 33.31 -33.48 -44.65
C ALA C 285 32.86 -32.20 -43.99
N ASP C 286 33.81 -31.36 -43.53
CA ASP C 286 33.48 -30.04 -42.99
C ASP C 286 33.30 -29.09 -44.15
N THR C 287 32.09 -29.07 -44.71
CA THR C 287 31.89 -28.46 -46.01
C THR C 287 30.56 -27.74 -46.07
N GLU C 288 30.48 -26.87 -47.08
CA GLU C 288 29.27 -26.11 -47.29
C GLU C 288 28.05 -27.02 -47.35
N VAL C 289 28.13 -28.12 -48.08
CA VAL C 289 26.95 -29.00 -48.22
C VAL C 289 26.44 -29.50 -46.87
N ASN C 290 27.28 -29.50 -45.81
CA ASN C 290 26.88 -30.03 -44.51
C ASN C 290 26.42 -28.98 -43.51
N LEU C 291 26.67 -27.70 -43.79
CA LEU C 291 26.17 -26.60 -42.98
C LEU C 291 24.65 -26.57 -43.01
N HIS C 292 24.08 -25.99 -41.93
CA HIS C 292 22.64 -25.75 -41.80
C HIS C 292 22.28 -24.28 -41.90
N PRO C 293 22.01 -23.76 -43.10
CA PRO C 293 21.92 -22.32 -43.30
C PRO C 293 21.03 -21.60 -42.29
N PRO C 294 19.78 -22.07 -42.05
CA PRO C 294 18.97 -21.34 -41.06
C PRO C 294 19.72 -21.10 -39.79
N THR C 295 20.40 -22.12 -39.26
CA THR C 295 21.17 -21.94 -38.04
C THR C 295 22.25 -20.87 -38.24
N VAL C 296 22.87 -20.84 -39.41
CA VAL C 296 23.83 -19.78 -39.65
C VAL C 296 23.17 -18.42 -39.53
N HIS C 297 21.96 -18.31 -40.04
CA HIS C 297 21.31 -17.03 -40.15
C HIS C 297 20.57 -16.69 -38.89
N ASN C 298 20.07 -17.70 -38.18
CA ASN C 298 19.69 -17.50 -36.78
C ASN C 298 20.87 -16.90 -35.99
N LEU C 299 21.96 -17.65 -35.90
CA LEU C 299 23.19 -17.13 -35.30
C LEU C 299 23.54 -15.73 -35.76
N CYS C 300 23.48 -15.45 -37.06
CA CYS C 300 23.73 -14.08 -37.48
C CYS C 300 22.84 -13.10 -36.72
N ARG C 301 21.56 -13.12 -37.05
CA ARG C 301 20.50 -12.40 -36.36
C ARG C 301 20.78 -12.24 -34.88
N ILE C 302 21.06 -13.32 -34.16
CA ILE C 302 21.27 -13.19 -32.72
C ILE C 302 22.44 -12.27 -32.41
N LEU C 303 23.63 -12.62 -32.89
CA LEU C 303 24.79 -11.75 -32.69
C LEU C 303 24.52 -10.35 -33.17
N ALA C 304 23.78 -10.23 -34.28
CA ALA C 304 23.60 -8.92 -34.86
C ALA C 304 22.95 -7.99 -33.85
N VAL C 305 21.86 -8.45 -33.23
CA VAL C 305 21.23 -7.78 -32.11
C VAL C 305 22.28 -7.47 -31.04
N PHE C 306 22.73 -8.48 -30.32
CA PHE C 306 23.83 -8.36 -29.36
C PHE C 306 24.87 -7.29 -29.66
N LEU C 307 25.26 -7.12 -30.93
CA LEU C 307 26.22 -6.07 -31.24
C LEU C 307 25.61 -4.69 -31.16
N ALA C 308 24.33 -4.56 -31.52
CA ALA C 308 23.66 -3.29 -31.37
C ALA C 308 23.34 -2.99 -29.92
N GLU C 309 23.02 -4.01 -29.14
CA GLU C 309 22.83 -3.79 -27.71
C GLU C 309 24.16 -3.40 -27.02
N TYR C 310 25.21 -4.22 -27.17
CA TYR C 310 26.42 -4.00 -26.39
C TYR C 310 27.06 -2.66 -26.66
N LEU C 311 26.79 -2.02 -27.80
CA LEU C 311 27.48 -0.79 -28.19
C LEU C 311 26.57 0.43 -28.30
N GLY C 312 25.28 0.28 -28.02
CA GLY C 312 24.37 1.38 -28.09
C GLY C 312 24.14 1.84 -29.51
N LEU C 313 23.70 0.96 -30.39
CA LEU C 313 23.46 1.36 -31.78
C LEU C 313 21.95 1.31 -32.11
N VAL D 1 10.33 2.46 -22.29
CA VAL D 1 9.50 3.36 -23.11
C VAL D 1 10.15 3.70 -24.54
N PRO D 2 11.11 2.91 -25.06
CA PRO D 2 11.92 3.41 -26.20
C PRO D 2 11.35 3.13 -27.58
N LEU D 3 11.92 3.82 -28.58
CA LEU D 3 11.44 3.74 -29.98
C LEU D 3 12.65 3.63 -30.94
N ILE D 4 12.42 3.85 -32.31
CA ILE D 4 13.53 4.19 -33.20
C ILE D 4 13.63 5.72 -33.19
N GLY D 5 14.87 6.21 -33.38
CA GLY D 5 15.30 7.50 -32.94
C GLY D 5 16.19 7.33 -31.73
N SER D 6 15.57 7.09 -30.56
CA SER D 6 16.06 6.96 -29.19
C SER D 6 17.55 6.86 -28.88
N LEU D 7 17.89 7.09 -27.62
CA LEU D 7 19.26 6.88 -27.24
C LEU D 7 19.36 5.77 -26.24
N PRO D 8 20.27 4.83 -26.42
CA PRO D 8 20.68 3.95 -25.33
C PRO D 8 20.73 4.65 -23.98
N GLU D 9 20.13 4.00 -22.98
CA GLU D 9 20.13 4.50 -21.61
C GLU D 9 21.53 4.85 -21.15
N ALA D 10 22.55 4.23 -21.74
CA ALA D 10 23.91 4.58 -21.38
C ALA D 10 24.22 6.02 -21.74
N ARG D 11 24.05 6.34 -23.04
CA ARG D 11 24.29 7.68 -23.56
C ARG D 11 23.45 8.69 -22.79
N LEU D 12 22.15 8.39 -22.65
CA LEU D 12 21.19 9.23 -21.96
C LEU D 12 21.70 9.66 -20.59
N ARG D 13 22.02 8.71 -19.72
CA ARG D 13 22.59 9.07 -18.43
C ARG D 13 23.81 9.97 -18.56
N ARG D 14 24.75 9.59 -19.43
CA ARG D 14 25.95 10.41 -19.62
C ARG D 14 25.57 11.84 -19.96
N VAL D 15 24.60 12.00 -20.87
CA VAL D 15 24.16 13.31 -21.34
C VAL D 15 23.51 14.10 -20.22
N VAL D 16 22.48 13.52 -19.59
CA VAL D 16 21.85 14.19 -18.47
C VAL D 16 22.91 14.66 -17.50
N GLY D 17 23.87 13.81 -17.21
CA GLY D 17 24.96 14.17 -16.31
C GLY D 17 25.76 15.39 -16.74
N GLN D 18 25.78 15.71 -18.03
CA GLN D 18 26.57 16.85 -18.51
C GLN D 18 25.90 18.18 -18.22
N LEU D 19 24.56 18.18 -18.17
CA LEU D 19 23.81 19.29 -17.61
C LEU D 19 24.24 19.57 -16.18
N ASP D 20 24.39 20.87 -15.89
CA ASP D 20 24.92 21.37 -14.62
C ASP D 20 23.96 22.41 -14.03
N PRO D 21 22.95 21.95 -13.21
CA PRO D 21 21.96 22.85 -12.59
C PRO D 21 22.47 24.16 -12.03
N GLN D 22 23.59 24.12 -11.29
CA GLN D 22 24.11 25.36 -10.70
C GLN D 22 24.40 26.41 -11.76
N ARG D 23 24.90 25.97 -12.93
CA ARG D 23 25.25 26.87 -14.01
C ARG D 23 24.01 27.42 -14.69
N LEU D 24 23.08 26.53 -15.04
CA LEU D 24 21.82 26.99 -15.57
C LEU D 24 21.24 28.15 -14.76
N TRP D 25 21.42 28.11 -13.44
CA TRP D 25 20.76 29.02 -12.53
C TRP D 25 21.66 30.19 -12.12
N SER D 26 22.87 29.91 -11.72
CA SER D 26 23.70 31.01 -11.32
C SER D 26 24.50 31.56 -12.48
N THR D 27 24.60 30.84 -13.59
CA THR D 27 25.41 31.35 -14.67
C THR D 27 24.59 31.92 -15.81
N TYR D 28 23.50 31.25 -16.20
CA TYR D 28 22.75 31.76 -17.34
C TYR D 28 21.48 32.47 -16.90
N LEU D 29 20.74 31.89 -15.96
CA LEU D 29 19.45 32.44 -15.56
C LEU D 29 19.58 33.75 -14.80
N ARG D 30 20.17 33.70 -13.61
CA ARG D 30 20.23 34.87 -12.74
C ARG D 30 20.67 36.13 -13.48
N PRO D 31 21.76 36.12 -14.26
CA PRO D 31 22.18 37.34 -14.93
C PRO D 31 21.16 37.94 -15.86
N LEU D 32 20.30 37.13 -16.49
CA LEU D 32 19.28 37.67 -17.38
C LEU D 32 18.15 38.38 -16.67
N LEU D 33 18.11 38.32 -15.33
CA LEU D 33 16.96 38.76 -14.55
C LEU D 33 17.03 40.25 -14.25
N VAL D 34 16.94 41.03 -15.30
CA VAL D 34 17.02 42.48 -15.21
C VAL D 34 15.91 43.02 -16.06
N VAL D 35 15.57 44.29 -15.89
CA VAL D 35 14.67 44.89 -16.84
C VAL D 35 15.41 45.06 -18.13
N ARG D 36 14.82 44.60 -19.22
CA ARG D 36 15.43 44.64 -20.56
C ARG D 36 14.30 44.86 -21.56
N THR D 37 13.62 45.97 -21.45
CA THR D 37 12.73 46.41 -22.50
C THR D 37 13.60 46.90 -23.66
N PRO D 38 13.05 47.00 -24.91
CA PRO D 38 13.89 47.43 -26.04
C PRO D 38 14.58 48.74 -25.74
N GLY D 39 15.65 49.05 -26.44
CA GLY D 39 16.21 50.38 -26.36
C GLY D 39 16.73 50.78 -25.01
N SER D 40 16.99 49.81 -24.14
CA SER D 40 17.35 50.07 -22.77
C SER D 40 18.77 49.60 -22.47
N PRO D 41 19.41 50.16 -21.45
CA PRO D 41 20.76 49.70 -21.06
C PRO D 41 20.81 48.24 -20.79
N GLY D 42 19.72 47.70 -20.25
CA GLY D 42 19.62 46.31 -19.86
C GLY D 42 19.23 45.40 -20.98
N ASN D 43 18.33 45.82 -21.87
CA ASN D 43 18.22 45.15 -23.16
C ASN D 43 19.58 44.94 -23.77
N LEU D 44 20.24 46.04 -24.14
CA LEU D 44 21.53 45.95 -24.81
C LEU D 44 22.52 45.12 -24.01
N GLN D 45 22.35 45.02 -22.70
CA GLN D 45 23.35 44.33 -21.90
C GLN D 45 23.15 42.84 -21.97
N VAL D 46 21.92 42.39 -21.71
CA VAL D 46 21.52 41.00 -21.89
C VAL D 46 21.86 40.52 -23.31
N ARG D 47 21.53 41.34 -24.31
CA ARG D 47 21.96 41.09 -25.68
C ARG D 47 23.44 40.81 -25.74
N LYS D 48 24.26 41.65 -25.13
CA LYS D 48 25.69 41.42 -25.29
C LYS D 48 26.12 40.15 -24.54
N PHE D 49 25.44 39.82 -23.43
CA PHE D 49 25.65 38.54 -22.74
C PHE D 49 25.37 37.38 -23.66
N LEU D 50 24.25 37.45 -24.37
CA LEU D 50 23.87 36.38 -25.27
C LEU D 50 24.98 36.07 -26.28
N GLU D 51 25.38 37.08 -27.06
CA GLU D 51 26.50 36.89 -27.99
C GLU D 51 27.70 36.27 -27.31
N ALA D 52 28.31 37.02 -26.40
CA ALA D 52 29.59 36.57 -25.88
C ALA D 52 29.47 35.19 -25.27
N THR D 53 28.37 34.91 -24.58
CA THR D 53 28.25 33.58 -24.02
C THR D 53 28.31 32.57 -25.12
N LEU D 54 27.44 32.72 -26.13
CA LEU D 54 27.43 31.79 -27.26
C LEU D 54 28.80 31.71 -27.92
N ARG D 55 29.42 32.87 -28.18
CA ARG D 55 30.73 32.92 -28.84
C ARG D 55 31.79 32.18 -28.06
N SER D 56 31.69 32.12 -26.75
CA SER D 56 32.70 31.41 -25.99
C SER D 56 32.64 29.89 -26.18
N LEU D 57 31.60 29.35 -26.82
CA LEU D 57 31.58 27.91 -26.98
C LEU D 57 32.58 27.45 -28.06
N THR D 58 33.14 26.27 -27.83
CA THR D 58 34.15 25.69 -28.72
C THR D 58 33.57 25.12 -30.01
N ALA D 59 32.28 24.88 -30.09
CA ALA D 59 31.89 24.29 -31.37
C ALA D 59 31.99 25.26 -32.52
N GLY D 60 32.47 26.48 -32.34
CA GLY D 60 32.57 27.43 -33.44
C GLY D 60 31.26 28.05 -33.85
N TRP D 61 30.42 28.49 -32.91
CA TRP D 61 29.10 28.99 -33.30
C TRP D 61 29.27 30.24 -34.15
N HIS D 62 28.54 30.28 -35.23
CA HIS D 62 28.47 31.48 -36.04
C HIS D 62 27.39 32.32 -35.40
N VAL D 63 27.78 33.48 -34.85
CA VAL D 63 26.87 34.36 -34.11
C VAL D 63 26.76 35.69 -34.84
N GLU D 64 25.56 36.22 -34.92
CA GLU D 64 25.37 37.48 -35.63
C GLU D 64 24.23 38.26 -34.97
N LEU D 65 24.42 39.58 -34.80
CA LEU D 65 23.33 40.48 -34.43
C LEU D 65 22.49 40.84 -35.62
N ASP D 66 21.19 41.07 -35.39
CA ASP D 66 20.29 41.49 -36.46
C ASP D 66 19.78 42.88 -36.07
N PRO D 67 20.58 43.90 -36.22
CA PRO D 67 20.16 45.22 -35.74
C PRO D 67 19.26 45.96 -36.71
N PHE D 68 18.12 46.46 -36.19
CA PHE D 68 17.18 47.25 -36.98
C PHE D 68 16.40 48.22 -36.07
N THR D 69 15.49 48.95 -36.70
CA THR D 69 14.77 50.07 -36.13
C THR D 69 13.38 50.09 -36.72
N ALA D 70 12.36 50.45 -35.93
CA ALA D 70 11.01 50.38 -36.46
C ALA D 70 10.07 51.33 -35.71
N SER D 71 9.16 51.95 -36.47
CA SER D 71 8.20 52.86 -35.88
C SER D 71 7.25 52.13 -34.94
N THR D 72 6.82 52.83 -33.90
CA THR D 72 6.00 52.25 -32.86
C THR D 72 5.19 53.36 -32.23
N PRO D 73 4.50 53.09 -31.14
CA PRO D 73 4.06 54.19 -30.25
C PRO D 73 5.13 54.88 -29.38
N LEU D 74 5.86 54.25 -28.46
CA LEU D 74 6.77 55.12 -27.71
C LEU D 74 7.90 55.68 -28.57
N GLY D 75 7.58 55.92 -29.84
CA GLY D 75 8.53 56.42 -30.81
C GLY D 75 9.13 55.39 -31.78
N PRO D 76 10.18 55.82 -32.47
CA PRO D 76 11.23 54.89 -32.90
C PRO D 76 12.03 54.25 -31.77
N VAL D 77 12.57 53.05 -32.08
CA VAL D 77 13.22 52.14 -31.13
C VAL D 77 14.24 51.31 -31.90
N ASP D 78 15.43 51.12 -31.33
CA ASP D 78 16.36 50.15 -31.93
C ASP D 78 16.22 48.82 -31.24
N PHE D 79 16.14 47.77 -32.07
CA PHE D 79 16.09 46.38 -31.63
C PHE D 79 17.31 45.68 -32.15
N GLY D 80 17.62 44.56 -31.53
CA GLY D 80 18.67 43.70 -32.01
C GLY D 80 18.30 42.28 -31.68
N ASN D 81 18.12 41.43 -32.70
CA ASN D 81 18.06 40.01 -32.48
C ASN D 81 19.46 39.43 -32.25
N VAL D 82 19.52 38.27 -31.63
CA VAL D 82 20.78 37.51 -31.59
C VAL D 82 20.52 36.16 -32.21
N VAL D 83 21.12 35.97 -33.40
CA VAL D 83 20.99 34.75 -34.21
C VAL D 83 22.29 33.98 -34.11
N ALA D 84 22.20 32.74 -33.57
CA ALA D 84 23.33 31.83 -33.36
C ALA D 84 23.12 30.59 -34.22
N THR D 85 23.94 30.41 -35.25
CA THR D 85 23.77 29.30 -36.17
C THR D 85 25.01 28.40 -36.11
N LEU D 86 24.85 27.16 -35.64
CA LEU D 86 26.05 26.39 -35.29
C LEU D 86 26.98 26.29 -36.47
N ASP D 87 26.45 25.86 -37.60
CA ASP D 87 27.21 25.73 -38.85
C ASP D 87 26.42 26.46 -39.93
N PRO D 88 26.87 27.65 -40.34
CA PRO D 88 26.09 28.43 -41.34
C PRO D 88 25.94 27.72 -42.68
N ARG D 89 27.01 27.06 -43.10
CA ARG D 89 27.08 26.34 -44.35
C ARG D 89 26.54 24.94 -44.25
N ALA D 90 25.76 24.62 -43.23
CA ALA D 90 24.97 23.42 -43.28
C ALA D 90 23.70 23.76 -44.04
N ALA D 91 22.79 22.82 -44.21
CA ALA D 91 21.77 22.96 -45.22
C ALA D 91 20.38 22.94 -44.68
N ARG D 92 20.19 22.34 -43.51
CA ARG D 92 18.94 22.35 -42.78
C ARG D 92 19.35 22.58 -41.34
N HIS D 93 18.47 23.20 -40.54
CA HIS D 93 18.76 23.29 -39.11
C HIS D 93 17.46 23.15 -38.34
N LEU D 94 17.61 22.72 -37.10
CA LEU D 94 16.54 22.78 -36.13
C LEU D 94 16.72 24.10 -35.44
N THR D 95 15.63 24.82 -35.23
CA THR D 95 15.70 26.17 -34.68
C THR D 95 14.87 26.26 -33.42
N LEU D 96 15.54 26.60 -32.32
CA LEU D 96 14.94 26.93 -31.03
C LEU D 96 14.93 28.43 -30.89
N ALA D 97 13.79 28.98 -30.54
CA ALA D 97 13.71 30.40 -30.31
C ALA D 97 13.06 30.72 -28.97
N CYS D 98 13.40 31.91 -28.48
CA CYS D 98 12.66 32.60 -27.44
C CYS D 98 12.69 34.08 -27.79
N HIS D 99 12.11 34.92 -26.92
CA HIS D 99 12.48 36.34 -26.91
C HIS D 99 13.35 36.62 -25.70
N TYR D 100 14.21 37.62 -25.83
CA TYR D 100 15.07 38.01 -24.73
C TYR D 100 14.75 39.40 -24.18
N ASP D 101 13.76 40.07 -24.73
CA ASP D 101 13.39 41.32 -24.10
C ASP D 101 12.47 40.99 -22.97
N SER D 102 11.96 42.05 -22.33
CA SER D 102 11.02 42.00 -21.24
C SER D 102 9.93 43.01 -21.57
N LYS D 103 8.68 42.72 -21.18
CA LYS D 103 7.63 43.72 -21.36
C LYS D 103 7.93 44.98 -20.58
N LEU D 104 7.56 46.07 -21.19
CA LEU D 104 7.69 47.39 -20.66
C LEU D 104 6.33 47.76 -20.18
N PHE D 105 6.26 48.09 -18.89
CA PHE D 105 5.12 48.43 -18.07
C PHE D 105 5.33 49.84 -17.55
N PRO D 106 4.28 50.49 -17.05
CA PRO D 106 4.39 51.93 -16.70
C PRO D 106 5.42 52.17 -15.61
N PRO D 107 5.87 53.43 -15.49
CA PRO D 107 6.97 53.77 -14.58
C PRO D 107 6.58 53.66 -13.11
N GLY D 108 7.55 53.24 -12.29
CA GLY D 108 7.39 53.31 -10.86
C GLY D 108 7.06 51.98 -10.20
N SER D 109 5.99 51.34 -10.68
CA SER D 109 5.61 49.96 -10.36
C SER D 109 6.81 49.04 -10.21
N THR D 110 6.64 48.00 -9.39
CA THR D 110 7.58 46.92 -9.10
C THR D 110 8.21 46.52 -10.44
N PRO D 111 9.50 46.75 -10.71
CA PRO D 111 9.98 46.58 -12.10
C PRO D 111 9.70 45.15 -12.58
N PHE D 112 9.59 44.97 -13.89
CA PHE D 112 9.18 43.69 -14.45
C PHE D 112 10.33 43.02 -15.19
N VAL D 113 10.85 41.92 -14.64
CA VAL D 113 11.96 41.22 -15.28
C VAL D 113 11.52 39.90 -15.92
N GLY D 114 10.22 39.63 -15.98
CA GLY D 114 9.68 38.52 -16.74
C GLY D 114 10.48 37.25 -16.62
N ALA D 115 10.46 36.66 -15.43
CA ALA D 115 11.25 35.46 -15.18
C ALA D 115 10.89 34.34 -16.15
N THR D 116 9.63 33.92 -16.19
CA THR D 116 9.29 32.96 -17.21
C THR D 116 9.12 33.61 -18.58
N ASP D 117 9.03 34.93 -18.68
CA ASP D 117 8.64 35.55 -19.93
C ASP D 117 9.64 36.59 -20.37
N SER D 118 10.82 36.18 -20.83
CA SER D 118 11.12 34.76 -21.09
C SER D 118 12.54 34.30 -20.77
N ALA D 119 13.13 34.81 -19.67
CA ALA D 119 14.53 34.55 -19.36
C ALA D 119 14.80 33.07 -19.20
N VAL D 120 13.94 32.36 -18.46
CA VAL D 120 14.14 30.93 -18.22
C VAL D 120 14.32 30.22 -19.55
N PRO D 121 13.42 30.36 -20.57
CA PRO D 121 13.73 29.84 -21.90
C PRO D 121 15.12 30.23 -22.37
N CYS D 122 15.43 31.52 -22.40
CA CYS D 122 16.77 31.94 -22.80
C CYS D 122 17.87 31.16 -22.07
N ALA D 123 17.73 30.98 -20.76
CA ALA D 123 18.74 30.23 -20.04
C ALA D 123 18.77 28.78 -20.48
N LEU D 124 17.63 28.24 -20.90
CA LEU D 124 17.63 26.85 -21.31
C LEU D 124 18.55 26.64 -22.49
N LEU D 125 18.37 27.45 -23.53
CA LEU D 125 19.18 27.29 -24.72
C LEU D 125 20.65 27.47 -24.38
N LEU D 126 20.97 28.46 -23.55
CA LEU D 126 22.37 28.65 -23.19
C LEU D 126 22.91 27.41 -22.50
N GLU D 127 22.14 26.83 -21.56
CA GLU D 127 22.59 25.58 -20.95
C GLU D 127 22.71 24.47 -21.99
N LEU D 128 21.75 24.41 -22.92
CA LEU D 128 21.75 23.38 -23.96
C LEU D 128 22.99 23.50 -24.86
N ALA D 129 23.23 24.69 -25.40
CA ALA D 129 24.42 24.92 -26.21
C ALA D 129 25.70 24.55 -25.48
N GLN D 130 25.66 24.55 -24.15
CA GLN D 130 26.82 24.37 -23.32
C GLN D 130 26.98 22.92 -22.90
N ALA D 131 25.98 22.38 -22.20
CA ALA D 131 26.04 20.97 -21.84
C ALA D 131 26.19 20.06 -23.08
N LEU D 132 25.86 20.54 -24.26
CA LEU D 132 25.97 19.70 -25.44
C LEU D 132 27.15 20.05 -26.35
N ASP D 133 28.12 20.81 -25.84
CA ASP D 133 29.02 21.45 -26.78
C ASP D 133 29.98 20.47 -27.42
N LEU D 134 30.49 19.48 -26.69
CA LEU D 134 31.51 18.66 -27.36
C LEU D 134 30.86 17.84 -28.47
N GLU D 135 29.72 17.23 -28.19
CA GLU D 135 28.82 16.65 -29.18
C GLU D 135 28.61 17.57 -30.41
N LEU D 136 27.81 18.63 -30.29
CA LEU D 136 27.62 19.58 -31.38
C LEU D 136 28.92 19.88 -32.11
N SER D 137 30.01 20.07 -31.35
CA SER D 137 31.28 20.41 -31.97
C SER D 137 31.71 19.33 -32.93
N ARG D 138 31.82 18.08 -32.43
CA ARG D 138 32.14 16.96 -33.30
C ARG D 138 31.26 16.93 -34.54
N ALA D 139 29.94 16.81 -34.35
CA ALA D 139 29.04 16.66 -35.50
C ALA D 139 29.15 17.82 -36.47
N LYS D 140 29.44 19.02 -36.00
CA LYS D 140 29.74 20.11 -36.92
C LYS D 140 30.94 19.75 -37.76
N LYS D 141 31.97 19.18 -37.13
CA LYS D 141 33.23 18.76 -37.74
C LYS D 141 33.04 17.58 -38.68
N GLN D 142 31.81 17.25 -39.02
CA GLN D 142 31.53 16.14 -39.92
C GLN D 142 30.39 16.47 -40.83
N ALA D 143 30.24 17.74 -41.14
CA ALA D 143 29.33 18.16 -42.16
C ALA D 143 27.96 17.57 -41.92
N ALA D 144 27.60 17.42 -40.66
CA ALA D 144 26.28 16.93 -40.38
C ALA D 144 25.29 17.76 -41.19
N PRO D 145 24.32 17.13 -41.85
CA PRO D 145 23.47 17.90 -42.76
C PRO D 145 22.43 18.75 -42.04
N VAL D 146 22.10 18.40 -40.81
CA VAL D 146 21.21 19.22 -40.01
C VAL D 146 22.01 19.81 -38.85
N THR D 147 22.03 21.14 -38.77
CA THR D 147 22.78 21.79 -37.72
C THR D 147 21.72 22.37 -36.78
N LEU D 148 22.16 23.17 -35.81
CA LEU D 148 21.29 23.72 -34.79
C LEU D 148 21.42 25.23 -34.73
N GLN D 149 20.29 25.91 -34.78
CA GLN D 149 20.28 27.37 -34.76
C GLN D 149 19.45 27.85 -33.58
N LEU D 150 20.07 28.66 -32.72
CA LEU D 150 19.42 29.31 -31.59
C LEU D 150 19.12 30.76 -31.93
N LEU D 151 17.86 31.13 -31.85
CA LEU D 151 17.41 32.51 -31.97
C LEU D 151 16.96 33.05 -30.63
N PHE D 152 17.45 34.24 -30.26
CA PHE D 152 16.87 35.01 -29.16
C PHE D 152 16.35 36.32 -29.73
N LEU D 153 15.04 36.47 -29.83
CA LEU D 153 14.45 37.62 -30.49
C LEU D 153 14.19 38.81 -29.56
N ASP D 154 14.53 40.01 -30.02
CA ASP D 154 14.10 41.23 -29.36
C ASP D 154 12.64 41.49 -29.73
N GLY D 155 11.97 42.33 -28.96
CA GLY D 155 10.70 42.88 -29.38
C GLY D 155 9.46 41.99 -29.31
N GLU D 156 9.50 40.84 -28.62
CA GLU D 156 8.28 40.04 -28.65
C GLU D 156 7.10 40.78 -28.06
N GLU D 157 7.34 41.54 -27.00
CA GLU D 157 6.27 42.15 -26.23
C GLU D 157 5.85 43.48 -26.84
N ALA D 158 4.56 43.77 -26.74
CA ALA D 158 4.04 45.04 -27.22
C ALA D 158 4.76 46.21 -26.53
N LEU D 159 4.77 47.36 -27.18
CA LEU D 159 5.33 48.50 -26.48
C LEU D 159 4.27 49.38 -25.83
N LYS D 160 3.25 49.79 -26.56
CA LYS D 160 2.06 50.32 -25.90
C LYS D 160 1.13 49.17 -25.55
N GLU D 161 0.60 48.50 -26.59
CA GLU D 161 0.00 47.13 -26.63
C GLU D 161 -1.08 47.23 -27.66
N TRP D 162 -1.49 46.12 -28.29
CA TRP D 162 -0.68 44.96 -28.65
C TRP D 162 -0.81 44.88 -30.20
N GLY D 163 -1.73 44.08 -30.76
CA GLY D 163 -1.96 43.99 -32.20
C GLY D 163 -0.74 43.82 -33.12
N PRO D 164 -0.95 43.94 -34.48
CA PRO D 164 0.20 43.91 -35.41
C PRO D 164 1.07 45.11 -35.16
N LYS D 165 1.98 45.45 -36.06
CA LYS D 165 2.63 46.76 -35.98
C LYS D 165 3.30 47.12 -34.64
N ASP D 166 2.64 46.81 -33.50
CA ASP D 166 3.10 46.99 -32.12
C ASP D 166 3.17 45.66 -31.39
N SER D 167 3.83 44.68 -32.00
CA SER D 167 4.09 43.39 -31.38
C SER D 167 5.10 42.67 -32.26
N LEU D 168 5.71 41.63 -31.71
CA LEU D 168 6.51 40.73 -32.54
C LEU D 168 7.53 41.46 -33.39
N TYR D 169 8.20 42.47 -32.85
CA TYR D 169 9.04 43.26 -33.71
C TYR D 169 10.20 42.45 -34.20
N GLY D 170 10.86 41.78 -33.28
CA GLY D 170 12.13 41.16 -33.61
C GLY D 170 11.97 40.00 -34.56
N SER D 171 10.94 39.19 -34.34
CA SER D 171 10.75 38.02 -35.18
C SER D 171 10.16 38.40 -36.52
N ARG D 172 9.19 39.33 -36.54
CA ARG D 172 8.71 39.82 -37.82
C ARG D 172 9.85 40.37 -38.67
N HIS D 173 10.85 40.97 -38.06
CA HIS D 173 11.98 41.41 -38.88
C HIS D 173 12.69 40.22 -39.49
N LEU D 174 13.23 39.35 -38.64
CA LEU D 174 14.05 38.24 -39.10
C LEU D 174 13.34 37.41 -40.17
N ALA D 175 12.10 37.04 -39.91
CA ALA D 175 11.40 36.19 -40.86
C ALA D 175 11.36 36.85 -42.22
N GLN D 176 11.26 38.16 -42.28
CA GLN D 176 11.31 38.82 -43.58
C GLN D 176 12.73 38.78 -44.14
N LEU D 177 13.74 39.04 -43.31
CA LEU D 177 15.11 39.01 -43.79
C LEU D 177 15.59 37.61 -44.13
N MET D 178 14.98 36.55 -43.60
CA MET D 178 15.38 35.20 -44.02
C MET D 178 14.75 34.77 -45.35
N GLU D 179 13.60 35.34 -45.73
CA GLU D 179 13.15 35.19 -47.12
C GLU D 179 14.01 36.01 -48.08
N SER D 180 14.67 37.05 -47.61
CA SER D 180 15.47 37.90 -48.47
C SER D 180 16.89 37.42 -48.66
N ILE D 181 17.26 36.30 -48.04
CA ILE D 181 18.62 35.80 -48.16
C ILE D 181 18.54 34.44 -48.83
N PRO D 182 19.15 34.25 -50.01
CA PRO D 182 19.24 32.91 -50.58
C PRO D 182 20.16 31.97 -49.81
N HIS D 183 19.80 30.70 -49.92
CA HIS D 183 20.44 29.56 -49.29
C HIS D 183 20.55 28.49 -50.35
N SER D 184 21.28 27.41 -50.05
CA SER D 184 21.43 26.24 -50.94
C SER D 184 21.20 24.96 -50.14
N PRO D 185 20.15 24.20 -50.47
CA PRO D 185 19.13 24.46 -51.49
C PRO D 185 18.26 25.64 -51.16
N GLY D 186 17.20 25.40 -50.42
CA GLY D 186 16.40 26.53 -50.06
C GLY D 186 15.10 26.37 -50.76
N PRO D 187 14.71 27.35 -51.57
CA PRO D 187 15.44 28.53 -52.11
C PRO D 187 15.97 29.61 -51.13
N THR D 188 15.15 30.14 -50.21
CA THR D 188 15.61 31.11 -49.23
C THR D 188 16.00 30.43 -47.91
N ARG D 189 16.54 31.22 -46.96
CA ARG D 189 16.95 30.68 -45.64
C ARG D 189 15.76 30.29 -44.78
N ILE D 190 14.58 30.80 -45.12
CA ILE D 190 13.36 30.34 -44.50
C ILE D 190 13.21 28.84 -44.66
N GLN D 191 13.70 28.31 -45.77
CA GLN D 191 13.60 26.87 -45.95
C GLN D 191 14.71 26.12 -45.24
N ALA D 192 15.76 26.81 -44.82
CA ALA D 192 16.77 26.16 -44.01
C ALA D 192 16.20 25.59 -42.71
N ILE D 193 15.07 26.12 -42.24
CA ILE D 193 14.54 25.77 -40.92
C ILE D 193 13.73 24.51 -41.03
N GLU D 194 14.29 23.39 -40.54
CA GLU D 194 13.57 22.12 -40.58
C GLU D 194 12.38 22.11 -39.60
N LEU D 195 12.60 22.58 -38.38
CA LEU D 195 11.58 22.67 -37.34
C LEU D 195 11.86 23.95 -36.55
N PHE D 196 10.83 24.79 -36.36
CA PHE D 196 10.92 26.01 -35.54
C PHE D 196 10.27 25.66 -34.20
N MET D 197 11.08 25.52 -33.16
CA MET D 197 10.59 25.13 -31.85
C MET D 197 10.70 26.29 -30.85
N LEU D 198 9.56 26.83 -30.45
CA LEU D 198 9.50 28.08 -29.71
C LEU D 198 9.24 27.86 -28.23
N LEU D 199 10.05 28.48 -27.38
CA LEU D 199 9.94 28.34 -25.93
C LEU D 199 9.39 29.61 -25.24
N ASP D 200 8.34 29.43 -24.46
CA ASP D 200 7.65 30.59 -23.89
C ASP D 200 6.98 30.20 -22.60
N LEU D 201 7.04 31.11 -21.63
CA LEU D 201 6.28 30.99 -20.41
C LEU D 201 6.66 29.69 -19.71
N LEU D 202 7.95 29.53 -19.47
CA LEU D 202 8.43 28.29 -18.86
C LEU D 202 9.21 28.57 -17.59
N GLY D 203 9.07 27.64 -16.65
CA GLY D 203 9.67 27.73 -15.35
C GLY D 203 8.66 27.71 -14.24
N ALA D 204 7.39 27.88 -14.58
CA ALA D 204 6.35 27.80 -13.60
C ALA D 204 6.28 26.40 -13.04
N PRO D 205 5.95 26.27 -11.76
CA PRO D 205 5.63 24.95 -11.23
C PRO D 205 4.51 24.34 -12.00
N ASN D 206 4.52 23.03 -12.07
CA ASN D 206 3.37 22.32 -12.61
C ASN D 206 2.84 22.82 -13.97
N PRO D 207 3.68 23.10 -14.97
CA PRO D 207 3.15 23.51 -16.28
C PRO D 207 2.40 22.38 -16.93
N THR D 208 1.76 22.71 -18.06
CA THR D 208 1.20 21.71 -18.95
C THR D 208 1.31 22.20 -20.40
N PHE D 209 1.73 21.30 -21.31
CA PHE D 209 1.94 21.61 -22.73
C PHE D 209 1.04 20.78 -23.61
N TYR D 210 0.65 21.35 -24.74
CA TYR D 210 -0.06 20.57 -25.72
C TYR D 210 0.46 20.88 -27.11
N SER D 211 -0.03 20.11 -28.06
CA SER D 211 0.31 20.24 -29.45
C SER D 211 -0.64 21.24 -30.08
N HIS D 212 -0.12 22.36 -30.54
CA HIS D 212 -1.00 23.28 -31.23
C HIS D 212 -0.88 23.17 -32.73
N PHE D 213 0.12 22.48 -33.23
CA PHE D 213 0.16 22.19 -34.65
C PHE D 213 0.19 20.69 -34.78
N PRO D 214 -0.82 20.11 -35.44
CA PRO D 214 -0.81 18.68 -35.70
C PRO D 214 0.13 18.34 -36.80
N ARG D 215 0.69 19.33 -37.48
CA ARG D 215 1.74 19.01 -38.45
C ARG D 215 2.98 18.53 -37.74
N THR D 216 3.27 19.08 -36.59
CA THR D 216 4.46 18.74 -35.85
C THR D 216 4.21 17.74 -34.73
N VAL D 217 2.96 17.26 -34.60
CA VAL D 217 2.58 16.50 -33.42
C VAL D 217 3.49 15.32 -33.18
N ARG D 218 4.14 14.79 -34.22
CA ARG D 218 5.03 13.67 -33.92
C ARG D 218 6.22 14.14 -33.07
N TRP D 219 6.60 15.41 -33.16
CA TRP D 219 7.65 15.82 -32.24
C TRP D 219 7.09 16.07 -30.84
N PHE D 220 5.81 16.44 -30.73
CA PHE D 220 5.19 16.52 -29.42
C PHE D 220 5.20 15.18 -28.73
N HIS D 221 4.88 14.13 -29.49
CA HIS D 221 4.81 12.81 -28.92
C HIS D 221 6.17 12.35 -28.52
N ARG D 222 7.17 12.63 -29.35
CA ARG D 222 8.55 12.46 -28.96
C ARG D 222 8.81 13.02 -27.57
N LEU D 223 8.41 14.28 -27.34
CA LEU D 223 8.65 14.93 -26.06
C LEU D 223 7.91 14.26 -24.92
N ARG D 224 6.61 14.05 -25.04
CA ARG D 224 5.95 13.26 -24.01
C ARG D 224 6.58 11.90 -23.87
N SER D 225 7.19 11.37 -24.95
CA SER D 225 7.79 10.04 -24.87
C SER D 225 8.98 10.03 -23.90
N ILE D 226 9.94 10.96 -24.10
CA ILE D 226 10.84 11.33 -22.98
C ILE D 226 9.93 11.87 -21.89
N GLU D 227 10.38 11.86 -20.65
CA GLU D 227 9.43 12.23 -19.59
C GLU D 227 8.41 11.14 -19.49
N LYS D 228 8.75 10.08 -18.86
CA LYS D 228 7.97 8.92 -18.88
C LYS D 228 9.23 8.15 -18.86
N ARG D 229 9.98 8.11 -19.95
CA ARG D 229 11.27 7.48 -19.94
C ARG D 229 12.05 8.15 -18.83
N LEU D 230 12.38 9.41 -18.94
CA LEU D 230 13.12 9.95 -17.80
C LEU D 230 12.41 9.66 -16.50
N HIS D 231 11.10 9.92 -16.47
CA HIS D 231 10.29 9.52 -15.33
C HIS D 231 10.61 8.11 -14.83
N ARG D 232 10.50 7.13 -15.71
CA ARG D 232 10.71 5.75 -15.26
C ARG D 232 12.17 5.49 -15.01
N LEU D 233 13.01 6.52 -14.92
CA LEU D 233 14.41 6.31 -14.60
C LEU D 233 14.94 7.15 -13.48
N ASN D 234 14.08 7.85 -12.72
CA ASN D 234 14.53 8.61 -11.57
C ASN D 234 15.55 9.66 -11.98
N LEU D 235 15.07 10.56 -12.83
CA LEU D 235 15.86 11.58 -13.48
C LEU D 235 15.06 12.86 -13.55
N LEU D 236 13.78 12.76 -13.26
CA LEU D 236 12.86 13.84 -13.02
C LEU D 236 12.66 13.97 -11.52
N GLN D 237 12.58 15.21 -11.02
CA GLN D 237 12.22 15.51 -9.63
C GLN D 237 10.74 15.78 -9.54
N SER D 238 10.20 15.60 -8.34
CA SER D 238 8.88 16.14 -8.11
C SER D 238 7.92 15.65 -9.17
N HIS D 239 8.18 14.48 -9.70
CA HIS D 239 7.51 14.06 -10.92
C HIS D 239 6.83 12.77 -10.50
N PRO D 240 5.72 12.87 -9.76
CA PRO D 240 5.04 11.68 -9.23
C PRO D 240 4.26 10.87 -10.26
N GLN D 241 3.89 11.40 -11.41
CA GLN D 241 3.14 10.64 -12.42
C GLN D 241 3.89 10.64 -13.75
N GLU D 242 3.90 9.48 -14.45
CA GLU D 242 4.62 9.32 -15.72
C GLU D 242 4.43 10.51 -16.67
N VAL D 243 3.20 10.84 -17.02
CA VAL D 243 2.93 12.04 -17.80
C VAL D 243 2.48 13.12 -16.83
N MET D 244 3.15 14.26 -16.88
CA MET D 244 2.72 15.40 -16.10
C MET D 244 2.68 16.62 -17.03
N TYR D 245 3.78 16.93 -17.72
CA TYR D 245 3.83 18.10 -18.57
C TYR D 245 3.20 17.91 -19.95
N PHE D 246 3.69 16.95 -20.74
CA PHE D 246 3.27 16.92 -22.15
C PHE D 246 2.02 16.08 -22.33
N GLN D 247 0.96 16.75 -22.43
CA GLN D 247 -0.33 16.12 -22.30
C GLN D 247 -0.75 15.47 -23.61
N PRO D 248 -1.34 14.29 -23.53
CA PRO D 248 -2.17 13.85 -24.63
C PRO D 248 -3.30 14.86 -24.74
N GLY D 249 -3.72 15.13 -25.95
CA GLY D 249 -4.69 16.18 -26.18
C GLY D 249 -4.24 16.86 -27.43
N GLU D 250 -5.21 17.30 -28.23
CA GLU D 250 -4.97 18.07 -29.44
C GLU D 250 -6.02 19.17 -29.39
N PRO D 251 -5.66 20.34 -28.86
CA PRO D 251 -6.62 21.45 -28.74
C PRO D 251 -6.39 22.58 -29.73
N PHE D 252 -7.44 23.38 -29.95
CA PHE D 252 -7.41 24.35 -31.05
C PHE D 252 -6.48 25.53 -30.97
N GLY D 253 -6.95 26.69 -30.49
CA GLY D 253 -6.30 27.98 -30.71
C GLY D 253 -4.79 28.03 -30.80
N SER D 254 -4.25 29.10 -31.34
CA SER D 254 -2.86 29.39 -31.05
C SER D 254 -2.86 30.62 -30.15
N VAL D 255 -1.70 30.98 -29.61
CA VAL D 255 -1.55 32.26 -28.97
C VAL D 255 -0.58 33.10 -29.83
N GLU D 256 -1.01 34.30 -30.24
CA GLU D 256 -0.14 35.09 -31.11
C GLU D 256 1.20 35.26 -30.39
N ASP D 257 2.28 34.85 -31.03
CA ASP D 257 3.58 34.75 -30.40
C ASP D 257 4.64 34.76 -31.48
N ASP D 258 5.91 34.64 -31.08
CA ASP D 258 7.00 34.89 -32.04
C ASP D 258 7.00 33.97 -33.25
N HIS D 259 6.31 32.82 -33.20
CA HIS D 259 6.38 31.91 -34.34
C HIS D 259 5.65 32.46 -35.53
N ILE D 260 4.61 33.26 -35.32
CA ILE D 260 3.73 33.72 -36.40
C ILE D 260 4.41 34.17 -37.69
N PRO D 261 5.47 34.98 -37.69
CA PRO D 261 6.02 35.39 -38.98
C PRO D 261 6.66 34.25 -39.73
N PHE D 262 7.31 33.34 -39.02
CA PHE D 262 7.79 32.13 -39.67
C PHE D 262 6.63 31.29 -40.15
N LEU D 263 5.65 31.06 -39.28
CA LEU D 263 4.47 30.35 -39.70
C LEU D 263 3.91 30.89 -41.02
N ARG D 264 3.68 32.22 -41.14
CA ARG D 264 3.14 32.74 -42.42
C ARG D 264 3.99 32.29 -43.61
N ARG D 265 5.31 32.29 -43.43
CA ARG D 265 6.14 31.96 -44.57
C ARG D 265 6.25 30.46 -44.81
N GLY D 266 5.58 29.63 -44.00
CA GLY D 266 5.54 28.20 -44.22
C GLY D 266 6.39 27.32 -43.31
N VAL D 267 6.97 27.87 -42.24
CA VAL D 267 7.88 27.08 -41.41
C VAL D 267 7.07 26.12 -40.52
N PRO D 268 7.55 24.89 -40.29
CA PRO D 268 6.93 24.00 -39.31
C PRO D 268 7.24 24.44 -37.88
N VAL D 269 6.19 24.65 -37.07
CA VAL D 269 6.30 25.27 -35.75
C VAL D 269 5.97 24.27 -34.67
N LEU D 270 6.77 24.28 -33.60
CA LEU D 270 6.48 23.49 -32.40
C LEU D 270 6.42 24.46 -31.23
N HIS D 271 5.21 24.72 -30.73
CA HIS D 271 4.99 25.77 -29.75
C HIS D 271 4.98 25.16 -28.38
N LEU D 272 6.16 25.18 -27.76
CA LEU D 272 6.39 24.69 -26.41
C LEU D 272 6.22 25.88 -25.46
N ILE D 273 4.98 26.05 -25.02
CA ILE D 273 4.54 27.14 -24.17
C ILE D 273 3.50 26.57 -23.21
N SER D 274 3.60 26.95 -21.93
CA SER D 274 2.59 26.52 -20.97
C SER D 274 1.21 27.05 -21.38
N THR D 275 0.22 26.16 -21.39
CA THR D 275 -1.18 26.56 -21.47
C THR D 275 -1.90 25.81 -20.38
N PRO D 276 -2.43 26.52 -19.38
CA PRO D 276 -2.55 27.97 -19.22
C PRO D 276 -1.21 28.61 -18.98
N PHE D 277 -1.10 29.93 -19.15
CA PHE D 277 0.16 30.59 -18.86
C PHE D 277 0.46 30.39 -17.38
N PRO D 278 1.63 30.78 -16.88
CA PRO D 278 1.79 30.79 -15.44
C PRO D 278 0.73 31.65 -14.79
N ALA D 279 0.57 31.47 -13.48
CA ALA D 279 -0.36 32.32 -12.76
C ALA D 279 0.24 33.70 -12.53
N VAL D 280 1.56 33.78 -12.42
CA VAL D 280 2.26 35.04 -12.26
C VAL D 280 2.42 35.73 -13.61
N TRP D 281 1.73 35.23 -14.63
CA TRP D 281 1.96 35.73 -15.97
C TRP D 281 1.62 37.19 -16.00
N HIS D 282 2.57 37.99 -16.49
CA HIS D 282 2.39 39.41 -16.78
C HIS D 282 2.08 40.23 -15.53
N THR D 283 2.62 39.82 -14.39
CA THR D 283 2.50 40.61 -13.17
C THR D 283 3.90 40.92 -12.71
N PRO D 284 4.05 41.74 -11.67
CA PRO D 284 5.36 41.90 -11.05
C PRO D 284 5.77 40.68 -10.28
N ALA D 285 4.88 39.72 -10.11
CA ALA D 285 5.14 38.49 -9.39
C ALA D 285 5.92 37.46 -10.23
N ASP D 286 6.27 37.79 -11.48
CA ASP D 286 7.01 36.88 -12.35
C ASP D 286 8.49 37.17 -12.14
N THR D 287 9.13 36.39 -11.28
CA THR D 287 10.42 36.68 -10.66
C THR D 287 11.00 35.41 -10.11
N GLU D 288 12.34 35.40 -9.99
CA GLU D 288 13.07 34.17 -9.70
C GLU D 288 12.42 33.32 -8.60
N VAL D 289 11.77 33.95 -7.63
CA VAL D 289 11.37 33.17 -6.47
C VAL D 289 10.11 32.36 -6.71
N ASN D 290 9.28 32.75 -7.67
CA ASN D 290 8.09 31.97 -7.98
C ASN D 290 8.32 30.92 -9.07
N LEU D 291 9.48 30.91 -9.71
CA LEU D 291 9.84 29.78 -10.52
C LEU D 291 9.87 28.56 -9.64
N HIS D 292 10.05 27.40 -10.26
CA HIS D 292 10.15 26.16 -9.50
C HIS D 292 11.33 25.40 -10.07
N PRO D 293 12.51 25.51 -9.46
CA PRO D 293 13.72 24.94 -10.04
C PRO D 293 13.54 23.51 -10.50
N PRO D 294 12.97 22.62 -9.65
CA PRO D 294 12.82 21.24 -10.12
C PRO D 294 12.17 21.21 -11.49
N THR D 295 11.11 22.00 -11.74
CA THR D 295 10.49 21.96 -13.06
C THR D 295 11.49 22.45 -14.12
N VAL D 296 12.21 23.54 -13.83
CA VAL D 296 13.22 24.07 -14.72
C VAL D 296 14.20 22.97 -15.12
N HIS D 297 15.00 22.50 -14.17
CA HIS D 297 15.89 21.37 -14.44
C HIS D 297 15.24 20.21 -15.18
N ASN D 298 14.02 19.87 -14.77
CA ASN D 298 13.27 18.80 -15.42
C ASN D 298 13.16 19.02 -16.90
N LEU D 299 12.50 20.13 -17.29
CA LEU D 299 12.41 20.46 -18.71
C LEU D 299 13.77 20.41 -19.37
N CYS D 300 14.75 21.01 -18.71
CA CYS D 300 16.05 21.08 -19.32
C CYS D 300 16.55 19.69 -19.64
N ARG D 301 16.51 18.78 -18.66
CA ARG D 301 16.69 17.35 -18.97
C ARG D 301 15.98 16.97 -20.27
N ILE D 302 14.65 16.92 -20.22
CA ILE D 302 13.83 16.57 -21.38
C ILE D 302 14.33 17.18 -22.67
N LEU D 303 14.42 18.51 -22.73
CA LEU D 303 14.91 19.12 -23.97
C LEU D 303 16.30 18.62 -24.31
N ALA D 304 17.20 18.57 -23.34
CA ALA D 304 18.54 18.14 -23.67
C ALA D 304 18.54 16.74 -24.26
N VAL D 305 17.48 15.97 -24.07
CA VAL D 305 17.43 14.65 -24.70
C VAL D 305 16.85 14.79 -26.11
N PHE D 306 15.62 15.32 -26.22
CA PHE D 306 15.06 15.62 -27.52
C PHE D 306 16.13 16.12 -28.48
N LEU D 307 16.80 17.22 -28.13
CA LEU D 307 17.87 17.72 -28.99
C LEU D 307 18.87 16.65 -29.34
N ALA D 308 19.27 15.84 -28.37
CA ALA D 308 20.23 14.80 -28.70
C ALA D 308 19.66 13.86 -29.75
N GLU D 309 18.45 13.34 -29.54
CA GLU D 309 17.92 12.41 -30.52
C GLU D 309 17.73 13.08 -31.88
N TYR D 310 17.28 14.34 -31.91
CA TYR D 310 16.95 14.97 -33.19
C TYR D 310 18.17 15.27 -34.02
N LEU D 311 19.30 15.65 -33.41
CA LEU D 311 20.52 15.84 -34.18
C LEU D 311 21.46 14.63 -34.14
N GLY D 312 20.96 13.45 -33.75
CA GLY D 312 21.72 12.23 -33.52
C GLY D 312 23.11 12.30 -32.89
N LEU D 313 23.25 12.52 -31.59
CA LEU D 313 24.60 12.51 -30.99
C LEU D 313 24.79 11.29 -29.98
N VAL E 1 -42.15 3.31 49.19
CA VAL E 1 -43.35 3.75 48.47
C VAL E 1 -43.39 5.31 48.70
N PRO E 2 -44.45 5.97 49.42
CA PRO E 2 -44.46 7.44 49.41
C PRO E 2 -44.10 8.09 50.77
N LEU E 3 -42.85 8.55 50.90
CA LEU E 3 -42.31 9.04 52.18
C LEU E 3 -41.93 10.39 52.09
N ILE E 4 -40.60 10.78 51.97
CA ILE E 4 -40.11 12.14 51.90
C ILE E 4 -39.24 12.35 50.66
N GLY E 5 -39.40 13.53 50.01
CA GLY E 5 -38.94 13.79 48.67
C GLY E 5 -39.85 13.27 47.58
N SER E 6 -40.73 12.31 47.91
CA SER E 6 -41.38 11.40 46.97
C SER E 6 -42.42 12.12 46.13
N LEU E 7 -43.12 11.34 45.31
CA LEU E 7 -43.97 11.85 44.24
C LEU E 7 -45.41 11.39 44.40
N PRO E 8 -46.36 12.33 44.50
CA PRO E 8 -47.79 11.98 44.48
C PRO E 8 -48.16 11.09 43.30
N GLU E 9 -48.89 10.01 43.59
CA GLU E 9 -49.35 9.11 42.53
C GLU E 9 -50.03 9.91 41.41
N ALA E 10 -50.91 10.83 41.79
CA ALA E 10 -51.56 11.76 40.87
C ALA E 10 -50.59 12.23 39.80
N ARG E 11 -49.36 12.55 40.24
CA ARG E 11 -48.30 12.96 39.34
C ARG E 11 -47.49 11.76 38.81
N LEU E 12 -47.18 10.79 39.66
CA LEU E 12 -46.41 9.64 39.17
C LEU E 12 -47.15 8.98 38.00
N ARG E 13 -48.23 8.28 38.29
CA ARG E 13 -49.17 7.82 37.28
C ARG E 13 -49.29 8.81 36.14
N ARG E 14 -49.43 10.10 36.48
CA ARG E 14 -49.54 11.09 35.42
C ARG E 14 -48.30 11.04 34.56
N VAL E 15 -47.12 10.93 35.19
CA VAL E 15 -45.92 11.15 34.39
C VAL E 15 -45.53 9.92 33.59
N VAL E 16 -45.58 8.75 34.20
CA VAL E 16 -45.47 7.48 33.49
C VAL E 16 -46.31 7.45 32.20
N GLY E 17 -47.37 8.24 32.14
CA GLY E 17 -48.16 8.41 30.95
C GLY E 17 -47.59 9.36 29.91
N GLN E 18 -46.66 10.26 30.28
CA GLN E 18 -45.98 11.04 29.24
C GLN E 18 -44.95 10.21 28.46
N LEU E 19 -44.69 8.97 28.90
CA LEU E 19 -43.80 8.04 28.24
C LEU E 19 -44.51 7.42 27.06
N ASP E 20 -44.06 7.75 25.85
CA ASP E 20 -44.47 7.05 24.64
C ASP E 20 -43.48 5.95 24.29
N PRO E 21 -43.78 4.69 24.58
CA PRO E 21 -42.84 3.61 24.28
C PRO E 21 -42.75 3.27 22.79
N GLN E 22 -43.76 3.66 21.98
CA GLN E 22 -43.64 3.57 20.54
C GLN E 22 -42.66 4.61 20.02
N ARG E 23 -42.81 5.84 20.52
CA ARG E 23 -41.78 6.84 20.30
C ARG E 23 -40.43 6.37 20.81
N LEU E 24 -40.38 5.66 21.92
CA LEU E 24 -39.08 5.19 22.37
C LEU E 24 -38.41 4.37 21.28
N TRP E 25 -39.06 3.27 20.88
CA TRP E 25 -38.46 2.32 19.95
C TRP E 25 -38.27 2.88 18.54
N SER E 26 -39.38 3.24 17.87
CA SER E 26 -39.34 3.84 16.55
C SER E 26 -38.44 5.06 16.51
N THR E 27 -39.05 6.23 16.32
CA THR E 27 -38.46 7.57 16.47
C THR E 27 -37.01 7.61 16.92
N TYR E 28 -36.75 7.25 18.19
CA TYR E 28 -35.48 7.50 18.88
C TYR E 28 -34.48 6.36 18.80
N LEU E 29 -34.87 5.13 19.16
CA LEU E 29 -33.90 4.04 19.26
C LEU E 29 -33.39 3.54 17.92
N ARG E 30 -34.28 2.93 17.13
CA ARG E 30 -33.96 2.25 15.86
C ARG E 30 -33.07 3.04 14.89
N PRO E 31 -33.36 4.29 14.57
CA PRO E 31 -32.44 5.05 13.70
C PRO E 31 -31.03 5.17 14.23
N LEU E 32 -30.76 4.75 15.47
CA LEU E 32 -29.41 4.82 16.02
C LEU E 32 -28.59 3.58 15.73
N LEU E 33 -29.22 2.41 15.61
CA LEU E 33 -28.46 1.19 15.36
C LEU E 33 -28.02 1.15 13.90
N VAL E 34 -26.84 1.72 13.66
CA VAL E 34 -26.12 1.69 12.41
C VAL E 34 -24.70 1.40 12.87
N VAL E 35 -23.78 1.41 12.00
CA VAL E 35 -22.42 1.33 12.48
C VAL E 35 -21.97 2.76 12.72
N ARG E 36 -21.32 2.95 13.87
CA ARG E 36 -20.94 4.28 14.33
C ARG E 36 -19.63 4.19 15.09
N THR E 37 -18.58 3.71 14.46
CA THR E 37 -17.28 3.84 15.07
C THR E 37 -16.83 5.28 14.90
N PRO E 38 -15.81 5.75 15.65
CA PRO E 38 -15.49 7.19 15.62
C PRO E 38 -15.23 7.66 14.20
N GLY E 39 -15.57 8.92 13.94
CA GLY E 39 -15.31 9.58 12.66
C GLY E 39 -16.08 9.07 11.45
N SER E 40 -16.53 7.80 11.51
CA SER E 40 -17.25 7.02 10.52
C SER E 40 -18.53 7.66 10.00
N PRO E 41 -19.02 7.30 8.80
CA PRO E 41 -20.21 8.02 8.27
C PRO E 41 -21.46 7.88 9.13
N GLY E 42 -21.84 6.66 9.51
CA GLY E 42 -22.94 6.50 10.45
C GLY E 42 -22.76 7.40 11.66
N ASN E 43 -21.51 7.52 12.11
CA ASN E 43 -21.19 8.31 13.30
C ASN E 43 -21.48 9.79 13.14
N LEU E 44 -21.43 10.32 11.92
CA LEU E 44 -21.85 11.70 11.76
C LEU E 44 -23.38 11.77 11.63
N GLN E 45 -23.98 10.77 10.94
CA GLN E 45 -25.42 10.54 10.93
C GLN E 45 -25.94 10.74 12.36
N VAL E 46 -25.58 9.76 13.21
CA VAL E 46 -26.08 9.67 14.57
C VAL E 46 -25.85 10.98 15.35
N ARG E 47 -24.68 11.58 15.23
CA ARG E 47 -24.44 12.82 15.96
C ARG E 47 -25.40 13.92 15.54
N LYS E 48 -25.40 14.28 14.24
CA LYS E 48 -26.31 15.31 13.73
C LYS E 48 -27.74 15.03 14.18
N PHE E 49 -28.09 13.75 14.35
CA PHE E 49 -29.41 13.40 14.86
C PHE E 49 -29.61 13.86 16.29
N LEU E 50 -28.80 13.33 17.22
CA LEU E 50 -28.86 13.76 18.61
C LEU E 50 -29.07 15.27 18.66
N GLU E 51 -28.14 16.03 18.04
CA GLU E 51 -28.29 17.47 17.86
C GLU E 51 -29.72 17.88 17.57
N ALA E 52 -30.26 17.33 16.48
CA ALA E 52 -31.45 17.91 15.86
C ALA E 52 -32.69 17.70 16.72
N THR E 53 -32.83 16.50 17.28
CA THR E 53 -33.84 16.22 18.29
C THR E 53 -33.72 17.17 19.47
N LEU E 54 -32.54 17.19 20.09
CA LEU E 54 -32.37 18.08 21.24
C LEU E 54 -32.80 19.49 20.87
N ARG E 55 -32.26 20.02 19.76
CA ARG E 55 -32.57 21.39 19.37
C ARG E 55 -34.08 21.58 19.28
N SER E 56 -34.77 20.66 18.60
CA SER E 56 -36.20 20.78 18.32
C SER E 56 -36.95 21.15 19.58
N LEU E 57 -36.89 20.24 20.56
CA LEU E 57 -37.54 20.30 21.87
C LEU E 57 -37.91 21.71 22.35
N THR E 58 -39.18 21.85 22.73
CA THR E 58 -39.84 23.10 23.09
C THR E 58 -39.27 23.84 24.30
N ALA E 59 -38.25 23.29 24.94
CA ALA E 59 -37.68 23.95 26.10
C ALA E 59 -36.50 24.85 25.77
N GLY E 60 -35.78 24.57 24.70
CA GLY E 60 -34.79 25.51 24.22
C GLY E 60 -33.41 25.23 24.74
N TRP E 61 -33.01 23.96 24.68
CA TRP E 61 -31.70 23.58 25.20
C TRP E 61 -30.59 24.34 24.47
N HIS E 62 -29.54 24.66 25.22
CA HIS E 62 -28.26 25.04 24.62
C HIS E 62 -27.61 23.76 24.16
N VAL E 63 -27.62 23.51 22.86
CA VAL E 63 -27.14 22.25 22.32
C VAL E 63 -25.90 22.58 21.53
N GLU E 64 -24.75 22.57 22.20
CA GLU E 64 -23.47 22.80 21.57
C GLU E 64 -22.67 21.51 21.53
N LEU E 65 -21.74 21.47 20.58
CA LEU E 65 -20.98 20.28 20.20
C LEU E 65 -19.53 20.43 20.66
N ASP E 66 -18.99 19.40 21.34
CA ASP E 66 -17.57 19.51 21.67
C ASP E 66 -16.75 18.62 20.73
N PRO E 67 -16.22 19.18 19.63
CA PRO E 67 -15.43 18.38 18.69
C PRO E 67 -13.94 18.61 18.84
N PHE E 68 -13.13 17.69 18.32
CA PHE E 68 -11.70 17.65 18.60
C PHE E 68 -11.12 16.40 17.93
N THR E 69 -9.80 16.40 17.72
CA THR E 69 -9.07 15.32 17.09
C THR E 69 -8.06 14.76 18.08
N ALA E 70 -7.77 13.46 17.99
CA ALA E 70 -6.81 12.92 18.95
C ALA E 70 -6.00 11.75 18.40
N SER E 71 -4.92 11.47 19.13
CA SER E 71 -3.94 10.45 18.82
C SER E 71 -4.51 9.06 19.14
N THR E 72 -4.52 8.16 18.18
CA THR E 72 -4.98 6.81 18.48
C THR E 72 -4.17 5.81 17.66
N PRO E 73 -4.21 4.53 18.02
CA PRO E 73 -3.69 3.52 17.11
C PRO E 73 -4.22 3.66 15.68
N LEU E 74 -5.52 3.68 15.43
CA LEU E 74 -5.93 3.85 14.04
C LEU E 74 -5.60 5.24 13.49
N GLY E 75 -4.34 5.66 13.65
CA GLY E 75 -3.93 6.99 13.25
C GLY E 75 -4.53 8.08 14.15
N PRO E 76 -4.65 9.31 13.65
CA PRO E 76 -5.55 10.29 14.28
C PRO E 76 -7.02 9.95 14.04
N VAL E 77 -7.93 10.66 14.74
CA VAL E 77 -9.39 10.53 14.57
C VAL E 77 -10.10 11.83 14.96
N ASP E 78 -11.15 12.16 14.22
CA ASP E 78 -12.00 13.30 14.55
C ASP E 78 -13.18 12.88 15.39
N PHE E 79 -13.29 13.47 16.57
CA PHE E 79 -14.22 13.09 17.61
C PHE E 79 -15.15 14.27 17.89
N GLY E 80 -16.42 13.99 18.12
CA GLY E 80 -17.34 15.07 18.46
C GLY E 80 -18.25 14.65 19.59
N ASN E 81 -18.41 15.50 20.60
CA ASN E 81 -19.27 15.23 21.75
C ASN E 81 -20.55 16.03 21.63
N VAL E 82 -21.63 15.51 22.16
CA VAL E 82 -22.88 16.25 22.11
C VAL E 82 -23.32 16.58 23.54
N VAL E 83 -23.42 17.87 23.79
CA VAL E 83 -23.52 18.50 25.10
C VAL E 83 -24.83 19.25 25.12
N ALA E 84 -25.79 18.77 25.90
CA ALA E 84 -27.08 19.43 26.04
C ALA E 84 -27.19 20.00 27.46
N THR E 85 -27.35 21.31 27.58
CA THR E 85 -27.64 21.91 28.87
C THR E 85 -28.91 22.71 28.72
N LEU E 86 -29.94 22.35 29.48
CA LEU E 86 -31.25 22.95 29.32
C LEU E 86 -31.26 24.43 29.71
N ASP E 87 -30.51 24.77 30.77
CA ASP E 87 -30.54 26.10 31.36
C ASP E 87 -29.10 26.54 31.69
N PRO E 88 -28.28 26.87 30.65
CA PRO E 88 -26.84 27.03 30.87
C PRO E 88 -26.53 27.97 32.01
N ARG E 89 -27.48 28.84 32.30
CA ARG E 89 -27.25 29.90 33.27
C ARG E 89 -27.50 29.46 34.71
N ALA E 90 -28.26 28.39 34.94
CA ALA E 90 -28.42 27.91 36.31
C ALA E 90 -27.07 27.39 36.81
N ALA E 91 -26.83 27.55 38.11
CA ALA E 91 -25.49 27.37 38.64
C ALA E 91 -25.13 25.90 38.92
N ARG E 92 -26.10 25.00 38.79
CA ARG E 92 -25.93 23.59 39.13
C ARG E 92 -26.73 22.79 38.12
N HIS E 93 -26.20 21.66 37.67
CA HIS E 93 -27.04 20.81 36.88
C HIS E 93 -26.76 19.35 37.19
N LEU E 94 -27.81 18.56 36.98
CA LEU E 94 -27.73 17.12 36.91
C LEU E 94 -27.24 16.64 35.53
N THR E 95 -26.29 15.73 35.55
CA THR E 95 -25.67 15.26 34.32
C THR E 95 -26.02 13.79 34.13
N LEU E 96 -26.76 13.50 33.06
CA LEU E 96 -26.84 12.16 32.51
C LEU E 96 -25.90 11.98 31.31
N ALA E 97 -25.38 10.76 31.18
CA ALA E 97 -24.28 10.50 30.27
C ALA E 97 -24.32 9.07 29.74
N CYS E 98 -24.04 8.98 28.44
CA CYS E 98 -23.86 7.75 27.67
C CYS E 98 -22.91 8.09 26.52
N HIS E 99 -22.20 7.08 26.04
CA HIS E 99 -21.48 7.23 24.77
C HIS E 99 -22.37 6.77 23.63
N TYR E 100 -22.17 7.37 22.45
CA TYR E 100 -22.98 6.93 21.31
C TYR E 100 -22.21 6.20 20.25
N ASP E 101 -20.92 6.47 20.09
CA ASP E 101 -20.01 5.67 19.30
C ASP E 101 -20.17 4.17 19.58
N SER E 102 -20.05 3.35 18.52
CA SER E 102 -20.00 1.91 18.65
C SER E 102 -18.56 1.42 18.54
N LYS E 103 -18.29 0.23 19.10
CA LYS E 103 -16.94 -0.31 19.03
C LYS E 103 -16.59 -0.56 17.58
N LEU E 104 -15.32 -0.33 17.27
CA LEU E 104 -14.75 -0.73 16.00
C LEU E 104 -14.35 -2.19 16.10
N PHE E 105 -15.11 -3.04 15.43
CA PHE E 105 -14.66 -4.40 15.25
C PHE E 105 -13.86 -4.51 13.97
N PRO E 106 -13.15 -5.61 13.80
CA PRO E 106 -12.54 -5.97 12.50
C PRO E 106 -13.50 -5.87 11.34
N PRO E 107 -12.96 -5.79 10.12
CA PRO E 107 -13.79 -5.53 8.93
C PRO E 107 -14.56 -6.74 8.45
N GLY E 108 -15.64 -6.46 7.72
CA GLY E 108 -16.35 -7.49 6.97
C GLY E 108 -17.29 -8.36 7.77
N SER E 109 -16.74 -9.09 8.75
CA SER E 109 -17.47 -9.71 9.84
C SER E 109 -18.78 -8.99 10.16
N THR E 110 -19.78 -9.72 10.67
CA THR E 110 -21.12 -9.18 10.78
C THR E 110 -21.08 -7.86 11.54
N PRO E 111 -21.78 -6.82 11.09
CA PRO E 111 -21.59 -5.50 11.70
C PRO E 111 -21.89 -5.52 13.19
N PHE E 112 -21.54 -4.41 13.83
CA PHE E 112 -21.70 -4.26 15.28
C PHE E 112 -22.41 -2.94 15.55
N VAL E 113 -23.66 -3.01 16.01
CA VAL E 113 -24.43 -1.80 16.33
C VAL E 113 -24.42 -1.44 17.81
N GLY E 114 -24.01 -2.35 18.70
CA GLY E 114 -23.94 -2.00 20.11
C GLY E 114 -25.29 -1.54 20.60
N ALA E 115 -26.25 -2.45 20.67
CA ALA E 115 -27.60 -2.06 21.03
C ALA E 115 -27.67 -1.66 22.50
N THR E 116 -27.27 -2.56 23.41
CA THR E 116 -27.15 -2.14 24.80
C THR E 116 -26.07 -1.08 24.93
N ASP E 117 -25.10 -1.09 24.02
CA ASP E 117 -23.83 -0.40 24.22
C ASP E 117 -23.48 0.63 23.16
N SER E 118 -24.16 1.79 23.13
CA SER E 118 -25.14 2.21 24.12
C SER E 118 -26.35 2.85 23.41
N ALA E 119 -26.95 2.13 22.48
CA ALA E 119 -28.10 2.69 21.78
C ALA E 119 -29.26 2.84 22.75
N VAL E 120 -29.63 1.75 23.42
CA VAL E 120 -30.66 1.76 24.43
C VAL E 120 -30.44 2.99 25.30
N PRO E 121 -29.29 3.12 26.05
CA PRO E 121 -29.06 4.31 26.85
C PRO E 121 -29.40 5.62 26.13
N CYS E 122 -28.70 5.90 25.04
CA CYS E 122 -28.94 7.13 24.28
C CYS E 122 -30.41 7.38 24.03
N ALA E 123 -31.15 6.32 23.69
CA ALA E 123 -32.55 6.48 23.36
C ALA E 123 -33.32 6.98 24.56
N LEU E 124 -33.19 6.28 25.68
CA LEU E 124 -33.61 6.70 27.00
C LEU E 124 -33.41 8.21 27.22
N LEU E 125 -32.21 8.72 26.99
CA LEU E 125 -31.99 10.14 27.28
C LEU E 125 -32.83 11.02 26.34
N LEU E 126 -32.88 10.69 25.06
CA LEU E 126 -33.70 11.47 24.15
C LEU E 126 -35.17 11.42 24.53
N GLU E 127 -35.66 10.23 24.93
CA GLU E 127 -37.08 10.08 25.30
C GLU E 127 -37.45 10.95 26.49
N LEU E 128 -36.78 10.70 27.62
CA LEU E 128 -36.91 11.50 28.83
C LEU E 128 -37.00 12.96 28.45
N ALA E 129 -36.00 13.48 27.71
CA ALA E 129 -36.02 14.90 27.37
C ALA E 129 -37.25 15.27 26.56
N GLN E 130 -37.79 14.34 25.75
CA GLN E 130 -39.10 14.55 25.15
C GLN E 130 -40.20 14.38 26.18
N ALA E 131 -40.28 13.21 26.77
CA ALA E 131 -41.41 12.90 27.63
C ALA E 131 -41.53 13.85 28.86
N LEU E 132 -40.69 14.88 28.96
CA LEU E 132 -40.84 15.83 30.06
C LEU E 132 -40.55 17.24 29.58
N ASP E 133 -40.65 17.49 28.28
CA ASP E 133 -40.23 18.76 27.73
C ASP E 133 -41.02 19.94 28.29
N LEU E 134 -42.29 19.71 28.61
CA LEU E 134 -43.15 20.78 29.11
C LEU E 134 -42.75 21.18 30.53
N GLU E 135 -42.68 20.21 31.44
CA GLU E 135 -42.19 20.46 32.79
C GLU E 135 -40.79 21.06 32.77
N LEU E 136 -39.89 20.45 32.01
CA LEU E 136 -38.52 20.96 31.96
C LEU E 136 -38.50 22.40 31.46
N SER E 137 -39.25 22.71 30.40
CA SER E 137 -39.26 24.11 30.03
C SER E 137 -39.95 24.95 31.08
N ARG E 138 -40.99 24.42 31.75
CA ARG E 138 -41.62 25.15 32.85
C ARG E 138 -40.55 25.64 33.82
N ALA E 139 -39.75 24.68 34.32
CA ALA E 139 -38.79 24.97 35.36
C ALA E 139 -37.72 25.93 34.88
N LYS E 140 -37.19 25.69 33.67
CA LYS E 140 -36.24 26.62 33.06
C LYS E 140 -36.75 28.07 33.18
N LYS E 141 -38.02 28.28 32.83
CA LYS E 141 -38.65 29.59 32.95
C LYS E 141 -38.58 30.08 34.38
N GLN E 142 -38.87 29.19 35.33
CA GLN E 142 -38.70 29.54 36.73
C GLN E 142 -37.25 29.60 37.14
N ALA E 143 -36.36 29.87 36.18
CA ALA E 143 -34.94 30.05 36.41
C ALA E 143 -34.53 29.22 37.61
N ALA E 144 -34.78 27.92 37.55
CA ALA E 144 -34.54 27.05 38.66
C ALA E 144 -33.04 27.00 38.90
N PRO E 145 -32.62 26.51 40.02
CA PRO E 145 -31.20 26.59 40.34
C PRO E 145 -30.49 25.28 40.15
N VAL E 146 -31.14 24.33 39.48
CA VAL E 146 -30.54 23.06 39.12
C VAL E 146 -31.10 22.59 37.79
N THR E 147 -30.30 22.62 36.73
CA THR E 147 -30.86 22.25 35.44
C THR E 147 -30.46 20.82 35.10
N LEU E 148 -30.77 20.41 33.88
CA LEU E 148 -30.39 19.10 33.39
C LEU E 148 -29.26 19.24 32.40
N GLN E 149 -28.48 18.17 32.25
CA GLN E 149 -27.46 18.10 31.22
C GLN E 149 -27.44 16.71 30.63
N LEU E 150 -27.51 16.62 29.30
CA LEU E 150 -27.35 15.37 28.59
C LEU E 150 -25.98 15.38 27.91
N LEU E 151 -25.16 14.38 28.23
CA LEU E 151 -23.85 14.19 27.61
C LEU E 151 -23.88 12.96 26.71
N PHE E 152 -23.81 13.17 25.39
CA PHE E 152 -23.69 12.09 24.41
C PHE E 152 -22.23 12.03 23.98
N LEU E 153 -21.48 11.08 24.51
CA LEU E 153 -20.03 11.04 24.41
C LEU E 153 -19.54 10.22 23.21
N ASP E 154 -18.49 10.70 22.54
CA ASP E 154 -17.88 9.96 21.44
C ASP E 154 -16.59 9.32 21.94
N GLY E 155 -16.28 8.15 21.42
CA GLY E 155 -15.00 7.54 21.69
C GLY E 155 -14.83 6.88 23.04
N GLU E 156 -15.90 6.37 23.64
CA GLU E 156 -15.69 5.56 24.82
C GLU E 156 -14.93 4.30 24.47
N GLU E 157 -15.31 3.66 23.37
CA GLU E 157 -14.68 2.39 23.02
C GLU E 157 -13.37 2.56 22.27
N ALA E 158 -12.48 1.61 22.53
CA ALA E 158 -11.14 1.56 21.98
C ALA E 158 -11.13 1.22 20.50
N LEU E 159 -10.07 1.67 19.85
CA LEU E 159 -9.88 1.43 18.45
C LEU E 159 -9.02 0.18 18.21
N LYS E 160 -7.88 0.05 18.89
CA LYS E 160 -7.06 -1.16 18.75
C LYS E 160 -7.10 -2.05 19.99
N GLU E 161 -6.94 -1.47 21.17
CA GLU E 161 -6.90 -2.24 22.41
C GLU E 161 -7.05 -1.32 23.61
N TRP E 162 -7.98 -1.65 24.53
CA TRP E 162 -8.23 -0.85 25.73
C TRP E 162 -6.92 -0.49 26.42
N GLY E 163 -6.93 0.65 27.07
CA GLY E 163 -5.73 1.15 27.67
C GLY E 163 -5.85 2.65 27.84
N PRO E 164 -5.27 3.15 28.91
CA PRO E 164 -5.47 4.56 29.29
C PRO E 164 -5.10 5.58 28.22
N LYS E 165 -4.63 5.09 27.06
CA LYS E 165 -4.37 5.93 25.89
C LYS E 165 -5.29 5.65 24.72
N ASP E 166 -5.86 4.43 24.64
CA ASP E 166 -6.91 4.06 23.69
C ASP E 166 -8.13 3.72 24.53
N SER E 167 -9.03 4.70 24.70
CA SER E 167 -10.26 4.61 25.51
C SER E 167 -10.73 5.99 25.95
N LEU E 168 -12.03 6.11 26.15
CA LEU E 168 -12.62 7.29 26.78
C LEU E 168 -12.11 8.57 26.11
N TYR E 169 -12.01 8.54 24.80
CA TYR E 169 -11.51 9.70 24.08
C TYR E 169 -12.39 10.92 24.33
N GLY E 170 -13.69 10.75 24.38
CA GLY E 170 -14.55 11.91 24.35
C GLY E 170 -14.92 12.44 25.70
N SER E 171 -14.70 11.65 26.75
CA SER E 171 -14.88 12.14 28.11
C SER E 171 -13.58 12.69 28.65
N ARG E 172 -12.47 11.98 28.49
CA ARG E 172 -11.18 12.57 28.81
C ARG E 172 -11.06 13.97 28.21
N HIS E 173 -11.61 14.15 27.02
CA HIS E 173 -11.57 15.47 26.41
C HIS E 173 -12.53 16.42 27.10
N LEU E 174 -13.82 16.06 27.11
CA LEU E 174 -14.83 16.96 27.66
C LEU E 174 -14.45 17.39 29.06
N ALA E 175 -14.07 16.43 29.90
CA ALA E 175 -13.66 16.73 31.26
C ALA E 175 -12.55 17.79 31.27
N GLN E 176 -11.51 17.56 30.47
CA GLN E 176 -10.44 18.55 30.36
C GLN E 176 -11.01 19.89 29.95
N LEU E 177 -11.81 19.88 28.87
CA LEU E 177 -12.50 21.08 28.38
C LEU E 177 -13.44 21.70 29.43
N MET E 178 -14.04 20.87 30.29
CA MET E 178 -14.93 21.41 31.31
C MET E 178 -14.14 22.02 32.45
N GLU E 179 -13.03 21.39 32.86
CA GLU E 179 -12.24 21.95 33.94
C GLU E 179 -11.61 23.29 33.54
N SER E 180 -11.44 23.53 32.24
CA SER E 180 -10.81 24.75 31.77
C SER E 180 -11.77 25.94 31.79
N ILE E 181 -13.06 25.76 31.54
CA ILE E 181 -13.95 26.91 31.55
C ILE E 181 -14.26 27.29 32.99
N PRO E 182 -14.10 28.57 33.38
CA PRO E 182 -14.62 29.03 34.65
C PRO E 182 -16.14 28.95 34.69
N HIS E 183 -16.66 29.13 35.90
CA HIS E 183 -18.09 29.08 36.10
C HIS E 183 -18.36 29.70 37.47
N SER E 184 -19.35 30.57 37.58
CA SER E 184 -19.72 31.02 38.92
C SER E 184 -20.96 30.24 39.32
N PRO E 185 -20.99 29.73 40.57
CA PRO E 185 -19.97 29.73 41.62
C PRO E 185 -18.94 28.62 41.58
N GLY E 186 -18.52 28.19 40.40
CA GLY E 186 -17.58 27.08 40.20
C GLY E 186 -16.67 26.54 41.27
N PRO E 187 -15.36 26.86 41.22
CA PRO E 187 -14.55 27.69 40.32
C PRO E 187 -14.75 27.48 38.83
N THR E 188 -14.84 26.20 38.44
CA THR E 188 -14.89 25.82 37.05
C THR E 188 -16.24 25.16 36.77
N ARG E 189 -16.37 24.59 35.56
CA ARG E 189 -17.63 23.98 35.18
C ARG E 189 -17.75 22.55 35.68
N ILE E 190 -16.63 21.91 36.00
CA ILE E 190 -16.65 20.64 36.73
C ILE E 190 -17.62 20.73 37.89
N GLN E 191 -17.48 21.78 38.69
CA GLN E 191 -18.32 21.83 39.88
C GLN E 191 -19.77 22.13 39.53
N ALA E 192 -20.05 22.59 38.29
CA ALA E 192 -21.42 22.77 37.84
C ALA E 192 -22.14 21.44 37.70
N ILE E 193 -21.39 20.35 37.62
CA ILE E 193 -21.94 19.01 37.62
C ILE E 193 -22.34 18.67 39.05
N GLU E 194 -23.64 18.65 39.34
CA GLU E 194 -24.06 18.27 40.69
C GLU E 194 -24.16 16.76 40.87
N LEU E 195 -24.36 16.00 39.80
CA LEU E 195 -24.39 14.55 39.86
C LEU E 195 -24.14 14.04 38.47
N PHE E 196 -23.15 13.16 38.30
CA PHE E 196 -22.81 12.56 37.00
C PHE E 196 -23.44 11.18 36.98
N MET E 197 -24.55 11.01 36.28
CA MET E 197 -25.23 9.71 36.26
C MET E 197 -25.03 9.03 34.88
N LEU E 198 -24.16 8.02 34.85
CA LEU E 198 -23.77 7.35 33.61
C LEU E 198 -24.68 6.14 33.31
N LEU E 199 -25.28 6.16 32.14
CA LEU E 199 -26.10 5.07 31.65
C LEU E 199 -25.32 4.26 30.62
N ASP E 200 -25.39 2.94 30.72
CA ASP E 200 -24.52 2.12 29.88
C ASP E 200 -24.79 0.62 30.09
N LEU E 201 -24.89 -0.13 29.00
CA LEU E 201 -25.12 -1.57 29.03
C LEU E 201 -26.50 -1.84 29.57
N LEU E 202 -27.49 -1.40 28.81
CA LEU E 202 -28.86 -1.30 29.28
C LEU E 202 -29.77 -1.90 28.24
N GLY E 203 -30.85 -2.53 28.69
CA GLY E 203 -31.86 -3.03 27.77
C GLY E 203 -31.76 -4.51 27.51
N ALA E 204 -30.63 -5.12 27.84
CA ALA E 204 -30.50 -6.54 28.08
C ALA E 204 -31.77 -7.05 28.74
N PRO E 205 -32.07 -8.34 28.68
CA PRO E 205 -33.04 -8.85 29.64
C PRO E 205 -32.30 -9.19 30.94
N ASN E 206 -32.96 -8.87 32.06
CA ASN E 206 -32.63 -9.41 33.37
C ASN E 206 -31.42 -8.78 34.06
N PRO E 207 -31.26 -7.46 34.04
CA PRO E 207 -30.07 -6.84 34.69
C PRO E 207 -30.02 -6.96 36.20
N THR E 208 -28.81 -7.09 36.71
CA THR E 208 -28.52 -6.68 38.07
C THR E 208 -27.90 -5.27 38.05
N PHE E 209 -27.90 -4.59 39.21
CA PHE E 209 -27.51 -3.18 39.37
C PHE E 209 -27.09 -2.93 40.82
N TYR E 210 -25.85 -2.53 41.03
CA TYR E 210 -25.32 -2.28 42.36
C TYR E 210 -24.78 -0.85 42.45
N SER E 211 -24.66 -0.35 43.68
CA SER E 211 -24.08 0.98 43.84
C SER E 211 -22.56 0.83 43.88
N HIS E 212 -21.87 1.35 42.86
CA HIS E 212 -20.42 1.31 42.81
C HIS E 212 -19.78 2.59 43.35
N PHE E 213 -20.56 3.39 44.08
CA PHE E 213 -20.11 4.55 44.82
C PHE E 213 -20.99 4.72 46.01
N PRO E 214 -20.45 4.53 47.20
CA PRO E 214 -21.13 4.99 48.41
C PRO E 214 -21.56 6.43 48.22
N ARG E 215 -20.65 7.40 48.04
CA ARG E 215 -21.06 8.81 48.03
C ARG E 215 -22.46 9.01 47.46
N THR E 216 -22.70 8.49 46.26
CA THR E 216 -24.01 8.59 45.62
C THR E 216 -25.06 7.63 46.17
N VAL E 217 -24.70 6.71 47.07
CA VAL E 217 -25.58 5.58 47.40
C VAL E 217 -27.00 6.01 47.66
N ARG E 218 -27.20 7.18 48.28
CA ARG E 218 -28.54 7.66 48.60
C ARG E 218 -29.41 7.74 47.35
N TRP E 219 -28.80 7.92 46.19
CA TRP E 219 -29.51 8.04 44.93
C TRP E 219 -29.85 6.70 44.34
N PHE E 220 -28.88 5.80 44.40
CA PHE E 220 -29.13 4.44 43.98
C PHE E 220 -30.29 3.83 44.75
N HIS E 221 -30.66 4.42 45.89
CA HIS E 221 -31.81 3.95 46.66
C HIS E 221 -33.12 4.57 46.19
N ARG E 222 -33.16 5.84 45.77
CA ARG E 222 -34.43 6.35 45.25
C ARG E 222 -34.91 5.35 44.21
N LEU E 223 -34.05 5.12 43.21
CA LEU E 223 -34.06 3.98 42.32
C LEU E 223 -34.64 2.73 42.97
N ARG E 224 -33.91 2.08 43.87
CA ARG E 224 -34.38 0.79 44.37
C ARG E 224 -35.76 0.91 45.00
N SER E 225 -35.99 2.00 45.75
CA SER E 225 -37.30 2.27 46.34
C SER E 225 -38.33 2.65 45.29
N ILE E 226 -37.91 3.17 44.13
CA ILE E 226 -38.82 3.42 43.01
C ILE E 226 -39.16 2.15 42.22
N GLU E 227 -38.28 1.15 42.17
CA GLU E 227 -38.77 -0.15 41.70
C GLU E 227 -39.84 -0.60 42.67
N LYS E 228 -39.41 -1.02 43.83
CA LYS E 228 -40.32 -1.44 44.84
C LYS E 228 -41.65 -0.76 44.78
N ARG E 229 -41.69 0.48 44.34
CA ARG E 229 -42.95 1.20 44.31
C ARG E 229 -43.63 1.08 43.01
N LEU E 230 -42.89 1.32 41.96
CA LEU E 230 -43.47 1.24 40.62
C LEU E 230 -44.01 -0.17 40.40
N HIS E 231 -43.30 -1.16 40.93
CA HIS E 231 -43.70 -2.57 40.87
C HIS E 231 -45.07 -2.78 41.48
N ARG E 232 -45.22 -2.38 42.75
CA ARG E 232 -46.48 -2.39 43.49
C ARG E 232 -47.61 -1.82 42.65
N LEU E 233 -47.52 -0.53 42.31
CA LEU E 233 -48.58 0.19 41.62
C LEU E 233 -48.94 -0.38 40.26
N ASN E 234 -48.42 -1.57 39.94
CA ASN E 234 -48.68 -2.34 38.71
C ASN E 234 -48.28 -1.56 37.46
N LEU E 235 -46.97 -1.34 37.35
CA LEU E 235 -46.48 -0.49 36.28
C LEU E 235 -45.21 -1.01 35.65
N LEU E 236 -44.82 -2.26 35.90
CA LEU E 236 -43.65 -2.87 35.28
C LEU E 236 -44.04 -4.13 34.52
N GLN E 237 -43.97 -4.09 33.18
CA GLN E 237 -44.02 -5.32 32.41
C GLN E 237 -43.08 -6.36 33.00
N SER E 238 -43.51 -7.60 33.03
CA SER E 238 -42.63 -8.73 33.33
C SER E 238 -41.85 -8.57 34.63
N HIS E 239 -42.44 -7.89 35.64
CA HIS E 239 -41.77 -7.79 36.93
C HIS E 239 -42.42 -8.78 37.88
N PRO E 240 -41.74 -9.86 38.25
CA PRO E 240 -42.33 -10.84 39.17
C PRO E 240 -41.75 -10.81 40.58
N GLN E 241 -40.77 -9.96 40.82
CA GLN E 241 -40.23 -9.74 42.16
C GLN E 241 -40.27 -8.25 42.42
N GLU E 242 -40.31 -7.85 43.70
CA GLU E 242 -40.40 -6.42 43.96
C GLU E 242 -39.12 -5.71 43.57
N VAL E 243 -38.00 -6.17 44.08
CA VAL E 243 -36.71 -5.63 43.68
C VAL E 243 -36.04 -6.70 42.84
N MET E 244 -36.08 -6.53 41.52
CA MET E 244 -35.23 -7.35 40.66
C MET E 244 -34.02 -6.54 40.24
N TYR E 245 -34.20 -5.56 39.33
CA TYR E 245 -33.15 -4.64 38.92
C TYR E 245 -32.19 -4.20 40.03
N PHE E 246 -32.56 -3.19 40.80
CA PHE E 246 -31.61 -2.48 41.66
C PHE E 246 -31.34 -3.26 42.94
N GLN E 247 -30.18 -3.86 43.00
CA GLN E 247 -29.91 -4.79 44.08
C GLN E 247 -29.32 -4.05 45.27
N PRO E 248 -28.83 -4.75 46.30
CA PRO E 248 -28.01 -4.06 47.31
C PRO E 248 -26.56 -4.50 47.37
N GLY E 249 -25.63 -3.55 47.31
CA GLY E 249 -24.29 -3.89 47.73
C GLY E 249 -23.15 -3.00 47.30
N GLU E 250 -22.45 -3.48 46.25
CA GLU E 250 -21.14 -3.16 45.67
C GLU E 250 -20.49 -4.43 45.18
N PRO E 251 -20.57 -5.57 45.95
CA PRO E 251 -19.86 -6.84 45.62
C PRO E 251 -19.33 -7.23 44.20
N PHE E 252 -20.01 -6.96 43.08
CA PHE E 252 -19.44 -7.31 41.77
C PHE E 252 -18.18 -6.48 41.42
N GLY E 253 -18.28 -5.46 40.58
CA GLY E 253 -17.07 -4.74 40.24
C GLY E 253 -17.17 -3.27 39.88
N SER E 254 -16.15 -2.47 40.28
CA SER E 254 -16.01 -1.05 39.93
C SER E 254 -15.30 -0.95 38.57
N VAL E 255 -16.02 -0.49 37.54
CA VAL E 255 -15.57 -0.77 36.17
C VAL E 255 -15.26 0.53 35.43
N GLU E 256 -14.26 0.47 34.57
CA GLU E 256 -13.81 1.64 33.84
C GLU E 256 -14.83 2.06 32.82
N ASP E 257 -15.23 3.32 32.84
CA ASP E 257 -16.21 3.80 31.89
C ASP E 257 -15.98 5.31 31.76
N ASP E 258 -16.88 5.98 31.02
CA ASP E 258 -16.82 7.40 30.73
C ASP E 258 -16.94 8.34 31.92
N HIS E 259 -16.92 7.79 33.14
CA HIS E 259 -16.99 8.60 34.33
C HIS E 259 -15.64 8.76 34.98
N ILE E 260 -14.78 7.76 34.88
CA ILE E 260 -13.41 7.82 35.38
C ILE E 260 -12.81 9.22 35.21
N PRO E 261 -12.79 9.84 34.03
CA PRO E 261 -12.16 11.18 33.94
C PRO E 261 -12.82 12.25 34.79
N PHE E 262 -14.11 12.14 35.09
CA PHE E 262 -14.75 13.13 35.93
C PHE E 262 -14.55 12.83 37.40
N LEU E 263 -14.47 11.56 37.75
CA LEU E 263 -14.21 11.24 39.13
C LEU E 263 -12.81 11.64 39.55
N ARG E 264 -11.82 11.57 38.67
CA ARG E 264 -10.50 12.07 39.06
C ARG E 264 -10.61 13.52 39.46
N ARG E 265 -11.53 14.24 38.85
CA ARG E 265 -11.66 15.64 39.14
C ARG E 265 -12.62 15.95 40.28
N GLY E 266 -13.14 14.91 40.94
CA GLY E 266 -13.92 15.07 42.13
C GLY E 266 -15.39 14.89 41.94
N VAL E 267 -15.90 14.94 40.72
CA VAL E 267 -17.33 14.80 40.46
C VAL E 267 -17.93 13.55 41.08
N PRO E 268 -19.05 13.64 41.77
CA PRO E 268 -19.74 12.42 42.19
C PRO E 268 -20.26 11.63 40.97
N VAL E 269 -20.23 10.30 41.09
CA VAL E 269 -20.70 9.41 40.05
C VAL E 269 -21.80 8.52 40.60
N LEU E 270 -22.86 8.33 39.80
CA LEU E 270 -23.74 7.16 39.90
C LEU E 270 -23.62 6.39 38.60
N HIS E 271 -22.91 5.25 38.64
CA HIS E 271 -22.56 4.39 37.49
C HIS E 271 -23.70 3.41 37.32
N LEU E 272 -24.56 3.64 36.32
CA LEU E 272 -25.75 2.83 36.17
C LEU E 272 -25.52 1.78 35.08
N ILE E 273 -24.87 0.68 35.45
CA ILE E 273 -24.40 -0.30 34.48
C ILE E 273 -24.72 -1.73 34.96
N SER E 274 -25.33 -2.51 34.05
CA SER E 274 -25.60 -3.92 34.29
C SER E 274 -24.34 -4.69 34.69
N THR E 275 -24.47 -5.57 35.66
CA THR E 275 -23.31 -6.29 36.22
C THR E 275 -23.79 -7.65 36.70
N PRO E 276 -23.58 -8.72 35.90
CA PRO E 276 -22.59 -8.83 34.86
C PRO E 276 -23.08 -8.18 33.63
N PHE E 277 -22.22 -8.08 32.63
CA PHE E 277 -22.59 -7.37 31.43
C PHE E 277 -23.65 -8.18 30.70
N PRO E 278 -24.34 -7.60 29.72
CA PRO E 278 -25.26 -8.40 28.91
C PRO E 278 -24.62 -9.69 28.40
N ALA E 279 -25.44 -10.67 27.98
CA ALA E 279 -24.88 -11.89 27.39
C ALA E 279 -24.25 -11.60 26.02
N VAL E 280 -24.92 -10.82 25.21
CA VAL E 280 -24.53 -10.49 23.85
C VAL E 280 -23.34 -9.55 23.80
N TRP E 281 -22.69 -9.33 24.93
CA TRP E 281 -21.81 -8.17 25.07
C TRP E 281 -20.57 -8.29 24.21
N HIS E 282 -20.29 -7.24 23.43
CA HIS E 282 -19.14 -7.23 22.52
C HIS E 282 -19.18 -8.41 21.54
N THR E 283 -20.37 -8.71 21.02
CA THR E 283 -20.54 -9.76 20.05
C THR E 283 -21.43 -9.19 18.97
N PRO E 284 -21.40 -9.74 17.75
CA PRO E 284 -22.30 -9.25 16.70
C PRO E 284 -23.75 -9.27 17.13
N ALA E 285 -24.08 -9.98 18.21
CA ALA E 285 -25.45 -10.23 18.63
C ALA E 285 -26.08 -9.09 19.46
N ASP E 286 -25.31 -8.09 19.89
CA ASP E 286 -25.90 -6.96 20.60
C ASP E 286 -26.67 -6.08 19.62
N THR E 287 -27.81 -6.61 19.17
CA THR E 287 -28.62 -5.92 18.17
C THR E 287 -30.06 -5.91 18.63
N GLU E 288 -30.81 -4.94 18.07
CA GLU E 288 -32.20 -4.70 18.40
C GLU E 288 -32.93 -5.95 18.87
N VAL E 289 -32.73 -7.09 18.22
CA VAL E 289 -33.73 -8.11 18.43
C VAL E 289 -33.39 -8.97 19.63
N ASN E 290 -32.35 -8.62 20.38
CA ASN E 290 -32.10 -9.37 21.60
C ASN E 290 -32.25 -8.51 22.84
N LEU E 291 -32.38 -7.20 22.66
CA LEU E 291 -33.09 -6.33 23.54
C LEU E 291 -34.39 -6.97 24.03
N HIS E 292 -34.75 -6.67 25.29
CA HIS E 292 -36.03 -7.02 25.91
C HIS E 292 -36.90 -5.79 26.08
N PRO E 293 -37.71 -5.42 25.10
CA PRO E 293 -38.38 -4.11 25.12
C PRO E 293 -39.27 -3.89 26.34
N PRO E 294 -39.66 -4.93 27.12
CA PRO E 294 -40.24 -4.65 28.44
C PRO E 294 -39.29 -3.88 29.35
N THR E 295 -38.11 -4.48 29.53
CA THR E 295 -37.06 -3.93 30.38
C THR E 295 -36.73 -2.50 29.96
N VAL E 296 -36.60 -2.28 28.65
CA VAL E 296 -36.46 -0.92 28.13
C VAL E 296 -37.51 -0.01 28.72
N HIS E 297 -38.77 -0.43 28.70
CA HIS E 297 -39.79 0.55 28.99
C HIS E 297 -39.95 0.76 30.48
N ASN E 298 -39.79 -0.29 31.28
CA ASN E 298 -39.54 -0.14 32.70
C ASN E 298 -38.44 0.87 33.02
N LEU E 299 -37.17 0.49 32.95
CA LEU E 299 -36.04 1.41 33.14
C LEU E 299 -36.27 2.81 32.58
N CYS E 300 -37.12 2.95 31.57
CA CYS E 300 -37.48 4.29 31.13
C CYS E 300 -38.44 4.94 32.10
N ARG E 301 -39.49 4.21 32.52
CA ARG E 301 -40.36 4.55 33.65
C ARG E 301 -39.50 5.00 34.82
N ILE E 302 -38.95 4.04 35.57
CA ILE E 302 -38.10 4.32 36.73
C ILE E 302 -37.39 5.68 36.64
N LEU E 303 -36.53 5.85 35.62
CA LEU E 303 -35.76 7.10 35.53
C LEU E 303 -36.63 8.32 35.29
N ALA E 304 -37.73 8.18 34.55
CA ALA E 304 -38.61 9.33 34.36
C ALA E 304 -39.21 9.82 35.68
N VAL E 305 -39.34 8.93 36.68
CA VAL E 305 -39.75 9.35 38.01
C VAL E 305 -38.59 10.16 38.59
N PHE E 306 -37.54 9.46 39.04
CA PHE E 306 -36.26 10.03 39.41
C PHE E 306 -36.00 11.45 38.91
N LEU E 307 -36.02 11.67 37.59
CA LEU E 307 -35.90 13.03 37.06
C LEU E 307 -36.94 13.95 37.65
N ALA E 308 -38.21 13.57 37.53
CA ALA E 308 -39.26 14.35 38.19
C ALA E 308 -38.89 14.59 39.65
N GLU E 309 -38.52 13.53 40.38
CA GLU E 309 -38.23 13.69 41.80
C GLU E 309 -37.01 14.59 42.01
N TYR E 310 -35.86 14.24 41.43
CA TYR E 310 -34.63 15.04 41.58
C TYR E 310 -34.88 16.51 41.28
N LEU E 311 -35.22 16.84 40.06
CA LEU E 311 -35.43 18.23 39.67
C LEU E 311 -36.76 18.82 40.12
N GLY E 312 -37.63 18.07 40.80
CA GLY E 312 -38.89 18.58 41.32
C GLY E 312 -39.81 19.21 40.28
N LEU E 313 -40.56 18.40 39.55
CA LEU E 313 -41.25 18.91 38.36
C LEU E 313 -42.78 18.95 38.35
N VAL F 1 25.46 56.21 33.83
CA VAL F 1 25.91 56.87 32.60
C VAL F 1 27.30 57.50 33.02
N PRO F 2 27.37 58.72 33.61
CA PRO F 2 28.58 59.03 34.38
C PRO F 2 28.23 59.40 35.82
N LEU F 3 29.19 59.22 36.74
CA LEU F 3 29.00 59.72 38.09
C LEU F 3 30.18 60.60 38.54
N ILE F 4 31.11 60.10 39.34
CA ILE F 4 32.09 60.95 40.06
C ILE F 4 33.50 60.63 39.54
N GLY F 5 33.97 61.44 38.59
CA GLY F 5 35.25 61.26 37.96
C GLY F 5 35.06 61.05 36.47
N SER F 6 33.87 61.34 36.00
CA SER F 6 33.48 60.84 34.70
C SER F 6 33.82 61.80 33.57
N LEU F 7 33.85 61.26 32.38
CA LEU F 7 34.20 62.06 31.23
C LEU F 7 33.04 62.97 30.86
N PRO F 8 33.25 64.26 30.80
CA PRO F 8 32.56 65.10 29.81
C PRO F 8 32.19 64.28 28.60
N GLU F 9 31.00 64.49 28.05
CA GLU F 9 30.56 63.63 26.96
C GLU F 9 31.48 63.76 25.74
N ALA F 10 31.17 64.67 24.79
CA ALA F 10 31.84 64.69 23.49
C ALA F 10 33.36 64.50 23.53
N ARG F 11 33.98 64.64 24.72
CA ARG F 11 35.37 64.20 24.92
C ARG F 11 35.47 62.67 24.94
N LEU F 12 34.60 62.02 25.70
CA LEU F 12 34.48 60.58 25.57
C LEU F 12 34.23 60.22 24.12
N ARG F 13 33.23 60.86 23.50
CA ARG F 13 33.03 60.70 22.07
C ARG F 13 34.29 60.98 21.25
N ARG F 14 35.27 61.68 21.83
CA ARG F 14 36.59 61.74 21.20
C ARG F 14 37.32 60.41 21.38
N VAL F 15 37.75 60.10 22.61
CA VAL F 15 38.51 58.88 22.95
C VAL F 15 38.11 57.68 22.09
N VAL F 16 36.89 57.18 22.33
CA VAL F 16 36.28 56.09 21.58
C VAL F 16 36.46 56.26 20.07
N GLY F 17 36.44 57.51 19.59
CA GLY F 17 36.72 57.74 18.18
C GLY F 17 38.11 57.26 17.77
N GLN F 18 39.12 57.57 18.58
CA GLN F 18 40.47 57.14 18.26
C GLN F 18 40.68 55.66 18.50
N LEU F 19 39.61 54.88 18.57
CA LEU F 19 39.77 53.44 18.49
C LEU F 19 39.81 53.08 17.02
N ASP F 20 40.76 52.23 16.65
CA ASP F 20 40.75 51.81 15.26
C ASP F 20 40.29 50.36 15.21
N PRO F 21 39.03 50.12 14.87
CA PRO F 21 38.56 48.75 14.69
C PRO F 21 39.55 47.91 13.92
N GLN F 22 39.75 48.16 12.62
CA GLN F 22 40.54 47.22 11.83
C GLN F 22 41.98 47.15 12.32
N ARG F 23 42.56 48.25 12.81
CA ARG F 23 43.90 48.15 13.41
C ARG F 23 43.92 47.11 14.54
N LEU F 24 42.95 47.19 15.47
CA LEU F 24 42.81 46.13 16.49
C LEU F 24 42.81 44.75 15.86
N TRP F 25 41.92 44.52 14.91
CA TRP F 25 41.79 43.21 14.31
C TRP F 25 43.05 42.75 13.59
N SER F 26 43.35 43.36 12.44
CA SER F 26 44.43 42.88 11.58
C SER F 26 45.81 43.23 12.14
N THR F 27 46.01 44.46 12.65
CA THR F 27 47.32 44.85 13.18
C THR F 27 47.67 44.10 14.47
N TYR F 28 46.81 44.15 15.48
CA TYR F 28 47.23 43.55 16.73
C TYR F 28 46.73 42.11 16.92
N LEU F 29 45.45 41.80 16.66
CA LEU F 29 44.94 40.46 16.98
C LEU F 29 45.53 39.40 16.05
N ARG F 30 45.23 39.50 14.75
CA ARG F 30 45.58 38.47 13.77
C ARG F 30 46.99 37.94 14.03
N PRO F 31 48.01 38.79 14.05
CA PRO F 31 49.38 38.30 14.14
C PRO F 31 49.63 37.41 15.33
N LEU F 32 48.88 37.60 16.42
CA LEU F 32 49.09 36.74 17.57
C LEU F 32 48.52 35.37 17.36
N LEU F 33 47.62 35.20 16.41
CA LEU F 33 46.83 33.99 16.33
C LEU F 33 47.60 32.76 15.88
N VAL F 34 48.71 32.42 16.54
CA VAL F 34 49.55 31.31 16.10
C VAL F 34 49.81 30.42 17.30
N VAL F 35 50.30 29.21 17.04
CA VAL F 35 50.81 28.40 18.15
C VAL F 35 51.98 29.13 18.79
N ARG F 36 51.82 29.45 20.08
CA ARG F 36 52.83 30.14 20.86
C ARG F 36 53.02 29.44 22.20
N THR F 37 53.39 28.18 22.19
CA THR F 37 53.54 27.68 23.54
C THR F 37 54.94 27.97 24.03
N PRO F 38 55.16 28.05 25.36
CA PRO F 38 56.42 28.58 25.88
C PRO F 38 57.60 27.75 25.41
N GLY F 39 58.62 28.43 24.89
CA GLY F 39 59.75 27.78 24.26
C GLY F 39 59.70 27.96 22.76
N SER F 40 58.53 27.71 22.15
CA SER F 40 58.41 27.54 20.71
C SER F 40 58.92 28.76 19.93
N PRO F 41 59.25 28.57 18.65
CA PRO F 41 59.47 29.71 17.75
C PRO F 41 58.34 30.69 17.76
N GLY F 42 57.12 30.21 18.00
CA GLY F 42 55.93 31.03 17.93
C GLY F 42 55.83 31.99 19.10
N ASN F 43 55.66 31.40 20.29
CA ASN F 43 55.84 32.09 21.57
C ASN F 43 56.86 33.21 21.47
N LEU F 44 58.11 32.84 21.23
CA LEU F 44 59.14 33.79 20.83
C LEU F 44 58.64 34.90 19.90
N GLN F 45 58.30 34.57 18.64
CA GLN F 45 58.00 35.61 17.65
C GLN F 45 56.97 36.59 18.16
N VAL F 46 56.15 36.17 19.13
CA VAL F 46 55.08 37.01 19.68
C VAL F 46 55.63 38.04 20.67
N ARG F 47 56.23 37.54 21.76
CA ARG F 47 57.07 38.28 22.69
C ARG F 47 57.72 39.47 21.98
N LYS F 48 58.56 39.20 20.98
CA LYS F 48 59.21 40.27 20.25
C LYS F 48 58.19 41.23 19.64
N PHE F 49 57.24 40.68 18.88
CA PHE F 49 56.17 41.52 18.32
C PHE F 49 55.55 42.43 19.34
N LEU F 50 55.37 41.93 20.57
CA LEU F 50 54.82 42.77 21.62
C LEU F 50 55.79 43.89 21.96
N GLU F 51 57.01 43.53 22.33
CA GLU F 51 58.07 44.50 22.56
C GLU F 51 58.14 45.53 21.44
N ALA F 52 58.25 45.03 20.21
CA ALA F 52 58.37 45.92 19.06
C ALA F 52 57.28 46.99 19.06
N THR F 53 56.12 46.70 19.62
CA THR F 53 55.00 47.62 19.53
C THR F 53 54.91 48.55 20.72
N LEU F 54 55.20 48.05 21.92
CA LEU F 54 55.28 48.93 23.08
C LEU F 54 56.27 50.05 22.85
N ARG F 55 57.31 49.80 22.05
CA ARG F 55 58.34 50.79 21.81
C ARG F 55 58.03 51.71 20.65
N SER F 56 56.93 51.51 19.95
CA SER F 56 56.55 52.39 18.86
C SER F 56 55.72 53.56 19.30
N LEU F 57 55.26 53.53 20.56
CA LEU F 57 54.26 54.47 21.05
C LEU F 57 55.05 55.67 21.53
N THR F 58 55.18 56.64 20.61
CA THR F 58 55.66 58.00 20.83
C THR F 58 55.75 58.40 22.31
N ALA F 59 54.68 58.17 23.05
CA ALA F 59 54.72 58.35 24.49
C ALA F 59 55.94 57.70 25.15
N GLY F 60 56.76 57.00 24.41
CA GLY F 60 58.00 56.50 24.96
C GLY F 60 57.81 55.63 26.19
N TRP F 61 57.26 54.44 25.99
CA TRP F 61 57.14 53.49 27.08
C TRP F 61 58.51 52.96 27.50
N HIS F 62 58.51 52.34 28.67
CA HIS F 62 59.71 51.71 29.20
C HIS F 62 59.43 50.23 29.18
N VAL F 63 59.93 49.55 28.15
CA VAL F 63 59.58 48.17 27.85
C VAL F 63 60.73 47.27 28.30
N GLU F 64 60.42 46.18 28.99
CA GLU F 64 61.50 45.34 29.48
C GLU F 64 61.00 43.91 29.64
N LEU F 65 61.94 42.96 29.62
CA LEU F 65 61.65 41.52 29.65
C LEU F 65 62.12 40.94 30.98
N ASP F 66 61.29 40.11 31.58
CA ASP F 66 61.75 39.38 32.74
C ASP F 66 61.97 37.92 32.33
N PRO F 67 63.05 37.57 31.63
CA PRO F 67 63.22 36.17 31.23
C PRO F 67 63.82 35.34 32.35
N PHE F 68 63.41 34.09 32.39
CA PHE F 68 63.93 33.22 33.41
C PHE F 68 63.91 31.80 32.86
N THR F 69 64.02 30.84 33.76
CA THR F 69 63.99 29.45 33.41
C THR F 69 63.40 28.69 34.58
N ALA F 70 62.75 27.58 34.30
CA ALA F 70 62.15 26.85 35.40
C ALA F 70 61.97 25.38 35.07
N SER F 71 62.03 24.58 36.12
CA SER F 71 61.58 23.20 36.06
C SER F 71 60.12 23.15 35.66
N THR F 72 59.83 22.36 34.63
CA THR F 72 58.50 22.05 34.14
C THR F 72 58.53 20.60 33.73
N PRO F 73 57.41 19.89 33.86
CA PRO F 73 57.41 18.49 33.36
C PRO F 73 57.69 18.34 31.85
N LEU F 74 57.76 19.41 31.05
CA LEU F 74 58.44 19.27 29.77
C LEU F 74 59.91 19.58 29.89
N GLY F 75 60.45 19.45 31.09
CA GLY F 75 61.84 19.70 31.38
C GLY F 75 62.10 21.15 31.72
N PRO F 76 63.28 21.58 31.42
CA PRO F 76 63.58 23.01 31.49
C PRO F 76 63.14 23.71 30.24
N VAL F 77 62.45 24.82 30.46
CA VAL F 77 61.79 25.63 29.45
C VAL F 77 62.15 27.06 29.82
N ASP F 78 62.18 27.94 28.82
CA ASP F 78 62.57 29.32 29.06
C ASP F 78 61.37 30.22 28.88
N PHE F 79 60.94 30.84 29.97
CA PHE F 79 59.78 31.71 29.91
C PHE F 79 60.28 33.14 29.86
N GLY F 80 59.36 34.08 29.69
CA GLY F 80 59.79 35.44 29.47
C GLY F 80 58.65 36.42 29.44
N ASN F 81 58.44 37.08 30.56
CA ASN F 81 57.37 38.08 30.61
C ASN F 81 57.76 39.31 29.81
N VAL F 82 56.74 40.01 29.32
CA VAL F 82 56.90 41.33 28.68
C VAL F 82 56.19 42.34 29.57
N VAL F 83 56.98 43.18 30.24
CA VAL F 83 56.53 44.08 31.31
C VAL F 83 56.73 45.52 30.84
N ALA F 84 55.68 46.21 30.47
CA ALA F 84 55.83 47.58 30.00
C ALA F 84 55.24 48.55 31.03
N THR F 85 56.05 49.55 31.42
CA THR F 85 55.60 50.70 32.19
C THR F 85 55.71 51.93 31.32
N LEU F 86 54.75 52.82 31.49
CA LEU F 86 54.82 54.09 30.81
C LEU F 86 55.88 54.92 31.51
N ASP F 87 55.49 55.58 32.60
CA ASP F 87 56.38 56.44 33.37
C ASP F 87 56.86 55.64 34.59
N PRO F 88 58.12 55.19 34.62
CA PRO F 88 58.51 54.15 35.60
C PRO F 88 59.03 54.70 36.90
N ARG F 89 59.48 55.95 36.81
CA ARG F 89 59.94 56.71 37.96
C ARG F 89 58.77 57.13 38.83
N ALA F 90 57.56 57.20 38.25
CA ALA F 90 56.35 57.60 38.94
C ALA F 90 56.02 56.67 40.12
N ALA F 91 55.24 57.21 41.06
CA ALA F 91 55.17 56.65 42.39
C ALA F 91 54.46 55.30 42.40
N ARG F 92 53.28 55.22 41.75
CA ARG F 92 52.46 54.01 41.66
C ARG F 92 51.61 54.07 40.39
N HIS F 93 51.07 52.93 40.02
CA HIS F 93 50.45 52.75 38.71
C HIS F 93 49.26 51.78 38.76
N LEU F 94 48.39 51.92 37.76
CA LEU F 94 47.36 50.92 37.41
C LEU F 94 47.96 49.89 36.46
N THR F 95 47.90 48.61 36.85
CA THR F 95 48.46 47.51 36.09
C THR F 95 47.37 46.65 35.47
N LEU F 96 47.43 46.50 34.15
CA LEU F 96 46.60 45.58 33.39
C LEU F 96 47.43 44.38 32.96
N ALA F 97 46.95 43.16 33.25
CA ALA F 97 47.69 41.94 32.96
C ALA F 97 46.89 41.00 32.07
N CYS F 98 47.59 40.17 31.31
CA CYS F 98 47.04 39.01 30.60
C CYS F 98 48.16 37.97 30.45
N HIS F 99 47.94 36.97 29.62
CA HIS F 99 49.02 36.04 29.32
C HIS F 99 49.09 35.83 27.82
N TYR F 100 50.27 36.05 27.27
CA TYR F 100 50.44 35.92 25.82
C TYR F 100 50.78 34.50 25.37
N ASP F 101 51.27 33.62 26.24
CA ASP F 101 51.48 32.25 25.82
C ASP F 101 50.17 31.62 25.38
N SER F 102 50.25 30.62 24.49
CA SER F 102 49.11 29.74 24.27
C SER F 102 49.43 28.39 24.87
N LYS F 103 48.39 27.58 25.05
CA LYS F 103 48.56 26.29 25.67
C LYS F 103 49.08 25.25 24.68
N LEU F 104 49.54 24.15 25.24
CA LEU F 104 50.27 23.12 24.52
C LEU F 104 49.38 21.88 24.45
N PHE F 105 48.79 21.65 23.29
CA PHE F 105 48.05 20.42 23.07
C PHE F 105 49.02 19.34 22.66
N PRO F 106 48.62 18.08 22.71
CA PRO F 106 49.52 17.01 22.26
C PRO F 106 49.76 17.16 20.76
N PRO F 107 50.79 16.53 20.20
CA PRO F 107 51.15 16.84 18.82
C PRO F 107 50.18 16.23 17.85
N GLY F 108 50.07 16.88 16.69
CA GLY F 108 49.17 16.42 15.66
C GLY F 108 47.71 16.69 15.90
N SER F 109 47.33 16.96 17.14
CA SER F 109 46.11 17.72 17.41
C SER F 109 46.04 18.93 16.47
N THR F 110 44.86 19.52 16.33
CA THR F 110 44.77 20.75 15.56
C THR F 110 45.39 21.90 16.34
N PRO F 111 46.17 22.77 15.69
CA PRO F 111 46.83 23.84 16.44
C PRO F 111 45.84 24.66 17.25
N PHE F 112 45.91 24.48 18.56
CA PHE F 112 45.20 25.33 19.50
C PHE F 112 45.89 26.69 19.61
N VAL F 113 45.16 27.78 19.34
CA VAL F 113 45.84 29.08 19.37
C VAL F 113 45.22 30.09 20.33
N GLY F 114 44.59 29.61 21.39
CA GLY F 114 43.89 30.44 22.35
C GLY F 114 43.40 31.78 21.84
N ALA F 115 42.33 31.80 21.03
CA ALA F 115 41.79 33.07 20.57
C ALA F 115 41.42 33.94 21.75
N THR F 116 40.61 33.40 22.66
CA THR F 116 40.15 34.13 23.84
C THR F 116 41.03 33.91 25.05
N ASP F 117 42.08 33.13 24.90
CA ASP F 117 42.87 32.64 26.01
C ASP F 117 44.26 32.57 25.44
N SER F 118 44.92 33.72 25.24
CA SER F 118 44.44 35.01 25.69
C SER F 118 44.85 36.05 24.66
N ALA F 119 44.80 35.69 23.38
CA ALA F 119 45.21 36.62 22.35
C ALA F 119 44.38 37.89 22.39
N VAL F 120 43.08 37.77 22.67
CA VAL F 120 42.24 38.96 22.58
C VAL F 120 42.69 39.91 23.70
N PRO F 121 42.67 39.50 25.01
CA PRO F 121 43.32 40.32 26.04
C PRO F 121 44.61 40.99 25.59
N CYS F 122 45.55 40.21 25.04
CA CYS F 122 46.83 40.77 24.59
C CYS F 122 46.61 41.82 23.53
N ALA F 123 45.75 41.53 22.56
CA ALA F 123 45.50 42.43 21.46
C ALA F 123 44.73 43.66 21.87
N LEU F 124 44.17 43.67 23.09
CA LEU F 124 43.39 44.77 23.64
C LEU F 124 44.27 45.81 24.32
N LEU F 125 45.22 45.35 25.11
CA LEU F 125 46.20 46.25 25.71
C LEU F 125 47.06 46.91 24.65
N LEU F 126 47.11 46.37 23.45
CA LEU F 126 47.77 47.19 22.45
C LEU F 126 46.82 48.22 21.84
N GLU F 127 45.56 47.88 21.56
CA GLU F 127 44.74 48.90 20.91
C GLU F 127 44.35 50.00 21.87
N LEU F 128 44.44 49.74 23.17
CA LEU F 128 44.21 50.81 24.12
C LEU F 128 45.41 51.74 24.17
N ALA F 129 46.60 51.19 24.43
CA ALA F 129 47.77 52.04 24.54
C ALA F 129 48.11 52.74 23.24
N GLN F 130 47.60 52.29 22.09
CA GLN F 130 47.79 53.11 20.91
C GLN F 130 46.75 54.22 20.83
N ALA F 131 45.46 53.86 20.90
CA ALA F 131 44.38 54.86 20.83
C ALA F 131 44.66 56.07 21.74
N LEU F 132 45.02 55.80 22.98
CA LEU F 132 45.29 56.84 23.96
C LEU F 132 46.74 57.25 23.94
N ASP F 133 47.46 56.91 22.87
CA ASP F 133 48.87 57.24 22.78
C ASP F 133 49.14 58.68 23.20
N LEU F 134 48.27 59.59 22.80
CA LEU F 134 48.61 60.98 22.93
C LEU F 134 48.25 61.47 24.32
N GLU F 135 47.07 61.08 24.83
CA GLU F 135 46.67 61.37 26.20
C GLU F 135 47.62 60.73 27.21
N LEU F 136 48.16 59.57 26.86
CA LEU F 136 49.14 58.93 27.73
C LEU F 136 50.46 59.65 27.69
N SER F 137 50.67 60.48 26.67
CA SER F 137 51.92 61.20 26.46
C SER F 137 51.98 62.51 27.22
N ARG F 138 50.86 63.25 27.33
CA ARG F 138 50.82 64.42 28.21
C ARG F 138 50.97 63.97 29.66
N ALA F 139 50.00 63.19 30.12
CA ALA F 139 50.00 62.45 31.37
C ALA F 139 51.42 62.16 31.83
N LYS F 140 52.17 61.44 31.00
CA LYS F 140 53.53 61.11 31.35
C LYS F 140 54.34 62.38 31.56
N LYS F 141 54.29 63.28 30.58
CA LYS F 141 55.04 64.52 30.65
C LYS F 141 54.73 65.22 31.97
N GLN F 142 53.54 65.81 32.07
CA GLN F 142 53.09 66.41 33.32
C GLN F 142 53.22 65.42 34.47
N ALA F 143 54.47 65.11 34.88
CA ALA F 143 54.85 63.88 35.59
C ALA F 143 53.81 63.37 36.56
N ALA F 144 52.76 62.74 36.03
CA ALA F 144 51.58 62.40 36.80
C ALA F 144 51.92 61.45 37.96
N PRO F 145 51.16 61.50 39.05
CA PRO F 145 51.50 60.69 40.23
C PRO F 145 51.17 59.21 40.08
N VAL F 146 50.41 58.84 39.05
CA VAL F 146 49.86 57.49 38.90
C VAL F 146 49.91 57.10 37.43
N THR F 147 50.76 56.13 37.08
CA THR F 147 50.97 55.76 35.69
C THR F 147 50.31 54.40 35.43
N LEU F 148 50.82 53.67 34.42
CA LEU F 148 50.10 52.59 33.77
C LEU F 148 51.07 51.50 33.37
N GLN F 149 50.78 50.26 33.75
CA GLN F 149 51.69 49.16 33.46
C GLN F 149 50.95 48.03 32.76
N LEU F 150 51.43 47.65 31.59
CA LEU F 150 50.94 46.48 30.87
C LEU F 150 51.79 45.27 31.23
N LEU F 151 51.13 44.18 31.62
CA LEU F 151 51.82 42.91 31.84
C LEU F 151 51.27 41.89 30.86
N PHE F 152 52.16 41.32 30.05
CA PHE F 152 51.91 40.14 29.23
C PHE F 152 52.77 39.04 29.83
N LEU F 153 52.14 38.11 30.54
CA LEU F 153 52.87 37.08 31.27
C LEU F 153 53.02 35.79 30.45
N ASP F 154 54.19 35.18 30.56
CA ASP F 154 54.41 33.90 29.88
C ASP F 154 54.09 32.77 30.84
N GLY F 155 53.85 31.59 30.27
CA GLY F 155 53.69 30.37 31.06
C GLY F 155 52.44 30.27 31.92
N GLU F 156 51.34 30.93 31.53
CA GLU F 156 50.09 30.84 32.28
C GLU F 156 49.65 29.39 32.40
N GLU F 157 49.31 28.80 31.24
CA GLU F 157 48.76 27.45 31.20
C GLU F 157 49.84 26.42 31.53
N ALA F 158 49.40 25.29 32.08
CA ALA F 158 50.24 24.14 32.37
C ALA F 158 50.74 23.51 31.08
N LEU F 159 51.81 22.74 31.20
CA LEU F 159 52.24 21.89 30.11
C LEU F 159 51.88 20.42 30.34
N LYS F 160 51.45 20.07 31.56
CA LYS F 160 50.94 18.73 31.84
C LYS F 160 50.00 18.88 33.04
N GLU F 161 48.70 19.05 32.76
CA GLU F 161 47.63 19.20 33.75
C GLU F 161 48.01 20.03 35.00
N TRP F 162 47.36 21.18 35.14
CA TRP F 162 47.32 22.04 36.32
C TRP F 162 47.86 21.47 37.64
N GLY F 163 48.44 22.32 38.45
CA GLY F 163 48.97 21.93 39.73
C GLY F 163 50.00 22.90 40.23
N PRO F 164 49.60 23.77 41.14
CA PRO F 164 50.40 24.92 41.60
C PRO F 164 51.88 25.02 41.22
N LYS F 165 52.55 23.89 41.01
CA LYS F 165 53.92 23.81 40.49
C LYS F 165 53.99 23.79 38.96
N ASP F 166 52.89 23.37 38.31
CA ASP F 166 52.74 23.40 36.87
C ASP F 166 51.58 24.36 36.55
N SER F 167 51.87 25.65 36.69
CA SER F 167 50.96 26.74 36.33
C SER F 167 51.63 28.09 36.58
N LEU F 168 51.26 29.09 35.79
CA LEU F 168 51.48 30.52 36.05
C LEU F 168 52.94 30.92 36.02
N TYR F 169 53.87 29.97 35.84
CA TYR F 169 55.31 30.16 35.64
C TYR F 169 55.75 31.62 35.57
N GLY F 170 55.20 32.39 34.63
CA GLY F 170 55.53 33.79 34.50
C GLY F 170 54.97 34.68 35.59
N SER F 171 53.64 34.69 35.76
CA SER F 171 53.04 35.50 36.81
C SER F 171 53.57 35.10 38.18
N ARG F 172 53.92 33.83 38.36
CA ARG F 172 54.48 33.46 39.65
C ARG F 172 55.86 34.06 39.84
N HIS F 173 56.64 34.19 38.77
CA HIS F 173 58.00 34.70 38.81
C HIS F 173 58.00 36.21 38.78
N LEU F 174 57.12 36.82 38.00
CA LEU F 174 57.02 38.28 38.04
C LEU F 174 56.59 38.75 39.41
N ALA F 175 55.62 38.06 40.01
CA ALA F 175 55.20 38.46 41.35
C ALA F 175 56.36 38.34 42.33
N GLN F 176 56.96 37.16 42.42
CA GLN F 176 58.21 36.94 43.12
C GLN F 176 59.15 38.13 43.02
N LEU F 177 59.66 38.39 41.81
CA LEU F 177 60.52 39.54 41.51
C LEU F 177 60.02 40.79 42.20
N MET F 178 59.14 41.52 41.52
CA MET F 178 58.44 42.72 42.01
C MET F 178 58.54 42.99 43.51
N GLU F 179 58.60 41.91 44.29
CA GLU F 179 58.76 41.98 45.74
C GLU F 179 60.20 42.18 46.16
N SER F 180 61.17 41.58 45.43
CA SER F 180 62.57 41.66 45.82
C SER F 180 63.11 43.09 45.66
N ILE F 181 62.75 43.71 44.54
CA ILE F 181 63.10 45.07 44.12
C ILE F 181 62.40 46.12 44.97
N PRO F 182 63.08 46.92 45.79
CA PRO F 182 62.39 47.96 46.57
C PRO F 182 62.07 49.18 45.71
N HIS F 183 61.19 50.05 46.24
CA HIS F 183 60.63 51.17 45.48
C HIS F 183 60.22 52.32 46.43
N SER F 184 60.20 53.55 45.89
CA SER F 184 59.85 54.79 46.64
C SER F 184 58.49 55.44 46.27
N PRO F 185 57.59 55.66 47.26
CA PRO F 185 57.57 55.45 48.71
C PRO F 185 57.79 54.02 49.20
N GLY F 186 57.05 53.06 48.65
CA GLY F 186 57.38 51.67 48.90
C GLY F 186 56.46 50.83 49.77
N PRO F 187 57.00 49.74 50.33
CA PRO F 187 58.40 49.31 50.29
C PRO F 187 58.94 48.70 48.95
N THR F 188 58.20 47.73 48.39
CA THR F 188 58.58 47.02 47.18
C THR F 188 57.68 47.47 46.02
N ARG F 189 57.76 46.76 44.89
CA ARG F 189 56.96 47.10 43.71
C ARG F 189 55.60 46.45 43.74
N ILE F 190 55.48 45.33 44.45
CA ILE F 190 54.21 44.87 44.99
C ILE F 190 53.35 46.09 45.24
N GLN F 191 53.87 46.98 46.08
CA GLN F 191 53.13 48.10 46.61
C GLN F 191 53.18 49.28 45.69
N ALA F 192 53.58 49.05 44.43
CA ALA F 192 53.55 50.06 43.39
C ALA F 192 52.33 49.91 42.52
N ILE F 193 51.68 48.77 42.62
CA ILE F 193 50.48 48.48 41.86
C ILE F 193 49.29 48.88 42.72
N GLU F 194 48.58 49.93 42.28
CA GLU F 194 47.29 50.38 42.78
C GLU F 194 46.21 49.32 42.51
N LEU F 195 45.89 49.13 41.24
CA LEU F 195 45.02 48.04 40.83
C LEU F 195 45.79 47.04 39.99
N PHE F 196 45.47 45.76 40.19
CA PHE F 196 45.89 44.67 39.31
C PHE F 196 44.66 44.17 38.57
N MET F 197 44.34 44.79 37.44
CA MET F 197 43.17 44.40 36.68
C MET F 197 43.56 43.42 35.57
N LEU F 198 42.99 42.22 35.60
CA LEU F 198 43.42 41.10 34.78
C LEU F 198 42.38 40.82 33.70
N LEU F 199 42.85 40.64 32.47
CA LEU F 199 41.99 40.35 31.32
C LEU F 199 42.20 38.91 30.84
N ASP F 200 41.11 38.17 30.76
CA ASP F 200 41.17 36.74 30.45
C ASP F 200 39.82 36.27 29.92
N LEU F 201 39.87 35.37 28.94
CA LEU F 201 38.68 34.73 28.39
C LEU F 201 37.74 35.75 27.74
N LEU F 202 38.32 36.69 27.00
CA LEU F 202 37.54 37.75 26.39
C LEU F 202 37.43 37.52 24.90
N GLY F 203 36.25 37.78 24.35
CA GLY F 203 36.05 37.78 22.91
C GLY F 203 34.99 36.81 22.45
N ALA F 204 34.65 35.79 23.26
CA ALA F 204 33.52 34.93 22.99
C ALA F 204 32.25 35.77 22.94
N PRO F 205 31.17 35.24 22.40
CA PRO F 205 29.92 36.00 22.41
C PRO F 205 29.22 35.90 23.74
N ASN F 206 28.42 36.91 24.03
CA ASN F 206 27.63 37.02 25.24
C ASN F 206 28.39 36.63 26.52
N PRO F 207 29.53 37.25 26.81
CA PRO F 207 30.17 37.04 28.11
C PRO F 207 29.23 37.50 29.21
N THR F 208 29.35 36.88 30.36
CA THR F 208 28.96 37.54 31.61
C THR F 208 30.18 37.68 32.51
N PHE F 209 30.35 38.89 33.06
CA PHE F 209 31.37 39.19 34.06
C PHE F 209 30.70 39.55 35.39
N TYR F 210 31.23 38.98 36.47
CA TYR F 210 30.80 39.27 37.83
C TYR F 210 31.94 39.92 38.61
N SER F 211 31.65 40.54 39.75
CA SER F 211 32.75 41.03 40.56
C SER F 211 33.24 39.91 41.45
N HIS F 212 34.55 39.72 41.45
CA HIS F 212 35.19 38.55 42.01
C HIS F 212 35.99 38.85 43.26
N PHE F 213 36.15 40.13 43.57
CA PHE F 213 36.85 40.66 44.72
C PHE F 213 36.06 41.85 45.20
N PRO F 214 35.44 41.74 46.37
CA PRO F 214 34.68 42.88 46.89
C PRO F 214 35.54 44.10 46.95
N ARG F 215 36.81 43.96 47.32
CA ARG F 215 37.62 45.14 47.57
C ARG F 215 37.61 46.10 46.38
N THR F 216 37.39 45.61 45.17
CA THR F 216 37.52 46.48 44.00
C THR F 216 36.20 46.73 43.29
N VAL F 217 35.08 46.28 43.86
CA VAL F 217 33.75 46.27 43.24
C VAL F 217 33.35 47.66 42.75
N ARG F 218 34.00 48.70 43.29
CA ARG F 218 33.73 50.06 42.81
C ARG F 218 34.17 50.20 41.35
N TRP F 219 35.25 49.53 41.02
CA TRP F 219 35.68 49.55 39.64
C TRP F 219 34.72 48.72 38.81
N PHE F 220 34.29 47.58 39.36
CA PHE F 220 33.31 46.76 38.65
C PHE F 220 32.05 47.56 38.34
N HIS F 221 31.68 48.51 39.21
CA HIS F 221 30.51 49.34 38.98
C HIS F 221 30.78 50.42 37.95
N ARG F 222 31.99 50.97 37.97
CA ARG F 222 32.44 51.91 36.95
C ARG F 222 32.20 51.34 35.56
N LEU F 223 32.75 50.16 35.31
CA LEU F 223 32.60 49.51 34.02
C LEU F 223 31.13 49.36 33.64
N ARG F 224 30.32 48.86 34.59
CA ARG F 224 28.89 48.77 34.36
C ARG F 224 28.31 50.12 34.00
N SER F 225 28.65 51.15 34.76
CA SER F 225 28.20 52.49 34.40
C SER F 225 28.73 52.91 33.05
N ILE F 226 29.91 52.39 32.66
CA ILE F 226 30.51 52.79 31.39
C ILE F 226 29.96 51.99 30.21
N GLU F 227 29.60 50.71 30.42
CA GLU F 227 28.62 50.12 29.53
C GLU F 227 27.55 51.18 29.46
N LYS F 228 26.96 51.29 28.26
CA LYS F 228 25.91 52.26 27.99
C LYS F 228 25.53 52.73 29.34
N ARG F 229 25.63 54.03 29.58
CA ARG F 229 26.03 55.08 28.63
C ARG F 229 26.19 54.84 27.15
N LEU F 230 27.30 54.20 26.79
CA LEU F 230 27.68 53.89 25.41
C LEU F 230 26.46 53.48 24.68
N HIS F 231 25.88 52.37 25.02
CA HIS F 231 24.56 52.08 24.39
C HIS F 231 23.60 53.25 24.46
N ARG F 232 23.63 53.98 25.58
CA ARG F 232 22.71 55.12 25.70
C ARG F 232 23.01 56.10 24.58
N LEU F 233 24.26 56.12 24.14
CA LEU F 233 24.72 56.93 23.02
C LEU F 233 24.83 56.15 21.71
N ASN F 234 24.37 54.88 21.70
CA ASN F 234 24.42 53.97 20.54
C ASN F 234 25.85 53.76 20.04
N LEU F 235 26.81 53.67 20.97
CA LEU F 235 28.21 53.41 20.65
C LEU F 235 28.56 51.93 20.80
N LEU F 236 27.60 51.10 21.19
CA LEU F 236 27.76 49.66 21.31
C LEU F 236 26.89 48.98 20.24
N GLN F 237 27.54 48.24 19.33
CA GLN F 237 26.85 47.40 18.36
C GLN F 237 26.30 46.17 19.07
N SER F 238 25.46 45.42 18.35
CA SER F 238 24.85 44.16 18.82
C SER F 238 24.85 44.06 20.33
N HIS F 239 24.28 45.09 20.97
CA HIS F 239 24.21 45.21 22.43
C HIS F 239 22.84 45.74 22.77
N PRO F 240 21.80 44.88 22.79
CA PRO F 240 20.41 45.37 22.77
C PRO F 240 19.73 45.64 24.11
N GLN F 241 20.25 45.08 25.21
CA GLN F 241 19.70 45.34 26.53
C GLN F 241 20.56 46.41 27.18
N GLU F 242 19.97 47.19 28.13
CA GLU F 242 20.74 48.25 28.78
C GLU F 242 21.99 47.58 29.31
N VAL F 243 21.95 46.92 30.40
CA VAL F 243 23.17 46.21 30.75
C VAL F 243 23.18 44.81 30.10
N MET F 244 24.39 44.36 29.71
CA MET F 244 24.57 42.96 29.32
C MET F 244 25.80 42.32 29.95
N TYR F 245 27.01 42.87 29.75
CA TYR F 245 28.19 42.11 30.14
C TYR F 245 28.45 42.15 31.63
N PHE F 246 28.43 43.34 32.23
CA PHE F 246 28.85 43.48 33.62
C PHE F 246 27.69 43.23 34.55
N GLN F 247 27.88 42.29 35.45
CA GLN F 247 26.72 41.73 36.10
C GLN F 247 26.77 41.93 37.62
N PRO F 248 25.62 41.95 38.24
CA PRO F 248 25.57 42.10 39.69
C PRO F 248 25.56 40.76 40.42
N GLY F 249 26.45 40.59 41.41
CA GLY F 249 26.51 39.41 42.25
C GLY F 249 27.92 38.85 42.35
N GLU F 250 28.03 37.67 43.07
CA GLU F 250 29.22 36.78 43.10
C GLU F 250 28.98 35.39 42.49
N PRO F 251 28.02 35.14 41.50
CA PRO F 251 27.72 33.74 41.07
C PRO F 251 28.85 32.68 40.88
N PHE F 252 29.19 32.31 39.63
CA PHE F 252 30.08 31.17 39.41
C PHE F 252 31.45 31.39 40.06
N GLY F 253 32.14 30.30 40.41
CA GLY F 253 33.23 30.36 41.38
C GLY F 253 34.45 31.16 40.91
N SER F 254 35.42 31.30 41.83
CA SER F 254 36.76 31.87 41.61
C SER F 254 37.53 30.97 40.64
N VAL F 255 38.64 31.47 40.10
CA VAL F 255 39.42 30.66 39.15
C VAL F 255 40.91 30.96 39.27
N GLU F 256 41.71 29.94 39.54
CA GLU F 256 43.17 30.06 39.62
C GLU F 256 43.72 30.77 38.38
N ASP F 257 44.43 31.86 38.58
CA ASP F 257 44.81 32.69 37.44
C ASP F 257 46.07 33.51 37.77
N ASP F 258 46.44 34.37 36.82
CA ASP F 258 47.72 35.06 36.89
C ASP F 258 47.78 36.03 38.04
N HIS F 259 46.64 36.34 38.67
CA HIS F 259 46.64 37.21 39.82
C HIS F 259 47.00 36.49 41.13
N ILE F 260 46.88 35.17 41.20
CA ILE F 260 47.15 34.47 42.47
C ILE F 260 48.53 34.78 43.05
N PRO F 261 49.60 34.87 42.25
CA PRO F 261 50.87 35.25 42.88
C PRO F 261 50.86 36.69 43.34
N PHE F 262 50.11 37.55 42.68
CA PHE F 262 50.05 38.93 43.12
C PHE F 262 49.18 39.11 44.35
N LEU F 263 47.98 38.51 44.35
CA LEU F 263 47.09 38.65 45.49
C LEU F 263 47.65 38.01 46.77
N ARG F 264 48.56 36.98 46.69
CA ARG F 264 49.37 36.56 47.86
C ARG F 264 49.83 37.80 48.56
N ARG F 265 50.79 38.43 47.91
CA ARG F 265 51.45 39.65 48.32
C ARG F 265 50.43 40.80 48.39
N GLY F 266 49.14 40.47 48.38
CA GLY F 266 48.07 41.40 48.66
C GLY F 266 47.79 42.44 47.59
N VAL F 267 47.58 42.04 46.34
CA VAL F 267 47.35 43.11 45.39
C VAL F 267 45.85 43.36 45.21
N PRO F 268 45.42 44.61 45.12
CA PRO F 268 44.03 44.91 44.75
C PRO F 268 43.74 44.42 43.34
N VAL F 269 42.71 43.58 43.21
CA VAL F 269 42.49 42.79 41.99
C VAL F 269 41.11 43.04 41.38
N LEU F 270 41.10 43.43 40.11
CA LEU F 270 39.92 43.26 39.26
C LEU F 270 40.19 42.12 38.30
N HIS F 271 39.47 41.02 38.49
CA HIS F 271 39.62 39.82 37.66
C HIS F 271 38.57 39.87 36.55
N LEU F 272 38.95 40.40 35.41
CA LEU F 272 37.96 40.68 34.37
C LEU F 272 37.69 39.47 33.43
N ILE F 273 37.69 38.23 33.95
CA ILE F 273 37.45 36.98 33.18
C ILE F 273 35.95 36.75 32.98
N SER F 274 35.60 35.95 31.96
CA SER F 274 34.22 35.50 31.73
C SER F 274 33.85 34.31 32.60
N THR F 275 32.63 34.34 33.10
CA THR F 275 31.99 33.22 33.78
C THR F 275 30.54 33.13 33.26
N PRO F 276 30.15 31.97 32.72
CA PRO F 276 30.94 30.74 32.53
C PRO F 276 32.03 30.96 31.48
N PHE F 277 33.02 30.08 31.37
CA PHE F 277 34.04 30.27 30.37
C PHE F 277 33.43 30.16 28.98
N PRO F 278 34.12 30.70 27.95
CA PRO F 278 33.76 30.45 26.54
C PRO F 278 33.30 29.04 26.22
N ALA F 279 32.52 28.84 25.18
CA ALA F 279 32.11 27.46 24.88
C ALA F 279 33.19 26.70 24.11
N VAL F 280 33.94 27.43 23.30
CA VAL F 280 35.14 26.96 22.61
C VAL F 280 36.27 26.81 23.61
N TRP F 281 35.95 26.83 24.91
CA TRP F 281 36.99 27.06 25.90
C TRP F 281 37.99 25.95 25.83
N HIS F 282 39.18 26.26 25.30
CA HIS F 282 40.34 25.48 25.67
C HIS F 282 40.20 24.11 24.99
N THR F 283 39.66 24.17 23.74
CA THR F 283 39.47 23.24 22.61
C THR F 283 40.08 23.91 21.38
N PRO F 284 40.21 23.24 20.22
CA PRO F 284 40.81 23.91 19.04
C PRO F 284 39.88 24.84 18.30
N ALA F 285 38.63 24.99 18.79
CA ALA F 285 37.69 25.97 18.21
C ALA F 285 37.86 27.38 18.76
N ASP F 286 38.66 27.55 19.85
CA ASP F 286 39.17 28.83 20.30
C ASP F 286 40.01 29.47 19.20
N THR F 287 39.35 29.96 18.15
CA THR F 287 39.99 30.51 16.96
C THR F 287 39.34 31.84 16.64
N GLU F 288 39.87 32.50 15.60
CA GLU F 288 39.34 33.82 15.26
C GLU F 288 37.87 33.77 14.93
N VAL F 289 37.44 32.78 14.13
CA VAL F 289 36.08 32.81 13.59
C VAL F 289 35.01 32.76 14.67
N ASN F 290 35.27 32.05 15.77
CA ASN F 290 34.31 31.94 16.85
C ASN F 290 34.44 33.08 17.82
N LEU F 291 34.67 34.23 17.29
CA LEU F 291 34.69 35.45 18.07
C LEU F 291 33.51 36.24 17.58
N HIS F 292 32.97 37.06 18.46
CA HIS F 292 32.01 38.07 18.05
C HIS F 292 32.77 39.37 17.87
N PRO F 293 33.03 39.83 16.64
CA PRO F 293 33.78 41.05 16.47
C PRO F 293 33.10 42.21 17.16
N PRO F 294 31.79 42.41 16.96
CA PRO F 294 31.10 43.43 17.78
C PRO F 294 31.44 43.34 19.25
N THR F 295 31.26 42.19 19.89
CA THR F 295 31.50 42.08 21.34
C THR F 295 32.86 42.66 21.71
N VAL F 296 33.82 42.54 20.82
CA VAL F 296 35.20 42.93 21.12
C VAL F 296 35.32 44.44 21.18
N HIS F 297 34.79 45.11 20.16
CA HIS F 297 34.87 46.57 20.11
C HIS F 297 34.00 47.22 21.18
N ASN F 298 32.77 46.71 21.34
CA ASN F 298 31.99 46.99 22.53
C ASN F 298 32.83 46.85 23.78
N LEU F 299 33.61 45.78 23.90
CA LEU F 299 34.47 45.63 25.07
C LEU F 299 35.64 46.62 25.07
N CYS F 300 36.20 46.90 23.90
CA CYS F 300 37.41 47.71 23.87
C CYS F 300 37.12 49.12 24.41
N ARG F 301 36.14 49.80 23.79
CA ARG F 301 35.68 51.13 24.18
C ARG F 301 35.56 51.30 25.68
N ILE F 302 34.75 50.46 26.30
CA ILE F 302 34.56 50.35 27.74
C ILE F 302 35.88 50.44 28.50
N LEU F 303 36.82 49.56 28.18
CA LEU F 303 38.11 49.61 28.86
C LEU F 303 38.85 50.89 28.54
N ALA F 304 38.66 51.41 27.32
CA ALA F 304 39.24 52.69 26.95
C ALA F 304 38.68 53.75 27.91
N VAL F 305 37.38 54.05 27.80
CA VAL F 305 36.78 55.12 28.62
C VAL F 305 37.21 54.97 30.08
N PHE F 306 36.94 53.82 30.67
CA PHE F 306 37.35 53.50 32.03
C PHE F 306 38.76 53.95 32.34
N LEU F 307 39.67 53.88 31.36
CA LEU F 307 41.06 54.23 31.65
C LEU F 307 41.26 55.74 31.67
N ALA F 308 40.88 56.39 30.57
CA ALA F 308 40.85 57.83 30.43
C ALA F 308 39.96 58.45 31.49
N GLU F 309 39.22 57.63 32.26
CA GLU F 309 38.51 58.07 33.45
C GLU F 309 39.36 57.84 34.71
N TYR F 310 39.99 56.67 34.83
CA TYR F 310 40.83 56.38 36.01
C TYR F 310 42.12 57.20 36.03
N LEU F 311 42.65 57.55 34.86
CA LEU F 311 43.86 58.37 34.84
C LEU F 311 43.54 59.83 34.52
N GLY F 312 42.32 60.08 34.05
CA GLY F 312 41.90 61.42 33.68
C GLY F 312 42.63 61.86 32.44
N LEU F 313 42.00 61.76 31.28
CA LEU F 313 42.68 62.12 30.04
C LEU F 313 41.72 62.84 29.09
N VAL G 1 57.49 11.69 -1.44
CA VAL G 1 57.92 10.30 -1.25
C VAL G 1 57.83 9.81 0.22
N PRO G 2 58.12 10.70 1.23
CA PRO G 2 57.84 10.29 2.63
C PRO G 2 56.64 11.00 3.27
N LEU G 3 55.66 10.23 3.73
CA LEU G 3 54.48 10.72 4.42
C LEU G 3 54.41 10.07 5.81
N ILE G 4 54.05 10.85 6.83
CA ILE G 4 54.06 10.51 8.26
C ILE G 4 53.97 9.00 8.58
N GLY G 5 55.06 8.46 9.20
CA GLY G 5 55.21 7.05 9.49
C GLY G 5 56.13 6.30 8.54
N SER G 6 56.46 6.90 7.39
CA SER G 6 57.01 6.23 6.20
C SER G 6 58.48 5.88 6.39
N LEU G 7 58.77 4.58 6.57
CA LEU G 7 60.10 3.96 6.62
C LEU G 7 61.17 4.73 5.84
N PRO G 8 62.39 4.83 6.37
CA PRO G 8 63.49 5.38 5.56
C PRO G 8 64.00 4.36 4.56
N GLU G 9 64.21 4.85 3.34
CA GLU G 9 64.64 4.08 2.18
C GLU G 9 65.50 2.85 2.48
N ALA G 10 66.43 2.96 3.42
CA ALA G 10 67.31 1.84 3.72
C ALA G 10 66.80 0.95 4.86
N ARG G 11 65.72 1.35 5.55
CA ARG G 11 64.96 0.35 6.29
C ARG G 11 63.95 -0.31 5.36
N LEU G 12 63.32 0.49 4.49
CA LEU G 12 62.44 0.00 3.44
C LEU G 12 63.12 -1.11 2.65
N ARG G 13 64.15 -0.74 1.87
CA ARG G 13 64.86 -1.74 1.07
C ARG G 13 65.31 -2.91 1.92
N ARG G 14 65.56 -2.67 3.20
CA ARG G 14 65.98 -3.74 4.11
C ARG G 14 64.88 -4.79 4.25
N VAL G 15 63.64 -4.35 4.52
CA VAL G 15 62.50 -5.25 4.62
C VAL G 15 62.28 -5.97 3.31
N VAL G 16 62.36 -5.22 2.22
CA VAL G 16 62.24 -5.78 0.87
C VAL G 16 63.17 -6.99 0.70
N GLY G 17 64.45 -6.81 1.02
CA GLY G 17 65.47 -7.80 0.70
C GLY G 17 65.33 -9.11 1.44
N GLN G 18 64.65 -9.11 2.58
CA GLN G 18 64.42 -10.36 3.30
C GLN G 18 63.25 -11.15 2.75
N LEU G 19 62.59 -10.65 1.70
CA LEU G 19 61.50 -11.36 1.04
C LEU G 19 62.10 -12.34 0.04
N ASP G 20 61.94 -13.64 0.29
CA ASP G 20 62.42 -14.57 -0.71
C ASP G 20 61.30 -14.92 -1.67
N PRO G 21 61.31 -14.34 -2.88
CA PRO G 21 60.25 -14.68 -3.85
C PRO G 21 60.11 -16.17 -4.02
N GLN G 22 61.23 -16.89 -4.08
CA GLN G 22 61.20 -18.31 -4.42
C GLN G 22 60.59 -19.14 -3.30
N ARG G 23 60.91 -18.81 -2.05
CA ARG G 23 60.17 -19.40 -0.94
C ARG G 23 58.67 -19.23 -1.17
N LEU G 24 58.28 -18.00 -1.52
CA LEU G 24 56.88 -17.67 -1.74
C LEU G 24 56.23 -18.59 -2.77
N TRP G 25 56.89 -18.79 -3.91
CA TRP G 25 56.30 -19.61 -4.96
C TRP G 25 56.33 -21.09 -4.61
N SER G 26 57.52 -21.60 -4.31
CA SER G 26 57.71 -23.05 -4.18
C SER G 26 57.42 -23.53 -2.77
N THR G 27 57.84 -22.76 -1.76
CA THR G 27 57.75 -23.24 -0.39
C THR G 27 56.35 -23.05 0.15
N TYR G 28 55.73 -21.92 -0.16
CA TYR G 28 54.38 -21.63 0.31
C TYR G 28 53.31 -21.77 -0.79
N LEU G 29 53.46 -21.09 -1.92
CA LEU G 29 52.40 -21.15 -2.95
C LEU G 29 52.15 -22.57 -3.46
N ARG G 30 53.10 -23.14 -4.20
CA ARG G 30 52.91 -24.40 -4.91
C ARG G 30 52.30 -25.50 -4.03
N PRO G 31 52.83 -25.83 -2.84
CA PRO G 31 52.21 -26.87 -2.01
C PRO G 31 50.73 -26.63 -1.70
N LEU G 32 50.23 -25.46 -2.06
CA LEU G 32 48.84 -25.14 -1.79
C LEU G 32 47.91 -25.52 -2.93
N LEU G 33 48.43 -25.69 -4.14
CA LEU G 33 47.57 -25.69 -5.33
C LEU G 33 46.98 -27.08 -5.55
N VAL G 34 46.17 -27.51 -4.58
CA VAL G 34 45.49 -28.80 -4.68
C VAL G 34 44.01 -28.53 -4.56
N VAL G 35 43.21 -29.57 -4.54
CA VAL G 35 41.80 -29.43 -4.21
C VAL G 35 41.66 -29.52 -2.70
N ARG G 36 40.94 -28.57 -2.11
CA ARG G 36 40.83 -28.46 -0.67
C ARG G 36 39.43 -28.04 -0.31
N THR G 37 38.44 -28.57 -1.03
CA THR G 37 37.07 -28.36 -0.62
C THR G 37 36.89 -28.79 0.85
N PRO G 38 35.89 -28.27 1.53
CA PRO G 38 35.78 -28.55 2.97
C PRO G 38 35.67 -30.05 3.21
N GLY G 39 36.29 -30.49 4.30
CA GLY G 39 36.17 -31.87 4.71
C GLY G 39 36.79 -32.86 3.76
N SER G 40 37.86 -32.49 3.08
CA SER G 40 38.43 -33.45 2.15
C SER G 40 39.87 -33.72 2.57
N PRO G 41 40.52 -34.75 2.02
CA PRO G 41 41.94 -34.95 2.31
C PRO G 41 42.83 -33.73 2.08
N GLY G 42 42.68 -33.05 0.94
CA GLY G 42 43.51 -31.88 0.67
C GLY G 42 43.25 -30.72 1.62
N ASN G 43 41.99 -30.47 1.93
CA ASN G 43 41.65 -29.45 2.91
C ASN G 43 42.45 -29.67 4.20
N LEU G 44 42.24 -30.83 4.81
CA LEU G 44 43.03 -31.25 5.96
C LEU G 44 44.52 -31.11 5.73
N GLN G 45 45.04 -31.62 4.61
CA GLN G 45 46.47 -31.49 4.34
C GLN G 45 46.92 -30.04 4.49
N VAL G 46 46.17 -29.12 3.89
CA VAL G 46 46.60 -27.72 3.89
C VAL G 46 46.47 -27.13 5.27
N ARG G 47 45.34 -27.40 5.93
CA ARG G 47 45.18 -26.96 7.31
C ARG G 47 46.37 -27.33 8.17
N LYS G 48 46.66 -28.65 8.30
CA LYS G 48 47.85 -29.08 9.02
C LYS G 48 49.09 -28.37 8.51
N PHE G 49 49.24 -28.27 7.18
CA PHE G 49 50.40 -27.62 6.57
C PHE G 49 50.55 -26.18 7.05
N LEU G 50 49.43 -25.49 7.24
CA LEU G 50 49.51 -24.10 7.67
C LEU G 50 50.00 -23.99 9.12
N GLU G 51 49.34 -24.68 10.05
CA GLU G 51 49.79 -24.69 11.44
C GLU G 51 51.28 -24.87 11.49
N ALA G 52 51.70 -26.09 11.10
CA ALA G 52 53.09 -26.47 11.03
C ALA G 52 53.95 -25.33 10.51
N THR G 53 53.64 -24.84 9.31
CA THR G 53 54.47 -23.80 8.71
C THR G 53 54.59 -22.59 9.63
N LEU G 54 53.45 -22.15 10.19
CA LEU G 54 53.47 -20.97 11.05
C LEU G 54 54.17 -21.24 12.36
N ARG G 55 54.13 -22.48 12.83
CA ARG G 55 54.80 -22.82 14.08
C ARG G 55 56.31 -22.67 13.94
N SER G 56 56.86 -23.16 12.83
CA SER G 56 58.25 -22.97 12.48
C SER G 56 58.76 -21.51 12.56
N LEU G 57 57.91 -20.55 12.90
CA LEU G 57 58.35 -19.17 12.89
C LEU G 57 59.06 -18.84 14.20
N THR G 58 60.38 -18.63 14.08
CA THR G 58 61.29 -18.29 15.17
C THR G 58 60.82 -17.13 16.04
N ALA G 59 59.51 -16.83 16.03
CA ALA G 59 58.90 -15.85 16.90
C ALA G 59 57.79 -16.45 17.73
N GLY G 60 57.56 -17.75 17.60
CA GLY G 60 56.64 -18.46 18.48
C GLY G 60 55.21 -17.96 18.51
N TRP G 61 54.61 -17.83 17.33
CA TRP G 61 53.21 -17.49 17.22
C TRP G 61 52.34 -18.43 18.04
N HIS G 62 51.23 -17.92 18.54
CA HIS G 62 50.18 -18.78 19.08
C HIS G 62 49.25 -19.17 17.93
N VAL G 63 49.02 -20.46 17.79
CA VAL G 63 48.27 -21.01 16.66
C VAL G 63 47.17 -21.86 17.31
N GLU G 64 45.99 -21.28 17.52
CA GLU G 64 44.88 -22.18 17.87
C GLU G 64 44.23 -22.71 16.59
N LEU G 65 43.43 -23.74 16.76
CA LEU G 65 42.62 -24.26 15.66
C LEU G 65 41.17 -24.11 16.07
N ASP G 66 40.33 -23.66 15.13
CA ASP G 66 38.92 -23.48 15.43
C ASP G 66 38.15 -24.57 14.70
N PRO G 67 38.10 -25.78 15.25
CA PRO G 67 37.44 -26.87 14.54
C PRO G 67 35.99 -27.02 14.94
N PHE G 68 35.10 -26.92 13.97
CA PHE G 68 33.67 -26.98 14.22
C PHE G 68 32.98 -27.82 13.14
N THR G 69 31.87 -28.45 13.53
CA THR G 69 30.94 -29.12 12.61
C THR G 69 29.85 -28.16 12.18
N ALA G 70 29.29 -28.39 10.98
CA ALA G 70 28.37 -27.42 10.40
C ALA G 70 27.27 -28.08 9.57
N SER G 71 26.09 -27.46 9.58
CA SER G 71 25.04 -27.82 8.64
C SER G 71 25.30 -27.14 7.31
N THR G 72 25.20 -27.91 6.24
CA THR G 72 25.36 -27.41 4.88
C THR G 72 24.48 -28.28 4.01
N PRO G 73 24.26 -27.89 2.74
CA PRO G 73 23.49 -28.80 1.86
C PRO G 73 24.23 -30.10 1.55
N LEU G 74 25.56 -30.15 1.57
CA LEU G 74 26.11 -31.49 1.40
C LEU G 74 26.25 -32.22 2.72
N GLY G 75 25.24 -32.04 3.56
CA GLY G 75 25.18 -32.67 4.87
C GLY G 75 25.86 -31.90 6.01
N PRO G 76 26.17 -32.60 7.12
CA PRO G 76 27.09 -32.03 8.10
C PRO G 76 28.52 -32.09 7.56
N VAL G 77 29.18 -30.95 7.53
CA VAL G 77 30.57 -30.91 7.12
C VAL G 77 31.42 -30.55 8.31
N ASP G 78 32.50 -31.28 8.52
CA ASP G 78 33.40 -30.97 9.60
C ASP G 78 34.42 -29.96 9.08
N PHE G 79 34.45 -28.79 9.70
CA PHE G 79 35.30 -27.68 9.28
C PHE G 79 36.48 -27.50 10.20
N GLY G 80 37.37 -26.58 9.81
CA GLY G 80 38.54 -26.30 10.60
C GLY G 80 39.30 -25.05 10.20
N ASN G 81 39.29 -24.06 11.11
CA ASN G 81 39.94 -22.77 10.97
C ASN G 81 41.31 -22.73 11.63
N VAL G 82 42.34 -22.32 10.89
CA VAL G 82 43.66 -22.10 11.46
C VAL G 82 43.78 -20.63 11.87
N VAL G 83 43.98 -20.37 13.19
CA VAL G 83 44.13 -19.02 13.78
C VAL G 83 45.52 -18.84 14.38
N ALA G 84 46.30 -17.92 13.81
CA ALA G 84 47.62 -17.57 14.31
C ALA G 84 47.55 -16.29 15.13
N THR G 85 48.33 -16.21 16.21
CA THR G 85 48.38 -15.01 17.04
C THR G 85 49.80 -14.84 17.55
N LEU G 86 50.53 -13.88 16.98
CA LEU G 86 51.90 -13.63 17.42
C LEU G 86 51.97 -13.44 18.92
N ASP G 87 51.17 -12.51 19.44
CA ASP G 87 51.30 -12.04 20.81
C ASP G 87 49.93 -12.07 21.48
N PRO G 88 49.46 -13.24 21.89
CA PRO G 88 48.09 -13.33 22.41
C PRO G 88 47.88 -12.55 23.68
N ARG G 89 48.92 -11.90 24.20
CA ARG G 89 48.77 -11.07 25.40
C ARG G 89 48.51 -9.59 25.10
N ALA G 90 49.09 -9.06 24.01
CA ALA G 90 48.86 -7.66 23.63
C ALA G 90 47.37 -7.33 23.56
N ALA G 91 47.01 -6.04 23.59
CA ALA G 91 45.62 -5.68 23.82
C ALA G 91 44.84 -5.27 22.58
N ARG G 92 45.53 -4.90 21.49
CA ARG G 92 44.90 -4.75 20.18
C ARG G 92 45.82 -5.45 19.17
N HIS G 93 45.27 -6.08 18.13
CA HIS G 93 46.09 -6.61 17.05
C HIS G 93 45.48 -6.27 15.70
N LEU G 94 46.31 -6.42 14.63
CA LEU G 94 45.93 -6.15 13.24
C LEU G 94 45.75 -7.48 12.50
N THR G 95 44.51 -7.80 12.12
CA THR G 95 44.19 -9.12 11.59
C THR G 95 44.29 -9.18 10.06
N LEU G 96 45.04 -10.17 9.56
CA LEU G 96 45.16 -10.46 8.13
C LEU G 96 44.48 -11.80 7.83
N ALA G 97 43.39 -11.76 7.07
CA ALA G 97 42.68 -12.98 6.77
C ALA G 97 42.56 -13.18 5.28
N CYS G 98 42.31 -14.44 4.96
CA CYS G 98 42.13 -15.00 3.63
C CYS G 98 41.52 -16.37 3.89
N HIS G 99 40.96 -16.97 2.85
CA HIS G 99 40.28 -18.25 3.03
C HIS G 99 41.08 -19.35 2.39
N TYR G 100 41.27 -20.45 3.11
CA TYR G 100 42.08 -21.53 2.55
C TYR G 100 41.25 -22.53 1.78
N ASP G 101 39.94 -22.57 1.97
CA ASP G 101 39.16 -23.54 1.23
C ASP G 101 39.14 -23.17 -0.26
N SER G 102 38.98 -24.18 -1.11
CA SER G 102 38.77 -24.01 -2.54
C SER G 102 37.34 -24.40 -2.86
N LYS G 103 36.83 -23.93 -3.99
CA LYS G 103 35.42 -24.14 -4.23
C LYS G 103 35.15 -25.58 -4.61
N LEU G 104 33.94 -26.02 -4.28
CA LEU G 104 33.45 -27.34 -4.58
C LEU G 104 32.83 -27.27 -5.97
N PHE G 105 33.52 -27.85 -6.93
CA PHE G 105 33.01 -27.98 -8.29
C PHE G 105 32.39 -29.35 -8.44
N PRO G 106 31.66 -29.62 -9.54
CA PRO G 106 30.96 -30.91 -9.63
C PRO G 106 31.87 -32.02 -10.10
N PRO G 107 31.49 -33.28 -9.86
CA PRO G 107 32.34 -34.42 -10.23
C PRO G 107 32.64 -34.46 -11.72
N GLY G 108 33.82 -34.94 -12.06
CA GLY G 108 34.17 -35.04 -13.46
C GLY G 108 34.93 -33.85 -13.97
N SER G 109 34.31 -32.67 -13.89
CA SER G 109 34.95 -31.36 -14.05
C SER G 109 36.47 -31.41 -13.88
N THR G 110 37.22 -30.72 -14.72
CA THR G 110 38.59 -30.43 -14.33
C THR G 110 38.58 -29.84 -12.91
N PRO G 111 39.49 -30.26 -12.04
CA PRO G 111 39.39 -29.79 -10.66
C PRO G 111 39.73 -28.34 -10.57
N PHE G 112 39.16 -27.68 -9.57
CA PHE G 112 39.38 -26.26 -9.33
C PHE G 112 40.44 -26.14 -8.25
N VAL G 113 41.45 -25.32 -8.48
CA VAL G 113 42.42 -25.03 -7.43
C VAL G 113 42.24 -23.64 -6.84
N GLY G 114 41.75 -22.66 -7.62
CA GLY G 114 41.62 -21.32 -7.10
C GLY G 114 42.99 -20.72 -6.81
N ALA G 115 43.83 -20.64 -7.82
CA ALA G 115 45.18 -20.14 -7.59
C ALA G 115 45.14 -18.73 -7.04
N THR G 116 44.24 -17.88 -7.57
CA THR G 116 43.98 -16.58 -6.96
C THR G 116 42.98 -16.67 -5.82
N ASP G 117 42.23 -17.75 -5.75
CA ASP G 117 41.10 -17.90 -4.84
C ASP G 117 41.21 -19.09 -3.88
N SER G 118 41.85 -18.92 -2.73
CA SER G 118 42.66 -17.76 -2.41
C SER G 118 44.11 -18.19 -2.13
N ALA G 119 44.63 -19.04 -3.01
CA ALA G 119 45.96 -19.63 -2.81
C ALA G 119 47.01 -18.54 -2.72
N VAL G 120 46.99 -17.58 -3.63
CA VAL G 120 47.95 -16.48 -3.55
C VAL G 120 47.76 -15.67 -2.27
N PRO G 121 46.54 -15.29 -1.88
CA PRO G 121 46.35 -14.79 -0.52
C PRO G 121 47.16 -15.56 0.49
N CYS G 122 46.81 -16.81 0.78
CA CYS G 122 47.45 -17.53 1.87
C CYS G 122 48.97 -17.43 1.82
N ALA G 123 49.57 -17.73 0.66
CA ALA G 123 51.02 -17.74 0.58
C ALA G 123 51.61 -16.41 0.97
N LEU G 124 50.92 -15.30 0.70
CA LEU G 124 51.45 -13.99 1.08
C LEU G 124 51.49 -13.82 2.58
N LEU G 125 50.43 -14.24 3.28
CA LEU G 125 50.46 -14.17 4.73
C LEU G 125 51.57 -15.04 5.29
N LEU G 126 51.86 -16.16 4.62
CA LEU G 126 52.98 -16.95 5.11
C LEU G 126 54.30 -16.34 4.70
N GLU G 127 54.45 -15.81 3.48
CA GLU G 127 55.75 -15.26 3.16
C GLU G 127 56.05 -14.03 3.99
N LEU G 128 55.05 -13.21 4.29
CA LEU G 128 55.25 -12.10 5.21
C LEU G 128 55.72 -12.62 6.57
N ALA G 129 55.02 -13.63 7.09
CA ALA G 129 55.25 -14.11 8.45
C ALA G 129 56.70 -14.52 8.66
N GLN G 130 57.25 -15.36 7.79
CA GLN G 130 58.69 -15.60 7.77
C GLN G 130 59.41 -14.28 7.55
N ALA G 131 59.43 -13.81 6.31
CA ALA G 131 60.25 -12.69 5.86
C ALA G 131 60.39 -11.53 6.84
N LEU G 132 59.50 -11.42 7.82
CA LEU G 132 59.68 -10.43 8.87
C LEU G 132 60.26 -11.03 10.15
N ASP G 133 59.57 -12.03 10.71
CA ASP G 133 59.96 -12.82 11.88
C ASP G 133 60.96 -12.17 12.82
N LEU G 134 62.09 -11.71 12.31
CA LEU G 134 63.04 -11.01 13.17
C LEU G 134 62.36 -9.79 13.78
N GLU G 135 62.05 -8.77 12.97
CA GLU G 135 61.53 -7.53 13.54
C GLU G 135 60.24 -7.79 14.32
N LEU G 136 59.45 -8.77 13.87
CA LEU G 136 58.31 -9.23 14.67
C LEU G 136 58.75 -9.83 15.99
N SER G 137 59.65 -10.82 15.93
CA SER G 137 59.99 -11.56 17.15
C SER G 137 60.59 -10.64 18.20
N ARG G 138 61.33 -9.62 17.76
CA ARG G 138 61.69 -8.52 18.63
C ARG G 138 60.45 -7.96 19.29
N ALA G 139 59.76 -7.08 18.56
CA ALA G 139 58.52 -6.42 19.00
C ALA G 139 57.67 -7.24 19.98
N LYS G 140 57.53 -8.54 19.73
CA LYS G 140 56.81 -9.38 20.71
C LYS G 140 57.50 -9.37 22.06
N LYS G 141 58.84 -9.49 22.05
CA LYS G 141 59.60 -9.42 23.30
C LYS G 141 59.55 -8.02 23.91
N GLN G 142 59.37 -7.00 23.08
CA GLN G 142 59.21 -5.64 23.56
C GLN G 142 57.80 -5.40 24.12
N ALA G 143 57.08 -6.48 24.40
CA ALA G 143 55.73 -6.46 24.98
C ALA G 143 54.75 -5.69 24.09
N ALA G 144 54.93 -5.81 22.77
CA ALA G 144 54.28 -4.91 21.83
C ALA G 144 52.78 -4.93 22.03
N PRO G 145 52.14 -3.76 22.04
CA PRO G 145 50.74 -3.65 22.46
C PRO G 145 49.77 -3.89 21.31
N VAL G 146 50.34 -3.78 20.11
CA VAL G 146 49.68 -4.13 18.87
C VAL G 146 50.57 -5.16 18.16
N THR G 147 50.01 -6.35 17.95
CA THR G 147 50.70 -7.48 17.39
C THR G 147 49.97 -7.93 16.13
N LEU G 148 50.46 -9.00 15.52
CA LEU G 148 49.95 -9.52 14.25
C LEU G 148 49.13 -10.77 14.48
N GLN G 149 48.01 -10.85 13.78
CA GLN G 149 47.17 -12.05 13.80
C GLN G 149 46.86 -12.44 12.38
N LEU G 150 47.07 -13.73 12.06
CA LEU G 150 46.83 -14.27 10.72
C LEU G 150 45.73 -15.30 10.80
N LEU G 151 44.67 -15.09 10.03
CA LEU G 151 43.49 -15.96 10.03
C LEU G 151 43.41 -16.71 8.72
N PHE G 152 43.32 -18.04 8.78
CA PHE G 152 43.21 -18.91 7.60
C PHE G 152 41.89 -19.65 7.69
N LEU G 153 40.88 -19.12 7.01
CA LEU G 153 39.51 -19.54 7.25
C LEU G 153 39.14 -20.76 6.40
N ASP G 154 38.06 -21.42 6.81
CA ASP G 154 37.58 -22.65 6.18
C ASP G 154 36.10 -22.50 5.88
N GLY G 155 35.71 -22.71 4.64
CA GLY G 155 34.34 -22.59 4.23
C GLY G 155 33.91 -21.21 3.78
N GLU G 156 34.80 -20.47 3.12
CA GLU G 156 34.39 -19.21 2.52
C GLU G 156 33.32 -19.42 1.47
N GLU G 157 33.58 -20.37 0.57
CA GLU G 157 32.73 -20.71 -0.56
C GLU G 157 31.49 -21.49 -0.15
N ALA G 158 30.43 -21.30 -0.91
CA ALA G 158 29.26 -22.12 -0.68
C ALA G 158 29.50 -23.54 -1.18
N LEU G 159 28.61 -24.44 -0.77
CA LEU G 159 28.64 -25.81 -1.25
C LEU G 159 27.53 -26.12 -2.24
N LYS G 160 26.50 -25.31 -2.30
CA LYS G 160 25.44 -25.46 -3.25
C LYS G 160 25.08 -24.08 -3.72
N GLU G 161 26.11 -23.26 -3.88
CA GLU G 161 26.04 -21.92 -4.42
C GLU G 161 25.12 -20.98 -3.64
N TRP G 162 25.75 -20.10 -2.84
CA TRP G 162 25.19 -19.06 -1.94
C TRP G 162 23.69 -19.40 -1.61
N GLY G 163 22.74 -18.48 -1.35
CA GLY G 163 22.91 -17.22 -0.67
C GLY G 163 23.61 -17.37 0.69
N PRO G 164 22.93 -16.94 1.81
CA PRO G 164 23.65 -16.81 3.09
C PRO G 164 24.07 -18.15 3.67
N LYS G 165 23.39 -18.59 4.74
CA LYS G 165 23.49 -19.90 5.40
C LYS G 165 24.40 -20.96 4.77
N ASP G 166 24.68 -20.83 3.48
CA ASP G 166 25.64 -21.63 2.73
C ASP G 166 26.71 -20.66 2.26
N SER G 167 27.64 -20.29 3.15
CA SER G 167 28.87 -19.58 2.80
C SER G 167 29.43 -18.84 3.97
N LEU G 168 30.72 -18.55 3.91
CA LEU G 168 31.38 -17.93 5.05
C LEU G 168 31.17 -18.78 6.29
N TYR G 169 31.29 -20.10 6.10
CA TYR G 169 31.20 -21.00 7.24
C TYR G 169 32.22 -20.64 8.29
N GLY G 170 33.47 -20.41 7.85
CA GLY G 170 34.57 -20.19 8.78
C GLY G 170 34.43 -18.90 9.57
N SER G 171 34.13 -17.80 8.89
CA SER G 171 34.08 -16.56 9.65
C SER G 171 32.76 -16.40 10.37
N ARG G 172 31.65 -16.85 9.76
CA ARG G 172 30.39 -16.71 10.48
C ARG G 172 30.55 -17.34 11.86
N HIS G 173 31.34 -18.40 11.91
CA HIS G 173 31.63 -19.06 13.17
C HIS G 173 32.73 -18.34 13.94
N LEU G 174 33.90 -18.13 13.32
CA LEU G 174 35.05 -17.60 14.06
C LEU G 174 34.71 -16.30 14.76
N ALA G 175 33.95 -15.42 14.09
CA ALA G 175 33.50 -14.21 14.76
C ALA G 175 32.64 -14.57 15.96
N GLN G 176 31.62 -15.41 15.75
CA GLN G 176 30.75 -15.76 16.87
C GLN G 176 31.57 -16.27 18.06
N LEU G 177 32.50 -17.20 17.80
CA LEU G 177 33.44 -17.63 18.83
C LEU G 177 34.09 -16.44 19.51
N MET G 178 34.88 -15.67 18.75
CA MET G 178 35.60 -14.52 19.30
C MET G 178 34.70 -13.51 20.00
N GLU G 179 33.42 -13.40 19.60
CA GLU G 179 32.55 -12.52 20.37
C GLU G 179 32.30 -13.06 21.77
N SER G 180 32.53 -14.36 21.98
CA SER G 180 32.28 -15.03 23.24
C SER G 180 33.51 -15.08 24.16
N ILE G 181 34.71 -14.89 23.62
CA ILE G 181 35.93 -15.02 24.40
C ILE G 181 36.31 -13.65 24.95
N PRO G 182 36.39 -13.49 26.27
CA PRO G 182 36.78 -12.20 26.86
C PRO G 182 38.20 -11.74 26.55
N HIS G 183 38.34 -10.43 26.45
CA HIS G 183 39.62 -9.74 26.29
C HIS G 183 39.67 -8.50 27.19
N SER G 184 40.90 -8.07 27.50
CA SER G 184 41.17 -6.89 28.33
C SER G 184 42.17 -5.97 27.60
N PRO G 185 41.77 -4.70 27.30
CA PRO G 185 40.54 -3.99 27.65
C PRO G 185 39.31 -4.72 27.21
N GLY G 186 39.07 -4.75 25.91
CA GLY G 186 38.08 -5.64 25.39
C GLY G 186 36.82 -4.92 25.05
N PRO G 187 35.66 -5.45 25.48
CA PRO G 187 35.43 -6.58 26.41
C PRO G 187 35.74 -8.01 25.91
N THR G 188 35.36 -8.27 24.66
CA THR G 188 35.54 -9.55 23.99
C THR G 188 36.73 -9.46 23.04
N ARG G 189 37.11 -10.61 22.47
CA ARG G 189 38.24 -10.64 21.54
C ARG G 189 37.92 -9.95 20.23
N ILE G 190 36.62 -9.79 19.90
CA ILE G 190 36.25 -9.07 18.69
C ILE G 190 36.78 -7.65 18.73
N GLN G 191 36.91 -7.08 19.91
CA GLN G 191 37.43 -5.72 19.91
C GLN G 191 38.94 -5.68 19.82
N ALA G 192 39.61 -6.83 19.87
CA ALA G 192 41.07 -6.86 19.77
C ALA G 192 41.55 -6.61 18.34
N ILE G 193 40.67 -6.23 17.43
CA ILE G 193 41.01 -6.07 16.03
C ILE G 193 41.02 -4.58 15.72
N GLU G 194 42.21 -3.98 15.82
CA GLU G 194 42.41 -2.62 15.36
C GLU G 194 42.05 -2.47 13.88
N LEU G 195 42.40 -3.47 13.07
CA LEU G 195 42.03 -3.52 11.65
C LEU G 195 41.88 -4.96 11.19
N PHE G 196 40.91 -5.18 10.28
CA PHE G 196 40.63 -6.45 9.58
C PHE G 196 40.90 -6.24 8.11
N MET G 197 42.04 -6.69 7.63
CA MET G 197 42.39 -6.56 6.22
C MET G 197 42.22 -7.91 5.52
N LEU G 198 41.25 -7.98 4.60
CA LEU G 198 40.92 -9.21 3.88
C LEU G 198 41.57 -9.27 2.51
N LEU G 199 42.26 -10.37 2.25
CA LEU G 199 42.98 -10.59 1.01
C LEU G 199 42.18 -11.56 0.16
N ASP G 200 41.86 -11.15 -1.05
CA ASP G 200 40.95 -11.97 -1.82
C ASP G 200 41.13 -11.81 -3.32
N LEU G 201 41.13 -12.95 -4.02
CA LEU G 201 41.13 -12.94 -5.48
C LEU G 201 42.37 -12.20 -6.00
N LEU G 202 43.51 -12.57 -5.45
CA LEU G 202 44.75 -11.85 -5.73
C LEU G 202 45.67 -12.66 -6.60
N GLY G 203 46.43 -11.95 -7.42
CA GLY G 203 47.52 -12.55 -8.16
C GLY G 203 47.22 -12.99 -9.57
N ALA G 204 46.33 -12.32 -10.26
CA ALA G 204 46.27 -12.40 -11.71
C ALA G 204 46.91 -11.10 -12.18
N PRO G 205 47.04 -10.85 -13.48
CA PRO G 205 47.61 -9.56 -13.90
C PRO G 205 46.59 -8.45 -13.79
N ASN G 206 47.11 -7.24 -13.86
CA ASN G 206 46.41 -5.96 -13.84
C ASN G 206 45.19 -5.97 -12.93
N PRO G 207 45.38 -6.12 -11.62
CA PRO G 207 44.26 -5.91 -10.69
C PRO G 207 44.02 -4.43 -10.45
N THR G 208 42.80 -4.15 -9.98
CA THR G 208 42.42 -2.84 -9.47
C THR G 208 41.69 -3.03 -8.15
N PHE G 209 42.15 -2.35 -7.11
CA PHE G 209 41.44 -2.29 -5.85
C PHE G 209 40.88 -0.91 -5.59
N TYR G 210 39.76 -0.89 -4.89
CA TYR G 210 39.05 0.31 -4.53
C TYR G 210 38.89 0.34 -3.02
N SER G 211 38.53 1.49 -2.47
CA SER G 211 38.16 1.52 -1.06
C SER G 211 36.68 1.20 -0.94
N HIS G 212 36.35 0.22 -0.11
CA HIS G 212 34.97 -0.12 0.10
C HIS G 212 34.44 0.43 1.40
N PHE G 213 35.30 1.06 2.19
CA PHE G 213 34.96 1.60 3.48
C PHE G 213 35.73 2.88 3.77
N PRO G 214 35.04 4.02 3.84
CA PRO G 214 35.73 5.24 4.22
C PRO G 214 36.23 5.22 5.64
N ARG G 215 35.85 4.24 6.48
CA ARG G 215 36.50 4.22 7.79
C ARG G 215 37.97 3.83 7.66
N THR G 216 38.29 2.86 6.82
CA THR G 216 39.68 2.46 6.73
C THR G 216 40.41 3.16 5.61
N VAL G 217 39.77 4.11 4.91
CA VAL G 217 40.33 4.76 3.72
C VAL G 217 41.72 5.36 3.92
N ARG G 218 42.15 5.55 5.16
CA ARG G 218 43.44 6.16 5.39
C ARG G 218 44.58 5.14 5.29
N TRP G 219 44.28 3.86 5.46
CA TRP G 219 45.24 2.80 5.16
C TRP G 219 45.22 2.45 3.67
N PHE G 220 44.03 2.46 3.05
CA PHE G 220 43.96 2.37 1.61
C PHE G 220 44.84 3.43 0.99
N HIS G 221 44.85 4.63 1.58
CA HIS G 221 45.76 5.66 1.09
C HIS G 221 47.23 5.30 1.33
N ARG G 222 47.55 4.59 2.42
CA ARG G 222 48.97 4.24 2.56
C ARG G 222 49.34 3.16 1.58
N LEU G 223 48.41 2.26 1.27
CA LEU G 223 48.65 1.30 0.19
C LEU G 223 48.92 2.01 -1.12
N ARG G 224 48.14 3.05 -1.44
CA ARG G 224 48.40 3.79 -2.67
C ARG G 224 49.76 4.46 -2.62
N SER G 225 50.07 5.12 -1.50
CA SER G 225 51.36 5.81 -1.36
C SER G 225 52.52 4.85 -1.42
N ILE G 226 52.44 3.71 -0.71
CA ILE G 226 53.54 2.75 -0.76
C ILE G 226 53.82 2.34 -2.19
N GLU G 227 52.75 2.14 -2.97
CA GLU G 227 52.91 1.90 -4.40
C GLU G 227 53.59 3.06 -5.15
N LYS G 228 53.07 4.24 -4.92
CA LYS G 228 53.59 5.42 -5.52
C LYS G 228 55.07 5.28 -5.41
N ARG G 229 55.52 5.02 -4.21
CA ARG G 229 56.94 4.88 -3.98
C ARG G 229 57.60 3.79 -4.76
N LEU G 230 57.37 2.59 -4.30
CA LEU G 230 58.09 1.45 -4.87
C LEU G 230 58.30 1.69 -6.37
N HIS G 231 57.31 2.26 -7.03
CA HIS G 231 57.48 2.61 -8.44
C HIS G 231 58.60 3.63 -8.61
N ARG G 232 58.52 4.75 -7.88
CA ARG G 232 59.61 5.74 -7.92
C ARG G 232 60.92 5.12 -7.49
N LEU G 233 60.89 4.30 -6.44
CA LEU G 233 62.06 3.56 -5.99
C LEU G 233 62.34 2.28 -6.76
N ASN G 234 62.11 2.27 -8.10
CA ASN G 234 62.05 1.04 -8.90
C ASN G 234 62.27 -0.26 -8.13
N LEU G 235 61.18 -0.73 -7.53
CA LEU G 235 61.11 -2.00 -6.82
C LEU G 235 59.86 -2.79 -7.21
N LEU G 236 59.27 -2.47 -8.36
CA LEU G 236 58.10 -3.17 -8.87
C LEU G 236 58.38 -3.66 -10.29
N GLN G 237 58.53 -4.99 -10.46
CA GLN G 237 58.70 -5.55 -11.81
C GLN G 237 57.43 -5.33 -12.62
N SER G 238 57.59 -4.82 -13.84
CA SER G 238 56.49 -4.79 -14.81
C SER G 238 55.30 -3.98 -14.28
N HIS G 239 55.60 -2.71 -14.00
CA HIS G 239 54.68 -1.80 -13.32
C HIS G 239 54.88 -0.41 -13.91
N PRO G 240 54.37 -0.17 -15.12
CA PRO G 240 54.76 1.01 -15.89
C PRO G 240 54.01 2.31 -15.64
N GLN G 241 52.96 2.33 -14.84
CA GLN G 241 52.31 3.57 -14.45
C GLN G 241 52.52 3.80 -12.95
N GLU G 242 52.62 5.08 -12.55
CA GLU G 242 52.80 5.44 -11.14
C GLU G 242 51.90 4.61 -10.24
N VAL G 243 50.61 4.65 -10.53
CA VAL G 243 49.60 3.94 -9.75
C VAL G 243 48.81 3.04 -10.69
N MET G 244 48.68 1.78 -10.32
CA MET G 244 47.84 0.90 -11.08
C MET G 244 46.92 0.12 -10.14
N TYR G 245 47.51 -0.44 -9.08
CA TYR G 245 46.78 -1.36 -8.22
C TYR G 245 45.75 -0.65 -7.34
N PHE G 246 46.09 0.49 -6.79
CA PHE G 246 45.21 1.17 -5.86
C PHE G 246 44.67 2.43 -6.51
N GLN G 247 43.40 2.40 -6.83
CA GLN G 247 42.78 3.50 -7.53
C GLN G 247 41.84 4.30 -6.64
N PRO G 248 41.48 5.51 -7.06
CA PRO G 248 40.42 6.26 -6.38
C PRO G 248 39.03 5.88 -6.85
N GLY G 249 38.04 6.25 -6.02
CA GLY G 249 36.65 5.93 -6.30
C GLY G 249 36.21 4.65 -5.60
N GLU G 250 34.91 4.29 -5.75
CA GLU G 250 34.44 2.92 -5.45
C GLU G 250 33.50 2.39 -6.55
N PRO G 251 33.90 2.50 -7.89
CA PRO G 251 33.02 1.95 -8.96
C PRO G 251 32.39 0.59 -8.67
N PHE G 252 33.19 -0.44 -8.46
CA PHE G 252 32.63 -1.75 -8.18
C PHE G 252 32.33 -1.80 -6.68
N GLY G 253 31.04 -1.89 -6.32
CA GLY G 253 30.58 -1.99 -4.94
C GLY G 253 31.23 -3.15 -4.20
N SER G 254 30.97 -3.34 -2.91
CA SER G 254 31.70 -4.43 -2.27
C SER G 254 30.93 -5.74 -2.41
N VAL G 255 31.65 -6.83 -2.12
CA VAL G 255 31.17 -8.18 -2.34
C VAL G 255 31.17 -8.89 -0.99
N GLU G 256 30.03 -9.48 -0.64
CA GLU G 256 29.98 -10.44 0.46
C GLU G 256 31.25 -11.29 0.46
N ASP G 257 31.86 -11.43 1.63
CA ASP G 257 33.15 -12.09 1.75
C ASP G 257 33.35 -12.42 3.22
N ASP G 258 34.51 -13.02 3.53
CA ASP G 258 34.75 -13.46 4.90
C ASP G 258 34.63 -12.35 5.92
N HIS G 259 34.71 -11.08 5.50
CA HIS G 259 34.76 -9.94 6.42
C HIS G 259 33.41 -9.65 7.03
N ILE G 260 32.33 -9.97 6.32
CA ILE G 260 30.96 -9.64 6.70
C ILE G 260 30.62 -9.94 8.15
N PRO G 261 30.99 -11.09 8.75
CA PRO G 261 30.58 -11.32 10.14
C PRO G 261 31.36 -10.49 11.13
N PHE G 262 32.56 -10.04 10.75
CA PHE G 262 33.27 -9.08 11.58
C PHE G 262 32.69 -7.68 11.43
N LEU G 263 32.18 -7.33 10.25
CA LEU G 263 31.55 -6.03 10.11
C LEU G 263 30.24 -5.97 10.86
N ARG G 264 29.37 -6.99 10.75
CA ARG G 264 28.13 -6.96 11.54
C ARG G 264 28.44 -6.64 13.01
N ARG G 265 29.62 -7.03 13.47
CA ARG G 265 30.06 -6.83 14.85
C ARG G 265 31.05 -5.69 14.99
N GLY G 266 30.87 -4.60 14.23
CA GLY G 266 31.59 -3.36 14.48
C GLY G 266 33.00 -3.25 13.93
N VAL G 267 33.67 -4.35 13.66
CA VAL G 267 35.10 -4.36 13.29
C VAL G 267 35.33 -3.51 12.06
N PRO G 268 36.24 -2.54 12.05
CA PRO G 268 36.48 -1.79 10.80
C PRO G 268 37.17 -2.70 9.77
N VAL G 269 37.00 -2.39 8.48
CA VAL G 269 37.47 -3.33 7.46
C VAL G 269 38.08 -2.62 6.26
N LEU G 270 39.24 -3.13 5.81
CA LEU G 270 39.81 -2.81 4.51
C LEU G 270 39.73 -4.06 3.64
N HIS G 271 38.98 -3.98 2.53
CA HIS G 271 38.75 -5.14 1.65
C HIS G 271 39.68 -5.06 0.46
N LEU G 272 40.81 -5.77 0.57
CA LEU G 272 41.78 -5.85 -0.52
C LEU G 272 41.43 -6.98 -1.47
N ILE G 273 40.47 -6.70 -2.34
CA ILE G 273 39.94 -7.68 -3.28
C ILE G 273 39.97 -7.03 -4.65
N SER G 274 40.32 -7.83 -5.66
CA SER G 274 40.27 -7.34 -7.02
C SER G 274 38.82 -7.17 -7.43
N THR G 275 38.52 -6.00 -7.98
CA THR G 275 37.22 -5.68 -8.51
C THR G 275 37.59 -4.92 -9.75
N PRO G 276 37.30 -5.45 -10.96
CA PRO G 276 36.59 -6.67 -11.36
C PRO G 276 37.35 -7.92 -11.09
N PHE G 277 36.64 -9.03 -10.98
CA PHE G 277 37.23 -10.29 -10.61
C PHE G 277 38.15 -10.78 -11.71
N PRO G 278 39.14 -11.65 -11.38
CA PRO G 278 39.93 -12.32 -12.42
C PRO G 278 39.11 -12.80 -13.61
N ALA G 279 39.69 -12.78 -14.81
CA ALA G 279 38.99 -13.38 -15.95
C ALA G 279 38.80 -14.88 -15.74
N VAL G 280 39.75 -15.51 -15.04
CA VAL G 280 39.71 -16.94 -14.76
C VAL G 280 38.86 -17.20 -13.54
N TRP G 281 38.20 -16.16 -13.06
CA TRP G 281 37.47 -16.32 -11.83
C TRP G 281 36.53 -17.49 -12.00
N HIS G 282 36.48 -18.34 -10.96
CA HIS G 282 35.54 -19.48 -10.86
C HIS G 282 35.49 -20.34 -12.13
N THR G 283 36.61 -20.44 -12.83
CA THR G 283 36.86 -21.46 -13.83
C THR G 283 37.86 -22.44 -13.29
N PRO G 284 37.93 -23.63 -13.88
CA PRO G 284 39.12 -24.46 -13.77
C PRO G 284 40.40 -23.87 -14.36
N ALA G 285 40.41 -22.60 -14.74
CA ALA G 285 41.66 -21.99 -15.18
C ALA G 285 42.38 -21.20 -14.08
N ASP G 286 41.73 -20.95 -12.95
CA ASP G 286 42.40 -20.35 -11.79
C ASP G 286 43.58 -21.21 -11.39
N THR G 287 44.74 -21.03 -12.02
CA THR G 287 45.86 -21.94 -11.78
C THR G 287 47.17 -21.21 -11.98
N GLU G 288 48.24 -21.84 -11.49
CA GLU G 288 49.57 -21.26 -11.56
C GLU G 288 49.90 -20.73 -12.95
N VAL G 289 49.26 -21.27 -13.98
CA VAL G 289 49.66 -20.90 -15.34
C VAL G 289 49.25 -19.48 -15.66
N ASN G 290 48.11 -18.99 -15.15
CA ASN G 290 47.68 -17.62 -15.46
C ASN G 290 47.99 -16.59 -14.37
N LEU G 291 48.52 -17.01 -13.22
CA LEU G 291 49.02 -16.06 -12.25
C LEU G 291 50.14 -15.25 -12.87
N HIS G 292 50.06 -13.92 -12.74
CA HIS G 292 51.13 -13.01 -13.11
C HIS G 292 52.06 -12.82 -11.92
N PRO G 293 53.22 -13.45 -11.95
CA PRO G 293 54.08 -13.52 -10.76
C PRO G 293 54.66 -12.19 -10.34
N PRO G 294 55.05 -11.28 -11.27
CA PRO G 294 55.51 -9.96 -10.82
C PRO G 294 54.42 -9.28 -10.02
N THR G 295 53.26 -9.08 -10.65
CA THR G 295 52.08 -8.56 -9.96
C THR G 295 51.98 -9.19 -8.59
N VAL G 296 52.29 -10.49 -8.47
CA VAL G 296 52.23 -11.14 -7.16
C VAL G 296 53.30 -10.59 -6.23
N HIS G 297 54.55 -10.71 -6.63
CA HIS G 297 55.63 -10.17 -5.81
C HIS G 297 55.43 -8.68 -5.57
N ASN G 298 54.96 -7.98 -6.60
CA ASN G 298 54.59 -6.58 -6.43
C ASN G 298 53.70 -6.39 -5.23
N LEU G 299 52.63 -7.17 -5.15
CA LEU G 299 51.81 -7.06 -3.96
C LEU G 299 52.56 -7.54 -2.73
N CYS G 300 53.46 -8.51 -2.89
CA CYS G 300 54.22 -8.94 -1.73
C CYS G 300 54.99 -7.79 -1.14
N ARG G 301 55.75 -7.08 -1.96
CA ARG G 301 56.46 -5.90 -1.47
C ARG G 301 55.50 -4.88 -0.91
N ILE G 302 54.56 -4.41 -1.76
CA ILE G 302 53.61 -3.38 -1.35
C ILE G 302 52.97 -3.72 -0.03
N LEU G 303 52.77 -5.01 0.26
CA LEU G 303 52.30 -5.35 1.59
C LEU G 303 53.40 -5.40 2.63
N ALA G 304 54.60 -5.84 2.25
CA ALA G 304 55.69 -5.96 3.20
C ALA G 304 55.99 -4.59 3.84
N VAL G 305 56.18 -3.56 3.02
CA VAL G 305 56.36 -2.22 3.57
C VAL G 305 55.25 -1.90 4.56
N PHE G 306 54.00 -1.97 4.10
CA PHE G 306 52.84 -1.61 4.90
C PHE G 306 52.78 -2.39 6.19
N LEU G 307 53.28 -3.62 6.23
CA LEU G 307 53.24 -4.32 7.51
C LEU G 307 54.19 -3.70 8.52
N ALA G 308 55.36 -3.25 8.07
CA ALA G 308 56.38 -2.68 8.94
C ALA G 308 56.20 -1.18 9.18
N GLU G 309 55.57 -0.47 8.25
CA GLU G 309 55.15 0.91 8.48
C GLU G 309 54.02 0.99 9.50
N TYR G 310 53.30 -0.10 9.76
CA TYR G 310 52.14 -0.07 10.65
C TYR G 310 52.41 -0.64 12.01
N LEU G 311 53.43 -1.48 12.17
CA LEU G 311 53.70 -2.10 13.46
C LEU G 311 54.97 -1.56 14.11
N GLY G 312 55.53 -0.49 13.55
CA GLY G 312 56.86 -0.01 13.87
C GLY G 312 57.87 -1.14 13.84
N LEU G 313 58.42 -1.46 12.67
CA LEU G 313 59.29 -2.63 12.59
C LEU G 313 60.65 -2.33 11.98
N VAL H 1 -18.69 -7.89 -12.13
CA VAL H 1 -17.45 -7.14 -12.34
C VAL H 1 -16.41 -8.04 -11.58
N PRO H 2 -15.13 -7.61 -11.36
CA PRO H 2 -14.24 -8.40 -10.46
C PRO H 2 -14.28 -8.08 -8.95
N LEU H 3 -14.58 -9.09 -8.10
CA LEU H 3 -14.73 -8.97 -6.64
C LEU H 3 -13.44 -8.65 -5.89
N ILE H 4 -13.33 -9.07 -4.59
CA ILE H 4 -12.27 -8.64 -3.69
C ILE H 4 -11.10 -9.64 -3.72
N GLY H 5 -9.91 -9.15 -3.36
CA GLY H 5 -8.71 -9.96 -3.39
C GLY H 5 -8.29 -10.46 -4.75
N SER H 6 -9.03 -10.11 -5.82
CA SER H 6 -8.74 -10.56 -7.18
C SER H 6 -7.45 -9.98 -7.74
N LEU H 7 -7.42 -9.67 -9.04
CA LEU H 7 -6.18 -9.23 -9.64
C LEU H 7 -6.32 -8.22 -10.76
N PRO H 8 -5.54 -7.14 -10.73
CA PRO H 8 -5.62 -6.11 -11.78
C PRO H 8 -5.66 -6.75 -13.17
N GLU H 9 -6.64 -6.35 -13.98
CA GLU H 9 -6.76 -6.97 -15.30
C GLU H 9 -5.50 -6.82 -16.12
N ALA H 10 -4.71 -5.77 -15.90
CA ALA H 10 -3.41 -5.66 -16.54
C ALA H 10 -2.37 -6.54 -15.87
N ARG H 11 -2.82 -7.49 -15.08
CA ARG H 11 -1.95 -8.46 -14.45
C ARG H 11 -2.44 -9.84 -14.87
N LEU H 12 -3.75 -10.08 -14.76
CA LEU H 12 -4.41 -11.24 -15.36
C LEU H 12 -4.07 -11.40 -16.83
N ARG H 13 -4.06 -10.29 -17.58
CA ARG H 13 -3.67 -10.38 -18.98
C ARG H 13 -2.23 -10.83 -19.12
N ARG H 14 -1.35 -10.38 -18.21
CA ARG H 14 0.06 -10.77 -18.24
C ARG H 14 0.20 -12.28 -18.19
N VAL H 15 -0.47 -12.92 -17.21
CA VAL H 15 -0.24 -14.32 -16.86
C VAL H 15 -1.00 -15.28 -17.78
N VAL H 16 -2.27 -15.00 -18.09
CA VAL H 16 -2.94 -15.75 -19.14
C VAL H 16 -1.98 -15.83 -20.32
N GLY H 17 -1.17 -14.78 -20.49
CA GLY H 17 -0.13 -14.78 -21.51
C GLY H 17 0.77 -16.01 -21.49
N GLN H 18 1.36 -16.33 -20.32
CA GLN H 18 2.45 -17.33 -20.26
C GLN H 18 2.02 -18.74 -20.65
N LEU H 19 0.75 -19.05 -20.55
CA LEU H 19 0.26 -20.35 -20.98
C LEU H 19 0.48 -20.51 -22.48
N ASP H 20 1.31 -21.48 -22.87
CA ASP H 20 1.39 -21.91 -24.27
C ASP H 20 0.39 -23.04 -24.52
N PRO H 21 -0.75 -22.77 -25.17
CA PRO H 21 -1.71 -23.84 -25.43
C PRO H 21 -1.09 -25.04 -26.12
N GLN H 22 0.10 -24.85 -26.68
CA GLN H 22 0.84 -25.94 -27.30
C GLN H 22 1.67 -26.69 -26.27
N ARG H 23 2.52 -26.00 -25.49
CA ARG H 23 3.44 -26.65 -24.56
C ARG H 23 2.73 -27.77 -23.79
N LEU H 24 1.75 -27.36 -22.98
CA LEU H 24 0.70 -28.21 -22.40
C LEU H 24 0.36 -29.45 -23.22
N TRP H 25 0.09 -29.27 -24.51
CA TRP H 25 -0.45 -30.34 -25.36
C TRP H 25 0.59 -31.27 -25.97
N SER H 26 1.43 -30.73 -26.86
CA SER H 26 2.47 -31.54 -27.48
C SER H 26 3.40 -32.12 -26.43
N THR H 27 3.89 -31.25 -25.55
CA THR H 27 5.08 -31.46 -24.74
C THR H 27 4.80 -32.16 -23.42
N TYR H 28 3.66 -31.86 -22.80
CA TYR H 28 3.23 -32.53 -21.58
C TYR H 28 2.15 -33.55 -21.86
N LEU H 29 1.07 -33.13 -22.53
CA LEU H 29 -0.13 -33.97 -22.61
C LEU H 29 0.15 -35.24 -23.40
N ARG H 30 0.48 -35.08 -24.69
CA ARG H 30 0.63 -36.21 -25.60
C ARG H 30 1.56 -37.28 -25.06
N PRO H 31 2.81 -36.97 -24.57
CA PRO H 31 3.72 -38.03 -24.12
C PRO H 31 3.11 -38.95 -23.09
N LEU H 32 2.04 -38.49 -22.42
CA LEU H 32 1.43 -39.22 -21.34
C LEU H 32 0.39 -40.24 -21.78
N LEU H 33 -0.09 -40.17 -23.02
CA LEU H 33 -1.32 -40.90 -23.36
C LEU H 33 -1.06 -42.34 -23.76
N VAL H 34 -0.15 -43.00 -23.08
CA VAL H 34 0.21 -44.40 -23.34
C VAL H 34 -0.43 -45.25 -22.24
N VAL H 35 -0.66 -46.55 -22.49
CA VAL H 35 -1.14 -47.37 -21.39
C VAL H 35 -0.13 -47.27 -20.28
N ARG H 36 -0.61 -47.12 -19.04
CA ARG H 36 0.30 -46.86 -17.94
C ARG H 36 -0.29 -47.33 -16.63
N THR H 37 -0.91 -48.49 -16.65
CA THR H 37 -1.33 -49.16 -15.42
C THR H 37 -0.17 -49.26 -14.42
N PRO H 38 -0.36 -49.87 -13.25
CA PRO H 38 0.76 -49.92 -12.30
C PRO H 38 1.79 -51.02 -12.55
N GLY H 39 3.06 -50.67 -12.32
CA GLY H 39 4.17 -51.58 -12.58
C GLY H 39 4.50 -51.78 -14.05
N SER H 40 3.51 -51.53 -14.90
CA SER H 40 3.67 -51.50 -16.33
C SER H 40 4.82 -50.58 -16.72
N PRO H 41 5.52 -50.89 -17.81
CA PRO H 41 6.60 -49.98 -18.23
C PRO H 41 6.06 -48.65 -18.68
N GLY H 42 4.88 -48.69 -19.29
CA GLY H 42 4.13 -47.51 -19.62
C GLY H 42 4.11 -46.55 -18.46
N ASN H 43 3.78 -47.06 -17.27
CA ASN H 43 3.90 -46.28 -16.05
C ASN H 43 5.30 -45.70 -15.93
N LEU H 44 6.22 -46.40 -15.27
CA LEU H 44 7.64 -46.08 -15.19
C LEU H 44 8.09 -44.93 -16.06
N GLN H 45 7.66 -44.95 -17.33
CA GLN H 45 7.93 -43.83 -18.21
C GLN H 45 7.34 -42.56 -17.62
N VAL H 46 6.01 -42.54 -17.48
CA VAL H 46 5.30 -41.36 -16.97
C VAL H 46 5.80 -40.96 -15.59
N ARG H 47 5.98 -41.94 -14.68
CA ARG H 47 6.62 -41.60 -13.42
C ARG H 47 7.95 -40.92 -13.69
N LYS H 48 8.76 -41.54 -14.55
CA LYS H 48 10.07 -40.97 -14.88
C LYS H 48 9.92 -39.64 -15.58
N PHE H 49 8.99 -39.53 -16.52
CA PHE H 49 8.74 -38.23 -17.14
C PHE H 49 8.49 -37.19 -16.07
N LEU H 50 7.43 -37.41 -15.28
CA LEU H 50 6.90 -36.39 -14.39
C LEU H 50 8.03 -35.68 -13.68
N GLU H 51 8.90 -36.46 -12.99
CA GLU H 51 10.07 -35.92 -12.27
C GLU H 51 10.92 -35.02 -13.13
N ALA H 52 11.30 -35.52 -14.32
CA ALA H 52 12.29 -34.85 -15.12
C ALA H 52 11.82 -33.46 -15.51
N THR H 53 10.50 -33.30 -15.67
CA THR H 53 9.97 -31.98 -15.99
C THR H 53 10.01 -31.08 -14.77
N LEU H 54 9.49 -31.58 -13.64
CA LEU H 54 9.51 -30.81 -12.41
C LEU H 54 10.93 -30.43 -12.05
N ARG H 55 11.84 -31.39 -12.14
CA ARG H 55 13.22 -31.08 -11.82
C ARG H 55 13.84 -30.16 -12.86
N SER H 56 13.35 -30.20 -14.11
CA SER H 56 13.80 -29.23 -15.09
C SER H 56 13.43 -27.82 -14.67
N LEU H 57 12.36 -27.66 -13.89
CA LEU H 57 11.82 -26.34 -13.60
C LEU H 57 12.85 -25.46 -12.91
N THR H 58 12.83 -24.18 -13.29
CA THR H 58 13.74 -23.18 -12.75
C THR H 58 13.25 -22.65 -11.41
N ALA H 59 12.09 -23.06 -10.94
CA ALA H 59 11.68 -22.69 -9.60
C ALA H 59 12.48 -23.46 -8.54
N GLY H 60 12.92 -24.68 -8.87
CA GLY H 60 13.79 -25.41 -7.97
C GLY H 60 13.04 -26.08 -6.85
N TRP H 61 12.07 -26.89 -7.24
CA TRP H 61 11.21 -27.62 -6.32
C TRP H 61 11.96 -28.74 -5.61
N HIS H 62 11.44 -29.14 -4.46
CA HIS H 62 11.89 -30.39 -3.90
C HIS H 62 11.03 -31.46 -4.53
N VAL H 63 11.56 -32.16 -5.61
CA VAL H 63 10.84 -33.26 -6.24
C VAL H 63 11.28 -34.56 -5.59
N GLU H 64 10.38 -35.54 -5.50
CA GLU H 64 10.67 -36.74 -4.73
C GLU H 64 9.70 -37.86 -5.11
N LEU H 65 10.11 -39.10 -4.89
CA LEU H 65 9.25 -40.25 -5.15
C LEU H 65 8.91 -41.01 -3.88
N ASP H 66 7.70 -41.55 -3.84
CA ASP H 66 7.20 -42.31 -2.70
C ASP H 66 7.13 -43.75 -3.19
N PRO H 67 8.25 -44.44 -3.31
CA PRO H 67 8.20 -45.84 -3.75
C PRO H 67 7.53 -46.70 -2.70
N PHE H 68 6.66 -47.59 -3.14
CA PHE H 68 6.22 -48.60 -2.19
C PHE H 68 5.67 -49.81 -2.91
N THR H 69 5.43 -50.85 -2.12
CA THR H 69 4.93 -52.15 -2.53
C THR H 69 3.78 -52.48 -1.60
N ALA H 70 2.70 -52.99 -2.17
CA ALA H 70 1.45 -53.23 -1.47
C ALA H 70 0.90 -54.54 -1.95
N SER H 71 0.08 -55.20 -1.11
CA SER H 71 -0.73 -56.34 -1.53
C SER H 71 -1.59 -55.93 -2.73
N THR H 72 -2.39 -56.85 -3.27
CA THR H 72 -3.41 -56.60 -4.31
C THR H 72 -3.88 -57.92 -4.89
N PRO H 73 -5.07 -57.97 -5.51
CA PRO H 73 -5.46 -59.19 -6.25
C PRO H 73 -4.52 -59.53 -7.40
N LEU H 74 -4.11 -58.59 -8.26
CA LEU H 74 -3.09 -58.97 -9.22
C LEU H 74 -1.79 -59.34 -8.52
N GLY H 75 -1.88 -59.61 -7.21
CA GLY H 75 -0.76 -59.94 -6.38
C GLY H 75 0.14 -58.75 -6.18
N PRO H 76 0.85 -58.63 -5.00
CA PRO H 76 1.82 -57.55 -4.76
C PRO H 76 2.34 -56.73 -5.95
N VAL H 77 2.41 -55.40 -5.77
CA VAL H 77 2.69 -54.46 -6.85
C VAL H 77 3.55 -53.33 -6.32
N ASP H 78 4.39 -52.78 -7.18
CA ASP H 78 5.23 -51.63 -6.87
C ASP H 78 4.55 -50.37 -7.38
N PHE H 79 4.26 -49.42 -6.48
CA PHE H 79 3.63 -48.17 -6.90
C PHE H 79 4.61 -47.01 -6.78
N GLY H 80 4.24 -45.87 -7.34
CA GLY H 80 5.15 -44.75 -7.36
C GLY H 80 4.49 -43.39 -7.41
N ASN H 81 4.49 -42.66 -6.28
CA ASN H 81 3.97 -41.29 -6.21
C ASN H 81 5.01 -40.26 -6.62
N VAL H 82 4.56 -39.22 -7.32
CA VAL H 82 5.41 -38.08 -7.65
C VAL H 82 4.92 -36.86 -6.89
N VAL H 83 5.83 -36.27 -6.10
CA VAL H 83 5.53 -35.31 -5.04
C VAL H 83 6.44 -34.10 -5.25
N ALA H 84 5.86 -32.98 -5.66
CA ALA H 84 6.69 -31.80 -5.93
C ALA H 84 6.28 -30.62 -5.00
N THR H 85 6.90 -30.57 -3.82
CA THR H 85 6.75 -29.44 -2.93
C THR H 85 7.69 -28.33 -3.37
N LEU H 86 7.15 -27.14 -3.69
CA LEU H 86 8.05 -26.08 -4.15
C LEU H 86 9.00 -25.66 -3.04
N ASP H 87 8.49 -25.48 -1.83
CA ASP H 87 9.26 -24.79 -0.80
C ASP H 87 9.16 -25.59 0.48
N PRO H 88 10.09 -26.55 0.67
CA PRO H 88 9.91 -27.60 1.69
C PRO H 88 9.97 -27.10 3.12
N ARG H 89 9.98 -25.78 3.26
CA ARG H 89 10.09 -25.04 4.52
C ARG H 89 8.86 -24.20 4.83
N ALA H 90 8.30 -23.52 3.83
CA ALA H 90 7.10 -22.70 3.97
C ALA H 90 6.03 -23.42 4.80
N ALA H 91 5.50 -22.68 5.78
CA ALA H 91 4.73 -23.28 6.87
C ALA H 91 3.62 -24.21 6.36
N ARG H 92 2.91 -23.79 5.31
CA ARG H 92 1.80 -24.53 4.72
C ARG H 92 1.91 -24.36 3.22
N HIS H 93 1.08 -25.09 2.47
CA HIS H 93 1.12 -25.00 1.01
C HIS H 93 -0.24 -25.33 0.41
N LEU H 94 -0.52 -24.67 -0.72
CA LEU H 94 -1.60 -25.10 -1.60
C LEU H 94 -1.19 -26.36 -2.35
N THR H 95 -2.12 -27.30 -2.49
CA THR H 95 -1.84 -28.61 -3.05
C THR H 95 -2.79 -28.93 -4.19
N LEU H 96 -2.23 -29.20 -5.36
CA LEU H 96 -2.94 -29.73 -6.51
C LEU H 96 -2.64 -31.20 -6.67
N ALA H 97 -3.59 -31.92 -7.25
CA ALA H 97 -3.45 -33.37 -7.26
C ALA H 97 -4.29 -34.00 -8.35
N CYS H 98 -3.80 -35.16 -8.79
CA CYS H 98 -4.27 -35.96 -9.91
C CYS H 98 -3.64 -37.32 -9.74
N HIS H 99 -4.13 -38.31 -10.48
CA HIS H 99 -3.39 -39.56 -10.62
C HIS H 99 -2.86 -39.69 -12.04
N TYR H 100 -1.63 -40.18 -12.15
CA TYR H 100 -1.05 -40.47 -13.44
C TYR H 100 -1.21 -41.93 -13.86
N ASP H 101 -1.76 -42.81 -13.01
CA ASP H 101 -1.90 -44.18 -13.48
C ASP H 101 -3.05 -44.27 -14.47
N SER H 102 -2.99 -45.25 -15.35
CA SER H 102 -4.12 -45.59 -16.19
C SER H 102 -4.85 -46.77 -15.57
N LYS H 103 -6.14 -46.93 -15.90
CA LYS H 103 -6.83 -48.09 -15.34
C LYS H 103 -6.52 -49.34 -16.14
N LEU H 104 -6.65 -50.47 -15.46
CA LEU H 104 -6.35 -51.79 -15.97
C LEU H 104 -7.62 -52.50 -16.42
N PHE H 105 -7.76 -52.61 -17.73
CA PHE H 105 -8.73 -53.42 -18.43
C PHE H 105 -8.15 -54.78 -18.78
N PRO H 106 -9.01 -55.75 -19.10
CA PRO H 106 -8.54 -57.04 -19.65
C PRO H 106 -7.68 -56.83 -20.88
N PRO H 107 -6.80 -57.77 -21.21
CA PRO H 107 -5.90 -57.59 -22.35
C PRO H 107 -6.61 -57.88 -23.67
N GLY H 108 -5.96 -57.47 -24.75
CA GLY H 108 -6.49 -57.69 -26.08
C GLY H 108 -7.43 -56.61 -26.45
N SER H 109 -8.35 -56.29 -25.53
CA SER H 109 -9.13 -55.06 -25.61
C SER H 109 -8.26 -53.90 -26.09
N THR H 110 -8.90 -52.89 -26.67
CA THR H 110 -8.16 -51.74 -27.13
C THR H 110 -7.37 -51.12 -25.96
N PRO H 111 -6.18 -50.57 -26.22
CA PRO H 111 -5.48 -49.85 -25.16
C PRO H 111 -6.40 -48.87 -24.48
N PHE H 112 -6.23 -48.76 -23.17
CA PHE H 112 -6.96 -47.76 -22.40
C PHE H 112 -5.98 -46.73 -21.87
N VAL H 113 -6.12 -45.49 -22.34
CA VAL H 113 -5.11 -44.51 -21.98
C VAL H 113 -5.70 -43.31 -21.25
N GLY H 114 -6.99 -43.38 -20.86
CA GLY H 114 -7.67 -42.38 -20.05
C GLY H 114 -7.12 -40.97 -20.17
N ALA H 115 -7.61 -40.17 -21.10
CA ALA H 115 -7.10 -38.82 -21.23
C ALA H 115 -7.67 -37.91 -20.15
N THR H 116 -8.99 -37.89 -20.04
CA THR H 116 -9.62 -37.24 -18.91
C THR H 116 -9.19 -37.87 -17.58
N ASP H 117 -8.88 -39.15 -17.58
CA ASP H 117 -8.77 -39.88 -16.32
C ASP H 117 -7.43 -40.60 -16.18
N SER H 118 -6.36 -39.86 -15.88
CA SER H 118 -6.41 -38.42 -15.68
C SER H 118 -5.22 -37.69 -16.30
N ALA H 119 -5.04 -37.89 -17.60
CA ALA H 119 -3.87 -37.30 -18.23
C ALA H 119 -4.03 -35.79 -18.40
N VAL H 120 -5.21 -35.34 -18.86
CA VAL H 120 -5.44 -33.90 -19.00
C VAL H 120 -5.17 -33.17 -17.70
N PRO H 121 -5.74 -33.59 -16.52
CA PRO H 121 -5.31 -33.03 -15.24
C PRO H 121 -3.79 -32.91 -15.08
N CYS H 122 -3.08 -34.03 -15.31
CA CYS H 122 -1.62 -34.05 -15.18
C CYS H 122 -0.96 -33.03 -16.10
N ALA H 123 -1.47 -32.93 -17.32
CA ALA H 123 -0.96 -31.93 -18.27
C ALA H 123 -1.06 -30.54 -17.67
N LEU H 124 -2.29 -30.11 -17.39
CA LEU H 124 -2.59 -28.90 -16.62
C LEU H 124 -1.59 -28.67 -15.50
N LEU H 125 -1.53 -29.60 -14.54
CA LEU H 125 -0.58 -29.45 -13.45
C LEU H 125 0.83 -29.19 -13.94
N LEU H 126 1.20 -29.79 -15.08
CA LEU H 126 2.53 -29.58 -15.60
C LEU H 126 2.64 -28.21 -16.25
N GLU H 127 1.74 -27.89 -17.17
CA GLU H 127 1.62 -26.56 -17.74
C GLU H 127 1.77 -25.44 -16.72
N LEU H 128 0.75 -25.25 -15.88
CA LEU H 128 0.72 -24.22 -14.85
C LEU H 128 2.08 -24.00 -14.23
N ALA H 129 2.72 -25.08 -13.77
CA ALA H 129 3.95 -24.96 -13.01
C ALA H 129 5.09 -24.36 -13.81
N GLN H 130 5.07 -24.53 -15.12
CA GLN H 130 6.08 -23.92 -15.96
C GLN H 130 5.67 -22.48 -16.31
N ALA H 131 4.46 -22.30 -16.84
CA ALA H 131 4.03 -20.96 -17.24
C ALA H 131 4.11 -19.95 -16.11
N LEU H 132 4.04 -20.42 -14.86
CA LEU H 132 4.18 -19.56 -13.70
C LEU H 132 5.50 -19.76 -13.00
N ASP H 133 6.43 -20.49 -13.62
CA ASP H 133 7.80 -20.49 -13.15
C ASP H 133 8.18 -19.01 -13.02
N LEU H 134 9.16 -18.73 -12.15
CA LEU H 134 9.56 -17.38 -11.78
C LEU H 134 8.48 -16.80 -10.87
N GLU H 135 7.26 -16.50 -11.35
CA GLU H 135 6.22 -15.97 -10.45
C GLU H 135 6.20 -16.66 -9.09
N LEU H 136 6.07 -17.98 -9.11
CA LEU H 136 6.44 -18.77 -7.95
C LEU H 136 7.85 -18.40 -7.54
N SER H 137 8.85 -19.02 -8.20
CA SER H 137 10.29 -18.84 -7.96
C SER H 137 10.66 -17.58 -7.16
N ARG H 138 10.11 -16.40 -7.51
CA ARG H 138 10.18 -15.25 -6.62
C ARG H 138 9.71 -15.69 -5.25
N ALA H 139 8.39 -15.90 -5.14
CA ALA H 139 7.70 -16.32 -3.93
C ALA H 139 8.57 -17.19 -3.03
N LYS H 140 9.13 -18.27 -3.58
CA LYS H 140 10.02 -19.13 -2.77
C LYS H 140 11.12 -18.32 -2.10
N LYS H 141 11.64 -17.29 -2.76
CA LYS H 141 12.72 -16.53 -2.15
C LYS H 141 12.21 -15.57 -1.08
N GLN H 142 11.07 -14.90 -1.33
CA GLN H 142 10.41 -14.07 -0.32
C GLN H 142 9.87 -14.90 0.82
N ALA H 143 10.69 -15.76 1.43
CA ALA H 143 10.27 -16.96 2.16
C ALA H 143 8.76 -17.08 2.41
N ALA H 144 7.96 -16.89 1.33
CA ALA H 144 6.49 -16.81 1.27
C ALA H 144 5.87 -17.83 2.20
N PRO H 145 4.67 -17.61 2.67
CA PRO H 145 4.19 -18.37 3.82
C PRO H 145 3.38 -19.58 3.43
N VAL H 146 2.76 -19.51 2.25
CA VAL H 146 2.11 -20.63 1.59
C VAL H 146 2.86 -20.89 0.28
N THR H 147 3.32 -22.12 0.08
CA THR H 147 3.96 -22.44 -1.16
C THR H 147 3.02 -23.33 -1.96
N LEU H 148 3.54 -23.99 -3.01
CA LEU H 148 2.70 -24.63 -4.01
C LEU H 148 3.11 -26.08 -4.21
N GLN H 149 2.19 -27.00 -3.98
CA GLN H 149 2.53 -28.41 -4.09
C GLN H 149 1.84 -29.07 -5.26
N LEU H 150 2.48 -30.12 -5.73
CA LEU H 150 2.05 -30.89 -6.87
C LEU H 150 2.12 -32.35 -6.46
N LEU H 151 1.01 -33.06 -6.63
CA LEU H 151 0.92 -34.49 -6.30
C LEU H 151 0.41 -35.25 -7.50
N PHE H 152 1.26 -36.13 -8.05
CA PHE H 152 0.86 -37.09 -9.07
C PHE H 152 0.91 -38.46 -8.41
N LEU H 153 -0.23 -39.10 -8.33
CA LEU H 153 -0.40 -40.29 -7.53
C LEU H 153 -0.55 -41.53 -8.41
N ASP H 154 0.13 -42.59 -8.03
CA ASP H 154 0.03 -43.86 -8.70
C ASP H 154 -1.14 -44.62 -8.11
N GLY H 155 -1.69 -45.55 -8.89
CA GLY H 155 -2.61 -46.52 -8.35
C GLY H 155 -3.92 -45.99 -7.85
N GLU H 156 -4.47 -44.92 -8.44
CA GLU H 156 -5.84 -44.55 -8.10
C GLU H 156 -6.79 -45.67 -8.48
N GLU H 157 -6.77 -46.08 -9.74
CA GLU H 157 -7.79 -46.97 -10.25
C GLU H 157 -7.64 -48.36 -9.63
N ALA H 158 -8.66 -49.20 -9.81
CA ALA H 158 -8.70 -50.51 -9.20
C ALA H 158 -7.92 -51.51 -10.04
N LEU H 159 -7.66 -52.69 -9.47
CA LEU H 159 -7.00 -53.70 -10.27
C LEU H 159 -7.99 -54.77 -10.72
N LYS H 160 -8.46 -55.62 -9.80
CA LYS H 160 -9.66 -56.45 -10.00
C LYS H 160 -10.68 -55.77 -9.09
N GLU H 161 -11.51 -54.92 -9.68
CA GLU H 161 -12.52 -54.08 -8.97
C GLU H 161 -13.02 -54.57 -7.60
N TRP H 162 -13.23 -53.68 -6.63
CA TRP H 162 -12.80 -52.26 -6.57
C TRP H 162 -12.59 -51.78 -5.13
N GLY H 163 -13.59 -51.90 -4.27
CA GLY H 163 -13.58 -51.17 -3.02
C GLY H 163 -12.35 -51.42 -2.16
N PRO H 164 -11.50 -50.39 -1.96
CA PRO H 164 -10.28 -50.41 -1.13
C PRO H 164 -10.41 -51.39 0.02
N LYS H 165 -9.53 -52.40 0.16
CA LYS H 165 -8.14 -52.45 -0.33
C LYS H 165 -7.88 -52.86 -1.82
N ASP H 166 -8.61 -52.29 -2.77
CA ASP H 166 -8.22 -52.30 -4.17
C ASP H 166 -8.52 -50.95 -4.84
N SER H 167 -8.03 -49.87 -4.25
CA SER H 167 -7.88 -48.61 -4.98
C SER H 167 -7.16 -47.61 -4.09
N LEU H 168 -7.21 -46.34 -4.50
CA LEU H 168 -6.56 -45.21 -3.86
C LEU H 168 -5.24 -45.68 -3.25
N TYR H 169 -4.50 -46.51 -4.01
CA TYR H 169 -3.29 -47.11 -3.49
C TYR H 169 -2.24 -46.04 -3.22
N GLY H 170 -2.14 -45.05 -4.09
CA GLY H 170 -1.13 -44.03 -3.95
C GLY H 170 -1.43 -43.05 -2.83
N SER H 171 -2.68 -42.54 -2.79
CA SER H 171 -3.05 -41.55 -1.77
C SER H 171 -3.10 -42.18 -0.39
N ARG H 172 -3.82 -43.29 -0.22
CA ARG H 172 -3.87 -43.95 1.08
C ARG H 172 -2.49 -44.10 1.75
N HIS H 173 -1.43 -44.09 0.96
CA HIS H 173 -0.06 -44.21 1.46
C HIS H 173 0.65 -42.87 1.53
N LEU H 174 0.22 -41.89 0.75
CA LEU H 174 0.85 -40.58 0.86
C LEU H 174 0.37 -39.86 2.11
N ALA H 175 -0.95 -39.68 2.24
CA ALA H 175 -1.55 -39.17 3.47
C ALA H 175 -0.96 -39.87 4.69
N GLN H 176 -1.12 -41.18 4.77
CA GLN H 176 -0.47 -41.95 5.82
C GLN H 176 1.01 -41.59 5.98
N LEU H 177 1.76 -41.43 4.90
CA LEU H 177 3.17 -41.12 5.06
C LEU H 177 3.38 -39.69 5.53
N MET H 178 2.75 -38.74 4.86
CA MET H 178 2.77 -37.35 5.30
C MET H 178 2.51 -37.28 6.81
N GLU H 179 1.33 -37.73 7.25
CA GLU H 179 0.98 -37.71 8.68
C GLU H 179 2.03 -38.37 9.57
N SER H 180 2.91 -39.19 9.03
CA SER H 180 3.98 -39.79 9.81
C SER H 180 5.22 -38.93 9.88
N ILE H 181 5.26 -37.82 9.14
CA ILE H 181 6.40 -36.91 9.16
C ILE H 181 5.95 -35.71 9.98
N PRO H 182 6.84 -35.08 10.79
CA PRO H 182 6.38 -33.90 11.53
C PRO H 182 6.69 -32.63 10.77
N HIS H 183 5.93 -31.59 11.08
CA HIS H 183 6.08 -30.30 10.44
C HIS H 183 5.91 -29.21 11.50
N SER H 184 6.29 -28.00 11.11
CA SER H 184 6.48 -26.82 11.95
C SER H 184 5.85 -25.61 11.22
N PRO H 185 4.67 -25.15 11.65
CA PRO H 185 3.81 -25.56 12.78
C PRO H 185 3.46 -27.05 12.82
N GLY H 186 2.45 -27.47 12.08
CA GLY H 186 2.05 -28.87 12.12
C GLY H 186 0.90 -29.18 13.04
N PRO H 187 1.01 -30.27 13.81
CA PRO H 187 2.21 -31.09 14.06
C PRO H 187 2.82 -31.94 12.95
N THR H 188 2.07 -32.32 11.91
CA THR H 188 2.54 -33.16 10.80
C THR H 188 2.48 -32.40 9.47
N ARG H 189 2.85 -33.07 8.39
CA ARG H 189 2.73 -32.45 7.08
C ARG H 189 1.27 -32.33 6.68
N ILE H 190 0.42 -33.26 7.13
CA ILE H 190 -1.01 -33.20 6.82
C ILE H 190 -1.60 -31.83 7.12
N GLN H 191 -1.04 -31.14 8.10
CA GLN H 191 -1.56 -29.83 8.42
C GLN H 191 -0.98 -28.74 7.53
N ALA H 192 0.06 -29.04 6.76
CA ALA H 192 0.59 -28.05 5.84
C ALA H 192 -0.30 -27.86 4.61
N ILE H 193 -1.22 -28.76 4.37
CA ILE H 193 -2.09 -28.66 3.21
C ILE H 193 -3.19 -27.68 3.61
N GLU H 194 -2.98 -26.42 3.23
CA GLU H 194 -4.01 -25.40 3.43
C GLU H 194 -5.25 -25.72 2.60
N LEU H 195 -5.06 -26.27 1.40
CA LEU H 195 -6.16 -26.67 0.53
C LEU H 195 -5.71 -27.84 -0.39
N PHE H 196 -6.59 -28.85 -0.50
CA PHE H 196 -6.41 -30.03 -1.36
C PHE H 196 -7.34 -29.90 -2.56
N MET H 197 -6.80 -29.42 -3.68
CA MET H 197 -7.57 -29.30 -4.92
C MET H 197 -7.31 -30.50 -5.87
N LEU H 198 -8.28 -31.40 -5.94
CA LEU H 198 -8.20 -32.60 -6.76
C LEU H 198 -8.79 -32.37 -8.15
N LEU H 199 -8.07 -32.85 -9.15
CA LEU H 199 -8.46 -32.76 -10.56
C LEU H 199 -8.74 -34.14 -11.11
N ASP H 200 -9.82 -34.26 -11.89
CA ASP H 200 -10.18 -35.60 -12.28
C ASP H 200 -11.23 -35.51 -13.36
N LEU H 201 -11.06 -36.30 -14.44
CA LEU H 201 -12.03 -36.36 -15.52
C LEU H 201 -12.19 -35.01 -16.21
N LEU H 202 -11.11 -34.28 -16.35
CA LEU H 202 -11.15 -32.94 -16.92
C LEU H 202 -10.71 -33.03 -18.36
N GLY H 203 -11.64 -32.86 -19.29
CA GLY H 203 -11.19 -32.93 -20.67
C GLY H 203 -12.29 -33.06 -21.71
N ALA H 204 -13.34 -33.80 -21.40
CA ALA H 204 -14.51 -33.81 -22.26
C ALA H 204 -15.04 -32.38 -22.37
N PRO H 205 -15.78 -32.06 -23.42
CA PRO H 205 -16.38 -30.73 -23.52
C PRO H 205 -17.58 -30.67 -22.59
N ASN H 206 -18.00 -29.45 -22.30
CA ASN H 206 -19.22 -29.23 -21.53
C ASN H 206 -19.20 -30.02 -20.22
N PRO H 207 -18.17 -29.78 -19.38
CA PRO H 207 -18.18 -30.46 -18.08
C PRO H 207 -18.96 -29.64 -17.06
N THR H 208 -19.70 -30.35 -16.20
CA THR H 208 -20.50 -29.75 -15.15
C THR H 208 -19.78 -29.91 -13.82
N PHE H 209 -19.23 -28.82 -13.31
CA PHE H 209 -18.58 -28.84 -12.00
C PHE H 209 -19.57 -28.49 -10.89
N TYR H 210 -19.26 -28.98 -9.69
CA TYR H 210 -20.06 -28.66 -8.52
C TYR H 210 -19.14 -28.62 -7.31
N SER H 211 -19.66 -28.10 -6.21
CA SER H 211 -18.96 -28.12 -4.94
C SER H 211 -19.44 -29.32 -4.14
N HIS H 212 -18.66 -30.37 -4.13
CA HIS H 212 -19.05 -31.48 -3.29
C HIS H 212 -18.60 -31.29 -1.81
N PHE H 213 -18.31 -30.04 -1.43
CA PHE H 213 -17.94 -29.63 -0.07
C PHE H 213 -18.29 -28.17 0.18
N PRO H 214 -19.00 -27.90 1.23
CA PRO H 214 -19.27 -26.50 1.59
C PRO H 214 -18.18 -25.94 2.50
N ARG H 215 -17.40 -26.78 3.20
CA ARG H 215 -16.20 -26.29 3.88
C ARG H 215 -15.32 -25.47 2.96
N THR H 216 -15.46 -25.63 1.67
CA THR H 216 -14.60 -24.96 0.72
C THR H 216 -15.32 -24.02 -0.22
N VAL H 217 -16.65 -24.05 -0.27
CA VAL H 217 -17.42 -23.41 -1.33
C VAL H 217 -16.96 -21.98 -1.56
N ARG H 218 -16.35 -21.37 -0.53
CA ARG H 218 -15.76 -20.03 -0.70
C ARG H 218 -14.84 -19.99 -1.92
N TRP H 219 -14.03 -21.04 -2.10
CA TRP H 219 -13.04 -21.16 -3.16
C TRP H 219 -13.63 -21.65 -4.49
N PHE H 220 -14.53 -22.63 -4.43
CA PHE H 220 -15.34 -22.99 -5.59
C PHE H 220 -16.11 -21.77 -6.09
N HIS H 221 -16.43 -20.85 -5.16
CA HIS H 221 -17.03 -19.57 -5.53
C HIS H 221 -16.02 -18.63 -6.15
N ARG H 222 -14.78 -18.59 -5.63
CA ARG H 222 -13.74 -17.98 -6.42
C ARG H 222 -13.90 -18.52 -7.82
N LEU H 223 -13.66 -19.81 -8.04
CA LEU H 223 -13.65 -20.37 -9.39
C LEU H 223 -14.75 -19.80 -10.31
N ARG H 224 -15.99 -19.77 -9.85
CA ARG H 224 -17.01 -19.13 -10.68
C ARG H 224 -16.65 -17.70 -11.06
N SER H 225 -16.67 -16.79 -10.07
CA SER H 225 -16.25 -15.42 -10.30
C SER H 225 -14.84 -15.34 -10.90
N ILE H 226 -14.03 -16.40 -10.73
CA ILE H 226 -12.73 -16.54 -11.39
C ILE H 226 -12.93 -16.95 -12.85
N GLU H 227 -14.11 -17.48 -13.15
CA GLU H 227 -14.45 -17.83 -14.51
C GLU H 227 -14.74 -16.54 -15.22
N LYS H 228 -15.99 -16.10 -15.16
CA LYS H 228 -16.32 -14.86 -15.84
C LYS H 228 -17.01 -13.97 -14.85
N ARG H 229 -16.34 -12.92 -14.38
CA ARG H 229 -14.98 -12.50 -14.74
C ARG H 229 -14.46 -12.65 -16.17
N LEU H 230 -13.84 -13.77 -16.51
CA LEU H 230 -13.29 -13.92 -17.87
C LEU H 230 -14.31 -13.84 -19.00
N HIS H 231 -15.20 -14.80 -19.06
CA HIS H 231 -16.22 -14.80 -20.11
C HIS H 231 -16.54 -13.37 -20.58
N ARG H 232 -16.64 -12.43 -19.63
CA ARG H 232 -16.65 -11.02 -20.02
C ARG H 232 -15.59 -10.68 -21.04
N LEU H 233 -14.37 -11.11 -20.80
CA LEU H 233 -13.25 -10.54 -21.54
C LEU H 233 -12.93 -11.33 -22.79
N ASN H 234 -13.93 -11.83 -23.54
CA ASN H 234 -13.75 -12.61 -24.78
C ASN H 234 -12.48 -13.46 -24.82
N LEU H 235 -11.92 -13.78 -23.64
CA LEU H 235 -10.71 -14.58 -23.53
C LEU H 235 -11.00 -16.03 -23.19
N LEU H 236 -12.12 -16.57 -23.66
CA LEU H 236 -12.45 -17.99 -23.51
C LEU H 236 -13.04 -18.47 -24.83
N GLN H 237 -12.23 -19.20 -25.62
CA GLN H 237 -12.74 -19.83 -26.83
C GLN H 237 -13.94 -20.71 -26.50
N SER H 238 -14.94 -20.67 -27.37
CA SER H 238 -15.99 -21.69 -27.41
C SER H 238 -16.75 -21.76 -26.09
N HIS H 239 -17.14 -20.59 -25.55
CA HIS H 239 -17.72 -20.50 -24.22
C HIS H 239 -18.90 -19.50 -24.18
N PRO H 240 -20.06 -19.90 -24.71
CA PRO H 240 -21.12 -18.90 -24.98
C PRO H 240 -21.79 -18.29 -23.75
N GLN H 241 -22.36 -19.11 -22.87
CA GLN H 241 -23.09 -18.56 -21.75
C GLN H 241 -22.16 -18.22 -20.59
N GLU H 242 -22.68 -17.40 -19.66
CA GLU H 242 -21.81 -16.69 -18.71
C GLU H 242 -21.10 -17.61 -17.76
N VAL H 243 -21.83 -18.58 -17.22
CA VAL H 243 -21.31 -19.53 -16.23
C VAL H 243 -21.65 -20.91 -16.81
N MET H 244 -20.70 -21.48 -17.54
CA MET H 244 -20.98 -22.74 -18.21
C MET H 244 -20.43 -23.94 -17.46
N TYR H 245 -19.25 -23.82 -16.86
CA TYR H 245 -18.62 -24.96 -16.19
C TYR H 245 -19.11 -25.11 -14.75
N PHE H 246 -18.79 -24.13 -13.91
CA PHE H 246 -19.05 -24.21 -12.47
C PHE H 246 -20.48 -23.79 -12.17
N GLN H 247 -21.40 -24.75 -12.20
CA GLN H 247 -22.78 -24.45 -11.80
C GLN H 247 -22.81 -24.26 -10.27
N PRO H 248 -23.98 -23.94 -9.65
CA PRO H 248 -24.01 -23.84 -8.17
C PRO H 248 -24.76 -24.92 -7.40
N GLY H 249 -24.42 -25.10 -6.12
CA GLY H 249 -25.30 -25.76 -5.17
C GLY H 249 -24.75 -26.88 -4.31
N GLU H 250 -24.94 -28.15 -4.78
CA GLU H 250 -24.58 -29.45 -4.22
C GLU H 250 -25.54 -30.53 -4.75
N PRO H 251 -25.13 -31.39 -5.76
CA PRO H 251 -26.10 -32.37 -6.33
C PRO H 251 -25.80 -33.88 -6.31
N PHE H 252 -24.56 -34.35 -6.51
CA PHE H 252 -24.27 -35.78 -6.66
C PHE H 252 -23.20 -36.21 -5.65
N GLY H 253 -23.48 -37.30 -4.91
CA GLY H 253 -22.88 -37.68 -3.62
C GLY H 253 -21.37 -37.77 -3.45
N SER H 254 -20.88 -38.72 -2.66
CA SER H 254 -19.43 -38.87 -2.59
C SER H 254 -18.93 -39.77 -3.72
N VAL H 255 -17.96 -39.25 -4.45
CA VAL H 255 -17.32 -39.87 -5.59
C VAL H 255 -15.92 -40.31 -5.19
N GLU H 256 -15.83 -41.37 -4.37
CA GLU H 256 -14.60 -42.01 -3.91
C GLU H 256 -13.44 -41.68 -4.85
N ASP H 257 -12.34 -41.19 -4.29
CA ASP H 257 -11.29 -40.61 -5.13
C ASP H 257 -10.08 -40.30 -4.28
N ASP H 258 -9.02 -39.75 -4.87
CA ASP H 258 -7.72 -39.68 -4.20
C ASP H 258 -7.72 -38.77 -2.99
N HIS H 259 -8.69 -37.87 -2.89
CA HIS H 259 -8.75 -36.96 -1.76
C HIS H 259 -9.07 -37.72 -0.48
N ILE H 260 -10.07 -38.60 -0.55
CA ILE H 260 -10.61 -39.40 0.55
C ILE H 260 -9.58 -39.67 1.66
N PRO H 261 -8.43 -40.28 1.38
CA PRO H 261 -7.50 -40.60 2.47
C PRO H 261 -6.94 -39.37 3.16
N PHE H 262 -6.89 -38.23 2.46
CA PHE H 262 -6.48 -37.00 3.10
C PHE H 262 -7.63 -36.42 3.88
N LEU H 263 -8.86 -36.60 3.39
CA LEU H 263 -10.03 -36.08 4.08
C LEU H 263 -10.29 -36.83 5.39
N ARG H 264 -10.15 -38.18 5.39
CA ARG H 264 -10.20 -38.97 6.62
C ARG H 264 -9.28 -38.42 7.69
N ARG H 265 -8.17 -37.81 7.29
CA ARG H 265 -7.26 -37.17 8.21
C ARG H 265 -7.64 -35.71 8.46
N GLY H 266 -8.69 -35.25 7.81
CA GLY H 266 -9.21 -33.92 8.04
C GLY H 266 -8.49 -32.86 7.24
N VAL H 267 -8.60 -32.90 5.94
CA VAL H 267 -7.94 -31.91 5.09
C VAL H 267 -9.02 -31.25 4.25
N PRO H 268 -9.12 -29.94 4.30
CA PRO H 268 -10.04 -29.22 3.39
C PRO H 268 -9.77 -29.59 1.95
N VAL H 269 -10.77 -30.15 1.28
CA VAL H 269 -10.67 -30.71 -0.07
C VAL H 269 -11.51 -29.88 -1.02
N LEU H 270 -10.98 -29.64 -2.21
CA LEU H 270 -11.76 -29.11 -3.31
C LEU H 270 -11.84 -30.19 -4.37
N HIS H 271 -13.03 -30.76 -4.58
CA HIS H 271 -13.19 -31.92 -5.47
C HIS H 271 -13.58 -31.40 -6.83
N LEU H 272 -12.57 -31.05 -7.62
CA LEU H 272 -12.79 -30.49 -8.93
C LEU H 272 -12.83 -31.68 -9.90
N ILE H 273 -13.98 -32.33 -9.93
CA ILE H 273 -14.20 -33.58 -10.67
C ILE H 273 -15.50 -33.44 -11.44
N SER H 274 -15.44 -33.46 -12.77
CA SER H 274 -16.62 -33.24 -13.58
C SER H 274 -17.70 -34.30 -13.31
N THR H 275 -18.89 -33.84 -12.95
CA THR H 275 -20.07 -34.68 -12.74
C THR H 275 -21.24 -34.22 -13.62
N PRO H 276 -22.01 -35.16 -14.19
CA PRO H 276 -21.62 -36.57 -14.21
C PRO H 276 -20.38 -36.77 -15.09
N PHE H 277 -19.81 -37.97 -15.03
CA PHE H 277 -18.53 -38.25 -15.65
C PHE H 277 -18.61 -38.11 -17.17
N PRO H 278 -17.47 -37.90 -17.86
CA PRO H 278 -17.44 -37.99 -19.34
C PRO H 278 -18.23 -39.14 -19.92
N ALA H 279 -18.68 -39.03 -21.17
CA ALA H 279 -19.34 -40.18 -21.79
C ALA H 279 -18.34 -41.30 -22.02
N VAL H 280 -17.13 -40.91 -22.40
CA VAL H 280 -16.03 -41.79 -22.76
C VAL H 280 -15.30 -42.22 -21.52
N TRP H 281 -16.01 -42.39 -20.43
CA TRP H 281 -15.34 -42.61 -19.18
C TRP H 281 -15.21 -44.10 -19.00
N HIS H 282 -13.98 -44.56 -18.73
CA HIS H 282 -13.76 -45.88 -18.17
C HIS H 282 -14.06 -46.93 -19.25
N THR H 283 -13.66 -46.62 -20.49
CA THR H 283 -13.89 -47.38 -21.72
C THR H 283 -12.74 -47.18 -22.67
N PRO H 284 -12.32 -48.25 -23.39
CA PRO H 284 -11.71 -48.10 -24.72
C PRO H 284 -11.97 -46.80 -25.48
N ALA H 285 -12.85 -45.93 -25.03
CA ALA H 285 -13.12 -44.76 -25.83
C ALA H 285 -12.31 -43.53 -25.45
N ASP H 286 -11.60 -43.49 -24.31
CA ASP H 286 -11.06 -42.22 -23.78
C ASP H 286 -9.65 -41.92 -24.35
N THR H 287 -9.59 -41.04 -25.36
CA THR H 287 -8.43 -40.87 -26.25
C THR H 287 -8.34 -39.40 -26.63
N GLU H 288 -7.17 -38.98 -27.17
CA GLU H 288 -6.97 -37.57 -27.51
C GLU H 288 -8.07 -37.03 -28.42
N VAL H 289 -8.79 -37.88 -29.12
CA VAL H 289 -9.75 -37.36 -30.06
C VAL H 289 -11.08 -37.02 -29.38
N ASN H 290 -11.31 -37.55 -28.17
CA ASN H 290 -12.58 -37.42 -27.48
C ASN H 290 -12.63 -36.14 -26.69
N LEU H 291 -11.49 -35.47 -26.67
CA LEU H 291 -11.32 -34.25 -25.92
C LEU H 291 -11.92 -33.10 -26.70
N HIS H 292 -11.91 -31.92 -26.07
CA HIS H 292 -12.18 -30.66 -26.75
C HIS H 292 -11.07 -29.70 -26.37
N PRO H 293 -10.14 -29.38 -27.28
CA PRO H 293 -8.90 -28.67 -26.89
C PRO H 293 -9.11 -27.24 -26.40
N PRO H 294 -10.13 -26.47 -26.91
CA PRO H 294 -10.41 -25.20 -26.23
C PRO H 294 -10.89 -25.39 -24.80
N THR H 295 -11.94 -26.21 -24.57
CA THR H 295 -12.34 -26.63 -23.23
C THR H 295 -11.11 -26.84 -22.35
N VAL H 296 -10.07 -27.48 -22.86
CA VAL H 296 -8.87 -27.72 -22.06
C VAL H 296 -8.14 -26.41 -21.79
N HIS H 297 -7.89 -25.62 -22.84
CA HIS H 297 -7.07 -24.45 -22.59
C HIS H 297 -7.81 -23.39 -21.80
N ASN H 298 -9.16 -23.40 -21.86
CA ASN H 298 -10.00 -22.58 -21.01
C ASN H 298 -9.60 -22.83 -19.56
N LEU H 299 -10.11 -23.94 -19.04
CA LEU H 299 -9.79 -24.52 -17.74
C LEU H 299 -8.37 -24.20 -17.30
N CYS H 300 -7.40 -24.20 -18.23
CA CYS H 300 -6.03 -23.87 -17.85
C CYS H 300 -5.93 -22.45 -17.33
N ARG H 301 -6.54 -21.50 -18.02
CA ARG H 301 -6.51 -20.12 -17.58
C ARG H 301 -7.25 -19.95 -16.26
N ILE H 302 -8.52 -20.33 -16.23
CA ILE H 302 -9.31 -20.40 -14.99
C ILE H 302 -8.40 -20.87 -13.88
N LEU H 303 -7.78 -22.04 -14.08
CA LEU H 303 -6.91 -22.59 -13.05
C LEU H 303 -5.73 -21.67 -12.80
N ALA H 304 -5.17 -21.09 -13.87
CA ALA H 304 -3.98 -20.26 -13.72
C ALA H 304 -4.30 -18.98 -12.96
N VAL H 305 -5.46 -18.38 -13.26
CA VAL H 305 -5.96 -17.21 -12.53
C VAL H 305 -5.83 -17.53 -11.07
N PHE H 306 -6.76 -18.37 -10.63
CA PHE H 306 -6.90 -18.90 -9.30
C PHE H 306 -5.59 -18.93 -8.51
N LEU H 307 -4.56 -19.48 -9.13
CA LEU H 307 -3.33 -19.83 -8.43
C LEU H 307 -2.53 -18.59 -8.10
N ALA H 308 -2.33 -17.69 -9.08
CA ALA H 308 -1.60 -16.46 -8.81
C ALA H 308 -2.34 -15.59 -7.79
N GLU H 309 -3.67 -15.60 -7.83
CA GLU H 309 -4.48 -14.96 -6.80
C GLU H 309 -4.13 -15.52 -5.42
N TYR H 310 -4.44 -16.81 -5.24
CA TYR H 310 -4.28 -17.49 -3.96
C TYR H 310 -2.90 -17.27 -3.34
N LEU H 311 -1.87 -17.19 -4.17
CA LEU H 311 -0.51 -17.06 -3.67
C LEU H 311 0.00 -15.64 -3.76
N GLY H 312 -0.83 -14.69 -4.19
CA GLY H 312 -0.46 -13.29 -4.36
C GLY H 312 0.74 -13.08 -5.26
N LEU H 313 0.67 -13.57 -6.49
CA LEU H 313 1.84 -13.58 -7.39
C LEU H 313 1.84 -12.45 -8.42
N VAL I 1 1.30 -25.09 36.56
CA VAL I 1 0.45 -26.27 36.46
C VAL I 1 -0.63 -26.14 37.59
N PRO I 2 -0.26 -25.85 38.87
CA PRO I 2 -1.31 -25.59 39.88
C PRO I 2 -1.70 -24.10 40.11
N LEU I 3 -2.90 -23.68 39.64
CA LEU I 3 -3.45 -22.33 39.87
C LEU I 3 -4.81 -22.42 40.57
N ILE I 4 -5.16 -21.37 41.35
CA ILE I 4 -6.29 -21.43 42.31
C ILE I 4 -7.65 -21.63 41.59
N GLY I 5 -8.61 -22.19 42.34
CA GLY I 5 -9.89 -22.63 41.83
C GLY I 5 -9.89 -24.03 41.29
N SER I 6 -8.70 -24.65 41.15
CA SER I 6 -8.48 -25.89 40.40
C SER I 6 -7.93 -26.96 41.33
N LEU I 7 -8.42 -28.19 41.16
CA LEU I 7 -7.95 -29.32 41.95
C LEU I 7 -6.47 -29.59 41.74
N PRO I 8 -5.83 -30.31 42.66
CA PRO I 8 -4.46 -30.77 42.42
C PRO I 8 -4.47 -32.07 41.63
N GLU I 9 -3.28 -32.40 41.11
CA GLU I 9 -2.91 -33.61 40.37
C GLU I 9 -3.66 -34.88 40.82
N ALA I 10 -3.17 -35.59 41.85
CA ALA I 10 -3.72 -36.85 42.36
C ALA I 10 -5.24 -36.93 42.28
N ARG I 11 -5.91 -35.81 42.53
CA ARG I 11 -7.33 -35.74 42.26
C ARG I 11 -7.60 -35.80 40.75
N LEU I 12 -6.84 -35.04 39.95
CA LEU I 12 -7.02 -35.05 38.50
C LEU I 12 -6.82 -36.45 37.92
N ARG I 13 -5.61 -37.02 38.06
CA ARG I 13 -5.38 -38.38 37.53
C ARG I 13 -6.44 -39.34 38.03
N ARG I 14 -6.83 -39.22 39.30
CA ARG I 14 -8.02 -39.90 39.82
C ARG I 14 -9.18 -39.67 38.87
N VAL I 15 -9.70 -38.44 38.86
CA VAL I 15 -10.76 -38.02 37.94
C VAL I 15 -10.48 -38.51 36.52
N VAL I 16 -9.28 -38.24 36.02
CA VAL I 16 -8.87 -38.66 34.67
C VAL I 16 -9.08 -40.16 34.45
N GLY I 17 -9.08 -40.95 35.52
CA GLY I 17 -9.13 -42.38 35.35
C GLY I 17 -10.52 -42.88 35.08
N GLN I 18 -11.48 -42.47 35.92
CA GLN I 18 -12.81 -43.09 35.91
C GLN I 18 -13.49 -42.95 34.54
N LEU I 19 -12.73 -42.52 33.54
CA LEU I 19 -13.17 -42.55 32.15
C LEU I 19 -12.73 -43.83 31.45
N ASP I 20 -13.71 -44.58 30.89
CA ASP I 20 -13.45 -45.74 30.06
C ASP I 20 -13.63 -45.32 28.59
N PRO I 21 -12.55 -45.02 27.87
CA PRO I 21 -12.64 -44.71 26.44
C PRO I 21 -13.45 -45.71 25.64
N GLN I 22 -13.22 -47.00 25.93
CA GLN I 22 -13.96 -48.11 25.33
C GLN I 22 -15.47 -47.89 25.45
N ARG I 23 -15.94 -47.79 26.70
CA ARG I 23 -17.29 -47.37 27.01
C ARG I 23 -17.73 -46.15 26.21
N LEU I 24 -16.85 -45.16 26.09
CA LEU I 24 -17.21 -44.01 25.25
C LEU I 24 -17.48 -44.46 23.82
N TRP I 25 -16.56 -45.22 23.22
CA TRP I 25 -16.69 -45.57 21.81
C TRP I 25 -17.75 -46.64 21.58
N SER I 26 -17.74 -47.72 22.39
CA SER I 26 -18.62 -48.88 22.22
C SER I 26 -20.04 -48.62 22.69
N THR I 27 -20.21 -48.38 23.99
CA THR I 27 -21.54 -48.21 24.56
C THR I 27 -22.15 -46.89 24.12
N TYR I 28 -21.42 -45.80 24.30
CA TYR I 28 -22.04 -44.49 24.18
C TYR I 28 -21.80 -43.81 22.85
N LEU I 29 -20.64 -43.96 22.22
CA LEU I 29 -20.49 -43.31 20.91
C LEU I 29 -21.12 -44.13 19.79
N ARG I 30 -20.80 -45.41 19.72
CA ARG I 30 -21.18 -46.21 18.55
C ARG I 30 -22.69 -46.28 18.31
N PRO I 31 -23.55 -46.55 19.31
CA PRO I 31 -24.99 -46.78 19.00
C PRO I 31 -25.70 -45.64 18.27
N LEU I 32 -25.12 -44.46 18.13
CA LEU I 32 -25.87 -43.28 17.72
C LEU I 32 -25.63 -42.88 16.29
N LEU I 33 -24.91 -43.70 15.53
CA LEU I 33 -24.59 -43.42 14.14
C LEU I 33 -25.69 -44.05 13.29
N VAL I 34 -26.79 -43.31 13.11
CA VAL I 34 -28.05 -43.80 12.58
C VAL I 34 -28.73 -42.59 11.95
N VAL I 35 -29.40 -42.76 10.80
CA VAL I 35 -30.21 -41.62 10.36
C VAL I 35 -31.20 -41.41 11.48
N ARG I 36 -31.52 -40.15 11.70
CA ARG I 36 -32.30 -39.72 12.85
C ARG I 36 -32.77 -38.31 12.58
N THR I 37 -33.23 -38.05 11.36
CA THR I 37 -34.03 -36.87 11.16
C THR I 37 -35.33 -37.07 11.91
N PRO I 38 -36.02 -35.99 12.25
CA PRO I 38 -37.38 -36.14 12.78
C PRO I 38 -38.34 -36.61 11.71
N GLY I 39 -39.41 -37.26 12.16
CA GLY I 39 -40.12 -38.16 11.29
C GLY I 39 -39.33 -39.42 11.01
N SER I 40 -38.42 -39.79 11.90
CA SER I 40 -37.71 -41.05 11.74
C SER I 40 -37.81 -41.87 13.00
N PRO I 41 -37.64 -43.18 12.89
CA PRO I 41 -37.80 -44.10 14.02
C PRO I 41 -36.54 -44.20 14.86
N GLY I 42 -35.40 -44.10 14.18
CA GLY I 42 -34.13 -44.02 14.87
C GLY I 42 -33.99 -42.72 15.61
N ASN I 43 -34.40 -41.62 14.98
CA ASN I 43 -34.62 -40.37 15.71
C ASN I 43 -35.16 -40.69 17.08
N LEU I 44 -36.43 -41.08 17.09
CA LEU I 44 -37.08 -41.51 18.31
C LEU I 44 -36.25 -42.57 19.03
N GLN I 45 -35.59 -43.46 18.28
CA GLN I 45 -34.94 -44.58 18.94
C GLN I 45 -33.74 -44.14 19.78
N VAL I 46 -32.96 -43.16 19.31
CA VAL I 46 -31.85 -42.67 20.11
C VAL I 46 -32.37 -42.05 21.39
N ARG I 47 -33.39 -41.19 21.25
CA ARG I 47 -34.12 -40.56 22.34
C ARG I 47 -34.18 -41.47 23.55
N LYS I 48 -34.79 -42.64 23.37
CA LYS I 48 -35.03 -43.52 24.50
C LYS I 48 -33.75 -44.21 24.94
N PHE I 49 -32.81 -44.44 24.00
CA PHE I 49 -31.44 -44.84 24.38
C PHE I 49 -30.87 -43.85 25.39
N LEU I 50 -31.00 -42.55 25.10
CA LEU I 50 -30.40 -41.52 25.95
C LEU I 50 -31.12 -41.40 27.30
N GLU I 51 -32.43 -41.13 27.27
CA GLU I 51 -33.32 -41.37 28.39
C GLU I 51 -32.85 -42.49 29.30
N ALA I 52 -33.06 -43.70 28.79
CA ALA I 52 -32.81 -44.91 29.54
C ALA I 52 -31.40 -44.97 30.12
N THR I 53 -30.47 -44.28 29.48
CA THR I 53 -29.05 -44.33 29.83
C THR I 53 -28.74 -43.43 31.01
N LEU I 54 -29.33 -42.24 31.02
CA LEU I 54 -29.22 -41.37 32.19
C LEU I 54 -30.07 -41.89 33.32
N ARG I 55 -31.29 -42.33 32.99
CA ARG I 55 -32.16 -42.93 33.99
C ARG I 55 -31.42 -43.99 34.78
N SER I 56 -30.53 -44.71 34.11
CA SER I 56 -29.77 -45.82 34.65
C SER I 56 -28.54 -45.38 35.43
N LEU I 57 -28.39 -44.09 35.70
CA LEU I 57 -27.27 -43.62 36.48
C LEU I 57 -27.59 -43.69 37.97
N THR I 58 -26.63 -44.22 38.73
CA THR I 58 -26.66 -44.31 40.18
C THR I 58 -27.11 -43.00 40.82
N ALA I 59 -26.33 -41.92 40.61
CA ALA I 59 -26.66 -40.56 41.03
C ALA I 59 -28.14 -40.22 40.84
N GLY I 60 -28.85 -41.07 40.10
CA GLY I 60 -30.29 -41.02 40.06
C GLY I 60 -30.64 -39.69 39.45
N TRP I 61 -30.39 -39.56 38.17
CA TRP I 61 -30.75 -38.33 37.51
C TRP I 61 -32.26 -38.19 37.54
N HIS I 62 -32.74 -36.97 37.78
CA HIS I 62 -34.11 -36.66 37.41
C HIS I 62 -34.10 -36.51 35.90
N VAL I 63 -34.67 -37.48 35.22
CA VAL I 63 -34.70 -37.42 33.80
C VAL I 63 -36.13 -37.07 33.42
N GLU I 64 -36.28 -36.45 32.27
CA GLU I 64 -37.60 -36.09 31.78
C GLU I 64 -37.47 -35.79 30.31
N LEU I 65 -38.57 -35.93 29.58
CA LEU I 65 -38.60 -35.69 28.15
C LEU I 65 -39.51 -34.50 27.90
N ASP I 66 -39.27 -33.74 26.82
CA ASP I 66 -40.17 -32.64 26.41
C ASP I 66 -40.62 -32.80 24.96
N PRO I 67 -41.67 -33.58 24.71
CA PRO I 67 -42.21 -33.69 23.35
C PRO I 67 -43.11 -32.48 23.03
N PHE I 68 -43.56 -32.43 21.78
CA PHE I 68 -44.34 -31.33 21.22
C PHE I 68 -44.33 -31.45 19.71
N THR I 69 -45.03 -30.58 18.98
CA THR I 69 -45.22 -30.82 17.56
C THR I 69 -45.33 -29.48 16.84
N ALA I 70 -44.33 -29.15 16.02
CA ALA I 70 -44.24 -27.85 15.37
C ALA I 70 -44.18 -27.96 13.83
N SER I 71 -44.49 -26.85 13.16
CA SER I 71 -44.64 -26.80 11.71
C SER I 71 -43.29 -26.71 11.01
N THR I 72 -43.30 -27.09 9.73
CA THR I 72 -42.15 -27.21 8.85
C THR I 72 -42.68 -27.19 7.42
N PRO I 73 -41.92 -26.66 6.45
CA PRO I 73 -42.39 -26.72 5.05
C PRO I 73 -42.51 -28.14 4.52
N LEU I 74 -42.51 -29.11 5.44
CA LEU I 74 -42.99 -30.47 5.25
C LEU I 74 -44.21 -30.76 6.13
N GLY I 75 -44.94 -29.73 6.56
CA GLY I 75 -46.00 -29.90 7.53
C GLY I 75 -45.47 -29.95 8.96
N PRO I 76 -46.18 -30.63 9.85
CA PRO I 76 -45.76 -30.71 11.27
C PRO I 76 -44.64 -31.71 11.45
N VAL I 77 -44.12 -31.83 12.68
CA VAL I 77 -43.17 -32.90 13.06
C VAL I 77 -43.18 -33.11 14.59
N ASP I 78 -43.02 -34.36 15.00
CA ASP I 78 -42.87 -34.75 16.41
C ASP I 78 -41.40 -34.74 16.85
N PHE I 79 -40.86 -33.53 17.08
CA PHE I 79 -39.57 -33.43 17.76
C PHE I 79 -39.72 -33.46 19.27
N GLY I 80 -38.70 -34.01 19.93
CA GLY I 80 -38.79 -34.23 21.35
C GLY I 80 -37.46 -34.21 22.06
N ASN I 81 -37.24 -33.19 22.88
CA ASN I 81 -35.96 -33.01 23.53
C ASN I 81 -35.79 -34.01 24.63
N VAL I 82 -34.62 -33.95 25.28
CA VAL I 82 -34.34 -34.82 26.40
C VAL I 82 -33.59 -34.00 27.43
N VAL I 83 -34.29 -33.60 28.51
CA VAL I 83 -33.70 -32.81 29.60
C VAL I 83 -33.38 -33.76 30.74
N ALA I 84 -32.18 -33.62 31.32
CA ALA I 84 -31.71 -34.51 32.41
C ALA I 84 -31.10 -33.67 33.52
N THR I 85 -31.97 -32.97 34.25
CA THR I 85 -31.56 -32.24 35.44
C THR I 85 -31.19 -33.20 36.55
N LEU I 86 -29.94 -33.15 37.05
CA LEU I 86 -29.69 -34.05 38.18
C LEU I 86 -30.47 -33.60 39.48
N ASP I 87 -31.32 -32.56 39.53
CA ASP I 87 -31.87 -32.03 40.78
C ASP I 87 -32.66 -30.74 40.56
N PRO I 88 -33.87 -30.77 39.97
CA PRO I 88 -34.41 -29.55 39.34
C PRO I 88 -34.78 -28.43 40.29
N ARG I 89 -34.20 -28.43 41.49
CA ARG I 89 -34.57 -27.48 42.54
C ARG I 89 -33.38 -26.82 43.26
N ALA I 90 -32.16 -27.31 43.10
CA ALA I 90 -31.02 -26.60 43.64
C ALA I 90 -30.98 -25.24 42.97
N ALA I 91 -30.32 -24.28 43.63
CA ALA I 91 -30.39 -22.90 43.19
C ALA I 91 -30.21 -22.77 41.68
N ARG I 92 -28.97 -22.97 41.19
CA ARG I 92 -28.70 -22.96 39.75
C ARG I 92 -28.10 -24.31 39.33
N HIS I 93 -28.13 -24.55 38.02
CA HIS I 93 -27.49 -25.69 37.37
C HIS I 93 -26.61 -25.22 36.21
N LEU I 94 -25.50 -25.91 35.99
CA LEU I 94 -24.67 -25.71 34.79
C LEU I 94 -25.18 -26.57 33.64
N THR I 95 -25.39 -25.97 32.47
CA THR I 95 -26.07 -26.66 31.38
C THR I 95 -25.11 -26.94 30.22
N LEU I 96 -25.11 -28.23 29.76
CA LEU I 96 -24.39 -28.74 28.58
C LEU I 96 -25.39 -29.23 27.54
N ALA I 97 -25.53 -28.50 26.44
CA ALA I 97 -26.48 -28.87 25.41
C ALA I 97 -25.81 -29.28 24.10
N CYS I 98 -26.63 -29.83 23.19
CA CYS I 98 -26.22 -30.44 21.92
C CYS I 98 -27.40 -31.15 21.27
N HIS I 99 -27.45 -31.21 19.95
CA HIS I 99 -28.58 -31.83 19.28
C HIS I 99 -28.25 -33.26 18.83
N TYR I 100 -28.97 -34.22 19.37
CA TYR I 100 -28.94 -35.54 18.79
C TYR I 100 -29.76 -35.65 17.50
N ASP I 101 -30.35 -34.58 16.96
CA ASP I 101 -30.97 -34.86 15.68
C ASP I 101 -29.90 -34.90 14.59
N SER I 102 -30.32 -35.31 13.38
CA SER I 102 -29.46 -35.36 12.21
C SER I 102 -30.11 -34.60 11.06
N LYS I 103 -29.30 -34.17 10.10
CA LYS I 103 -29.85 -33.38 9.02
C LYS I 103 -30.62 -34.26 8.04
N LEU I 104 -31.69 -33.70 7.50
CA LEU I 104 -32.51 -34.37 6.53
C LEU I 104 -32.03 -33.94 5.16
N PHE I 105 -31.70 -34.95 4.34
CA PHE I 105 -31.06 -34.86 3.05
C PHE I 105 -31.76 -35.71 2.01
N PRO I 106 -31.81 -35.19 0.78
CA PRO I 106 -32.63 -35.74 -0.34
C PRO I 106 -32.74 -37.25 -0.39
N PRO I 107 -33.73 -37.75 -1.14
CA PRO I 107 -34.06 -39.18 -1.10
C PRO I 107 -32.92 -40.07 -1.54
N GLY I 108 -32.71 -41.17 -0.80
CA GLY I 108 -31.88 -42.27 -1.26
C GLY I 108 -30.47 -41.89 -1.61
N SER I 109 -30.17 -40.59 -1.47
CA SER I 109 -28.79 -40.15 -1.41
C SER I 109 -28.11 -41.01 -0.36
N THR I 110 -26.77 -41.08 -0.41
CA THR I 110 -25.91 -41.68 0.61
C THR I 110 -26.54 -41.30 1.96
N PRO I 111 -26.35 -42.03 3.06
CA PRO I 111 -27.15 -41.72 4.26
C PRO I 111 -27.03 -40.28 4.77
N PHE I 112 -26.66 -40.22 6.05
CA PHE I 112 -26.16 -39.06 6.79
C PHE I 112 -26.35 -39.35 8.25
N VAL I 113 -25.28 -39.37 9.01
CA VAL I 113 -25.47 -39.58 10.44
C VAL I 113 -24.62 -38.58 11.20
N GLY I 114 -24.47 -37.37 10.63
CA GLY I 114 -23.49 -36.36 11.06
C GLY I 114 -22.62 -36.75 12.24
N ALA I 115 -21.53 -37.48 11.99
CA ALA I 115 -20.77 -38.06 13.10
C ALA I 115 -20.25 -36.96 14.03
N THR I 116 -19.68 -35.89 13.48
CA THR I 116 -19.33 -34.74 14.31
C THR I 116 -20.55 -33.93 14.72
N ASP I 117 -21.67 -34.09 14.01
CA ASP I 117 -22.73 -33.12 13.97
C ASP I 117 -24.10 -33.82 14.07
N SER I 118 -24.40 -34.40 15.23
CA SER I 118 -23.59 -34.17 16.42
C SER I 118 -23.58 -35.31 17.43
N ALA I 119 -23.14 -36.49 17.01
CA ALA I 119 -23.11 -37.64 17.93
C ALA I 119 -21.99 -37.51 18.96
N VAL I 120 -20.80 -37.17 18.48
CA VAL I 120 -19.64 -37.11 19.37
C VAL I 120 -19.79 -36.05 20.44
N PRO I 121 -20.41 -34.86 20.19
CA PRO I 121 -20.72 -34.00 21.34
C PRO I 121 -21.57 -34.81 22.29
N CYS I 122 -22.73 -35.26 21.79
CA CYS I 122 -23.69 -36.03 22.57
C CYS I 122 -23.00 -37.06 23.46
N ALA I 123 -22.81 -38.26 22.94
CA ALA I 123 -22.00 -39.31 23.57
C ALA I 123 -21.07 -38.84 24.70
N LEU I 124 -20.39 -37.70 24.49
CA LEU I 124 -19.37 -37.27 25.44
C LEU I 124 -20.00 -36.74 26.72
N LEU I 125 -21.21 -36.20 26.64
CA LEU I 125 -22.02 -35.99 27.82
C LEU I 125 -22.10 -37.28 28.59
N LEU I 126 -22.70 -38.28 27.94
CA LEU I 126 -22.98 -39.57 28.55
C LEU I 126 -21.78 -40.14 29.33
N GLU I 127 -20.60 -40.14 28.71
CA GLU I 127 -19.40 -40.65 29.41
C GLU I 127 -19.17 -39.92 30.72
N LEU I 128 -18.98 -38.58 30.65
CA LEU I 128 -18.76 -37.76 31.86
C LEU I 128 -19.80 -38.04 32.94
N ALA I 129 -21.07 -38.12 32.54
CA ALA I 129 -22.17 -38.53 33.40
C ALA I 129 -21.82 -39.83 34.11
N GLN I 130 -21.75 -40.92 33.34
CA GLN I 130 -21.42 -42.24 33.87
C GLN I 130 -19.97 -42.33 34.37
N ALA I 131 -19.07 -41.44 33.95
CA ALA I 131 -17.70 -41.53 34.43
C ALA I 131 -17.51 -40.88 35.79
N LEU I 132 -18.36 -39.92 36.13
CA LEU I 132 -18.23 -39.16 37.37
C LEU I 132 -19.35 -39.46 38.35
N ASP I 133 -20.29 -40.36 37.96
CA ASP I 133 -21.62 -40.46 38.54
C ASP I 133 -21.63 -40.73 40.04
N LEU I 134 -20.55 -41.28 40.60
CA LEU I 134 -20.38 -41.27 42.04
C LEU I 134 -20.21 -39.83 42.48
N GLU I 135 -19.02 -39.27 42.27
CA GLU I 135 -18.70 -37.90 42.64
C GLU I 135 -19.87 -36.98 42.32
N LEU I 136 -20.61 -37.27 41.25
CA LEU I 136 -21.81 -36.50 40.95
C LEU I 136 -23.04 -36.93 41.73
N SER I 137 -22.97 -37.97 42.56
CA SER I 137 -24.08 -38.23 43.49
C SER I 137 -23.80 -37.77 44.90
N ARG I 138 -22.61 -38.08 45.44
CA ARG I 138 -22.22 -37.58 46.74
C ARG I 138 -22.55 -36.09 46.84
N ALA I 139 -22.31 -35.36 45.75
CA ALA I 139 -22.77 -33.98 45.56
C ALA I 139 -24.24 -33.78 45.90
N LYS I 140 -25.12 -34.39 45.09
CA LYS I 140 -26.57 -34.38 45.36
C LYS I 140 -26.89 -34.81 46.80
N LYS I 141 -26.20 -35.85 47.29
CA LYS I 141 -26.45 -36.36 48.63
C LYS I 141 -26.02 -35.39 49.72
N GLN I 142 -25.15 -34.43 49.38
CA GLN I 142 -24.86 -33.31 50.25
C GLN I 142 -25.49 -32.03 49.71
N ALA I 143 -26.54 -32.20 48.89
CA ALA I 143 -27.39 -31.15 48.36
C ALA I 143 -26.70 -29.87 47.91
N ALA I 144 -26.16 -29.86 46.65
CA ALA I 144 -25.24 -28.81 46.26
C ALA I 144 -25.97 -27.59 45.71
N PRO I 145 -25.42 -26.40 45.99
CA PRO I 145 -26.09 -25.16 45.57
C PRO I 145 -26.34 -25.11 44.07
N VAL I 146 -25.27 -25.31 43.28
CA VAL I 146 -25.33 -25.39 41.82
C VAL I 146 -25.19 -26.84 41.40
N THR I 147 -25.92 -27.22 40.35
CA THR I 147 -25.91 -28.63 39.97
C THR I 147 -25.42 -28.86 38.54
N LEU I 148 -25.90 -29.92 37.88
CA LEU I 148 -25.60 -30.23 36.48
C LEU I 148 -26.90 -30.43 35.71
N GLN I 149 -26.95 -29.89 34.51
CA GLN I 149 -28.03 -30.20 33.61
C GLN I 149 -27.40 -30.66 32.30
N LEU I 150 -28.20 -31.33 31.46
CA LEU I 150 -27.75 -31.80 30.14
C LEU I 150 -28.95 -31.80 29.22
N LEU I 151 -28.85 -31.04 28.14
CA LEU I 151 -29.89 -30.99 27.13
C LEU I 151 -29.42 -31.68 25.86
N PHE I 152 -30.26 -32.57 25.32
CA PHE I 152 -30.06 -33.22 24.03
C PHE I 152 -31.18 -32.66 23.18
N LEU I 153 -30.94 -31.50 22.58
CA LEU I 153 -31.98 -30.74 21.90
C LEU I 153 -32.47 -31.51 20.69
N ASP I 154 -33.38 -30.95 19.91
CA ASP I 154 -33.80 -31.66 18.71
C ASP I 154 -34.12 -30.62 17.65
N GLY I 155 -34.81 -31.04 16.59
CA GLY I 155 -35.16 -30.21 15.46
C GLY I 155 -34.24 -29.05 15.16
N GLU I 156 -32.94 -29.30 14.97
CA GLU I 156 -32.03 -28.17 14.83
C GLU I 156 -31.87 -27.66 13.42
N GLU I 157 -31.92 -28.53 12.42
CA GLU I 157 -31.40 -28.22 11.09
C GLU I 157 -32.52 -27.89 10.14
N ALA I 158 -32.34 -26.81 9.41
CA ALA I 158 -33.32 -26.28 8.48
C ALA I 158 -33.97 -27.32 7.57
N LEU I 159 -34.56 -28.40 8.12
CA LEU I 159 -35.00 -29.61 7.40
C LEU I 159 -35.08 -29.42 5.88
N LYS I 160 -35.48 -28.25 5.37
CA LYS I 160 -35.31 -27.99 3.95
C LYS I 160 -34.71 -26.62 3.64
N GLU I 161 -33.85 -26.09 4.52
CA GLU I 161 -33.10 -24.85 4.26
C GLU I 161 -34.00 -23.77 3.69
N TRP I 162 -35.03 -23.46 4.45
CA TRP I 162 -36.02 -22.50 4.03
C TRP I 162 -35.95 -21.20 4.84
N GLY I 163 -35.19 -21.16 5.97
CA GLY I 163 -34.87 -19.91 6.64
C GLY I 163 -34.58 -19.90 8.15
N PRO I 164 -35.34 -19.04 8.91
CA PRO I 164 -35.12 -18.86 10.36
C PRO I 164 -36.23 -19.42 11.23
N LYS I 165 -37.37 -19.68 10.59
CA LYS I 165 -38.48 -20.53 11.06
C LYS I 165 -38.27 -21.97 10.65
N ASP I 166 -37.15 -22.20 9.97
CA ASP I 166 -36.58 -23.49 9.64
C ASP I 166 -35.23 -23.40 10.34
N SER I 167 -35.15 -23.93 11.59
CA SER I 167 -33.97 -23.94 12.46
C SER I 167 -34.39 -24.26 13.88
N LEU I 168 -33.52 -24.93 14.62
CA LEU I 168 -33.43 -24.81 16.09
C LEU I 168 -34.79 -24.98 16.78
N TYR I 169 -35.53 -25.97 16.31
CA TYR I 169 -36.91 -26.20 16.76
C TYR I 169 -36.96 -26.56 18.24
N GLY I 170 -36.27 -27.64 18.64
CA GLY I 170 -36.28 -28.18 19.99
C GLY I 170 -35.43 -27.43 21.00
N SER I 171 -34.84 -26.31 20.62
CA SER I 171 -34.30 -25.36 21.59
C SER I 171 -35.18 -24.12 21.68
N ARG I 172 -35.45 -23.45 20.54
CA ARG I 172 -36.40 -22.33 20.42
C ARG I 172 -37.73 -22.58 21.14
N HIS I 173 -37.83 -23.73 21.80
CA HIS I 173 -39.01 -24.26 22.43
C HIS I 173 -38.61 -24.56 23.87
N LEU I 174 -37.58 -25.39 24.08
CA LEU I 174 -37.08 -25.59 25.44
C LEU I 174 -36.56 -24.31 26.04
N ALA I 175 -36.11 -23.35 25.21
CA ALA I 175 -35.79 -22.05 25.77
C ALA I 175 -37.09 -21.43 26.30
N GLN I 176 -38.01 -21.11 25.38
CA GLN I 176 -39.34 -20.64 25.71
C GLN I 176 -39.94 -21.38 26.92
N LEU I 177 -40.11 -22.70 26.85
CA LEU I 177 -40.61 -23.44 28.01
C LEU I 177 -39.96 -22.99 29.30
N MET I 178 -38.61 -22.90 29.30
CA MET I 178 -37.88 -22.60 30.54
C MET I 178 -38.30 -21.25 31.11
N GLU I 179 -38.70 -20.33 30.23
CA GLU I 179 -39.25 -19.03 30.58
C GLU I 179 -40.48 -19.21 31.48
N SER I 180 -41.59 -19.70 30.92
CA SER I 180 -42.83 -19.74 31.68
C SER I 180 -42.83 -20.73 32.87
N ILE I 181 -41.84 -21.61 33.01
CA ILE I 181 -41.67 -22.37 34.26
C ILE I 181 -40.88 -21.52 35.26
N PRO I 182 -41.46 -21.16 36.42
CA PRO I 182 -40.70 -20.42 37.45
C PRO I 182 -39.61 -21.28 38.09
N HIS I 183 -38.74 -20.59 38.85
CA HIS I 183 -37.67 -21.22 39.62
C HIS I 183 -37.31 -20.28 40.79
N SER I 184 -36.49 -20.78 41.73
CA SER I 184 -36.07 -20.08 42.98
C SER I 184 -34.56 -19.92 43.30
N PRO I 185 -34.03 -18.67 43.31
CA PRO I 185 -34.55 -17.35 42.98
C PRO I 185 -35.26 -17.25 41.64
N GLY I 186 -34.51 -17.18 40.54
CA GLY I 186 -35.16 -17.10 39.26
C GLY I 186 -35.16 -15.71 38.66
N PRO I 187 -36.34 -15.25 38.17
CA PRO I 187 -37.73 -15.69 38.32
C PRO I 187 -38.12 -17.05 37.70
N THR I 188 -37.66 -17.29 36.47
CA THR I 188 -37.98 -18.43 35.61
C THR I 188 -36.86 -19.47 35.64
N ARG I 189 -37.06 -20.60 34.92
CA ARG I 189 -36.02 -21.63 34.83
C ARG I 189 -34.78 -21.12 34.09
N ILE I 190 -34.99 -20.37 32.99
CA ILE I 190 -33.98 -19.55 32.33
C ILE I 190 -32.87 -19.15 33.29
N GLN I 191 -33.22 -18.43 34.34
CA GLN I 191 -32.18 -17.80 35.13
C GLN I 191 -31.54 -18.75 36.11
N ALA I 192 -31.80 -20.06 35.98
CA ALA I 192 -31.09 -21.07 36.75
C ALA I 192 -29.92 -21.62 35.99
N ILE I 193 -29.77 -21.17 34.75
CA ILE I 193 -28.68 -21.52 33.86
C ILE I 193 -27.52 -20.60 34.19
N GLU I 194 -26.64 -21.02 35.10
CA GLU I 194 -25.46 -20.22 35.39
C GLU I 194 -24.53 -20.15 34.17
N LEU I 195 -24.53 -21.21 33.34
CA LEU I 195 -23.62 -21.29 32.20
C LEU I 195 -24.17 -22.24 31.16
N PHE I 196 -24.38 -21.73 29.94
CA PHE I 196 -24.91 -22.54 28.82
C PHE I 196 -23.82 -22.89 27.80
N MET I 197 -23.10 -23.99 28.09
CA MET I 197 -21.96 -24.47 27.28
C MET I 197 -22.44 -25.48 26.25
N LEU I 198 -22.56 -25.08 24.96
CA LEU I 198 -23.20 -25.89 23.92
C LEU I 198 -22.22 -26.54 22.92
N LEU I 199 -22.17 -27.89 22.94
CA LEU I 199 -21.23 -28.67 22.13
C LEU I 199 -21.71 -28.81 20.67
N ASP I 200 -20.79 -28.67 19.71
CA ASP I 200 -21.20 -28.74 18.31
C ASP I 200 -20.02 -28.90 17.36
N LEU I 201 -20.13 -29.87 16.43
CA LEU I 201 -19.11 -30.14 15.39
C LEU I 201 -17.84 -30.71 16.01
N LEU I 202 -18.02 -31.75 16.81
CA LEU I 202 -16.99 -32.23 17.71
C LEU I 202 -16.64 -33.66 17.35
N GLY I 203 -15.34 -33.96 17.27
CA GLY I 203 -14.86 -35.31 17.02
C GLY I 203 -13.95 -35.45 15.81
N ALA I 204 -14.12 -34.57 14.81
CA ALA I 204 -13.15 -34.35 13.74
C ALA I 204 -11.73 -34.19 14.30
N PRO I 205 -10.70 -34.15 13.45
CA PRO I 205 -9.35 -33.88 13.95
C PRO I 205 -8.85 -32.47 13.74
N ASN I 206 -7.75 -32.15 14.40
CA ASN I 206 -7.14 -30.83 14.39
C ASN I 206 -8.19 -29.71 14.47
N PRO I 207 -9.02 -29.75 15.51
CA PRO I 207 -9.96 -28.62 15.67
C PRO I 207 -9.33 -27.52 16.52
N THR I 208 -9.59 -26.30 16.10
CA THR I 208 -9.25 -25.12 16.87
C THR I 208 -10.55 -24.51 17.39
N PHE I 209 -10.50 -23.96 18.60
CA PHE I 209 -11.66 -23.43 19.31
C PHE I 209 -11.44 -21.98 19.69
N TYR I 210 -12.51 -21.20 19.70
CA TYR I 210 -12.42 -19.79 20.05
C TYR I 210 -13.55 -19.38 21.00
N SER I 211 -13.34 -18.27 21.69
CA SER I 211 -14.35 -17.70 22.57
C SER I 211 -15.11 -16.66 21.76
N HIS I 212 -16.27 -17.06 21.23
CA HIS I 212 -17.11 -16.13 20.50
C HIS I 212 -17.95 -15.28 21.40
N PHE I 213 -17.76 -15.40 22.71
CA PHE I 213 -18.48 -14.59 23.66
C PHE I 213 -17.53 -14.01 24.70
N PRO I 214 -17.54 -12.73 24.88
CA PRO I 214 -16.63 -12.10 25.83
C PRO I 214 -17.19 -12.14 27.25
N ARG I 215 -18.48 -12.38 27.44
CA ARG I 215 -18.95 -12.58 28.80
C ARG I 215 -18.40 -13.85 29.42
N THR I 216 -18.04 -14.83 28.60
CA THR I 216 -17.80 -16.18 29.09
C THR I 216 -16.34 -16.58 29.12
N VAL I 217 -15.44 -15.70 28.66
CA VAL I 217 -14.05 -16.04 28.38
C VAL I 217 -13.34 -16.64 29.58
N ARG I 218 -13.71 -16.23 30.80
CA ARG I 218 -13.02 -16.78 31.98
C ARG I 218 -13.11 -18.30 32.01
N TRP I 219 -14.07 -18.88 31.30
CA TRP I 219 -14.17 -20.31 31.19
C TRP I 219 -13.35 -20.85 30.02
N PHE I 220 -13.45 -20.19 28.87
CA PHE I 220 -12.59 -20.51 27.76
C PHE I 220 -11.15 -20.60 28.23
N HIS I 221 -10.73 -19.63 29.07
CA HIS I 221 -9.39 -19.65 29.65
C HIS I 221 -9.19 -20.77 30.63
N ARG I 222 -10.27 -21.40 31.07
CA ARG I 222 -10.15 -22.56 31.92
C ARG I 222 -9.87 -23.79 31.09
N LEU I 223 -10.75 -24.07 30.12
CA LEU I 223 -10.45 -25.05 29.10
C LEU I 223 -8.97 -24.97 28.72
N ARG I 224 -8.58 -23.80 28.20
CA ARG I 224 -7.24 -23.57 27.66
C ARG I 224 -6.14 -23.70 28.71
N SER I 225 -6.51 -23.95 29.96
CA SER I 225 -5.53 -24.22 31.00
C SER I 225 -5.54 -25.67 31.45
N ILE I 226 -6.68 -26.36 31.36
CA ILE I 226 -6.67 -27.79 31.61
C ILE I 226 -5.94 -28.52 30.50
N GLU I 227 -5.86 -27.91 29.35
CA GLU I 227 -5.14 -28.51 28.29
C GLU I 227 -3.75 -28.12 28.61
N LYS I 228 -2.97 -29.03 29.17
CA LYS I 228 -1.61 -28.69 29.51
C LYS I 228 -1.76 -27.69 30.60
N ARG I 229 -1.83 -28.10 31.85
CA ARG I 229 -1.79 -29.47 32.37
C ARG I 229 -1.82 -30.69 31.48
N LEU I 230 -2.91 -31.43 31.55
CA LEU I 230 -2.98 -32.69 30.81
C LEU I 230 -1.78 -33.07 29.95
N HIS I 231 -1.14 -32.11 29.28
CA HIS I 231 0.02 -32.45 28.46
C HIS I 231 1.36 -32.03 29.08
N ARG I 232 1.35 -31.18 30.11
CA ARG I 232 2.50 -31.11 31.02
C ARG I 232 2.56 -32.36 31.89
N LEU I 233 1.40 -32.81 32.36
CA LEU I 233 1.26 -34.09 33.01
C LEU I 233 1.20 -35.25 32.02
N ASN I 234 1.18 -34.93 30.71
CA ASN I 234 1.27 -35.91 29.63
C ASN I 234 0.18 -36.97 29.77
N LEU I 235 -1.05 -36.48 29.86
CA LEU I 235 -2.24 -37.31 29.81
C LEU I 235 -3.02 -36.92 28.57
N LEU I 236 -2.32 -36.75 27.47
CA LEU I 236 -2.94 -36.46 26.19
C LEU I 236 -2.19 -37.20 25.09
N GLN I 237 -2.96 -37.78 24.17
CA GLN I 237 -2.42 -38.55 23.07
C GLN I 237 -2.60 -37.77 21.78
N SER I 238 -1.58 -37.82 20.92
CA SER I 238 -1.64 -37.18 19.61
C SER I 238 -1.73 -35.67 19.77
N HIS I 239 -0.94 -35.14 20.69
CA HIS I 239 -1.09 -33.76 21.15
C HIS I 239 0.29 -33.21 21.49
N PRO I 240 1.10 -32.97 20.48
CA PRO I 240 2.53 -32.67 20.69
C PRO I 240 2.87 -31.33 21.33
N GLN I 241 2.51 -30.21 20.68
CA GLN I 241 2.75 -28.92 21.29
C GLN I 241 1.80 -28.72 22.48
N GLU I 242 2.10 -27.70 23.29
CA GLU I 242 1.38 -27.47 24.54
C GLU I 242 -0.08 -27.06 24.29
N VAL I 243 -0.37 -25.88 23.78
CA VAL I 243 -1.73 -25.57 23.35
C VAL I 243 -2.01 -26.11 21.94
N MET I 244 -3.15 -26.83 21.78
CA MET I 244 -3.52 -27.28 20.43
C MET I 244 -4.92 -26.88 20.02
N TYR I 245 -5.92 -27.03 20.90
CA TYR I 245 -7.34 -26.85 20.58
C TYR I 245 -7.90 -25.45 20.87
N PHE I 246 -7.65 -24.94 22.07
CA PHE I 246 -8.27 -23.69 22.55
C PHE I 246 -7.30 -22.55 22.34
N GLN I 247 -7.68 -21.60 21.48
CA GLN I 247 -6.75 -20.52 21.13
C GLN I 247 -7.33 -19.17 21.53
N PRO I 248 -6.50 -18.12 21.59
CA PRO I 248 -6.99 -16.79 21.97
C PRO I 248 -7.62 -15.95 20.86
N GLY I 249 -8.56 -15.05 21.25
CA GLY I 249 -8.97 -13.97 20.34
C GLY I 249 -10.41 -13.72 19.88
N GLU I 250 -10.73 -14.04 18.57
CA GLU I 250 -12.04 -14.16 17.89
C GLU I 250 -11.98 -14.22 16.35
N PRO I 251 -10.84 -14.69 15.65
CA PRO I 251 -10.81 -14.71 14.15
C PRO I 251 -12.08 -15.09 13.36
N PHE I 252 -12.53 -16.33 13.54
CA PHE I 252 -13.79 -16.83 12.99
C PHE I 252 -14.89 -16.66 14.05
N GLY I 253 -15.83 -15.74 13.83
CA GLY I 253 -16.86 -15.40 14.82
C GLY I 253 -17.98 -16.42 14.93
N SER I 254 -19.05 -16.04 15.68
CA SER I 254 -20.12 -17.01 15.99
C SER I 254 -21.22 -17.03 14.93
N VAL I 255 -21.83 -18.22 14.79
CA VAL I 255 -22.75 -18.59 13.73
C VAL I 255 -23.99 -19.24 14.34
N GLU I 256 -25.19 -18.91 13.79
CA GLU I 256 -26.51 -19.34 14.28
C GLU I 256 -26.42 -20.75 14.86
N ASP I 257 -27.03 -21.01 16.03
CA ASP I 257 -26.97 -22.36 16.64
C ASP I 257 -27.86 -22.54 17.89
N ASP I 258 -27.89 -23.79 18.41
CA ASP I 258 -28.84 -24.17 19.46
C ASP I 258 -28.95 -23.17 20.59
N HIS I 259 -27.89 -22.39 20.81
CA HIS I 259 -27.81 -21.43 21.90
C HIS I 259 -28.59 -20.16 21.62
N ILE I 260 -28.73 -19.76 20.35
CA ILE I 260 -29.32 -18.46 20.04
C ILE I 260 -30.62 -18.19 20.80
N PRO I 261 -31.57 -19.13 20.91
CA PRO I 261 -32.81 -18.86 21.67
C PRO I 261 -32.56 -18.46 23.10
N PHE I 262 -31.71 -19.21 23.79
CA PHE I 262 -31.31 -18.82 25.14
C PHE I 262 -30.74 -17.41 25.16
N LEU I 263 -29.88 -17.08 24.20
CA LEU I 263 -29.26 -15.77 24.17
C LEU I 263 -30.26 -14.63 24.20
N ARG I 264 -31.38 -14.76 23.49
CA ARG I 264 -32.27 -13.60 23.42
C ARG I 264 -32.99 -13.37 24.75
N ARG I 265 -33.16 -14.42 25.55
CA ARG I 265 -33.50 -14.28 26.97
C ARG I 265 -32.26 -14.07 27.84
N GLY I 266 -31.12 -13.75 27.24
CA GLY I 266 -29.92 -13.40 27.96
C GLY I 266 -29.36 -14.53 28.77
N VAL I 267 -28.92 -15.59 28.11
CA VAL I 267 -28.30 -16.70 28.82
C VAL I 267 -26.79 -16.57 28.64
N PRO I 268 -26.00 -16.92 29.60
CA PRO I 268 -24.56 -16.82 29.37
C PRO I 268 -24.08 -18.08 28.66
N VAL I 269 -23.45 -17.84 27.50
CA VAL I 269 -23.21 -18.85 26.49
C VAL I 269 -21.72 -19.04 26.30
N LEU I 270 -21.22 -20.24 26.56
CA LEU I 270 -19.92 -20.66 26.05
C LEU I 270 -20.16 -21.58 24.85
N HIS I 271 -19.81 -21.09 23.66
CA HIS I 271 -20.02 -21.82 22.41
C HIS I 271 -18.78 -22.67 22.13
N LEU I 272 -18.94 -23.99 22.19
CA LEU I 272 -17.83 -24.92 22.00
C LEU I 272 -17.93 -25.68 20.66
N ILE I 273 -18.09 -24.91 19.59
CA ILE I 273 -18.11 -25.34 18.21
C ILE I 273 -16.69 -25.30 17.65
N SER I 274 -16.44 -26.07 16.57
CA SER I 274 -15.18 -25.98 15.83
C SER I 274 -15.22 -24.84 14.82
N THR I 275 -14.12 -24.07 14.78
CA THR I 275 -13.87 -23.01 13.80
C THR I 275 -12.43 -23.07 13.36
N PRO I 276 -12.19 -23.51 12.13
CA PRO I 276 -13.21 -23.67 11.09
C PRO I 276 -13.94 -25.00 11.25
N PHE I 277 -15.12 -25.17 10.59
CA PHE I 277 -16.01 -26.33 10.69
C PHE I 277 -15.25 -27.61 10.32
N PRO I 278 -15.79 -28.82 10.51
CA PRO I 278 -15.09 -30.00 9.98
C PRO I 278 -15.05 -29.97 8.45
N ALA I 279 -14.15 -30.78 7.90
CA ALA I 279 -13.92 -30.82 6.46
C ALA I 279 -15.01 -31.63 5.77
N VAL I 280 -15.34 -32.76 6.38
CA VAL I 280 -16.45 -33.64 6.06
C VAL I 280 -17.82 -33.04 6.38
N TRP I 281 -17.97 -31.72 6.29
CA TRP I 281 -19.12 -31.06 6.90
C TRP I 281 -20.32 -31.02 5.97
N HIS I 282 -21.47 -31.45 6.50
CA HIS I 282 -22.70 -31.55 5.71
C HIS I 282 -22.37 -32.18 4.37
N THR I 283 -21.76 -33.34 4.45
CA THR I 283 -21.39 -34.18 3.32
C THR I 283 -21.45 -35.62 3.80
N PRO I 284 -21.65 -36.58 2.89
CA PRO I 284 -21.77 -37.99 3.31
C PRO I 284 -20.60 -38.48 4.12
N ALA I 285 -19.54 -37.69 4.25
CA ALA I 285 -18.36 -38.13 4.96
C ALA I 285 -18.43 -37.97 6.47
N ASP I 286 -19.45 -37.31 7.01
CA ASP I 286 -19.46 -37.29 8.47
C ASP I 286 -19.74 -38.70 8.99
N THR I 287 -18.69 -39.53 9.08
CA THR I 287 -18.85 -40.92 9.49
C THR I 287 -17.68 -41.36 10.35
N GLU I 288 -17.91 -42.46 11.07
CA GLU I 288 -17.10 -42.91 12.19
C GLU I 288 -15.60 -42.97 11.88
N VAL I 289 -15.25 -43.24 10.62
CA VAL I 289 -13.85 -43.39 10.24
C VAL I 289 -13.26 -42.03 9.82
N ASN I 290 -13.98 -40.94 10.10
CA ASN I 290 -13.45 -39.60 9.86
C ASN I 290 -13.20 -38.83 11.16
N LEU I 291 -13.82 -39.25 12.24
CA LEU I 291 -13.45 -38.81 13.55
C LEU I 291 -12.06 -39.39 13.88
N HIS I 292 -11.27 -38.60 14.63
CA HIS I 292 -9.88 -38.90 15.01
C HIS I 292 -9.79 -39.41 16.44
N PRO I 293 -10.10 -40.68 16.69
CA PRO I 293 -10.34 -41.17 18.07
C PRO I 293 -9.54 -40.47 19.17
N PRO I 294 -8.19 -40.39 19.11
CA PRO I 294 -7.50 -39.76 20.24
C PRO I 294 -8.04 -38.38 20.56
N THR I 295 -8.21 -37.51 19.56
CA THR I 295 -8.79 -36.20 19.82
C THR I 295 -10.04 -36.34 20.68
N VAL I 296 -10.99 -37.20 20.28
CA VAL I 296 -12.23 -37.37 21.04
C VAL I 296 -11.95 -37.78 22.48
N HIS I 297 -10.98 -38.63 22.70
CA HIS I 297 -10.62 -38.98 24.06
C HIS I 297 -9.91 -37.84 24.75
N ASN I 298 -8.98 -37.20 24.03
CA ASN I 298 -8.35 -35.99 24.54
C ASN I 298 -9.43 -35.04 25.06
N LEU I 299 -10.54 -34.92 24.33
CA LEU I 299 -11.61 -34.01 24.74
C LEU I 299 -12.27 -34.46 26.05
N CYS I 300 -12.81 -35.67 26.08
CA CYS I 300 -13.34 -36.22 27.32
C CYS I 300 -12.47 -35.88 28.48
N ARG I 301 -11.19 -36.19 28.35
CA ARG I 301 -10.16 -35.89 29.34
C ARG I 301 -10.00 -34.39 29.64
N ILE I 302 -10.80 -33.51 29.04
CA ILE I 302 -10.75 -32.10 29.42
C ILE I 302 -12.09 -31.63 29.92
N LEU I 303 -13.15 -31.88 29.15
CA LEU I 303 -14.49 -31.78 29.66
C LEU I 303 -14.68 -32.50 30.98
N ALA I 304 -13.77 -33.39 31.35
CA ALA I 304 -13.87 -34.05 32.66
C ALA I 304 -13.29 -33.13 33.72
N VAL I 305 -11.97 -33.06 33.79
CA VAL I 305 -11.27 -32.23 34.75
C VAL I 305 -11.86 -30.82 34.78
N PHE I 306 -12.56 -30.43 33.73
CA PHE I 306 -13.33 -29.20 33.80
C PHE I 306 -14.55 -29.41 34.68
N LEU I 307 -15.47 -30.29 34.27
CA LEU I 307 -16.72 -30.45 35.03
C LEU I 307 -16.45 -30.70 36.50
N ALA I 308 -15.36 -31.39 36.83
CA ALA I 308 -14.86 -31.46 38.19
C ALA I 308 -14.64 -30.06 38.73
N GLU I 309 -13.50 -29.44 38.36
CA GLU I 309 -13.18 -28.07 38.74
C GLU I 309 -14.42 -27.24 38.87
N TYR I 310 -15.24 -27.21 37.82
CA TYR I 310 -16.41 -26.35 37.82
C TYR I 310 -17.41 -26.68 38.93
N LEU I 311 -17.53 -27.93 39.36
CA LEU I 311 -18.50 -28.24 40.39
C LEU I 311 -17.86 -28.84 41.65
N GLY I 312 -16.58 -28.54 41.87
CA GLY I 312 -15.93 -28.73 43.17
C GLY I 312 -15.64 -30.17 43.59
N LEU I 313 -15.51 -31.09 42.63
CA LEU I 313 -15.62 -32.53 42.90
C LEU I 313 -14.33 -33.29 43.27
N VAL J 1 -81.07 -9.09 -5.60
CA VAL J 1 -80.49 -7.84 -6.10
C VAL J 1 -79.09 -7.97 -6.83
N PRO J 2 -78.43 -9.15 -6.89
CA PRO J 2 -77.15 -9.21 -7.62
C PRO J 2 -77.26 -8.90 -9.12
N LEU J 3 -76.30 -8.11 -9.64
CA LEU J 3 -76.25 -7.65 -11.03
C LEU J 3 -74.92 -8.00 -11.69
N ILE J 4 -75.00 -8.47 -12.95
CA ILE J 4 -74.02 -9.33 -13.65
C ILE J 4 -72.56 -8.95 -13.41
N GLY J 5 -72.01 -9.43 -12.30
CA GLY J 5 -70.65 -9.19 -11.87
C GLY J 5 -70.62 -9.27 -10.36
N SER J 6 -71.80 -9.09 -9.75
CA SER J 6 -71.95 -8.79 -8.34
C SER J 6 -71.65 -10.03 -7.50
N LEU J 7 -72.03 -10.09 -6.22
CA LEU J 7 -71.46 -11.20 -5.48
C LEU J 7 -72.39 -11.76 -4.40
N PRO J 8 -71.98 -12.83 -3.69
CA PRO J 8 -72.87 -13.43 -2.69
C PRO J 8 -73.29 -12.44 -1.61
N GLU J 9 -74.60 -12.35 -1.38
CA GLU J 9 -75.18 -11.51 -0.33
C GLU J 9 -74.79 -11.99 1.07
N ALA J 10 -73.91 -12.96 1.15
CA ALA J 10 -73.36 -13.40 2.42
C ALA J 10 -71.85 -13.38 2.44
N ARG J 11 -71.20 -13.72 1.31
CA ARG J 11 -69.75 -13.57 1.19
C ARG J 11 -69.36 -12.11 1.33
N LEU J 12 -70.27 -11.20 0.94
CA LEU J 12 -70.10 -9.76 1.04
C LEU J 12 -70.29 -9.24 2.45
N ARG J 13 -71.37 -9.65 3.11
CA ARG J 13 -71.57 -9.27 4.50
C ARG J 13 -70.29 -9.46 5.29
N ARG J 14 -69.65 -10.60 5.05
CA ARG J 14 -68.31 -10.86 5.57
C ARG J 14 -67.39 -9.68 5.28
N VAL J 15 -67.32 -9.26 4.02
CA VAL J 15 -66.49 -8.16 3.56
C VAL J 15 -66.66 -6.97 4.50
N VAL J 16 -67.83 -6.33 4.42
CA VAL J 16 -68.14 -5.10 5.15
C VAL J 16 -67.66 -5.19 6.60
N GLY J 17 -67.88 -6.34 7.24
CA GLY J 17 -67.55 -6.52 8.64
C GLY J 17 -66.09 -6.81 8.96
N GLN J 18 -65.23 -6.94 7.96
CA GLN J 18 -63.80 -6.88 8.26
C GLN J 18 -63.30 -5.44 8.34
N LEU J 19 -64.08 -4.47 7.85
CA LEU J 19 -63.82 -3.06 8.10
C LEU J 19 -63.95 -2.76 9.58
N ASP J 20 -63.05 -1.91 10.08
CA ASP J 20 -63.14 -1.45 11.46
C ASP J 20 -63.27 0.07 11.40
N PRO J 21 -64.50 0.60 11.51
CA PRO J 21 -64.68 2.04 11.24
C PRO J 21 -63.90 2.92 12.19
N GLN J 22 -63.81 2.50 13.45
CA GLN J 22 -62.92 3.14 14.42
C GLN J 22 -61.47 3.13 13.95
N ARG J 23 -60.94 1.95 13.62
CA ARG J 23 -59.56 1.82 13.12
C ARG J 23 -59.24 2.84 12.04
N LEU J 24 -60.10 2.91 11.02
CA LEU J 24 -59.92 3.89 9.95
C LEU J 24 -59.74 5.31 10.50
N TRP J 25 -60.43 5.63 11.59
CA TRP J 25 -60.41 6.99 12.13
C TRP J 25 -59.25 7.23 13.10
N SER J 26 -59.08 6.37 14.11
CA SER J 26 -57.95 6.52 15.04
C SER J 26 -56.61 6.23 14.39
N THR J 27 -56.58 5.36 13.38
CA THR J 27 -55.31 4.78 12.97
C THR J 27 -54.85 5.21 11.59
N TYR J 28 -55.76 5.36 10.63
CA TYR J 28 -55.37 5.96 9.36
C TYR J 28 -55.60 7.48 9.33
N LEU J 29 -56.72 7.98 9.90
CA LEU J 29 -57.08 9.38 9.68
C LEU J 29 -56.45 10.31 10.71
N ARG J 30 -56.73 10.07 11.99
CA ARG J 30 -56.11 10.73 13.13
C ARG J 30 -54.73 11.33 12.80
N PRO J 31 -53.76 10.55 12.34
CA PRO J 31 -52.37 11.05 12.25
C PRO J 31 -51.93 11.61 10.91
N LEU J 32 -52.79 11.66 9.88
CA LEU J 32 -52.44 12.38 8.67
C LEU J 32 -52.87 13.84 8.71
N LEU J 33 -53.65 14.22 9.72
CA LEU J 33 -54.32 15.51 9.83
C LEU J 33 -53.41 16.58 10.45
N VAL J 34 -52.22 16.72 9.87
CA VAL J 34 -51.22 17.70 10.27
C VAL J 34 -50.71 18.29 8.98
N VAL J 35 -50.12 19.49 9.03
CA VAL J 35 -49.70 20.11 7.78
C VAL J 35 -48.53 19.32 7.22
N ARG J 36 -48.57 19.12 5.92
CA ARG J 36 -47.66 18.20 5.27
C ARG J 36 -47.34 18.69 3.89
N THR J 37 -47.37 20.00 3.69
CA THR J 37 -46.94 20.65 2.48
C THR J 37 -45.58 20.07 2.12
N PRO J 38 -45.19 20.06 0.81
CA PRO J 38 -43.97 19.39 0.34
C PRO J 38 -42.76 19.23 1.26
N GLY J 39 -41.57 19.56 0.77
CA GLY J 39 -40.39 19.42 1.59
C GLY J 39 -40.70 20.00 2.95
N SER J 40 -41.04 19.13 3.91
CA SER J 40 -41.40 19.59 5.24
C SER J 40 -41.22 18.45 6.20
N PRO J 41 -41.10 18.73 7.50
CA PRO J 41 -41.20 17.64 8.46
C PRO J 41 -42.54 16.95 8.33
N GLY J 42 -43.58 17.67 7.93
CA GLY J 42 -44.87 17.04 7.66
C GLY J 42 -44.80 15.97 6.60
N ASN J 43 -44.64 16.37 5.35
CA ASN J 43 -44.47 15.48 4.20
C ASN J 43 -43.67 14.25 4.59
N LEU J 44 -42.51 14.46 5.18
CA LEU J 44 -41.58 13.38 5.53
C LEU J 44 -41.86 12.76 6.90
N GLN J 45 -43.09 12.85 7.38
CA GLN J 45 -43.55 12.07 8.52
C GLN J 45 -44.87 11.39 8.23
N VAL J 46 -45.64 11.93 7.27
CA VAL J 46 -46.67 11.24 6.51
C VAL J 46 -45.98 10.24 5.59
N ARG J 47 -45.29 10.74 4.54
CA ARG J 47 -44.62 9.90 3.55
C ARG J 47 -43.90 8.74 4.21
N LYS J 48 -43.54 8.91 5.47
CA LYS J 48 -42.95 7.83 6.26
C LYS J 48 -44.04 6.88 6.74
N PHE J 49 -44.91 7.36 7.64
CA PHE J 49 -46.05 6.59 8.14
C PHE J 49 -46.82 5.86 7.05
N LEU J 50 -46.75 6.32 5.80
CA LEU J 50 -47.41 5.57 4.75
C LEU J 50 -46.58 4.38 4.28
N GLU J 51 -45.26 4.52 4.21
CA GLU J 51 -44.42 3.37 3.86
C GLU J 51 -44.52 2.28 4.93
N ALA J 52 -44.11 2.61 6.17
CA ALA J 52 -44.08 1.62 7.25
C ALA J 52 -45.41 0.88 7.39
N THR J 53 -46.51 1.58 7.18
CA THR J 53 -47.84 0.97 7.09
C THR J 53 -47.89 -0.12 6.04
N LEU J 54 -47.88 0.30 4.77
CA LEU J 54 -48.07 -0.62 3.66
C LEU J 54 -47.16 -1.85 3.72
N ARG J 55 -46.13 -1.82 4.58
CA ARG J 55 -45.18 -2.91 4.69
C ARG J 55 -45.38 -3.82 5.92
N SER J 56 -46.31 -3.49 6.81
CA SER J 56 -46.55 -4.32 7.99
C SER J 56 -47.78 -5.21 7.87
N LEU J 57 -48.77 -4.74 7.10
CA LEU J 57 -49.77 -5.59 6.49
C LEU J 57 -49.16 -6.92 6.13
N THR J 58 -49.76 -8.02 6.57
CA THR J 58 -49.19 -9.33 6.30
C THR J 58 -49.17 -9.66 4.80
N ALA J 59 -50.13 -9.13 4.03
CA ALA J 59 -50.26 -9.49 2.61
C ALA J 59 -49.07 -9.08 1.74
N GLY J 60 -47.96 -8.66 2.36
CA GLY J 60 -46.70 -8.41 1.66
C GLY J 60 -46.75 -7.48 0.47
N TRP J 61 -46.30 -6.23 0.66
CA TRP J 61 -46.39 -5.21 -0.37
C TRP J 61 -44.99 -4.75 -0.80
N HIS J 62 -44.78 -4.69 -2.11
CA HIS J 62 -43.72 -3.88 -2.70
C HIS J 62 -44.12 -2.42 -2.60
N VAL J 63 -43.48 -1.67 -1.71
CA VAL J 63 -43.80 -0.27 -1.50
C VAL J 63 -42.53 0.54 -1.73
N GLU J 64 -42.17 0.73 -3.00
CA GLU J 64 -40.96 1.47 -3.31
C GLU J 64 -41.23 2.98 -3.34
N LEU J 65 -40.15 3.74 -3.42
CA LEU J 65 -40.16 5.20 -3.27
C LEU J 65 -39.78 5.88 -4.57
N ASP J 66 -40.38 7.03 -4.85
CA ASP J 66 -39.94 7.88 -5.96
C ASP J 66 -39.69 9.26 -5.38
N PRO J 67 -38.50 9.52 -4.81
CA PRO J 67 -38.13 10.90 -4.47
C PRO J 67 -37.55 11.58 -5.70
N PHE J 68 -37.85 12.84 -5.90
CA PHE J 68 -37.13 13.58 -6.93
C PHE J 68 -36.85 14.98 -6.43
N THR J 69 -36.56 15.87 -7.39
CA THR J 69 -36.34 17.29 -7.17
C THR J 69 -36.69 17.97 -8.47
N ALA J 70 -37.41 19.09 -8.37
CA ALA J 70 -37.99 19.74 -9.53
C ALA J 70 -38.01 21.25 -9.29
N SER J 71 -38.49 21.99 -10.30
CA SER J 71 -38.41 23.45 -10.32
C SER J 71 -39.72 24.05 -9.84
N THR J 72 -39.70 24.67 -8.66
CA THR J 72 -40.89 25.26 -8.05
C THR J 72 -40.59 26.70 -7.62
N PRO J 73 -41.48 27.63 -7.86
CA PRO J 73 -41.32 28.97 -7.32
C PRO J 73 -40.76 29.01 -5.91
N LEU J 74 -41.03 28.04 -5.04
CA LEU J 74 -40.28 28.02 -3.79
C LEU J 74 -38.77 27.79 -4.02
N GLY J 75 -38.34 27.72 -5.27
CA GLY J 75 -37.00 27.28 -5.62
C GLY J 75 -37.03 25.78 -5.82
N PRO J 76 -36.04 25.15 -6.52
CA PRO J 76 -35.97 23.67 -6.55
C PRO J 76 -36.26 22.96 -5.20
N VAL J 77 -37.13 21.94 -5.20
CA VAL J 77 -37.69 21.33 -3.98
C VAL J 77 -37.58 19.81 -4.02
N ASP J 78 -37.67 19.21 -2.83
CA ASP J 78 -37.59 17.76 -2.65
C ASP J 78 -38.96 17.18 -2.29
N PHE J 79 -39.44 16.27 -3.13
CA PHE J 79 -40.72 15.55 -3.10
C PHE J 79 -40.49 14.07 -2.72
N GLY J 80 -41.49 13.21 -2.99
CA GLY J 80 -41.42 11.77 -2.76
C GLY J 80 -42.69 10.91 -2.79
N ASN J 81 -43.21 10.62 -4.00
CA ASN J 81 -44.35 9.71 -4.18
C ASN J 81 -44.14 8.41 -3.41
N VAL J 82 -45.23 7.82 -2.87
CA VAL J 82 -45.20 6.47 -2.26
C VAL J 82 -46.09 5.55 -3.09
N VAL J 83 -45.49 4.72 -3.94
CA VAL J 83 -46.21 3.75 -4.77
C VAL J 83 -46.12 2.37 -4.13
N ALA J 84 -47.27 1.74 -3.90
CA ALA J 84 -47.37 0.40 -3.31
C ALA J 84 -48.14 -0.52 -4.27
N THR J 85 -47.44 -1.47 -4.88
CA THR J 85 -48.05 -2.47 -5.74
C THR J 85 -47.84 -3.85 -5.12
N LEU J 86 -48.91 -4.67 -5.12
CA LEU J 86 -48.97 -5.91 -4.33
C LEU J 86 -48.29 -7.10 -5.02
N ASP J 87 -48.41 -7.22 -6.34
CA ASP J 87 -47.62 -8.20 -7.07
C ASP J 87 -46.91 -7.55 -8.25
N PRO J 88 -45.60 -7.27 -8.14
CA PRO J 88 -44.91 -6.53 -9.20
C PRO J 88 -44.70 -7.36 -10.43
N ARG J 89 -44.87 -8.67 -10.30
CA ARG J 89 -44.71 -9.64 -11.36
C ARG J 89 -46.01 -9.96 -12.08
N ALA J 90 -47.15 -9.87 -11.39
CA ALA J 90 -48.42 -9.90 -12.10
C ALA J 90 -48.41 -8.81 -13.16
N ALA J 91 -49.20 -9.01 -14.20
CA ALA J 91 -48.98 -8.26 -15.42
C ALA J 91 -50.03 -7.18 -15.67
N ARG J 92 -50.96 -6.98 -14.75
CA ARG J 92 -52.00 -5.95 -14.85
C ARG J 92 -52.43 -5.52 -13.45
N HIS J 93 -53.13 -4.37 -13.38
CA HIS J 93 -53.50 -3.76 -12.11
C HIS J 93 -54.52 -2.64 -12.26
N LEU J 94 -55.24 -2.40 -11.17
CA LEU J 94 -56.23 -1.32 -11.01
C LEU J 94 -55.65 -0.26 -10.10
N THR J 95 -55.45 0.94 -10.63
CA THR J 95 -54.74 1.98 -9.88
C THR J 95 -55.76 2.85 -9.15
N LEU J 96 -55.82 2.72 -7.82
CA LEU J 96 -56.64 3.58 -6.98
C LEU J 96 -55.70 4.56 -6.28
N ALA J 97 -55.84 5.85 -6.61
CA ALA J 97 -54.83 6.86 -6.29
C ALA J 97 -55.45 8.07 -5.61
N CYS J 98 -54.77 8.59 -4.57
CA CYS J 98 -55.19 9.79 -3.83
C CYS J 98 -54.19 10.94 -3.97
N HIS J 99 -53.59 11.35 -2.84
CA HIS J 99 -52.41 12.23 -2.76
C HIS J 99 -52.20 12.63 -1.30
N TYR J 100 -50.95 12.79 -0.89
CA TYR J 100 -50.67 13.00 0.52
C TYR J 100 -50.12 14.39 0.83
N ASP J 101 -49.93 15.25 -0.17
CA ASP J 101 -49.48 16.59 0.11
C ASP J 101 -50.67 17.49 0.48
N SER J 102 -50.34 18.72 0.91
CA SER J 102 -51.22 19.74 1.48
C SER J 102 -50.95 21.05 0.75
N LYS J 103 -51.94 21.94 0.69
CA LYS J 103 -51.66 23.21 0.01
C LYS J 103 -50.81 24.11 0.90
N LEU J 104 -50.12 25.05 0.24
CA LEU J 104 -49.26 26.02 0.88
C LEU J 104 -50.02 27.34 1.06
N PHE J 105 -50.38 27.63 2.30
CA PHE J 105 -51.09 28.80 2.76
C PHE J 105 -50.13 29.77 3.42
N PRO J 106 -50.22 31.06 3.09
CA PRO J 106 -49.30 32.07 3.63
C PRO J 106 -49.01 31.88 5.11
N PRO J 107 -47.88 32.43 5.60
CA PRO J 107 -47.47 32.18 6.98
C PRO J 107 -48.40 32.81 8.00
N GLY J 108 -48.46 32.19 9.18
CA GLY J 108 -49.24 32.74 10.27
C GLY J 108 -50.74 32.64 10.08
N SER J 109 -51.18 32.33 8.87
CA SER J 109 -52.58 31.99 8.62
C SER J 109 -53.00 30.86 9.55
N THR J 110 -54.26 30.44 9.51
CA THR J 110 -54.53 29.28 10.37
C THR J 110 -54.12 27.99 9.61
N PRO J 111 -53.62 26.97 10.31
CA PRO J 111 -53.07 25.80 9.59
C PRO J 111 -54.11 25.08 8.75
N PHE J 112 -53.64 24.47 7.64
CA PHE J 112 -54.50 23.85 6.62
C PHE J 112 -54.11 22.40 6.41
N VAL J 113 -54.93 21.48 6.91
CA VAL J 113 -54.61 20.06 6.94
C VAL J 113 -55.52 19.26 6.02
N GLY J 114 -56.08 19.92 5.01
CA GLY J 114 -57.00 19.37 4.01
C GLY J 114 -57.69 18.03 4.24
N ALA J 115 -58.53 17.93 5.28
CA ALA J 115 -59.26 16.70 5.54
C ALA J 115 -59.87 16.11 4.26
N THR J 116 -60.75 16.86 3.59
CA THR J 116 -61.27 16.37 2.32
C THR J 116 -60.21 16.39 1.22
N ASP J 117 -59.19 17.22 1.34
CA ASP J 117 -58.23 17.36 0.24
C ASP J 117 -56.79 17.15 0.72
N SER J 118 -56.35 15.89 0.81
CA SER J 118 -57.17 14.71 0.56
C SER J 118 -56.92 13.70 1.66
N ALA J 119 -56.97 14.16 2.91
CA ALA J 119 -56.62 13.30 4.04
C ALA J 119 -57.46 12.04 4.04
N VAL J 120 -58.78 12.19 3.87
CA VAL J 120 -59.70 11.07 3.85
C VAL J 120 -59.28 10.15 2.70
N PRO J 121 -59.33 10.59 1.41
CA PRO J 121 -58.92 9.69 0.32
C PRO J 121 -57.76 8.76 0.63
N CYS J 122 -56.81 9.22 1.43
CA CYS J 122 -55.66 8.36 1.67
C CYS J 122 -55.88 7.41 2.84
N ALA J 123 -56.60 7.83 3.87
CA ALA J 123 -56.97 6.89 4.92
C ALA J 123 -57.82 5.75 4.37
N LEU J 124 -58.64 6.02 3.35
CA LEU J 124 -59.46 5.00 2.75
C LEU J 124 -58.61 3.92 2.08
N LEU J 125 -57.82 4.31 1.08
CA LEU J 125 -56.84 3.44 0.44
C LEU J 125 -56.19 2.58 1.52
N LEU J 126 -55.92 3.18 2.68
CA LEU J 126 -55.33 2.41 3.77
C LEU J 126 -56.34 1.49 4.46
N GLU J 127 -57.60 1.89 4.62
CA GLU J 127 -58.53 1.00 5.31
C GLU J 127 -58.80 -0.24 4.48
N LEU J 128 -59.00 -0.07 3.18
CA LEU J 128 -59.25 -1.21 2.32
C LEU J 128 -58.13 -2.25 2.46
N ALA J 129 -56.88 -1.82 2.29
CA ALA J 129 -55.76 -2.74 2.23
C ALA J 129 -55.44 -3.44 3.54
N GLN J 130 -56.37 -3.48 4.49
CA GLN J 130 -56.05 -4.14 5.75
C GLN J 130 -57.20 -5.01 6.21
N ALA J 131 -58.41 -4.46 6.18
CA ALA J 131 -59.59 -5.28 6.34
C ALA J 131 -59.64 -6.39 5.30
N LEU J 132 -59.35 -6.06 4.04
CA LEU J 132 -59.36 -7.02 2.94
C LEU J 132 -58.03 -7.76 2.80
N ASP J 133 -57.28 -7.94 3.89
CA ASP J 133 -55.90 -8.40 3.76
C ASP J 133 -55.84 -9.87 3.37
N LEU J 134 -56.50 -10.73 4.14
CA LEU J 134 -56.43 -12.17 3.88
C LEU J 134 -56.93 -12.50 2.49
N GLU J 135 -57.89 -11.71 1.98
CA GLU J 135 -58.41 -11.91 0.64
C GLU J 135 -57.44 -11.43 -0.44
N LEU J 136 -56.55 -10.51 -0.09
CA LEU J 136 -55.45 -10.13 -0.98
C LEU J 136 -54.30 -11.11 -0.87
N SER J 137 -53.88 -11.39 0.38
CA SER J 137 -52.87 -12.39 0.70
C SER J 137 -53.09 -13.66 -0.10
N ARG J 138 -54.35 -13.94 -0.44
CA ARG J 138 -54.69 -15.06 -1.34
C ARG J 138 -54.40 -14.72 -2.80
N ALA J 139 -55.22 -13.83 -3.38
CA ALA J 139 -55.16 -13.57 -4.82
C ALA J 139 -53.73 -13.43 -5.33
N LYS J 140 -52.83 -12.91 -4.49
CA LYS J 140 -51.42 -12.89 -4.86
C LYS J 140 -50.74 -14.23 -4.65
N LYS J 141 -51.08 -14.94 -3.57
CA LYS J 141 -50.51 -16.27 -3.36
C LYS J 141 -51.15 -17.30 -4.30
N GLN J 142 -51.82 -16.81 -5.34
CA GLN J 142 -52.30 -17.65 -6.42
C GLN J 142 -51.93 -17.01 -7.77
N ALA J 143 -50.86 -16.22 -7.75
CA ALA J 143 -50.32 -15.51 -8.91
C ALA J 143 -51.42 -14.96 -9.82
N ALA J 144 -52.41 -14.31 -9.21
CA ALA J 144 -53.50 -13.73 -9.96
C ALA J 144 -52.95 -12.82 -11.05
N PRO J 145 -53.66 -12.66 -12.17
CA PRO J 145 -53.11 -11.89 -13.28
C PRO J 145 -53.58 -10.44 -13.30
N VAL J 146 -54.06 -9.95 -12.15
CA VAL J 146 -54.40 -8.54 -11.88
C VAL J 146 -54.30 -8.27 -10.38
N THR J 147 -53.43 -7.32 -9.99
CA THR J 147 -53.22 -6.91 -8.59
C THR J 147 -53.40 -5.39 -8.47
N LEU J 148 -53.10 -4.79 -7.31
CA LEU J 148 -53.65 -3.47 -6.97
C LEU J 148 -52.58 -2.42 -6.75
N GLN J 149 -52.83 -1.19 -7.24
CA GLN J 149 -51.87 -0.08 -7.13
C GLN J 149 -52.40 1.01 -6.20
N LEU J 150 -51.80 1.07 -5.01
CA LEU J 150 -52.03 2.12 -4.01
C LEU J 150 -51.05 3.26 -4.25
N LEU J 151 -51.44 4.18 -5.13
CA LEU J 151 -50.63 5.36 -5.34
C LEU J 151 -50.84 6.39 -4.23
N PHE J 152 -49.74 7.05 -3.86
CA PHE J 152 -49.72 8.28 -3.05
C PHE J 152 -48.83 9.28 -3.78
N LEU J 153 -49.46 10.22 -4.49
CA LEU J 153 -48.77 11.31 -5.17
C LEU J 153 -48.42 12.46 -4.21
N ASP J 154 -47.22 13.01 -4.39
CA ASP J 154 -46.81 14.27 -3.78
C ASP J 154 -46.97 15.39 -4.80
N GLY J 155 -46.82 16.63 -4.32
CA GLY J 155 -46.82 17.78 -5.18
C GLY J 155 -47.95 17.78 -6.19
N GLU J 156 -49.16 17.69 -5.68
CA GLU J 156 -50.34 17.77 -6.54
C GLU J 156 -50.89 19.19 -6.57
N GLU J 157 -50.60 19.95 -5.53
CA GLU J 157 -51.10 21.30 -5.37
C GLU J 157 -49.99 22.28 -5.67
N ALA J 158 -50.34 23.32 -6.42
CA ALA J 158 -49.48 24.45 -6.71
C ALA J 158 -48.70 24.91 -5.48
N LEU J 159 -47.61 25.62 -5.69
CA LEU J 159 -46.80 26.08 -4.59
C LEU J 159 -46.75 27.59 -4.48
N LYS J 160 -46.80 28.28 -5.62
CA LYS J 160 -47.17 29.68 -5.64
C LYS J 160 -48.38 29.85 -6.52
N GLU J 161 -49.05 28.75 -6.88
CA GLU J 161 -50.16 28.71 -7.83
C GLU J 161 -49.77 29.24 -9.21
N TRP J 162 -48.47 29.49 -9.45
CA TRP J 162 -47.95 30.28 -10.57
C TRP J 162 -48.12 29.59 -11.94
N GLY J 163 -49.23 28.85 -12.14
CA GLY J 163 -49.64 28.45 -13.48
C GLY J 163 -50.18 27.04 -13.68
N PRO J 164 -49.80 26.40 -14.84
CA PRO J 164 -50.08 24.98 -15.03
C PRO J 164 -48.92 24.12 -14.55
N LYS J 165 -47.70 24.62 -14.76
CA LYS J 165 -46.51 23.97 -14.23
C LYS J 165 -46.44 24.01 -12.70
N ASP J 166 -47.12 24.95 -12.05
CA ASP J 166 -47.31 24.89 -10.59
C ASP J 166 -48.63 24.19 -10.33
N SER J 167 -48.58 22.86 -10.51
CA SER J 167 -49.67 21.92 -10.23
C SER J 167 -49.28 20.52 -10.69
N LEU J 168 -49.52 19.53 -9.83
CA LEU J 168 -49.32 18.12 -10.18
C LEU J 168 -47.84 17.89 -10.43
N TYR J 169 -47.05 17.91 -9.38
CA TYR J 169 -45.63 17.70 -9.60
C TYR J 169 -45.29 16.20 -9.56
N GLY J 170 -45.68 15.52 -8.48
CA GLY J 170 -45.28 14.13 -8.30
C GLY J 170 -45.91 13.16 -9.28
N SER J 171 -47.07 13.51 -9.83
CA SER J 171 -47.67 12.68 -10.86
C SER J 171 -47.25 13.07 -12.27
N ARG J 172 -46.74 14.29 -12.48
CA ARG J 172 -46.08 14.53 -13.76
C ARG J 172 -44.74 13.79 -13.84
N HIS J 173 -44.31 13.18 -12.73
CA HIS J 173 -43.08 12.42 -12.62
C HIS J 173 -43.31 10.94 -12.77
N LEU J 174 -44.31 10.40 -12.07
CA LEU J 174 -44.58 8.97 -12.08
C LEU J 174 -44.99 8.51 -13.47
N ALA J 175 -46.02 9.16 -14.03
CA ALA J 175 -46.46 8.89 -15.40
C ALA J 175 -45.35 9.10 -16.42
N GLN J 176 -44.36 9.90 -16.11
CA GLN J 176 -43.17 9.96 -16.93
C GLN J 176 -42.14 8.93 -16.48
N LEU J 177 -42.06 8.64 -15.16
CA LEU J 177 -41.13 7.62 -14.67
C LEU J 177 -41.50 6.25 -15.21
N MET J 178 -42.80 5.96 -15.30
CA MET J 178 -43.20 4.63 -15.75
C MET J 178 -43.19 4.50 -17.28
N GLU J 179 -42.95 5.58 -18.04
CA GLU J 179 -42.75 5.48 -19.49
C GLU J 179 -41.34 5.01 -19.86
N SER J 180 -40.42 4.95 -18.90
CA SER J 180 -39.09 4.45 -19.17
C SER J 180 -38.84 3.06 -18.60
N ILE J 181 -39.60 2.65 -17.59
CA ILE J 181 -39.51 1.33 -16.99
C ILE J 181 -40.13 0.32 -17.97
N PRO J 182 -39.40 -0.72 -18.37
CA PRO J 182 -40.02 -1.78 -19.18
C PRO J 182 -40.68 -2.82 -18.27
N HIS J 183 -41.89 -3.22 -18.66
CA HIS J 183 -42.61 -4.27 -17.96
C HIS J 183 -43.21 -5.25 -18.94
N SER J 184 -43.26 -6.51 -18.52
CA SER J 184 -43.75 -7.59 -19.35
C SER J 184 -45.18 -7.94 -18.92
N PRO J 185 -46.14 -7.85 -19.87
CA PRO J 185 -46.07 -7.69 -21.32
C PRO J 185 -46.11 -6.26 -21.86
N GLY J 186 -46.11 -5.26 -20.97
CA GLY J 186 -46.12 -3.84 -21.33
C GLY J 186 -46.56 -3.34 -22.70
N PRO J 187 -45.65 -2.67 -23.44
CA PRO J 187 -44.18 -2.50 -23.32
C PRO J 187 -43.64 -1.96 -21.98
N THR J 188 -44.18 -0.82 -21.58
CA THR J 188 -43.76 -0.04 -20.41
C THR J 188 -44.74 -0.25 -19.26
N ARG J 189 -44.35 0.17 -18.06
CA ARG J 189 -45.29 0.02 -16.96
C ARG J 189 -46.49 0.97 -17.05
N ILE J 190 -46.54 1.83 -18.07
CA ILE J 190 -47.71 2.68 -18.32
C ILE J 190 -48.87 1.84 -18.84
N GLN J 191 -48.59 0.90 -19.73
CA GLN J 191 -49.60 -0.01 -20.26
C GLN J 191 -49.95 -1.08 -19.25
N ALA J 192 -49.13 -1.24 -18.22
CA ALA J 192 -49.53 -2.01 -17.05
C ALA J 192 -50.87 -1.51 -16.50
N ILE J 193 -51.05 -0.18 -16.40
CA ILE J 193 -52.22 0.37 -15.72
C ILE J 193 -53.50 0.05 -16.50
N GLU J 194 -54.31 -0.87 -15.94
CA GLU J 194 -55.59 -1.25 -16.53
C GLU J 194 -56.69 -0.24 -16.24
N LEU J 195 -56.61 0.48 -15.12
CA LEU J 195 -57.54 1.59 -14.85
C LEU J 195 -56.97 2.51 -13.78
N PHE J 196 -57.05 3.83 -14.06
CA PHE J 196 -56.67 4.88 -13.12
C PHE J 196 -57.94 5.44 -12.49
N MET J 197 -58.15 5.17 -11.20
CA MET J 197 -59.32 5.71 -10.50
C MET J 197 -58.84 6.55 -9.32
N LEU J 198 -59.18 7.83 -9.36
CA LEU J 198 -58.61 8.86 -8.51
C LEU J 198 -59.60 9.23 -7.42
N LEU J 199 -59.14 9.34 -6.19
CA LEU J 199 -60.01 9.64 -5.06
C LEU J 199 -59.60 11.00 -4.49
N ASP J 200 -60.16 12.06 -5.07
CA ASP J 200 -59.94 13.40 -4.53
C ASP J 200 -61.24 13.96 -3.99
N LEU J 201 -61.11 14.78 -2.94
CA LEU J 201 -62.18 15.58 -2.35
C LEU J 201 -63.34 14.74 -1.81
N LEU J 202 -63.06 13.93 -0.79
CA LEU J 202 -64.04 13.00 -0.27
C LEU J 202 -64.15 13.16 1.24
N GLY J 203 -65.37 13.33 1.75
CA GLY J 203 -65.60 13.31 3.18
C GLY J 203 -66.56 14.42 3.55
N ALA J 204 -66.65 15.37 2.63
CA ALA J 204 -67.73 16.34 2.63
C ALA J 204 -69.06 15.61 2.74
N PRO J 205 -70.00 16.12 3.53
CA PRO J 205 -71.36 15.58 3.47
C PRO J 205 -71.99 15.93 2.12
N ASN J 206 -72.96 15.11 1.74
CA ASN J 206 -73.67 15.25 0.47
C ASN J 206 -72.77 15.45 -0.75
N PRO J 207 -71.81 14.55 -1.01
CA PRO J 207 -70.99 14.67 -2.22
C PRO J 207 -71.82 14.29 -3.44
N THR J 208 -71.49 14.87 -4.59
CA THR J 208 -72.14 14.48 -5.83
C THR J 208 -71.10 14.23 -6.93
N PHE J 209 -71.23 13.08 -7.63
CA PHE J 209 -70.20 12.44 -8.46
C PHE J 209 -70.68 12.24 -9.88
N TYR J 210 -69.75 12.28 -10.82
CA TYR J 210 -70.11 12.16 -12.22
C TYR J 210 -69.09 11.36 -13.02
N SER J 211 -69.49 11.02 -14.22
CA SER J 211 -68.62 10.44 -15.22
C SER J 211 -68.40 11.58 -16.18
N HIS J 212 -67.26 12.22 -16.05
CA HIS J 212 -66.65 12.98 -17.12
C HIS J 212 -65.62 12.15 -17.86
N PHE J 213 -65.81 10.84 -17.88
CA PHE J 213 -64.95 9.92 -18.64
C PHE J 213 -65.69 8.75 -19.25
N PRO J 214 -66.17 8.90 -20.51
CA PRO J 214 -66.86 7.80 -21.18
C PRO J 214 -66.12 6.48 -21.05
N ARG J 215 -64.89 6.35 -21.55
CA ARG J 215 -64.32 5.01 -21.60
C ARG J 215 -64.31 4.33 -20.22
N THR J 216 -64.64 5.02 -19.14
CA THR J 216 -64.74 4.35 -17.86
C THR J 216 -66.18 4.14 -17.40
N VAL J 217 -67.16 4.63 -18.15
CA VAL J 217 -68.53 4.80 -17.65
C VAL J 217 -69.00 3.56 -16.90
N ARG J 218 -68.44 2.40 -17.23
CA ARG J 218 -68.92 1.12 -16.71
C ARG J 218 -68.67 0.97 -15.22
N TRP J 219 -67.43 1.19 -14.79
CA TRP J 219 -67.10 1.08 -13.37
C TRP J 219 -67.77 2.15 -12.54
N PHE J 220 -68.27 3.19 -13.18
CA PHE J 220 -69.13 4.14 -12.53
C PHE J 220 -70.45 3.40 -12.27
N HIS J 221 -71.22 3.13 -13.34
CA HIS J 221 -72.44 2.32 -13.32
C HIS J 221 -72.40 1.18 -12.33
N ARG J 222 -71.27 0.45 -12.31
CA ARG J 222 -71.07 -0.58 -11.30
C ARG J 222 -71.16 0.05 -9.91
N LEU J 223 -70.29 1.02 -9.62
CA LEU J 223 -70.30 1.70 -8.31
C LEU J 223 -71.68 2.23 -7.95
N ARG J 224 -72.41 2.79 -8.93
CA ARG J 224 -73.75 3.28 -8.64
C ARG J 224 -74.66 2.15 -8.19
N SER J 225 -74.55 1.02 -8.86
CA SER J 225 -75.35 -0.10 -8.51
C SER J 225 -74.89 -0.42 -7.13
N ILE J 226 -73.64 -0.82 -7.02
CA ILE J 226 -73.03 -1.15 -5.73
C ILE J 226 -73.50 -0.39 -4.51
N GLU J 227 -74.27 0.65 -4.74
CA GLU J 227 -74.85 1.45 -3.71
C GLU J 227 -76.20 0.82 -3.56
N LYS J 228 -77.12 1.23 -4.41
CA LYS J 228 -78.43 0.66 -4.28
C LYS J 228 -78.28 -0.68 -3.61
N ARG J 229 -77.13 -1.30 -3.71
CA ARG J 229 -76.98 -2.62 -3.11
C ARG J 229 -76.85 -2.62 -1.61
N LEU J 230 -76.11 -1.68 -1.06
CA LEU J 230 -75.96 -1.65 0.39
C LEU J 230 -77.07 -0.85 1.04
N HIS J 231 -77.48 0.22 0.37
CA HIS J 231 -78.67 0.97 0.73
C HIS J 231 -79.78 0.01 1.12
N ARG J 232 -80.42 -0.59 0.10
CA ARG J 232 -81.35 -1.69 0.27
C ARG J 232 -81.00 -2.55 1.48
N LEU J 233 -79.82 -3.18 1.47
CA LEU J 233 -79.45 -4.02 2.59
C LEU J 233 -79.28 -3.29 3.92
N ASN J 234 -79.75 -2.04 4.04
CA ASN J 234 -79.66 -1.32 5.32
C ASN J 234 -78.22 -1.29 5.83
N LEU J 235 -77.31 -0.81 4.97
CA LEU J 235 -75.89 -0.74 5.27
C LEU J 235 -75.32 0.65 5.11
N LEU J 236 -76.11 1.60 4.61
CA LEU J 236 -75.75 3.01 4.61
C LEU J 236 -76.49 3.69 5.75
N GLN J 237 -75.79 4.60 6.42
CA GLN J 237 -76.47 5.44 7.39
C GLN J 237 -76.86 6.73 6.71
N SER J 238 -77.70 7.51 7.40
CA SER J 238 -78.09 8.85 6.96
C SER J 238 -78.19 8.92 5.46
N HIS J 239 -78.54 7.78 4.84
CA HIS J 239 -78.81 7.67 3.40
C HIS J 239 -80.31 7.50 3.22
N PRO J 240 -81.02 8.56 2.95
CA PRO J 240 -82.49 8.47 2.92
C PRO J 240 -83.07 8.27 1.53
N GLN J 241 -82.27 8.41 0.49
CA GLN J 241 -82.75 8.17 -0.86
C GLN J 241 -82.01 6.98 -1.46
N GLU J 242 -82.53 6.45 -2.57
CA GLU J 242 -81.97 5.21 -3.12
C GLU J 242 -80.61 5.44 -3.77
N VAL J 243 -80.46 6.53 -4.52
CA VAL J 243 -79.17 6.90 -5.07
C VAL J 243 -78.91 8.39 -4.86
N MET J 244 -77.95 8.70 -3.99
CA MET J 244 -77.55 10.08 -3.74
C MET J 244 -76.22 10.40 -4.39
N TYR J 245 -75.16 9.66 -4.04
CA TYR J 245 -73.79 9.94 -4.52
C TYR J 245 -73.65 9.96 -6.04
N PHE J 246 -73.51 8.80 -6.67
CA PHE J 246 -73.12 8.75 -8.06
C PHE J 246 -74.31 9.06 -8.94
N GLN J 247 -74.12 9.87 -9.97
CA GLN J 247 -75.23 10.44 -10.72
C GLN J 247 -75.10 10.29 -12.23
N PRO J 248 -76.17 10.59 -12.95
CA PRO J 248 -76.16 10.47 -14.43
C PRO J 248 -76.03 11.77 -15.18
N GLY J 249 -75.44 11.70 -16.38
CA GLY J 249 -75.14 12.86 -17.20
C GLY J 249 -73.73 13.36 -16.94
N GLU J 250 -73.37 14.44 -17.63
CA GLU J 250 -72.17 15.20 -17.27
C GLU J 250 -72.44 16.70 -17.29
N PRO J 251 -72.86 17.26 -16.14
CA PRO J 251 -72.95 18.72 -16.01
C PRO J 251 -71.68 19.40 -15.48
N PHE J 252 -71.12 18.96 -14.33
CA PHE J 252 -69.85 19.52 -13.85
C PHE J 252 -68.69 18.82 -14.53
N GLY J 253 -67.96 19.56 -15.38
CA GLY J 253 -66.90 19.03 -16.21
C GLY J 253 -65.70 18.46 -15.47
N SER J 254 -64.57 18.25 -16.16
CA SER J 254 -63.41 17.69 -15.48
C SER J 254 -62.60 18.77 -14.80
N VAL J 255 -61.66 18.33 -13.96
CA VAL J 255 -60.81 19.24 -13.19
C VAL J 255 -59.37 18.75 -13.19
N GLU J 256 -58.50 19.46 -13.95
CA GLU J 256 -57.05 19.27 -13.93
C GLU J 256 -56.59 18.82 -12.54
N ASP J 257 -56.52 17.50 -12.34
CA ASP J 257 -56.10 16.88 -11.11
C ASP J 257 -54.99 15.87 -11.45
N ASP J 258 -54.50 15.16 -10.42
CA ASP J 258 -53.39 14.22 -10.52
C ASP J 258 -53.42 13.28 -11.72
N HIS J 259 -54.59 13.11 -12.30
CA HIS J 259 -54.76 12.04 -13.27
C HIS J 259 -54.31 12.45 -14.66
N ILE J 260 -54.20 13.75 -14.96
CA ILE J 260 -54.01 14.14 -16.36
C ILE J 260 -52.64 13.75 -16.93
N PRO J 261 -51.54 13.53 -16.13
CA PRO J 261 -50.29 13.08 -16.77
C PRO J 261 -50.48 11.73 -17.44
N PHE J 262 -50.82 10.74 -16.59
CA PHE J 262 -51.30 9.45 -17.05
C PHE J 262 -52.32 9.59 -18.17
N LEU J 263 -53.45 10.26 -17.91
CA LEU J 263 -54.54 10.32 -18.90
C LEU J 263 -54.07 10.70 -20.32
N ARG J 264 -52.92 11.34 -20.45
CA ARG J 264 -52.43 11.55 -21.80
C ARG J 264 -51.46 10.49 -22.28
N ARG J 265 -51.06 9.59 -21.39
CA ARG J 265 -50.33 8.37 -21.70
C ARG J 265 -51.29 7.18 -21.74
N GLY J 266 -52.42 7.35 -22.46
CA GLY J 266 -53.38 6.30 -22.74
C GLY J 266 -54.29 5.81 -21.62
N VAL J 267 -53.79 5.82 -20.39
CA VAL J 267 -54.41 5.18 -19.23
C VAL J 267 -55.90 5.52 -19.13
N PRO J 268 -56.75 4.56 -18.77
CA PRO J 268 -58.18 4.85 -18.62
C PRO J 268 -58.48 5.32 -17.21
N VAL J 269 -59.35 6.32 -17.14
CA VAL J 269 -59.43 7.15 -15.95
C VAL J 269 -60.87 7.26 -15.49
N LEU J 270 -61.09 6.95 -14.21
CA LEU J 270 -62.34 7.20 -13.49
C LEU J 270 -62.01 8.19 -12.38
N HIS J 271 -62.49 9.43 -12.54
CA HIS J 271 -62.20 10.57 -11.68
C HIS J 271 -63.18 10.54 -10.50
N LEU J 272 -62.78 9.94 -9.37
CA LEU J 272 -63.68 9.84 -8.22
C LEU J 272 -63.46 11.03 -7.29
N ILE J 273 -64.11 12.15 -7.66
CA ILE J 273 -63.90 13.45 -7.03
C ILE J 273 -65.25 14.16 -6.88
N SER J 274 -65.53 14.68 -5.67
CA SER J 274 -66.78 15.39 -5.39
C SER J 274 -66.95 16.63 -6.27
N THR J 275 -68.12 16.80 -6.88
CA THR J 275 -68.33 17.98 -7.74
C THR J 275 -69.79 18.51 -7.74
N PRO J 276 -70.06 19.66 -7.08
CA PRO J 276 -69.13 20.67 -6.55
C PRO J 276 -68.31 20.21 -5.35
N PHE J 277 -67.14 20.83 -5.26
CA PHE J 277 -66.19 20.56 -4.19
C PHE J 277 -66.87 20.89 -2.85
N PRO J 278 -66.37 20.34 -1.74
CA PRO J 278 -66.83 20.80 -0.41
C PRO J 278 -66.87 22.33 -0.32
N ALA J 279 -67.60 22.86 0.66
CA ALA J 279 -67.56 24.30 0.87
C ALA J 279 -66.31 24.69 1.63
N VAL J 280 -65.96 23.88 2.64
CA VAL J 280 -64.72 23.99 3.40
C VAL J 280 -63.46 23.82 2.54
N TRP J 281 -63.49 24.23 1.29
CA TRP J 281 -62.41 23.93 0.36
C TRP J 281 -61.41 25.06 0.30
N HIS J 282 -60.11 24.70 0.36
CA HIS J 282 -59.00 25.66 0.36
C HIS J 282 -59.26 26.77 1.38
N THR J 283 -59.47 26.33 2.61
CA THR J 283 -59.81 27.15 3.76
C THR J 283 -59.32 26.40 4.98
N PRO J 284 -58.67 27.05 5.89
CA PRO J 284 -58.43 26.41 7.19
C PRO J 284 -59.69 25.90 7.89
N ALA J 285 -60.80 25.80 7.16
CA ALA J 285 -62.04 25.18 7.62
C ALA J 285 -62.14 23.69 7.27
N ASP J 286 -61.25 23.19 6.42
CA ASP J 286 -61.28 21.80 5.96
C ASP J 286 -60.61 20.90 6.99
N THR J 287 -61.28 20.70 8.09
CA THR J 287 -60.62 19.90 9.10
C THR J 287 -61.47 18.67 9.34
N GLU J 288 -61.12 17.95 10.39
CA GLU J 288 -61.89 16.78 10.80
C GLU J 288 -63.31 17.16 11.17
N VAL J 289 -63.47 17.88 12.29
CA VAL J 289 -64.74 18.28 12.90
C VAL J 289 -65.82 18.71 11.90
N ASN J 290 -65.49 18.75 10.59
CA ASN J 290 -66.52 18.93 9.58
C ASN J 290 -66.71 17.74 8.66
N LEU J 291 -65.84 16.74 8.72
CA LEU J 291 -66.12 15.52 7.99
C LEU J 291 -67.46 14.96 8.47
N HIS J 292 -68.31 14.51 7.52
CA HIS J 292 -69.54 13.78 7.86
C HIS J 292 -69.26 12.30 8.05
N PRO J 293 -68.92 11.83 9.27
CA PRO J 293 -68.44 10.44 9.43
C PRO J 293 -69.35 9.43 8.75
N PRO J 294 -70.71 9.61 8.78
CA PRO J 294 -71.54 8.76 7.91
C PRO J 294 -71.11 8.82 6.45
N THR J 295 -71.15 10.00 5.81
CA THR J 295 -70.75 10.07 4.41
C THR J 295 -69.38 9.45 4.16
N VAL J 296 -68.55 9.28 5.19
CA VAL J 296 -67.24 8.66 4.98
C VAL J 296 -67.33 7.14 5.05
N HIS J 297 -67.83 6.61 6.16
CA HIS J 297 -67.92 5.15 6.31
C HIS J 297 -68.88 4.53 5.30
N ASN J 298 -69.86 5.28 4.81
CA ASN J 298 -70.63 4.84 3.66
C ASN J 298 -69.68 4.49 2.53
N LEU J 299 -69.15 5.52 1.86
CA LEU J 299 -68.24 5.35 0.74
C LEU J 299 -67.19 4.27 0.95
N CYS J 300 -66.68 4.13 2.17
CA CYS J 300 -65.68 3.10 2.41
C CYS J 300 -66.19 1.74 1.95
N ARG J 301 -67.38 1.34 2.44
CA ARG J 301 -68.00 0.08 2.04
C ARG J 301 -68.19 -0.01 0.53
N ILE J 302 -68.89 0.96 -0.06
CA ILE J 302 -69.09 1.07 -1.51
C ILE J 302 -67.80 0.81 -2.32
N LEU J 303 -66.63 1.09 -1.74
CA LEU J 303 -65.40 0.63 -2.37
C LEU J 303 -64.85 -0.64 -1.75
N ALA J 304 -65.22 -0.95 -0.49
CA ALA J 304 -64.90 -2.26 0.07
C ALA J 304 -65.56 -3.38 -0.71
N VAL J 305 -66.54 -3.04 -1.54
CA VAL J 305 -67.23 -3.93 -2.46
C VAL J 305 -66.57 -3.85 -3.82
N PHE J 306 -66.54 -2.65 -4.40
CA PHE J 306 -65.86 -2.40 -5.68
C PHE J 306 -64.50 -3.07 -5.78
N LEU J 307 -63.89 -3.44 -4.66
CA LEU J 307 -62.59 -4.10 -4.67
C LEU J 307 -62.74 -5.59 -4.93
N ALA J 308 -63.35 -6.29 -3.97
CA ALA J 308 -63.85 -7.64 -4.11
C ALA J 308 -64.19 -7.95 -5.55
N GLU J 309 -65.34 -7.45 -6.00
CA GLU J 309 -65.86 -7.80 -7.32
C GLU J 309 -64.83 -7.55 -8.43
N TYR J 310 -64.11 -6.42 -8.40
CA TYR J 310 -63.14 -6.13 -9.47
C TYR J 310 -62.06 -7.20 -9.52
N LEU J 311 -61.61 -7.63 -8.34
CA LEU J 311 -60.61 -8.68 -8.23
C LEU J 311 -61.19 -9.97 -7.66
N GLY J 312 -62.52 -10.13 -7.71
CA GLY J 312 -63.23 -11.29 -7.21
C GLY J 312 -62.62 -11.88 -5.96
N LEU J 313 -62.19 -11.02 -5.03
CA LEU J 313 -61.32 -11.42 -3.91
C LEU J 313 -61.82 -12.64 -3.15
N VAL K 1 -43.02 -56.79 -10.27
CA VAL K 1 -43.23 -56.36 -8.90
C VAL K 1 -43.22 -54.82 -8.94
N PRO K 2 -44.08 -54.17 -8.16
CA PRO K 2 -44.04 -52.68 -8.13
C PRO K 2 -42.90 -52.17 -7.26
N LEU K 3 -42.01 -51.35 -7.86
CA LEU K 3 -40.80 -50.81 -7.23
C LEU K 3 -40.69 -49.30 -7.56
N ILE K 4 -39.56 -48.63 -7.18
CA ILE K 4 -39.39 -47.17 -7.38
C ILE K 4 -38.82 -46.87 -8.76
N GLY K 5 -39.13 -45.67 -9.27
CA GLY K 5 -38.80 -45.28 -10.63
C GLY K 5 -39.85 -45.74 -11.62
N SER K 6 -40.31 -46.98 -11.47
CA SER K 6 -41.00 -47.73 -12.53
C SER K 6 -42.35 -47.12 -12.90
N LEU K 7 -43.10 -47.88 -13.67
CA LEU K 7 -44.52 -47.67 -13.87
C LEU K 7 -45.31 -48.83 -13.28
N PRO K 8 -46.46 -48.54 -12.67
CA PRO K 8 -47.24 -49.57 -11.99
C PRO K 8 -47.97 -50.44 -12.98
N GLU K 9 -48.19 -51.69 -12.57
CA GLU K 9 -48.70 -52.74 -13.44
C GLU K 9 -49.78 -52.28 -14.41
N ALA K 10 -50.60 -51.30 -14.00
CA ALA K 10 -51.57 -50.67 -14.88
C ALA K 10 -50.85 -49.87 -15.97
N ARG K 11 -50.83 -48.53 -15.80
CA ARG K 11 -50.05 -47.54 -16.56
C ARG K 11 -49.11 -48.14 -17.60
N LEU K 12 -48.51 -49.29 -17.26
CA LEU K 12 -47.50 -49.99 -18.04
C LEU K 12 -48.11 -50.89 -19.13
N ARG K 13 -49.19 -51.61 -18.83
CA ARG K 13 -49.75 -52.50 -19.83
C ARG K 13 -50.66 -51.78 -20.82
N ARG K 14 -51.02 -50.53 -20.51
CA ARG K 14 -51.70 -49.61 -21.41
C ARG K 14 -50.72 -48.97 -22.41
N VAL K 15 -49.42 -49.03 -22.12
CA VAL K 15 -48.37 -48.79 -23.12
C VAL K 15 -48.03 -50.09 -23.86
N VAL K 16 -48.12 -51.23 -23.16
CA VAL K 16 -47.98 -52.55 -23.79
C VAL K 16 -49.09 -52.76 -24.83
N GLY K 17 -50.34 -52.60 -24.41
CA GLY K 17 -51.44 -52.79 -25.35
C GLY K 17 -51.37 -51.85 -26.54
N GLN K 18 -51.01 -50.58 -26.29
CA GLN K 18 -50.93 -49.52 -27.28
C GLN K 18 -49.92 -49.74 -28.40
N LEU K 19 -49.22 -50.87 -28.41
CA LEU K 19 -48.42 -51.25 -29.56
C LEU K 19 -49.15 -52.32 -30.37
N ASP K 20 -48.62 -52.55 -31.57
CA ASP K 20 -49.31 -53.35 -32.56
C ASP K 20 -48.30 -54.33 -33.16
N PRO K 21 -48.47 -55.66 -32.97
CA PRO K 21 -47.67 -56.62 -33.75
C PRO K 21 -47.84 -56.51 -35.27
N GLN K 22 -48.68 -55.59 -35.73
CA GLN K 22 -48.84 -55.32 -37.16
C GLN K 22 -48.37 -53.93 -37.56
N ARG K 23 -48.91 -52.86 -36.93
CA ARG K 23 -48.58 -51.48 -37.29
C ARG K 23 -47.08 -51.20 -37.25
N LEU K 24 -46.30 -52.01 -36.54
CA LEU K 24 -44.86 -52.10 -36.71
C LEU K 24 -44.50 -52.95 -37.93
N TRP K 25 -44.93 -54.21 -37.94
CA TRP K 25 -44.43 -55.18 -38.90
C TRP K 25 -44.83 -54.84 -40.33
N SER K 26 -45.80 -53.95 -40.52
CA SER K 26 -46.36 -53.74 -41.85
C SER K 26 -46.32 -52.28 -42.29
N THR K 27 -47.09 -51.43 -41.60
CA THR K 27 -47.14 -49.99 -41.89
C THR K 27 -45.73 -49.41 -42.01
N TYR K 28 -44.75 -50.04 -41.37
CA TYR K 28 -43.45 -49.42 -41.10
C TYR K 28 -42.24 -50.31 -41.32
N LEU K 29 -42.36 -51.64 -41.43
CA LEU K 29 -41.19 -52.48 -41.73
C LEU K 29 -41.07 -52.83 -43.22
N ARG K 30 -42.18 -53.13 -43.91
CA ARG K 30 -42.06 -53.47 -45.34
C ARG K 30 -41.70 -52.28 -46.21
N PRO K 31 -42.33 -51.06 -46.05
CA PRO K 31 -42.01 -49.94 -46.97
C PRO K 31 -40.54 -49.54 -47.05
N LEU K 32 -39.67 -50.29 -46.38
CA LEU K 32 -38.23 -50.02 -46.24
C LEU K 32 -37.35 -51.11 -46.84
N LEU K 33 -37.70 -52.40 -46.65
CA LEU K 33 -36.76 -53.48 -46.91
C LEU K 33 -36.40 -53.60 -48.39
N VAL K 34 -35.98 -52.48 -48.95
CA VAL K 34 -35.59 -52.33 -50.34
C VAL K 34 -34.10 -52.06 -50.34
N VAL K 35 -33.40 -52.42 -51.41
CA VAL K 35 -32.00 -51.99 -51.45
C VAL K 35 -31.97 -50.49 -51.71
N ARG K 36 -31.36 -49.75 -50.77
CA ARG K 36 -31.64 -48.34 -50.49
C ARG K 36 -30.34 -47.57 -50.20
N THR K 37 -29.23 -48.01 -50.80
CA THR K 37 -27.89 -47.45 -50.64
C THR K 37 -27.86 -45.93 -50.83
N PRO K 38 -26.83 -45.22 -50.34
CA PRO K 38 -26.87 -43.74 -50.39
C PRO K 38 -27.05 -43.20 -51.81
N GLY K 39 -27.92 -42.20 -51.93
CA GLY K 39 -28.29 -41.66 -53.22
C GLY K 39 -29.08 -42.58 -54.14
N SER K 40 -29.47 -43.77 -53.69
CA SER K 40 -30.02 -44.80 -54.57
C SER K 40 -31.49 -44.56 -54.87
N PRO K 41 -32.06 -45.37 -55.78
CA PRO K 41 -33.53 -45.37 -55.90
C PRO K 41 -34.23 -45.92 -54.66
N GLY K 42 -33.73 -47.02 -54.06
CA GLY K 42 -34.39 -47.56 -52.88
C GLY K 42 -34.30 -46.60 -51.72
N ASN K 43 -33.35 -45.71 -51.79
CA ASN K 43 -33.04 -44.84 -50.69
C ASN K 43 -34.00 -43.65 -50.52
N LEU K 44 -33.94 -42.72 -51.48
CA LEU K 44 -34.92 -41.64 -51.54
C LEU K 44 -36.35 -42.17 -51.41
N GLN K 45 -36.58 -43.43 -51.79
CA GLN K 45 -37.86 -44.08 -51.49
C GLN K 45 -38.14 -44.06 -49.99
N VAL K 46 -37.23 -44.64 -49.22
CA VAL K 46 -37.45 -44.72 -47.79
C VAL K 46 -37.25 -43.37 -47.13
N ARG K 47 -36.44 -42.48 -47.75
CA ARG K 47 -36.39 -41.06 -47.39
C ARG K 47 -37.79 -40.52 -47.15
N LYS K 48 -38.55 -40.35 -48.22
CA LYS K 48 -39.90 -39.79 -48.14
C LYS K 48 -40.95 -40.79 -47.68
N PHE K 49 -40.56 -42.03 -47.34
CA PHE K 49 -41.47 -42.87 -46.60
C PHE K 49 -41.49 -42.51 -45.13
N LEU K 50 -40.31 -42.19 -44.57
CA LEU K 50 -40.23 -41.80 -43.17
C LEU K 50 -40.76 -40.39 -42.97
N GLU K 51 -40.12 -39.42 -43.63
CA GLU K 51 -40.54 -38.01 -43.56
C GLU K 51 -42.04 -37.82 -43.72
N ALA K 52 -42.72 -38.75 -44.40
CA ALA K 52 -44.18 -38.73 -44.50
C ALA K 52 -44.85 -39.34 -43.27
N THR K 53 -44.44 -40.57 -42.90
CA THR K 53 -44.97 -41.19 -41.69
C THR K 53 -44.83 -40.28 -40.49
N LEU K 54 -43.67 -39.60 -40.39
CA LEU K 54 -43.45 -38.62 -39.34
C LEU K 54 -44.44 -37.46 -39.45
N ARG K 55 -44.44 -36.76 -40.59
CA ARG K 55 -45.37 -35.65 -40.77
C ARG K 55 -46.82 -36.09 -40.59
N SER K 56 -47.10 -37.40 -40.66
CA SER K 56 -48.36 -37.96 -40.20
C SER K 56 -48.30 -38.39 -38.73
N LEU K 57 -47.56 -37.67 -37.89
CA LEU K 57 -47.54 -37.89 -36.44
C LEU K 57 -48.44 -36.88 -35.76
N THR K 58 -49.39 -37.36 -34.94
CA THR K 58 -50.41 -36.46 -34.43
C THR K 58 -49.97 -35.76 -33.15
N ALA K 59 -48.72 -35.31 -33.12
CA ALA K 59 -48.19 -34.37 -32.12
C ALA K 59 -47.62 -33.11 -32.75
N GLY K 60 -46.98 -33.22 -33.91
CA GLY K 60 -46.48 -32.07 -34.65
C GLY K 60 -45.03 -32.21 -35.07
N TRP K 61 -44.58 -33.46 -35.14
CA TRP K 61 -43.16 -33.82 -35.07
C TRP K 61 -42.30 -33.10 -36.09
N HIS K 62 -41.90 -31.86 -35.77
CA HIS K 62 -41.03 -31.02 -36.60
C HIS K 62 -39.98 -31.86 -37.32
N VAL K 63 -40.39 -32.55 -38.39
CA VAL K 63 -39.42 -33.19 -39.24
C VAL K 63 -38.59 -32.10 -39.90
N GLU K 64 -37.35 -32.43 -40.22
CA GLU K 64 -36.53 -31.62 -41.10
C GLU K 64 -35.50 -32.55 -41.74
N LEU K 65 -34.85 -32.07 -42.79
CA LEU K 65 -33.77 -32.81 -43.43
C LEU K 65 -32.49 -32.01 -43.35
N ASP K 66 -31.37 -32.73 -43.24
CA ASP K 66 -30.03 -32.14 -43.35
C ASP K 66 -29.40 -32.65 -44.65
N PRO K 67 -29.68 -32.04 -45.79
CA PRO K 67 -29.04 -32.46 -47.03
C PRO K 67 -27.67 -31.84 -47.27
N PHE K 68 -26.85 -32.57 -48.01
CA PHE K 68 -25.47 -32.20 -48.27
C PHE K 68 -24.92 -33.11 -49.35
N THR K 69 -23.74 -32.74 -49.88
CA THR K 69 -23.02 -33.51 -50.89
C THR K 69 -21.62 -33.80 -50.37
N ALA K 70 -21.28 -35.08 -50.23
CA ALA K 70 -20.02 -35.47 -49.60
C ALA K 70 -19.24 -36.43 -50.50
N SER K 71 -17.94 -36.15 -50.65
CA SER K 71 -17.03 -36.95 -51.47
C SER K 71 -16.98 -38.41 -50.98
N THR K 72 -16.95 -39.36 -51.92
CA THR K 72 -16.97 -40.77 -51.56
C THR K 72 -16.27 -41.58 -52.66
N PRO K 73 -16.08 -42.90 -52.44
CA PRO K 73 -15.52 -43.74 -53.51
C PRO K 73 -16.24 -43.67 -54.85
N LEU K 74 -17.55 -43.83 -54.88
CA LEU K 74 -18.24 -43.81 -56.18
C LEU K 74 -18.43 -42.39 -56.70
N GLY K 75 -17.42 -41.55 -56.53
CA GLY K 75 -17.56 -40.13 -56.78
C GLY K 75 -18.55 -39.52 -55.80
N PRO K 76 -18.75 -38.20 -55.89
CA PRO K 76 -19.67 -37.50 -54.98
C PRO K 76 -21.05 -38.14 -54.78
N VAL K 77 -21.78 -37.72 -53.75
CA VAL K 77 -23.08 -38.29 -53.39
C VAL K 77 -23.93 -37.21 -52.72
N ASP K 78 -25.25 -37.27 -52.95
CA ASP K 78 -26.22 -36.37 -52.30
C ASP K 78 -26.94 -37.13 -51.16
N PHE K 79 -26.70 -36.71 -49.91
CA PHE K 79 -27.35 -37.27 -48.73
C PHE K 79 -28.23 -36.22 -48.05
N GLY K 80 -28.93 -36.66 -47.00
CA GLY K 80 -29.85 -35.84 -46.25
C GLY K 80 -30.56 -36.62 -45.17
N ASN K 81 -30.44 -36.20 -43.90
CA ASN K 81 -30.93 -36.95 -42.75
C ASN K 81 -32.33 -36.47 -42.37
N VAL K 82 -32.96 -37.12 -41.39
CA VAL K 82 -34.34 -36.82 -40.99
C VAL K 82 -34.40 -36.47 -39.49
N VAL K 83 -34.56 -35.18 -39.19
CA VAL K 83 -34.41 -34.65 -37.84
C VAL K 83 -35.80 -34.46 -37.24
N ALA K 84 -36.24 -35.41 -36.40
CA ALA K 84 -37.61 -35.44 -35.87
C ALA K 84 -37.63 -34.97 -34.42
N THR K 85 -37.71 -33.65 -34.23
CA THR K 85 -37.75 -33.03 -32.91
C THR K 85 -39.20 -32.63 -32.56
N LEU K 86 -39.82 -33.35 -31.61
CA LEU K 86 -41.19 -33.09 -31.16
C LEU K 86 -41.41 -31.65 -30.76
N ASP K 87 -40.79 -31.20 -29.66
CA ASP K 87 -40.95 -29.85 -29.12
C ASP K 87 -39.69 -29.03 -29.36
N PRO K 88 -39.48 -28.49 -30.56
CA PRO K 88 -38.18 -27.84 -30.86
C PRO K 88 -37.84 -26.64 -29.98
N ARG K 89 -38.80 -25.97 -29.35
CA ARG K 89 -38.43 -24.85 -28.48
C ARG K 89 -37.80 -25.34 -27.19
N ALA K 90 -37.92 -26.64 -26.87
CA ALA K 90 -37.51 -27.22 -25.60
C ALA K 90 -36.04 -26.99 -25.26
N ALA K 91 -35.66 -27.37 -24.04
CA ALA K 91 -34.32 -27.17 -23.50
C ALA K 91 -33.37 -28.30 -23.88
N ARG K 92 -33.88 -29.55 -23.82
CA ARG K 92 -33.13 -30.78 -24.05
C ARG K 92 -34.11 -31.83 -24.58
N HIS K 93 -33.56 -33.01 -24.93
CA HIS K 93 -34.38 -34.07 -25.48
C HIS K 93 -33.66 -35.43 -25.43
N LEU K 94 -34.45 -36.49 -25.24
CA LEU K 94 -34.00 -37.86 -25.42
C LEU K 94 -33.88 -38.17 -26.90
N THR K 95 -32.76 -38.79 -27.28
CA THR K 95 -32.43 -39.05 -28.68
C THR K 95 -32.26 -40.54 -28.92
N LEU K 96 -32.96 -41.07 -29.91
CA LEU K 96 -32.84 -42.45 -30.35
C LEU K 96 -32.50 -42.46 -31.83
N ALA K 97 -31.92 -43.57 -32.33
CA ALA K 97 -31.43 -43.50 -33.69
C ALA K 97 -31.12 -44.88 -34.26
N CYS K 98 -30.87 -44.87 -35.58
CA CYS K 98 -30.44 -45.95 -36.45
C CYS K 98 -30.23 -45.35 -37.84
N HIS K 99 -29.90 -46.17 -38.83
CA HIS K 99 -29.72 -45.70 -40.20
C HIS K 99 -30.81 -46.30 -41.09
N TYR K 100 -31.33 -45.49 -42.00
CA TYR K 100 -32.28 -46.03 -42.96
C TYR K 100 -31.62 -46.48 -44.27
N ASP K 101 -30.31 -46.73 -44.26
CA ASP K 101 -29.61 -47.12 -45.47
C ASP K 101 -29.17 -48.59 -45.43
N SER K 102 -28.85 -49.08 -46.63
CA SER K 102 -28.44 -50.44 -46.89
C SER K 102 -27.03 -50.43 -47.49
N LYS K 103 -26.25 -51.46 -47.18
CA LYS K 103 -24.89 -51.52 -47.68
C LYS K 103 -24.86 -51.78 -49.18
N LEU K 104 -23.92 -51.13 -49.85
CA LEU K 104 -23.76 -51.34 -51.29
C LEU K 104 -22.83 -52.52 -51.54
N PHE K 105 -23.35 -53.57 -52.15
CA PHE K 105 -22.66 -54.81 -52.44
C PHE K 105 -22.27 -54.89 -53.90
N PRO K 106 -21.45 -55.89 -54.28
CA PRO K 106 -21.05 -56.08 -55.69
C PRO K 106 -22.25 -56.18 -56.62
N PRO K 107 -22.12 -55.58 -57.94
CA PRO K 107 -23.27 -55.53 -58.86
C PRO K 107 -23.50 -56.88 -59.53
N GLY K 108 -23.67 -57.91 -58.70
CA GLY K 108 -23.84 -59.26 -59.21
C GLY K 108 -24.43 -60.17 -58.17
N SER K 109 -24.00 -59.99 -56.93
CA SER K 109 -24.53 -60.71 -55.77
C SER K 109 -26.06 -60.61 -55.69
N THR K 110 -26.71 -61.48 -54.86
CA THR K 110 -28.10 -61.25 -54.45
C THR K 110 -28.20 -59.82 -53.95
N PRO K 111 -29.34 -59.16 -54.08
CA PRO K 111 -29.52 -57.87 -53.41
C PRO K 111 -29.41 -58.00 -51.90
N PHE K 112 -29.21 -56.85 -51.26
CA PHE K 112 -29.08 -56.73 -49.81
C PHE K 112 -30.03 -55.66 -49.32
N VAL K 113 -31.01 -56.05 -48.50
CA VAL K 113 -32.09 -55.14 -48.13
C VAL K 113 -31.99 -54.61 -46.70
N GLY K 114 -31.25 -55.28 -45.82
CA GLY K 114 -31.08 -54.77 -44.47
C GLY K 114 -32.31 -54.90 -43.58
N ALA K 115 -32.27 -55.86 -42.65
CA ALA K 115 -33.37 -56.10 -41.70
C ALA K 115 -32.90 -55.79 -40.29
N THR K 116 -31.97 -56.59 -39.75
CA THR K 116 -31.23 -56.15 -38.58
C THR K 116 -30.61 -54.78 -38.84
N ASP K 117 -30.19 -54.56 -40.08
CA ASP K 117 -29.02 -53.72 -40.35
C ASP K 117 -29.20 -52.49 -41.26
N SER K 118 -30.00 -51.50 -40.87
CA SER K 118 -30.85 -51.50 -39.70
C SER K 118 -32.19 -51.09 -40.22
N ALA K 119 -33.17 -51.96 -40.04
CA ALA K 119 -34.51 -51.66 -40.50
C ALA K 119 -35.47 -52.03 -39.40
N VAL K 120 -35.30 -53.24 -38.86
CA VAL K 120 -35.89 -53.55 -37.56
C VAL K 120 -35.61 -52.41 -36.58
N PRO K 121 -34.37 -51.92 -36.43
CA PRO K 121 -34.17 -50.62 -35.76
C PRO K 121 -35.02 -49.44 -36.25
N CYS K 122 -35.05 -49.13 -37.56
CA CYS K 122 -35.90 -48.02 -37.99
C CYS K 122 -37.38 -48.32 -37.74
N ALA K 123 -37.74 -49.60 -37.61
CA ALA K 123 -39.13 -49.99 -37.46
C ALA K 123 -39.62 -49.76 -36.03
N LEU K 124 -38.89 -50.27 -35.05
CA LEU K 124 -39.22 -50.00 -33.66
C LEU K 124 -39.20 -48.52 -33.39
N LEU K 125 -38.27 -47.78 -34.00
CA LEU K 125 -38.20 -46.33 -33.80
C LEU K 125 -39.42 -45.59 -34.35
N LEU K 126 -40.19 -46.21 -35.25
CA LEU K 126 -41.44 -45.61 -35.72
C LEU K 126 -42.64 -46.10 -34.90
N GLU K 127 -42.89 -47.41 -34.91
CA GLU K 127 -43.96 -48.05 -34.14
C GLU K 127 -44.34 -47.25 -32.90
N LEU K 128 -43.32 -46.85 -32.15
CA LEU K 128 -43.54 -46.27 -30.82
C LEU K 128 -44.19 -44.89 -30.90
N ALA K 129 -43.72 -44.01 -31.79
CA ALA K 129 -44.23 -42.64 -31.83
C ALA K 129 -45.61 -42.53 -32.48
N GLN K 130 -46.19 -43.63 -32.97
CA GLN K 130 -47.64 -43.73 -33.22
C GLN K 130 -48.37 -44.37 -32.03
N ALA K 131 -47.70 -45.26 -31.29
CA ALA K 131 -48.27 -45.89 -30.09
C ALA K 131 -48.27 -44.96 -28.89
N LEU K 132 -47.36 -44.00 -28.95
CA LEU K 132 -47.24 -42.95 -27.95
C LEU K 132 -47.48 -41.57 -28.53
N ASP K 133 -48.33 -41.49 -29.56
CA ASP K 133 -48.68 -40.24 -30.22
C ASP K 133 -49.48 -39.39 -29.27
N LEU K 134 -50.38 -40.02 -28.52
CA LEU K 134 -51.17 -39.18 -27.65
C LEU K 134 -50.26 -38.59 -26.58
N GLU K 135 -50.03 -39.42 -25.57
CA GLU K 135 -49.19 -39.13 -24.42
C GLU K 135 -48.36 -37.96 -24.80
N LEU K 136 -47.44 -38.24 -25.72
CA LEU K 136 -46.53 -37.22 -26.23
C LEU K 136 -47.33 -35.95 -26.52
N SER K 137 -48.17 -35.97 -27.53
CA SER K 137 -48.88 -34.72 -27.73
C SER K 137 -49.13 -34.01 -26.41
N ARG K 138 -49.49 -34.78 -25.38
CA ARG K 138 -49.79 -34.19 -24.09
C ARG K 138 -48.57 -33.53 -23.47
N ALA K 139 -47.44 -34.26 -23.41
CA ALA K 139 -46.26 -33.73 -22.74
C ALA K 139 -45.71 -32.48 -23.42
N LYS K 140 -45.81 -32.40 -24.76
CA LYS K 140 -45.46 -31.17 -25.45
C LYS K 140 -46.49 -30.09 -25.18
N LYS K 141 -47.78 -30.44 -25.28
CA LYS K 141 -48.85 -29.53 -24.88
C LYS K 141 -48.64 -29.02 -23.47
N GLN K 142 -47.84 -29.75 -22.67
CA GLN K 142 -47.38 -29.33 -21.37
C GLN K 142 -46.01 -28.65 -21.41
N ALA K 143 -45.47 -28.40 -22.61
CA ALA K 143 -44.17 -27.76 -22.82
C ALA K 143 -43.08 -28.43 -21.98
N ALA K 144 -43.00 -29.75 -22.08
CA ALA K 144 -42.05 -30.52 -21.31
C ALA K 144 -40.64 -29.96 -21.50
N PRO K 145 -39.86 -29.82 -20.43
CA PRO K 145 -38.54 -29.18 -20.57
C PRO K 145 -37.61 -30.03 -21.41
N VAL K 146 -37.73 -31.33 -21.25
CA VAL K 146 -37.16 -32.34 -22.13
C VAL K 146 -38.29 -32.93 -22.95
N THR K 147 -38.04 -33.11 -24.24
CA THR K 147 -38.96 -33.75 -25.16
C THR K 147 -38.24 -34.98 -25.74
N LEU K 148 -38.69 -35.54 -26.87
CA LEU K 148 -38.01 -36.66 -27.54
C LEU K 148 -37.21 -36.14 -28.76
N GLN K 149 -36.41 -37.03 -29.38
CA GLN K 149 -35.82 -36.76 -30.70
C GLN K 149 -35.68 -38.09 -31.45
N LEU K 150 -35.88 -38.04 -32.77
CA LEU K 150 -35.70 -39.23 -33.61
C LEU K 150 -34.78 -38.91 -34.79
N LEU K 151 -33.66 -39.62 -34.85
CA LEU K 151 -32.69 -39.49 -35.91
C LEU K 151 -32.69 -40.78 -36.73
N PHE K 152 -32.77 -40.63 -38.06
CA PHE K 152 -32.42 -41.68 -39.01
C PHE K 152 -31.35 -41.15 -39.95
N LEU K 153 -30.18 -41.78 -39.93
CA LEU K 153 -28.99 -41.23 -40.56
C LEU K 153 -28.66 -41.97 -41.86
N ASP K 154 -28.15 -41.23 -42.86
CA ASP K 154 -27.57 -41.77 -44.08
C ASP K 154 -26.13 -42.19 -43.87
N GLY K 155 -25.51 -42.56 -44.99
CA GLY K 155 -24.09 -42.78 -45.11
C GLY K 155 -23.47 -43.45 -43.91
N GLU K 156 -24.18 -44.35 -43.27
CA GLU K 156 -23.55 -45.11 -42.20
C GLU K 156 -22.61 -46.13 -42.80
N GLU K 157 -23.10 -46.93 -43.75
CA GLU K 157 -22.36 -48.09 -44.25
C GLU K 157 -21.27 -47.68 -45.23
N ALA K 158 -20.22 -48.50 -45.23
CA ALA K 158 -19.08 -48.31 -46.12
C ALA K 158 -19.50 -48.58 -47.55
N LEU K 159 -19.26 -47.60 -48.43
CA LEU K 159 -19.43 -47.77 -49.86
C LEU K 159 -18.72 -49.03 -50.34
N LYS K 160 -17.39 -49.03 -50.37
CA LYS K 160 -16.68 -50.29 -50.55
C LYS K 160 -15.57 -50.39 -49.54
N GLU K 161 -15.95 -50.24 -48.27
CA GLU K 161 -15.15 -50.67 -47.13
C GLU K 161 -13.77 -50.03 -47.13
N TRP K 162 -13.75 -48.71 -47.22
CA TRP K 162 -12.53 -47.92 -47.24
C TRP K 162 -12.38 -47.12 -45.94
N GLY K 163 -12.82 -47.71 -44.81
CA GLY K 163 -12.38 -47.31 -43.49
C GLY K 163 -13.29 -46.35 -42.75
N PRO K 164 -12.72 -45.63 -41.74
CA PRO K 164 -13.51 -44.61 -41.03
C PRO K 164 -13.54 -43.27 -41.76
N LYS K 165 -13.31 -43.28 -43.07
CA LYS K 165 -13.65 -42.17 -43.96
C LYS K 165 -14.64 -42.65 -45.01
N ASP K 166 -14.93 -43.96 -45.01
CA ASP K 166 -16.01 -44.57 -45.77
C ASP K 166 -16.85 -45.33 -44.75
N SER K 167 -17.49 -44.58 -43.87
CA SER K 167 -18.57 -45.03 -43.00
C SER K 167 -18.96 -43.82 -42.18
N LEU K 168 -20.19 -43.79 -41.67
CA LEU K 168 -20.65 -42.68 -40.84
C LEU K 168 -20.54 -41.38 -41.62
N TYR K 169 -21.24 -41.34 -42.75
CA TYR K 169 -21.26 -40.15 -43.62
C TYR K 169 -22.29 -39.11 -43.20
N GLY K 170 -23.32 -39.51 -42.45
CA GLY K 170 -24.42 -38.61 -42.16
C GLY K 170 -24.40 -38.11 -40.74
N SER K 171 -24.29 -39.05 -39.80
CA SER K 171 -23.93 -38.72 -38.43
C SER K 171 -22.84 -37.66 -38.43
N ARG K 172 -21.69 -37.99 -39.03
CA ARG K 172 -20.56 -37.06 -39.11
C ARG K 172 -20.93 -35.67 -39.60
N HIS K 173 -22.10 -35.51 -40.22
CA HIS K 173 -22.58 -34.20 -40.64
C HIS K 173 -23.73 -33.68 -39.78
N LEU K 174 -24.69 -34.52 -39.41
CA LEU K 174 -25.72 -34.05 -38.50
C LEU K 174 -25.14 -33.82 -37.12
N ALA K 175 -24.17 -34.62 -36.71
CA ALA K 175 -23.35 -34.25 -35.56
C ALA K 175 -22.83 -32.83 -35.73
N GLN K 176 -22.24 -32.54 -36.89
CA GLN K 176 -21.59 -31.25 -37.09
C GLN K 176 -22.60 -30.11 -37.23
N LEU K 177 -23.65 -30.31 -38.04
CA LEU K 177 -24.60 -29.23 -38.26
C LEU K 177 -25.20 -28.75 -36.94
N MET K 178 -25.59 -29.68 -36.06
CA MET K 178 -26.12 -29.30 -34.75
C MET K 178 -25.18 -28.37 -33.98
N GLU K 179 -23.90 -28.73 -33.91
CA GLU K 179 -22.97 -28.02 -33.03
C GLU K 179 -22.86 -26.54 -33.39
N SER K 180 -22.80 -26.22 -34.69
CA SER K 180 -22.74 -24.82 -35.08
C SER K 180 -24.13 -24.20 -35.26
N ILE K 181 -25.20 -24.96 -35.04
CA ILE K 181 -26.54 -24.40 -34.83
C ILE K 181 -26.71 -24.21 -33.32
N PRO K 182 -27.02 -23.00 -32.84
CA PRO K 182 -27.20 -22.79 -31.39
C PRO K 182 -28.60 -23.12 -30.86
N HIS K 183 -28.68 -23.26 -29.52
CA HIS K 183 -29.86 -23.78 -28.82
C HIS K 183 -30.09 -23.04 -27.49
N SER K 184 -31.22 -23.35 -26.84
CA SER K 184 -31.58 -22.85 -25.49
C SER K 184 -32.04 -23.95 -24.50
N PRO K 185 -31.41 -24.03 -23.30
CA PRO K 185 -30.29 -23.22 -22.81
C PRO K 185 -28.95 -23.67 -23.39
N GLY K 186 -29.00 -24.59 -24.35
CA GLY K 186 -27.83 -25.00 -25.11
C GLY K 186 -26.56 -25.24 -24.31
N PRO K 187 -25.46 -24.57 -24.71
CA PRO K 187 -25.41 -23.48 -25.69
C PRO K 187 -25.40 -23.87 -27.18
N THR K 188 -25.57 -25.17 -27.52
CA THR K 188 -25.69 -25.61 -28.90
C THR K 188 -26.57 -26.85 -28.96
N ARG K 189 -27.12 -27.11 -30.15
CA ARG K 189 -28.06 -28.22 -30.34
C ARG K 189 -27.44 -29.51 -29.86
N ILE K 190 -26.14 -29.65 -30.07
CA ILE K 190 -25.37 -30.76 -29.54
C ILE K 190 -25.69 -30.94 -28.06
N GLN K 191 -25.50 -29.89 -27.28
CA GLN K 191 -25.61 -30.01 -25.83
C GLN K 191 -27.02 -30.37 -25.40
N ALA K 192 -27.99 -30.20 -26.31
CA ALA K 192 -29.36 -30.66 -26.05
C ALA K 192 -29.49 -32.19 -26.05
N ILE K 193 -28.60 -32.90 -26.72
CA ILE K 193 -28.71 -34.36 -26.78
C ILE K 193 -28.37 -34.90 -25.39
N GLU K 194 -29.39 -35.37 -24.67
CA GLU K 194 -29.24 -35.70 -23.25
C GLU K 194 -28.81 -37.15 -23.04
N LEU K 195 -29.70 -38.09 -23.34
CA LEU K 195 -29.27 -39.46 -23.63
C LEU K 195 -29.17 -39.61 -25.15
N PHE K 196 -28.47 -40.68 -25.57
CA PHE K 196 -28.26 -41.09 -26.96
C PHE K 196 -28.27 -42.62 -27.02
N MET K 197 -29.44 -43.24 -26.93
CA MET K 197 -29.48 -44.66 -27.22
C MET K 197 -29.23 -44.85 -28.71
N LEU K 198 -28.77 -46.05 -29.10
CA LEU K 198 -28.49 -46.37 -30.50
C LEU K 198 -28.94 -47.78 -30.83
N LEU K 199 -29.62 -47.92 -31.97
CA LEU K 199 -30.32 -49.13 -32.37
C LEU K 199 -29.70 -49.68 -33.66
N ASP K 200 -29.09 -50.87 -33.56
CA ASP K 200 -28.31 -51.46 -34.65
C ASP K 200 -28.08 -52.93 -34.35
N LEU K 201 -28.17 -53.76 -35.39
CA LEU K 201 -28.04 -55.21 -35.30
C LEU K 201 -29.06 -55.83 -34.36
N LEU K 202 -30.14 -55.09 -34.11
CA LEU K 202 -31.31 -55.56 -33.38
C LEU K 202 -32.33 -56.15 -34.34
N GLY K 203 -32.54 -57.45 -34.25
CA GLY K 203 -33.54 -58.16 -35.02
C GLY K 203 -33.03 -59.55 -35.32
N ALA K 204 -33.03 -60.44 -34.33
CA ALA K 204 -32.20 -61.64 -34.40
C ALA K 204 -32.68 -62.64 -33.37
N PRO K 205 -32.54 -63.94 -33.61
CA PRO K 205 -32.84 -64.94 -32.58
C PRO K 205 -31.67 -65.14 -31.64
N ASN K 206 -31.93 -64.97 -30.31
CA ASN K 206 -31.05 -65.18 -29.15
C ASN K 206 -30.00 -64.12 -28.88
N PRO K 207 -30.23 -62.85 -29.17
CA PRO K 207 -29.13 -61.87 -29.06
C PRO K 207 -28.60 -61.78 -27.63
N THR K 208 -27.46 -61.12 -27.51
CA THR K 208 -26.85 -60.87 -26.21
C THR K 208 -26.32 -59.45 -26.25
N PHE K 209 -26.63 -58.68 -25.21
CA PHE K 209 -26.22 -57.28 -25.08
C PHE K 209 -25.40 -57.08 -23.81
N TYR K 210 -24.77 -55.91 -23.75
CA TYR K 210 -23.78 -55.56 -22.74
C TYR K 210 -23.68 -54.05 -22.73
N SER K 211 -23.36 -53.47 -21.59
CA SER K 211 -23.14 -52.04 -21.65
C SER K 211 -21.72 -51.80 -22.12
N HIS K 212 -21.60 -51.10 -23.21
CA HIS K 212 -20.31 -50.71 -23.70
C HIS K 212 -20.00 -49.31 -23.29
N PHE K 213 -20.89 -48.71 -22.51
CA PHE K 213 -20.66 -47.45 -21.84
C PHE K 213 -21.12 -47.58 -20.40
N PRO K 214 -20.29 -47.23 -19.44
CA PRO K 214 -20.72 -47.34 -18.06
C PRO K 214 -21.47 -46.08 -17.70
N ARG K 215 -21.04 -44.96 -18.27
CA ARG K 215 -21.69 -43.69 -18.01
C ARG K 215 -23.21 -43.81 -18.02
N THR K 216 -23.73 -44.81 -18.73
CA THR K 216 -25.16 -44.92 -18.92
C THR K 216 -25.73 -46.21 -18.34
N VAL K 217 -24.92 -47.04 -17.68
CA VAL K 217 -25.43 -48.36 -17.26
C VAL K 217 -26.57 -48.25 -16.27
N ARG K 218 -26.78 -47.07 -15.67
CA ARG K 218 -28.00 -46.78 -14.93
C ARG K 218 -29.23 -47.19 -15.75
N TRP K 219 -29.26 -46.73 -17.01
CA TRP K 219 -30.33 -47.05 -17.96
C TRP K 219 -30.28 -48.51 -18.39
N PHE K 220 -29.08 -49.00 -18.71
CA PHE K 220 -28.96 -50.41 -19.06
C PHE K 220 -29.52 -51.30 -17.97
N HIS K 221 -29.18 -50.98 -16.71
CA HIS K 221 -29.77 -51.74 -15.62
C HIS K 221 -31.28 -51.68 -15.71
N ARG K 222 -31.81 -50.55 -16.18
CA ARG K 222 -33.26 -50.39 -16.30
C ARG K 222 -33.80 -51.23 -17.44
N LEU K 223 -33.09 -51.28 -18.56
CA LEU K 223 -33.46 -52.22 -19.62
C LEU K 223 -33.40 -53.64 -19.13
N ARG K 224 -32.28 -54.03 -18.51
CA ARG K 224 -32.32 -55.34 -17.91
C ARG K 224 -33.34 -55.39 -16.80
N SER K 225 -33.59 -54.29 -16.10
CA SER K 225 -34.62 -54.33 -15.06
C SER K 225 -35.93 -54.90 -15.63
N ILE K 226 -36.31 -54.40 -16.80
CA ILE K 226 -37.52 -54.87 -17.45
C ILE K 226 -37.41 -56.33 -17.80
N GLU K 227 -36.32 -56.93 -17.38
CA GLU K 227 -36.02 -58.33 -17.55
C GLU K 227 -35.02 -58.61 -16.41
N LYS K 228 -35.18 -59.65 -15.59
CA LYS K 228 -36.20 -60.71 -15.63
C LYS K 228 -36.90 -60.92 -16.95
N ARG K 229 -38.06 -60.33 -17.21
CA ARG K 229 -38.91 -59.51 -16.32
C ARG K 229 -40.22 -59.36 -17.06
N LEU K 230 -40.67 -58.21 -17.52
CA LEU K 230 -41.92 -58.62 -18.15
C LEU K 230 -42.09 -60.09 -17.90
N HIS K 231 -41.14 -60.85 -18.36
CA HIS K 231 -41.24 -62.29 -18.15
C HIS K 231 -42.06 -62.60 -16.90
N ARG K 232 -42.17 -61.66 -15.93
CA ARG K 232 -43.03 -61.80 -14.75
C ARG K 232 -44.47 -61.82 -15.25
N LEU K 233 -44.93 -60.64 -15.69
CA LEU K 233 -46.29 -60.41 -16.14
C LEU K 233 -46.62 -61.19 -17.42
N ASN K 234 -45.69 -62.03 -17.86
CA ASN K 234 -45.80 -62.90 -19.05
C ASN K 234 -46.19 -62.09 -20.29
N LEU K 235 -45.17 -61.51 -20.92
CA LEU K 235 -45.28 -60.74 -22.17
C LEU K 235 -44.09 -61.00 -23.08
N LEU K 236 -42.98 -61.48 -22.53
CA LEU K 236 -41.85 -61.95 -23.30
C LEU K 236 -42.24 -63.26 -23.95
N GLN K 237 -42.41 -63.25 -25.27
CA GLN K 237 -42.50 -64.48 -26.03
C GLN K 237 -41.13 -65.11 -26.09
N SER K 238 -41.09 -66.44 -25.96
CA SER K 238 -39.84 -67.19 -26.02
C SER K 238 -38.91 -66.75 -24.90
N HIS K 239 -38.92 -67.44 -23.75
CA HIS K 239 -38.06 -66.92 -22.69
C HIS K 239 -37.89 -67.80 -21.45
N PRO K 240 -37.49 -69.08 -21.56
CA PRO K 240 -37.39 -69.93 -20.35
C PRO K 240 -36.28 -69.53 -19.37
N GLN K 241 -35.85 -68.27 -19.41
CA GLN K 241 -34.82 -67.76 -18.52
C GLN K 241 -35.27 -66.40 -17.98
N GLU K 242 -34.87 -66.10 -16.74
CA GLU K 242 -35.15 -64.77 -16.18
C GLU K 242 -34.53 -63.68 -17.06
N VAL K 243 -33.21 -63.70 -17.22
CA VAL K 243 -32.53 -62.78 -18.12
C VAL K 243 -31.87 -63.59 -19.24
N MET K 244 -32.00 -63.06 -20.46
CA MET K 244 -31.35 -63.59 -21.65
C MET K 244 -30.69 -62.48 -22.44
N TYR K 245 -31.49 -61.55 -22.94
CA TYR K 245 -30.99 -60.55 -23.88
C TYR K 245 -29.89 -59.70 -23.23
N PHE K 246 -30.23 -58.95 -22.19
CA PHE K 246 -29.29 -58.04 -21.52
C PHE K 246 -28.44 -58.77 -20.49
N GLN K 247 -27.36 -58.12 -20.06
CA GLN K 247 -26.32 -58.91 -19.42
C GLN K 247 -25.33 -58.06 -18.63
N PRO K 248 -24.66 -58.64 -17.62
CA PRO K 248 -23.65 -57.92 -16.85
C PRO K 248 -22.23 -57.97 -17.42
N GLY K 249 -21.55 -56.82 -17.41
CA GLY K 249 -20.12 -56.79 -17.65
C GLY K 249 -19.56 -55.92 -18.78
N GLU K 250 -18.85 -56.57 -19.75
CA GLU K 250 -18.23 -56.10 -20.99
C GLU K 250 -17.22 -57.12 -21.49
N PRO K 251 -17.60 -58.04 -22.48
CA PRO K 251 -16.56 -58.86 -23.15
C PRO K 251 -16.36 -58.64 -24.66
N PHE K 252 -17.37 -58.86 -25.52
CA PHE K 252 -17.22 -58.56 -26.95
C PHE K 252 -16.97 -57.07 -27.12
N GLY K 253 -16.02 -56.73 -28.00
CA GLY K 253 -15.48 -55.38 -28.08
C GLY K 253 -16.42 -54.19 -28.27
N SER K 254 -15.84 -52.99 -28.25
CA SER K 254 -16.51 -51.79 -28.76
C SER K 254 -16.48 -51.80 -30.29
N VAL K 255 -17.50 -51.20 -30.89
CA VAL K 255 -17.65 -51.27 -32.35
C VAL K 255 -17.99 -49.88 -32.88
N GLU K 256 -17.18 -49.37 -33.83
CA GLU K 256 -17.53 -48.12 -34.51
C GLU K 256 -19.00 -48.21 -34.89
N ASP K 257 -19.70 -47.07 -34.89
CA ASP K 257 -21.12 -47.05 -35.26
C ASP K 257 -21.56 -45.60 -35.30
N ASP K 258 -22.84 -45.33 -35.57
CA ASP K 258 -23.19 -43.93 -35.87
C ASP K 258 -22.90 -43.02 -34.70
N HIS K 259 -23.02 -43.51 -33.47
CA HIS K 259 -22.87 -42.64 -32.31
C HIS K 259 -21.54 -41.91 -32.32
N ILE K 260 -20.52 -42.50 -32.94
CA ILE K 260 -19.15 -42.02 -32.83
C ILE K 260 -19.07 -40.50 -32.91
N PRO K 261 -19.40 -39.80 -34.04
CA PRO K 261 -19.19 -38.34 -34.06
C PRO K 261 -20.16 -37.56 -33.17
N PHE K 262 -20.99 -38.24 -32.38
CA PHE K 262 -21.69 -37.60 -31.28
C PHE K 262 -20.89 -37.67 -29.98
N LEU K 263 -20.56 -38.89 -29.54
CA LEU K 263 -19.57 -39.04 -28.47
C LEU K 263 -18.44 -38.06 -28.63
N ARG K 264 -17.83 -38.01 -29.82
CA ARG K 264 -16.64 -37.22 -30.09
C ARG K 264 -16.83 -35.75 -29.71
N ARG K 265 -18.05 -35.35 -29.40
CA ARG K 265 -18.36 -34.00 -28.94
C ARG K 265 -19.07 -34.01 -27.59
N GLY K 266 -18.92 -35.09 -26.84
CA GLY K 266 -19.38 -35.16 -25.47
C GLY K 266 -20.54 -36.10 -25.24
N VAL K 267 -21.35 -36.38 -26.27
CA VAL K 267 -22.72 -36.83 -25.98
C VAL K 267 -22.71 -38.14 -25.19
N PRO K 268 -23.45 -38.22 -24.05
CA PRO K 268 -23.68 -39.52 -23.39
C PRO K 268 -24.13 -40.54 -24.40
N VAL K 269 -24.07 -41.84 -24.11
CA VAL K 269 -24.47 -42.89 -25.08
C VAL K 269 -24.72 -44.28 -24.53
N LEU K 270 -25.92 -44.78 -24.76
CA LEU K 270 -26.11 -46.21 -24.79
C LEU K 270 -25.92 -46.64 -26.23
N HIS K 271 -25.45 -47.86 -26.43
CA HIS K 271 -25.13 -48.39 -27.73
C HIS K 271 -25.73 -49.80 -27.76
N LEU K 272 -27.03 -49.88 -28.10
CA LEU K 272 -27.80 -51.11 -27.89
C LEU K 272 -27.63 -51.95 -29.14
N ILE K 273 -26.58 -52.79 -29.15
CA ILE K 273 -26.07 -53.41 -30.37
C ILE K 273 -25.58 -54.81 -30.03
N SER K 274 -26.15 -55.83 -30.67
CA SER K 274 -25.95 -57.23 -30.29
C SER K 274 -24.48 -57.63 -30.38
N THR K 275 -24.13 -58.70 -29.62
CA THR K 275 -22.75 -59.20 -29.41
C THR K 275 -22.68 -60.63 -28.82
N PRO K 276 -22.21 -61.67 -29.55
CA PRO K 276 -21.67 -61.82 -30.90
C PRO K 276 -22.67 -61.35 -31.92
N PHE K 277 -22.15 -60.75 -32.98
CA PHE K 277 -22.92 -60.33 -34.12
C PHE K 277 -23.89 -61.43 -34.59
N PRO K 278 -24.95 -61.07 -35.31
CA PRO K 278 -25.81 -62.10 -35.94
C PRO K 278 -25.05 -62.96 -36.94
N ALA K 279 -25.56 -64.19 -37.16
CA ALA K 279 -24.90 -65.13 -38.07
C ALA K 279 -25.12 -64.73 -39.52
N VAL K 280 -26.32 -64.27 -39.85
CA VAL K 280 -26.60 -63.70 -41.15
C VAL K 280 -25.97 -62.32 -41.29
N TRP K 281 -24.86 -62.06 -40.61
CA TRP K 281 -24.39 -60.68 -40.67
C TRP K 281 -23.63 -60.46 -41.95
N HIS K 282 -23.93 -59.33 -42.59
CA HIS K 282 -23.34 -58.87 -43.84
C HIS K 282 -23.39 -59.96 -44.92
N THR K 283 -24.61 -60.43 -45.17
CA THR K 283 -24.95 -61.32 -46.26
C THR K 283 -26.31 -60.83 -46.78
N PRO K 284 -26.82 -61.30 -47.92
CA PRO K 284 -28.17 -60.89 -48.33
C PRO K 284 -29.24 -61.60 -47.55
N ALA K 285 -28.86 -62.69 -46.88
CA ALA K 285 -29.65 -63.37 -45.85
C ALA K 285 -29.93 -62.46 -44.66
N ASP K 286 -29.94 -61.13 -44.87
CA ASP K 286 -30.74 -60.23 -44.04
C ASP K 286 -31.90 -59.78 -44.90
N THR K 287 -33.10 -60.23 -44.52
CA THR K 287 -34.31 -60.34 -45.33
C THR K 287 -35.47 -60.74 -44.42
N GLU K 288 -36.69 -60.36 -44.85
CA GLU K 288 -37.92 -60.51 -44.07
C GLU K 288 -38.30 -61.97 -43.78
N VAL K 289 -37.32 -62.81 -43.45
CA VAL K 289 -37.67 -64.10 -42.86
C VAL K 289 -36.47 -64.64 -42.08
N ASN K 290 -35.33 -63.92 -42.08
CA ASN K 290 -34.15 -64.35 -41.32
C ASN K 290 -34.19 -64.03 -39.83
N LEU K 291 -35.02 -63.08 -39.43
CA LEU K 291 -35.12 -62.66 -38.06
C LEU K 291 -35.76 -63.78 -37.23
N HIS K 292 -36.55 -63.42 -36.22
CA HIS K 292 -37.21 -64.38 -35.34
C HIS K 292 -38.28 -63.62 -34.57
N PRO K 293 -39.38 -63.26 -35.22
CA PRO K 293 -40.18 -62.08 -34.80
C PRO K 293 -40.70 -62.16 -33.36
N PRO K 294 -40.87 -63.34 -32.74
CA PRO K 294 -41.14 -63.31 -31.29
C PRO K 294 -40.22 -62.35 -30.58
N THR K 295 -38.92 -62.52 -30.81
CA THR K 295 -37.93 -61.78 -30.05
C THR K 295 -38.07 -60.27 -30.30
N VAL K 296 -38.45 -59.87 -31.52
CA VAL K 296 -38.56 -58.43 -31.82
C VAL K 296 -39.64 -57.78 -30.98
N HIS K 297 -40.88 -58.23 -31.17
CA HIS K 297 -41.99 -57.61 -30.46
C HIS K 297 -41.68 -57.50 -28.99
N ASN K 298 -41.06 -58.54 -28.41
CA ASN K 298 -40.56 -58.51 -27.04
C ASN K 298 -39.81 -57.24 -26.71
N LEU K 299 -39.23 -56.60 -27.72
CA LEU K 299 -38.36 -55.45 -27.51
C LEU K 299 -39.14 -54.15 -27.54
N CYS K 300 -39.98 -53.99 -28.56
CA CYS K 300 -40.86 -52.83 -28.64
C CYS K 300 -41.53 -52.60 -27.29
N ARG K 301 -41.93 -53.68 -26.62
CA ARG K 301 -42.34 -53.72 -25.23
C ARG K 301 -41.33 -52.99 -24.36
N ILE K 302 -40.13 -53.58 -24.31
CA ILE K 302 -39.09 -53.16 -23.39
C ILE K 302 -38.63 -51.75 -23.70
N LEU K 303 -38.67 -51.34 -24.97
CA LEU K 303 -38.45 -49.93 -25.29
C LEU K 303 -39.64 -49.06 -24.89
N ALA K 304 -40.85 -49.59 -25.03
CA ALA K 304 -42.02 -48.83 -24.63
C ALA K 304 -41.97 -48.54 -23.14
N VAL K 305 -41.99 -49.61 -22.33
CA VAL K 305 -41.86 -49.54 -20.87
C VAL K 305 -40.85 -48.44 -20.58
N PHE K 306 -39.66 -48.56 -21.17
CA PHE K 306 -38.59 -47.57 -21.01
C PHE K 306 -39.03 -46.17 -21.43
N LEU K 307 -39.46 -46.02 -22.70
CA LEU K 307 -39.62 -44.69 -23.29
C LEU K 307 -40.60 -43.83 -22.50
N ALA K 308 -41.63 -44.46 -21.93
CA ALA K 308 -42.52 -43.76 -21.02
C ALA K 308 -41.89 -43.61 -19.65
N GLU K 309 -41.23 -44.66 -19.15
CA GLU K 309 -40.51 -44.52 -17.90
C GLU K 309 -39.47 -43.40 -17.99
N TYR K 310 -38.95 -43.09 -19.18
CA TYR K 310 -37.94 -42.03 -19.25
C TYR K 310 -38.58 -40.63 -19.33
N LEU K 311 -39.65 -40.46 -20.13
CA LEU K 311 -40.20 -39.12 -20.42
C LEU K 311 -41.45 -38.74 -19.59
N GLY K 312 -41.97 -39.64 -18.75
CA GLY K 312 -43.10 -39.35 -17.87
C GLY K 312 -44.37 -40.12 -18.16
N LEU K 313 -44.40 -40.92 -19.23
CA LEU K 313 -45.65 -41.30 -19.91
C LEU K 313 -46.27 -42.65 -19.47
#